data_2HI6
#
_entry.id   2HI6
#
_cell.length_a   1.000
_cell.length_b   1.000
_cell.length_c   1.000
_cell.angle_alpha   90.00
_cell.angle_beta   90.00
_cell.angle_gamma   90.00
#
_symmetry.space_group_name_H-M   'P 1'
#
_entity_poly.entity_id   1
_entity_poly.type   'polypeptide(L)'
_entity_poly.pdbx_seq_one_letter_code
;MVKFACRAITRGRAEGEALVTKEYISFLGGIDKETGIVKEDCEIKGESVAGRILVFPGGKGSTVGSYVLLNLRKNGVAPK
AIINKKTETIIAVGAAMAEIPLVEVRDEKFFEAVKTGDRVVVNADEGYVELIELEHHHHHH
;
_entity_poly.pdbx_strand_id   A
#
# COMPACT_ATOMS: atom_id res chain seq x y z
N VAL A 2 -17.93 -4.44 -5.48
CA VAL A 2 -17.10 -5.61 -5.70
C VAL A 2 -16.09 -5.78 -4.58
N LYS A 3 -15.94 -7.01 -4.12
CA LYS A 3 -14.99 -7.32 -3.08
C LYS A 3 -14.14 -8.52 -3.49
N PHE A 4 -12.85 -8.28 -3.71
CA PHE A 4 -11.96 -9.32 -4.20
C PHE A 4 -11.27 -10.04 -3.05
N ALA A 5 -10.92 -11.30 -3.30
CA ALA A 5 -10.14 -12.08 -2.33
C ALA A 5 -8.70 -12.14 -2.77
N CYS A 6 -7.79 -11.72 -1.89
CA CYS A 6 -6.38 -11.67 -2.24
C CYS A 6 -5.57 -12.57 -1.32
N ARG A 7 -4.29 -12.70 -1.62
CA ARG A 7 -3.39 -13.53 -0.85
C ARG A 7 -2.72 -12.69 0.22
N ALA A 8 -3.07 -12.96 1.46
CA ALA A 8 -2.65 -12.11 2.58
C ALA A 8 -1.33 -12.61 3.17
N ILE A 9 -0.46 -11.66 3.49
CA ILE A 9 0.78 -11.98 4.16
C ILE A 9 0.68 -11.59 5.63
N THR A 10 0.29 -10.35 5.87
CA THR A 10 0.06 -9.87 7.22
C THR A 10 -1.44 -9.80 7.50
N ARG A 11 -1.81 -9.45 8.73
CA ARG A 11 -3.21 -9.44 9.12
C ARG A 11 -3.64 -8.06 9.60
N GLY A 12 -4.87 -7.95 10.06
CA GLY A 12 -5.41 -6.67 10.45
C GLY A 12 -6.35 -6.12 9.39
N ARG A 13 -7.03 -5.04 9.69
CA ARG A 13 -7.97 -4.47 8.74
C ARG A 13 -7.90 -2.94 8.77
N ALA A 14 -7.97 -2.34 7.60
CA ALA A 14 -7.79 -0.91 7.46
C ALA A 14 -8.83 -0.29 6.54
N GLU A 15 -9.24 0.93 6.87
CA GLU A 15 -10.23 1.66 6.09
C GLU A 15 -9.66 3.02 5.68
N GLY A 16 -9.62 3.29 4.38
CA GLY A 16 -9.12 4.56 3.93
C GLY A 16 -9.44 4.83 2.48
N GLU A 17 -9.07 6.01 2.03
CA GLU A 17 -9.26 6.38 0.64
C GLU A 17 -8.21 5.72 -0.23
N ALA A 18 -8.62 5.22 -1.38
CA ALA A 18 -7.73 4.49 -2.27
C ALA A 18 -6.89 5.46 -3.09
N LEU A 19 -5.59 5.29 -3.02
CA LEU A 19 -4.65 6.09 -3.78
C LEU A 19 -3.84 5.18 -4.69
N VAL A 20 -3.91 5.43 -5.99
CA VAL A 20 -3.20 4.62 -6.95
C VAL A 20 -2.08 5.43 -7.59
N THR A 21 -0.84 4.97 -7.43
CA THR A 21 0.32 5.72 -7.92
C THR A 21 0.73 5.25 -9.31
N LYS A 22 0.07 4.18 -9.75
CA LYS A 22 0.23 3.66 -11.11
C LYS A 22 1.62 3.04 -11.37
N GLU A 23 2.67 3.84 -11.25
CA GLU A 23 4.02 3.41 -11.64
C GLU A 23 4.61 2.39 -10.67
N TYR A 24 5.67 1.72 -11.12
CA TYR A 24 6.36 0.71 -10.33
C TYR A 24 7.35 1.37 -9.38
N ILE A 25 6.85 1.91 -8.28
CA ILE A 25 7.73 2.54 -7.30
C ILE A 25 7.85 1.65 -6.07
N SER A 26 9.07 1.50 -5.57
CA SER A 26 9.31 0.65 -4.42
C SER A 26 9.71 1.51 -3.23
N PHE A 27 9.93 0.87 -2.09
CA PHE A 27 10.21 1.57 -0.84
C PHE A 27 11.69 1.86 -0.69
N LEU A 28 12.37 2.01 -1.83
CA LEU A 28 13.75 2.48 -1.86
C LEU A 28 13.78 3.92 -1.34
N GLY A 29 12.62 4.56 -1.43
CA GLY A 29 12.45 5.93 -0.99
C GLY A 29 11.09 6.44 -1.40
N GLY A 30 11.05 7.58 -2.06
CA GLY A 30 9.82 8.08 -2.62
C GLY A 30 9.01 8.89 -1.64
N ILE A 31 8.90 8.41 -0.42
CA ILE A 31 8.15 9.08 0.62
C ILE A 31 9.08 9.69 1.67
N ASP A 32 8.79 10.91 2.09
CA ASP A 32 9.57 11.57 3.13
C ASP A 32 9.40 10.82 4.45
N LYS A 33 10.52 10.51 5.10
CA LYS A 33 10.53 9.63 6.26
C LYS A 33 9.72 10.17 7.44
N GLU A 34 9.69 11.49 7.61
CA GLU A 34 8.97 12.08 8.73
C GLU A 34 7.71 12.81 8.29
N THR A 35 7.77 13.44 7.13
CA THR A 35 6.67 14.26 6.64
C THR A 35 5.57 13.41 6.01
N GLY A 36 5.95 12.27 5.45
CA GLY A 36 4.98 11.38 4.82
C GLY A 36 4.52 11.88 3.47
N ILE A 37 5.31 12.77 2.89
CA ILE A 37 4.98 13.34 1.58
C ILE A 37 5.70 12.56 0.49
N VAL A 38 4.97 12.18 -0.55
CA VAL A 38 5.57 11.51 -1.70
C VAL A 38 6.40 12.51 -2.51
N LYS A 39 7.72 12.36 -2.42
CA LYS A 39 8.66 13.24 -3.08
C LYS A 39 9.02 12.68 -4.45
N GLU A 40 8.61 11.43 -4.68
CA GLU A 40 8.83 10.78 -5.96
C GLU A 40 7.78 11.23 -6.96
N ASP A 41 8.11 11.18 -8.24
CA ASP A 41 7.26 11.70 -9.29
C ASP A 41 6.49 10.58 -9.97
N CYS A 42 5.22 10.84 -10.24
CA CYS A 42 4.37 9.90 -10.96
C CYS A 42 3.16 10.64 -11.50
N GLU A 43 2.43 11.29 -10.59
CA GLU A 43 1.31 12.14 -10.93
C GLU A 43 0.81 12.85 -9.68
N ILE A 44 0.56 12.07 -8.63
CA ILE A 44 0.03 12.61 -7.38
C ILE A 44 1.20 12.95 -6.43
N LYS A 45 2.22 13.59 -7.00
CA LYS A 45 3.38 14.00 -6.23
C LYS A 45 3.09 15.26 -5.44
N GLY A 46 3.41 15.24 -4.16
CA GLY A 46 3.19 16.39 -3.30
C GLY A 46 2.22 16.11 -2.18
N GLU A 47 1.47 15.02 -2.27
CA GLU A 47 0.50 14.67 -1.25
C GLU A 47 1.10 13.72 -0.21
N SER A 48 0.35 13.49 0.85
CA SER A 48 0.76 12.60 1.92
C SER A 48 -0.01 11.28 1.83
N VAL A 49 0.62 10.21 2.30
CA VAL A 49 0.00 8.89 2.32
C VAL A 49 -0.48 8.53 3.72
N ALA A 50 -0.61 9.55 4.56
CA ALA A 50 -0.90 9.38 5.97
C ALA A 50 -2.36 9.01 6.20
N GLY A 51 -2.59 7.71 6.31
CA GLY A 51 -3.89 7.23 6.74
C GLY A 51 -4.81 6.88 5.59
N ARG A 52 -4.24 6.65 4.42
CA ARG A 52 -5.03 6.25 3.27
C ARG A 52 -4.52 4.93 2.71
N ILE A 53 -5.20 4.39 1.73
CA ILE A 53 -4.88 3.07 1.20
C ILE A 53 -4.06 3.21 -0.08
N LEU A 54 -2.94 2.51 -0.15
CA LEU A 54 -2.04 2.63 -1.29
C LEU A 54 -2.07 1.38 -2.15
N VAL A 55 -2.23 1.56 -3.45
CA VAL A 55 -2.26 0.46 -4.39
C VAL A 55 -1.12 0.56 -5.39
N PHE A 56 -0.33 -0.51 -5.48
CA PHE A 56 0.79 -0.57 -6.41
C PHE A 56 0.73 -1.88 -7.19
N PRO A 57 1.12 -1.87 -8.47
CA PRO A 57 1.28 -3.10 -9.23
C PRO A 57 2.54 -3.85 -8.80
N GLY A 58 3.60 -3.09 -8.61
CA GLY A 58 4.87 -3.63 -8.17
C GLY A 58 5.87 -2.51 -7.96
N GLY A 59 7.10 -2.87 -7.59
CA GLY A 59 8.11 -1.85 -7.37
C GLY A 59 9.46 -2.29 -7.89
N LYS A 60 10.10 -1.41 -8.65
CA LYS A 60 11.41 -1.72 -9.23
C LYS A 60 12.50 -1.67 -8.16
N GLY A 61 13.42 -2.61 -8.22
CA GLY A 61 14.48 -2.70 -7.25
C GLY A 61 14.04 -3.44 -6.00
N SER A 62 13.36 -2.73 -5.12
CA SER A 62 12.87 -3.29 -3.85
C SER A 62 14.00 -3.86 -3.01
N THR A 63 15.18 -3.25 -3.14
CA THR A 63 16.35 -3.69 -2.41
C THR A 63 16.26 -3.27 -0.93
N VAL A 64 15.48 -2.24 -0.66
CA VAL A 64 15.32 -1.76 0.69
C VAL A 64 13.89 -1.24 0.89
N GLY A 65 13.44 -1.19 2.14
CA GLY A 65 12.12 -0.69 2.43
C GLY A 65 11.55 -1.28 3.71
N SER A 66 12.19 -2.33 4.21
CA SER A 66 11.72 -3.04 5.40
C SER A 66 11.79 -2.14 6.64
N TYR A 67 12.65 -1.12 6.60
CA TYR A 67 12.84 -0.23 7.74
C TYR A 67 11.99 1.03 7.63
N VAL A 68 11.80 1.53 6.41
CA VAL A 68 11.13 2.80 6.20
C VAL A 68 9.64 2.73 6.54
N LEU A 69 9.04 1.55 6.31
CA LEU A 69 7.63 1.35 6.59
C LEU A 69 7.34 1.56 8.07
N LEU A 70 8.25 1.10 8.92
CA LEU A 70 8.10 1.22 10.36
C LEU A 70 8.28 2.68 10.80
N ASN A 71 9.26 3.34 10.20
CA ASN A 71 9.57 4.74 10.54
C ASN A 71 8.38 5.64 10.20
N LEU A 72 7.80 5.43 9.03
CA LEU A 72 6.63 6.19 8.61
C LEU A 72 5.46 5.95 9.55
N ARG A 73 5.31 4.69 9.97
CA ARG A 73 4.17 4.29 10.79
C ARG A 73 4.24 4.94 12.17
N LYS A 74 5.43 4.99 12.77
CA LYS A 74 5.59 5.56 14.10
C LYS A 74 5.50 7.08 14.04
N ASN A 75 5.51 7.63 12.82
CA ASN A 75 5.28 9.05 12.63
C ASN A 75 3.81 9.32 12.30
N GLY A 76 3.11 8.25 11.94
CA GLY A 76 1.70 8.37 11.63
C GLY A 76 1.47 8.85 10.21
N VAL A 77 2.53 8.86 9.42
CA VAL A 77 2.46 9.35 8.06
C VAL A 77 2.52 8.21 7.05
N ALA A 78 2.33 6.99 7.56
CA ALA A 78 2.35 5.81 6.72
C ALA A 78 0.95 5.46 6.23
N PRO A 79 0.86 4.74 5.10
CA PRO A 79 -0.41 4.24 4.59
C PRO A 79 -0.98 3.18 5.53
N LYS A 80 -2.30 3.12 5.62
CA LYS A 80 -2.96 2.15 6.47
C LYS A 80 -2.76 0.73 5.95
N ALA A 81 -2.88 0.56 4.64
CA ALA A 81 -2.75 -0.75 4.02
C ALA A 81 -2.24 -0.62 2.59
N ILE A 82 -1.64 -1.69 2.10
CA ILE A 82 -1.04 -1.69 0.77
C ILE A 82 -1.45 -2.94 0.00
N ILE A 83 -1.96 -2.74 -1.22
CA ILE A 83 -2.36 -3.87 -2.05
C ILE A 83 -1.43 -3.95 -3.25
N ASN A 84 -0.87 -5.14 -3.49
CA ASN A 84 0.07 -5.33 -4.60
C ASN A 84 -0.36 -6.48 -5.49
N LYS A 85 0.14 -6.49 -6.72
CA LYS A 85 -0.08 -7.62 -7.62
C LYS A 85 1.08 -8.59 -7.47
N LYS A 86 2.26 -8.02 -7.25
CA LYS A 86 3.44 -8.81 -6.96
C LYS A 86 4.28 -8.07 -5.93
N THR A 87 4.20 -8.52 -4.69
CA THR A 87 4.86 -7.83 -3.59
C THR A 87 6.22 -8.43 -3.30
N GLU A 88 6.92 -7.88 -2.32
CA GLU A 88 8.26 -8.34 -1.98
C GLU A 88 8.30 -8.75 -0.51
N THR A 89 9.18 -9.70 -0.21
CA THR A 89 9.33 -10.21 1.16
C THR A 89 9.79 -9.10 2.10
N ILE A 90 10.67 -8.22 1.63
CA ILE A 90 11.15 -7.12 2.45
C ILE A 90 10.00 -6.17 2.82
N ILE A 91 9.01 -6.08 1.94
CA ILE A 91 7.84 -5.26 2.19
C ILE A 91 6.98 -5.93 3.26
N ALA A 92 6.84 -7.24 3.14
CA ALA A 92 6.05 -8.02 4.08
C ALA A 92 6.57 -7.87 5.50
N VAL A 93 7.89 -7.92 5.65
CA VAL A 93 8.52 -7.79 6.96
C VAL A 93 8.24 -6.42 7.56
N GLY A 94 8.43 -5.37 6.75
CA GLY A 94 8.17 -4.02 7.21
C GLY A 94 6.71 -3.82 7.57
N ALA A 95 5.82 -4.33 6.75
CA ALA A 95 4.38 -4.20 6.96
C ALA A 95 3.93 -4.96 8.20
N ALA A 96 4.62 -6.05 8.51
CA ALA A 96 4.30 -6.85 9.69
C ALA A 96 4.63 -6.12 10.97
N MET A 97 5.71 -5.34 10.94
CA MET A 97 6.16 -4.62 12.12
C MET A 97 5.38 -3.32 12.29
N ALA A 98 5.00 -2.71 11.19
CA ALA A 98 4.28 -1.43 11.21
C ALA A 98 2.76 -1.63 11.27
N GLU A 99 2.33 -2.88 11.29
CA GLU A 99 0.89 -3.21 11.26
C GLU A 99 0.23 -2.55 10.05
N ILE A 100 0.70 -2.97 8.87
CA ILE A 100 0.19 -2.48 7.60
C ILE A 100 -0.29 -3.66 6.76
N PRO A 101 -1.58 -4.03 6.89
CA PRO A 101 -2.19 -5.14 6.16
C PRO A 101 -1.74 -5.19 4.70
N LEU A 102 -0.94 -6.21 4.39
CA LEU A 102 -0.38 -6.38 3.05
C LEU A 102 -1.03 -7.59 2.39
N VAL A 103 -1.68 -7.35 1.26
CA VAL A 103 -2.30 -8.44 0.51
C VAL A 103 -1.90 -8.36 -0.96
N GLU A 104 -1.74 -9.53 -1.57
CA GLU A 104 -1.35 -9.62 -2.96
C GLU A 104 -2.51 -10.12 -3.81
N VAL A 105 -2.90 -9.34 -4.80
CA VAL A 105 -4.03 -9.68 -5.66
C VAL A 105 -3.55 -10.32 -6.96
N ARG A 106 -4.21 -11.41 -7.35
CA ARG A 106 -3.78 -12.19 -8.50
C ARG A 106 -4.51 -11.72 -9.77
N ASP A 107 -5.58 -10.95 -9.61
CA ASP A 107 -6.38 -10.55 -10.75
C ASP A 107 -6.21 -9.06 -11.05
N GLU A 108 -6.09 -8.74 -12.33
CA GLU A 108 -5.84 -7.37 -12.77
C GLU A 108 -7.07 -6.48 -12.60
N LYS A 109 -8.25 -7.11 -12.49
CA LYS A 109 -9.51 -6.38 -12.41
C LYS A 109 -9.54 -5.42 -11.21
N PHE A 110 -8.77 -5.73 -10.18
CA PHE A 110 -8.71 -4.86 -9.02
C PHE A 110 -8.15 -3.50 -9.41
N PHE A 111 -7.11 -3.50 -10.25
CA PHE A 111 -6.42 -2.27 -10.63
C PHE A 111 -7.24 -1.48 -11.64
N GLU A 112 -8.11 -2.18 -12.37
CA GLU A 112 -9.03 -1.54 -13.29
C GLU A 112 -10.16 -0.86 -12.53
N ALA A 113 -10.55 -1.45 -11.41
CA ALA A 113 -11.64 -0.94 -10.60
C ALA A 113 -11.18 0.16 -9.66
N VAL A 114 -10.01 -0.03 -9.05
CA VAL A 114 -9.52 0.92 -8.06
C VAL A 114 -8.93 2.16 -8.71
N LYS A 115 -9.46 3.31 -8.33
CA LYS A 115 -8.95 4.59 -8.78
C LYS A 115 -8.77 5.50 -7.57
N THR A 116 -7.85 6.45 -7.67
CA THR A 116 -7.58 7.35 -6.57
C THR A 116 -8.82 8.19 -6.21
N GLY A 117 -9.38 8.00 -5.02
CA GLY A 117 -10.49 8.82 -4.61
C GLY A 117 -11.58 8.08 -3.86
N ASP A 118 -11.80 6.81 -4.18
CA ASP A 118 -12.91 6.07 -3.58
C ASP A 118 -12.43 5.29 -2.35
N ARG A 119 -13.30 4.45 -1.80
CA ARG A 119 -13.00 3.79 -0.53
C ARG A 119 -12.80 2.29 -0.70
N VAL A 120 -11.66 1.80 -0.22
CA VAL A 120 -11.37 0.38 -0.24
C VAL A 120 -11.11 -0.12 1.19
N VAL A 121 -11.93 -1.06 1.62
CA VAL A 121 -11.76 -1.66 2.93
C VAL A 121 -10.84 -2.87 2.83
N VAL A 122 -9.66 -2.74 3.41
CA VAL A 122 -8.67 -3.79 3.34
C VAL A 122 -8.73 -4.68 4.57
N ASN A 123 -9.21 -5.90 4.38
CA ASN A 123 -9.31 -6.85 5.48
C ASN A 123 -8.30 -7.96 5.27
N ALA A 124 -7.16 -7.86 5.95
CA ALA A 124 -6.08 -8.83 5.79
C ALA A 124 -6.26 -10.00 6.74
N ASP A 125 -7.22 -9.88 7.65
CA ASP A 125 -7.57 -10.97 8.54
C ASP A 125 -8.13 -12.12 7.71
N GLU A 126 -9.03 -11.77 6.81
CA GLU A 126 -9.67 -12.72 5.92
C GLU A 126 -8.92 -12.81 4.60
N GLY A 127 -8.31 -11.71 4.18
CA GLY A 127 -7.65 -11.66 2.89
C GLY A 127 -8.59 -11.16 1.82
N TYR A 128 -9.11 -9.95 2.02
CA TYR A 128 -10.19 -9.43 1.20
C TYR A 128 -10.03 -7.93 1.01
N VAL A 129 -10.38 -7.47 -0.17
CA VAL A 129 -10.40 -6.03 -0.45
C VAL A 129 -11.79 -5.61 -0.91
N GLU A 130 -12.50 -4.93 -0.03
CA GLU A 130 -13.88 -4.55 -0.29
C GLU A 130 -13.95 -3.13 -0.84
N LEU A 131 -14.27 -3.01 -2.12
CA LEU A 131 -14.45 -1.71 -2.73
C LEU A 131 -15.83 -1.18 -2.42
N ILE A 132 -15.90 -0.16 -1.59
CA ILE A 132 -17.18 0.38 -1.17
C ILE A 132 -17.35 1.77 -1.73
N GLU A 133 -18.33 1.90 -2.61
CA GLU A 133 -18.52 3.09 -3.40
C GLU A 133 -18.99 4.25 -2.54
N VAL A 2 -18.09 -3.39 -5.46
CA VAL A 2 -17.34 -4.51 -5.99
C VAL A 2 -16.38 -5.05 -4.93
N LYS A 3 -16.32 -6.36 -4.76
CA LYS A 3 -15.48 -6.95 -3.74
C LYS A 3 -14.55 -7.98 -4.36
N PHE A 4 -13.34 -8.08 -3.81
CA PHE A 4 -12.35 -9.02 -4.32
C PHE A 4 -11.78 -9.86 -3.19
N ALA A 5 -11.16 -10.98 -3.54
CA ALA A 5 -10.49 -11.81 -2.56
C ALA A 5 -8.98 -11.76 -2.78
N CYS A 6 -8.25 -11.45 -1.72
CA CYS A 6 -6.80 -11.36 -1.79
C CYS A 6 -6.17 -12.35 -0.84
N ARG A 7 -4.87 -12.56 -0.99
CA ARG A 7 -4.16 -13.53 -0.17
C ARG A 7 -3.56 -12.85 1.05
N ALA A 8 -3.96 -13.32 2.23
CA ALA A 8 -3.54 -12.72 3.48
C ALA A 8 -2.08 -13.03 3.79
N ILE A 9 -1.23 -12.04 3.56
CA ILE A 9 0.20 -12.18 3.86
C ILE A 9 0.51 -11.60 5.22
N THR A 10 -0.07 -10.44 5.50
CA THR A 10 0.09 -9.78 6.79
C THR A 10 -1.22 -9.83 7.56
N ARG A 11 -1.33 -9.02 8.63
CA ARG A 11 -2.51 -9.03 9.47
C ARG A 11 -2.93 -7.60 9.79
N GLY A 12 -4.15 -7.43 10.28
CA GLY A 12 -4.66 -6.09 10.56
C GLY A 12 -5.69 -5.65 9.53
N ARG A 13 -6.49 -4.65 9.86
CA ARG A 13 -7.50 -4.16 8.94
C ARG A 13 -7.73 -2.65 9.12
N ALA A 14 -8.19 -2.01 8.06
CA ALA A 14 -8.44 -0.57 8.09
C ALA A 14 -9.32 -0.14 6.92
N GLU A 15 -9.87 1.07 7.01
CA GLU A 15 -10.66 1.65 5.95
C GLU A 15 -10.12 3.02 5.61
N GLY A 16 -9.82 3.27 4.34
CA GLY A 16 -9.30 4.55 3.95
C GLY A 16 -9.54 4.87 2.49
N GLU A 17 -9.10 6.05 2.08
CA GLU A 17 -9.22 6.48 0.71
C GLU A 17 -8.22 5.74 -0.17
N ALA A 18 -8.66 5.35 -1.37
CA ALA A 18 -7.81 4.62 -2.29
C ALA A 18 -6.89 5.56 -3.04
N LEU A 19 -5.60 5.30 -2.92
CA LEU A 19 -4.59 6.02 -3.66
C LEU A 19 -3.87 5.04 -4.57
N VAL A 20 -3.98 5.25 -5.87
CA VAL A 20 -3.44 4.29 -6.83
C VAL A 20 -2.12 4.78 -7.39
N THR A 21 -1.10 3.94 -7.28
CA THR A 21 0.20 4.28 -7.78
C THR A 21 0.39 3.68 -9.18
N LYS A 22 0.11 4.50 -10.18
CA LYS A 22 0.18 4.07 -11.58
C LYS A 22 1.61 4.14 -12.10
N GLU A 23 2.51 4.61 -11.24
CA GLU A 23 3.90 4.80 -11.62
C GLU A 23 4.76 3.68 -11.06
N TYR A 24 5.58 3.09 -11.91
CA TYR A 24 6.57 2.12 -11.47
C TYR A 24 7.81 2.88 -11.02
N ILE A 25 7.95 3.06 -9.73
CA ILE A 25 8.98 3.95 -9.20
C ILE A 25 9.95 3.21 -8.30
N SER A 26 11.01 3.90 -7.90
CA SER A 26 11.98 3.34 -6.98
C SER A 26 11.46 3.41 -5.55
N PHE A 27 11.38 2.27 -4.89
CA PHE A 27 10.85 2.19 -3.54
C PHE A 27 11.96 2.48 -2.52
N LEU A 28 12.90 3.34 -2.93
CA LEU A 28 14.00 3.75 -2.06
C LEU A 28 13.45 4.63 -0.94
N GLY A 29 12.30 5.24 -1.21
CA GLY A 29 11.65 6.07 -0.24
C GLY A 29 10.44 6.76 -0.81
N GLY A 30 10.58 8.04 -1.12
CA GLY A 30 9.50 8.78 -1.74
C GLY A 30 8.65 9.48 -0.73
N ILE A 31 8.20 8.73 0.26
CA ILE A 31 7.38 9.27 1.33
C ILE A 31 8.28 9.82 2.44
N ASP A 32 8.04 11.05 2.86
CA ASP A 32 8.83 11.64 3.92
C ASP A 32 8.39 11.14 5.28
N LYS A 33 9.37 10.88 6.14
CA LYS A 33 9.13 10.31 7.46
C LYS A 33 8.33 11.25 8.37
N GLU A 34 8.40 12.55 8.12
CA GLU A 34 7.82 13.52 9.03
C GLU A 34 6.42 13.94 8.57
N THR A 35 6.27 14.25 7.30
CA THR A 35 5.00 14.77 6.80
C THR A 35 4.19 13.71 6.06
N GLY A 36 4.84 12.65 5.61
CA GLY A 36 4.15 11.62 4.85
C GLY A 36 3.84 12.07 3.44
N ILE A 37 4.55 13.09 2.99
CA ILE A 37 4.35 13.64 1.65
C ILE A 37 5.20 12.89 0.63
N VAL A 38 4.58 12.53 -0.48
CA VAL A 38 5.31 11.89 -1.57
C VAL A 38 6.17 12.90 -2.31
N LYS A 39 7.47 12.76 -2.17
CA LYS A 39 8.43 13.63 -2.82
C LYS A 39 8.85 13.06 -4.16
N GLU A 40 8.48 11.81 -4.42
CA GLU A 40 8.78 11.15 -5.68
C GLU A 40 8.02 11.84 -6.82
N ASP A 41 8.70 12.03 -7.94
CA ASP A 41 8.14 12.82 -9.03
C ASP A 41 6.98 12.11 -9.70
N CYS A 42 5.89 12.84 -9.87
CA CYS A 42 4.66 12.34 -10.48
C CYS A 42 3.60 13.42 -10.37
N GLU A 43 2.38 13.14 -10.85
CA GLU A 43 1.28 14.10 -10.70
C GLU A 43 0.71 14.04 -9.30
N ILE A 44 1.15 13.04 -8.55
CA ILE A 44 0.67 12.82 -7.18
C ILE A 44 1.61 13.50 -6.18
N LYS A 45 2.75 13.99 -6.68
CA LYS A 45 3.75 14.61 -5.83
C LYS A 45 3.15 15.78 -5.06
N GLY A 46 3.30 15.73 -3.76
CA GLY A 46 2.70 16.74 -2.91
C GLY A 46 1.62 16.15 -2.02
N GLU A 47 1.04 15.05 -2.46
CA GLU A 47 0.00 14.36 -1.70
C GLU A 47 0.57 13.68 -0.46
N SER A 48 -0.32 13.34 0.46
CA SER A 48 0.07 12.72 1.71
C SER A 48 -0.53 11.32 1.81
N VAL A 49 0.32 10.33 2.08
CA VAL A 49 -0.13 8.95 2.17
C VAL A 49 -0.58 8.61 3.59
N ALA A 50 -0.54 9.62 4.46
CA ALA A 50 -0.89 9.45 5.85
C ALA A 50 -2.37 9.18 6.01
N GLY A 51 -2.74 7.92 5.95
CA GLY A 51 -4.11 7.52 6.12
C GLY A 51 -4.78 7.10 4.83
N ARG A 52 -3.98 6.93 3.79
CA ARG A 52 -4.50 6.52 2.50
C ARG A 52 -4.13 5.06 2.25
N ILE A 53 -4.88 4.38 1.42
CA ILE A 53 -4.56 3.00 1.06
C ILE A 53 -3.94 2.96 -0.34
N LEU A 54 -2.69 2.52 -0.40
CA LEU A 54 -1.93 2.58 -1.64
C LEU A 54 -2.05 1.26 -2.41
N VAL A 55 -2.48 1.37 -3.66
CA VAL A 55 -2.58 0.22 -4.54
C VAL A 55 -1.67 0.40 -5.74
N PHE A 56 -0.59 -0.37 -5.77
CA PHE A 56 0.34 -0.37 -6.88
C PHE A 56 0.72 -1.79 -7.26
N PRO A 57 1.09 -2.03 -8.53
CA PRO A 57 1.55 -3.34 -8.98
C PRO A 57 2.85 -3.76 -8.30
N GLY A 58 3.83 -2.86 -8.32
CA GLY A 58 5.12 -3.14 -7.71
C GLY A 58 6.04 -1.94 -7.77
N GLY A 59 7.17 -2.02 -7.06
CA GLY A 59 8.12 -0.93 -7.05
C GLY A 59 9.42 -1.29 -7.73
N LYS A 60 9.30 -1.97 -8.87
CA LYS A 60 10.45 -2.31 -9.73
C LYS A 60 11.44 -3.27 -9.04
N GLY A 61 11.06 -3.78 -7.88
CA GLY A 61 11.93 -4.68 -7.14
C GLY A 61 13.14 -3.98 -6.58
N SER A 62 12.94 -2.80 -6.02
CA SER A 62 14.02 -2.04 -5.40
C SER A 62 14.13 -2.38 -3.92
N THR A 63 15.32 -2.77 -3.51
CA THR A 63 15.56 -3.29 -2.18
C THR A 63 15.88 -2.17 -1.20
N VAL A 64 14.87 -1.39 -0.90
CA VAL A 64 14.94 -0.33 0.12
C VAL A 64 15.60 -0.83 1.41
N GLY A 65 15.35 -2.08 1.76
CA GLY A 65 15.95 -2.65 2.95
C GLY A 65 14.96 -2.75 4.10
N SER A 66 13.75 -2.21 3.87
CA SER A 66 12.65 -2.23 4.84
C SER A 66 13.05 -1.51 6.14
N TYR A 67 12.39 -1.90 7.25
CA TYR A 67 12.63 -1.32 8.59
C TYR A 67 12.07 0.10 8.71
N VAL A 68 12.50 0.98 7.82
CA VAL A 68 12.16 2.40 7.88
C VAL A 68 10.65 2.67 7.79
N LEU A 69 9.90 1.67 7.32
CA LEU A 69 8.45 1.80 7.23
C LEU A 69 7.83 1.95 8.61
N LEU A 70 8.50 1.39 9.62
CA LEU A 70 8.01 1.46 10.99
C LEU A 70 7.96 2.93 11.46
N ASN A 71 8.96 3.71 11.05
CA ASN A 71 9.02 5.13 11.38
C ASN A 71 7.77 5.83 10.87
N LEU A 72 7.43 5.55 9.61
CA LEU A 72 6.26 6.14 8.98
C LEU A 72 5.00 5.83 9.78
N ARG A 73 4.87 4.58 10.21
CA ARG A 73 3.68 4.14 10.93
C ARG A 73 3.66 4.72 12.34
N LYS A 74 4.81 4.72 12.99
CA LYS A 74 4.93 5.26 14.34
C LYS A 74 4.58 6.74 14.36
N ASN A 75 4.89 7.43 13.28
CA ASN A 75 4.64 8.86 13.20
C ASN A 75 3.21 9.13 12.73
N GLY A 76 2.61 8.12 12.11
CA GLY A 76 1.24 8.24 11.64
C GLY A 76 1.17 8.85 10.25
N VAL A 77 2.25 8.72 9.50
CA VAL A 77 2.33 9.28 8.16
C VAL A 77 2.42 8.15 7.12
N ALA A 78 2.16 6.94 7.58
CA ALA A 78 2.19 5.76 6.71
C ALA A 78 0.81 5.51 6.11
N PRO A 79 0.75 4.71 5.04
CA PRO A 79 -0.53 4.30 4.46
C PRO A 79 -1.28 3.34 5.37
N LYS A 80 -2.60 3.37 5.31
CA LYS A 80 -3.43 2.50 6.15
C LYS A 80 -3.29 1.06 5.69
N ALA A 81 -3.05 0.88 4.40
CA ALA A 81 -2.91 -0.45 3.83
C ALA A 81 -2.26 -0.37 2.45
N ILE A 82 -1.62 -1.46 2.05
CA ILE A 82 -1.03 -1.55 0.74
C ILE A 82 -1.44 -2.86 0.08
N ILE A 83 -1.97 -2.78 -1.14
CA ILE A 83 -2.38 -3.98 -1.87
C ILE A 83 -1.56 -4.08 -3.16
N ASN A 84 -0.84 -5.17 -3.30
CA ASN A 84 0.05 -5.35 -4.45
C ASN A 84 -0.35 -6.57 -5.25
N LYS A 85 0.14 -6.67 -6.47
CA LYS A 85 -0.07 -7.85 -7.29
C LYS A 85 0.89 -8.94 -6.85
N LYS A 86 2.15 -8.55 -6.67
CA LYS A 86 3.14 -9.44 -6.10
C LYS A 86 3.81 -8.76 -4.90
N THR A 87 3.57 -9.29 -3.73
CA THR A 87 4.23 -8.79 -2.55
C THR A 87 5.51 -9.59 -2.29
N GLU A 88 6.63 -8.90 -2.38
CA GLU A 88 7.92 -9.55 -2.26
C GLU A 88 8.47 -9.39 -0.84
N THR A 89 9.52 -10.15 -0.54
CA THR A 89 10.02 -10.29 0.82
C THR A 89 10.33 -8.93 1.48
N ILE A 90 11.05 -8.07 0.76
CA ILE A 90 11.43 -6.76 1.30
C ILE A 90 10.23 -5.96 1.79
N ILE A 91 9.17 -5.92 0.99
CA ILE A 91 8.00 -5.14 1.31
C ILE A 91 7.17 -5.84 2.37
N ALA A 92 7.05 -7.15 2.24
CA ALA A 92 6.26 -7.97 3.16
C ALA A 92 6.78 -7.84 4.60
N VAL A 93 8.07 -8.04 4.77
CA VAL A 93 8.68 -7.95 6.10
C VAL A 93 8.57 -6.54 6.66
N GLY A 94 8.83 -5.56 5.81
CA GLY A 94 8.76 -4.18 6.24
C GLY A 94 7.38 -3.77 6.73
N ALA A 95 6.35 -4.15 5.98
CA ALA A 95 4.98 -3.79 6.32
C ALA A 95 4.45 -4.60 7.49
N ALA A 96 4.91 -5.85 7.61
CA ALA A 96 4.48 -6.72 8.69
C ALA A 96 4.91 -6.18 10.05
N MET A 97 6.12 -5.66 10.11
CA MET A 97 6.65 -5.14 11.36
C MET A 97 6.01 -3.82 11.74
N ALA A 98 5.85 -2.94 10.75
CA ALA A 98 5.28 -1.61 10.98
C ALA A 98 3.77 -1.65 11.22
N GLU A 99 3.14 -2.78 10.89
CA GLU A 99 1.68 -2.93 10.95
C GLU A 99 1.04 -2.12 9.80
N ILE A 100 1.41 -2.49 8.59
CA ILE A 100 0.86 -1.88 7.37
C ILE A 100 0.23 -2.97 6.51
N PRO A 101 -1.07 -3.24 6.74
CA PRO A 101 -1.82 -4.30 6.03
C PRO A 101 -1.45 -4.42 4.56
N LEU A 102 -0.74 -5.49 4.26
CA LEU A 102 -0.23 -5.73 2.92
C LEU A 102 -0.61 -7.13 2.45
N VAL A 103 -1.34 -7.19 1.34
CA VAL A 103 -1.77 -8.45 0.77
C VAL A 103 -1.55 -8.46 -0.74
N GLU A 104 -1.63 -9.63 -1.35
CA GLU A 104 -1.45 -9.73 -2.79
C GLU A 104 -2.75 -10.14 -3.47
N VAL A 105 -3.00 -9.55 -4.63
CA VAL A 105 -4.16 -9.88 -5.44
C VAL A 105 -3.74 -10.70 -6.65
N ARG A 106 -4.55 -11.69 -7.00
CA ARG A 106 -4.21 -12.62 -8.06
C ARG A 106 -4.69 -12.10 -9.43
N ASP A 107 -5.73 -11.28 -9.41
CA ASP A 107 -6.36 -10.85 -10.64
C ASP A 107 -6.02 -9.40 -10.96
N GLU A 108 -5.78 -9.14 -12.24
CA GLU A 108 -5.42 -7.81 -12.71
C GLU A 108 -6.63 -6.86 -12.65
N LYS A 109 -7.82 -7.43 -12.61
CA LYS A 109 -9.06 -6.65 -12.60
C LYS A 109 -9.19 -5.81 -11.33
N PHE A 110 -8.43 -6.16 -10.30
CA PHE A 110 -8.39 -5.35 -9.11
C PHE A 110 -7.87 -3.96 -9.45
N PHE A 111 -6.80 -3.93 -10.24
CA PHE A 111 -6.18 -2.68 -10.67
C PHE A 111 -7.02 -2.04 -11.77
N GLU A 112 -7.66 -2.89 -12.56
CA GLU A 112 -8.55 -2.47 -13.63
C GLU A 112 -9.68 -1.60 -13.08
N ALA A 113 -10.27 -2.04 -11.99
CA ALA A 113 -11.45 -1.39 -11.44
C ALA A 113 -11.08 -0.26 -10.46
N VAL A 114 -9.91 -0.34 -9.86
CA VAL A 114 -9.54 0.61 -8.82
C VAL A 114 -9.15 1.97 -9.41
N LYS A 115 -9.59 3.03 -8.73
CA LYS A 115 -9.18 4.39 -9.05
C LYS A 115 -8.95 5.15 -7.75
N THR A 116 -8.19 6.22 -7.82
CA THR A 116 -7.88 6.99 -6.63
C THR A 116 -9.04 7.94 -6.28
N GLY A 117 -9.36 8.03 -4.99
CA GLY A 117 -10.42 8.90 -4.55
C GLY A 117 -11.57 8.15 -3.91
N ASP A 118 -11.73 6.89 -4.28
CA ASP A 118 -12.79 6.06 -3.72
C ASP A 118 -12.36 5.42 -2.41
N ARG A 119 -13.17 4.52 -1.89
CA ARG A 119 -12.89 3.91 -0.60
C ARG A 119 -12.63 2.41 -0.73
N VAL A 120 -11.57 1.96 -0.07
CA VAL A 120 -11.25 0.54 -0.02
C VAL A 120 -11.20 0.06 1.42
N VAL A 121 -11.89 -1.03 1.70
CA VAL A 121 -11.86 -1.65 3.01
C VAL A 121 -10.96 -2.88 2.96
N VAL A 122 -9.84 -2.81 3.67
CA VAL A 122 -8.85 -3.88 3.64
C VAL A 122 -8.85 -4.66 4.95
N ASN A 123 -8.95 -5.97 4.84
CA ASN A 123 -8.88 -6.84 6.00
C ASN A 123 -7.89 -7.97 5.75
N ALA A 124 -6.69 -7.83 6.31
CA ALA A 124 -5.61 -8.77 6.05
C ALA A 124 -5.69 -9.98 6.97
N ASP A 125 -6.54 -9.89 7.99
CA ASP A 125 -6.74 -11.02 8.91
C ASP A 125 -7.67 -12.06 8.30
N GLU A 126 -8.25 -11.73 7.15
CA GLU A 126 -9.15 -12.63 6.46
C GLU A 126 -8.74 -12.81 5.00
N GLY A 127 -7.98 -11.85 4.47
CA GLY A 127 -7.64 -11.85 3.06
C GLY A 127 -8.79 -11.33 2.25
N TYR A 128 -9.18 -10.10 2.53
CA TYR A 128 -10.43 -9.56 2.03
C TYR A 128 -10.26 -8.09 1.67
N VAL A 129 -10.79 -7.70 0.52
CA VAL A 129 -10.74 -6.32 0.09
C VAL A 129 -12.08 -5.90 -0.52
N GLU A 130 -12.64 -4.83 0.03
CA GLU A 130 -13.95 -4.36 -0.37
C GLU A 130 -13.85 -2.97 -1.01
N LEU A 131 -14.31 -2.84 -2.24
CA LEU A 131 -14.28 -1.56 -2.94
C LEU A 131 -15.67 -0.96 -3.02
N ILE A 132 -15.79 0.29 -2.59
CA ILE A 132 -17.05 1.01 -2.72
C ILE A 132 -16.81 2.28 -3.51
N GLU A 133 -17.54 2.41 -4.60
CA GLU A 133 -17.42 3.54 -5.48
C GLU A 133 -18.26 4.69 -4.94
N VAL A 2 -17.92 -4.88 -5.76
CA VAL A 2 -17.29 -6.17 -5.94
C VAL A 2 -16.27 -6.43 -4.83
N LYS A 3 -16.29 -7.63 -4.28
CA LYS A 3 -15.34 -8.01 -3.24
C LYS A 3 -14.25 -8.87 -3.86
N PHE A 4 -13.06 -8.31 -3.99
CA PHE A 4 -11.95 -9.01 -4.62
C PHE A 4 -11.21 -9.85 -3.60
N ALA A 5 -10.79 -11.04 -4.02
CA ALA A 5 -10.08 -11.94 -3.13
C ALA A 5 -8.58 -11.70 -3.20
N CYS A 6 -7.97 -11.52 -2.05
CA CYS A 6 -6.53 -11.29 -1.99
C CYS A 6 -5.88 -12.37 -1.14
N ARG A 7 -4.59 -12.57 -1.32
CA ARG A 7 -3.85 -13.52 -0.51
C ARG A 7 -3.03 -12.77 0.54
N ALA A 8 -3.37 -13.00 1.79
CA ALA A 8 -2.79 -12.26 2.90
C ALA A 8 -1.35 -12.67 3.17
N ILE A 9 -0.49 -11.68 3.34
CA ILE A 9 0.89 -11.93 3.70
C ILE A 9 1.09 -11.53 5.16
N THR A 10 0.64 -10.34 5.50
CA THR A 10 0.65 -9.88 6.88
C THR A 10 -0.78 -9.63 7.35
N ARG A 11 -0.93 -9.27 8.61
CA ARG A 11 -2.26 -9.05 9.18
C ARG A 11 -2.59 -7.56 9.26
N GLY A 12 -3.84 -7.27 9.55
CA GLY A 12 -4.26 -5.89 9.68
C GLY A 12 -5.57 -5.62 8.96
N ARG A 13 -6.30 -4.63 9.43
CA ARG A 13 -7.55 -4.23 8.80
C ARG A 13 -7.62 -2.71 8.76
N ALA A 14 -7.92 -2.16 7.60
CA ALA A 14 -7.91 -0.72 7.44
C ALA A 14 -8.97 -0.26 6.47
N GLU A 15 -9.27 1.03 6.49
CA GLU A 15 -10.26 1.61 5.61
C GLU A 15 -9.94 3.07 5.37
N GLY A 16 -10.28 3.57 4.20
CA GLY A 16 -10.11 4.98 3.92
C GLY A 16 -10.10 5.28 2.45
N GLU A 17 -9.70 6.50 2.11
CA GLU A 17 -9.58 6.90 0.73
C GLU A 17 -8.51 6.09 0.02
N ALA A 18 -8.88 5.51 -1.10
CA ALA A 18 -7.96 4.68 -1.86
C ALA A 18 -7.04 5.52 -2.71
N LEU A 19 -5.75 5.36 -2.48
CA LEU A 19 -4.74 6.02 -3.28
C LEU A 19 -4.11 4.98 -4.20
N VAL A 20 -4.41 5.07 -5.48
CA VAL A 20 -4.00 4.05 -6.42
C VAL A 20 -2.93 4.57 -7.36
N THR A 21 -1.74 4.03 -7.24
CA THR A 21 -0.62 4.43 -8.09
C THR A 21 -0.37 3.35 -9.13
N LYS A 22 -0.67 3.66 -10.39
CA LYS A 22 -0.52 2.70 -11.48
C LYS A 22 0.91 2.73 -12.03
N GLU A 23 1.85 3.11 -11.18
CA GLU A 23 3.25 3.17 -11.55
C GLU A 23 4.04 2.16 -10.72
N TYR A 24 5.19 1.77 -11.23
CA TYR A 24 6.06 0.84 -10.55
C TYR A 24 7.23 1.60 -9.93
N ILE A 25 7.09 1.96 -8.67
CA ILE A 25 8.08 2.77 -7.99
C ILE A 25 9.22 1.92 -7.43
N SER A 26 10.25 2.58 -6.93
CA SER A 26 11.39 1.90 -6.37
C SER A 26 11.45 2.09 -4.86
N PHE A 27 11.45 0.98 -4.13
CA PHE A 27 11.52 1.03 -2.68
C PHE A 27 12.96 1.21 -2.22
N LEU A 28 13.52 2.36 -2.57
CA LEU A 28 14.85 2.76 -2.13
C LEU A 28 14.75 4.05 -1.33
N GLY A 29 14.18 5.07 -1.98
CA GLY A 29 13.95 6.33 -1.31
C GLY A 29 12.74 7.04 -1.90
N GLY A 30 11.68 6.27 -2.13
CA GLY A 30 10.49 6.82 -2.76
C GLY A 30 9.68 7.70 -1.82
N ILE A 31 9.34 7.18 -0.66
CA ILE A 31 8.50 7.91 0.29
C ILE A 31 9.36 8.57 1.36
N ASP A 32 9.05 9.82 1.67
CA ASP A 32 9.74 10.57 2.73
C ASP A 32 9.42 9.97 4.09
N LYS A 33 10.45 9.80 4.92
CA LYS A 33 10.32 9.07 6.18
C LYS A 33 9.46 9.82 7.20
N GLU A 34 9.39 11.13 7.06
CA GLU A 34 8.82 11.98 8.09
C GLU A 34 7.50 12.59 7.63
N THR A 35 7.45 12.95 6.37
CA THR A 35 6.29 13.63 5.82
C THR A 35 5.38 12.66 5.08
N GLY A 36 5.89 11.47 4.77
CA GLY A 36 5.11 10.49 4.03
C GLY A 36 4.86 10.92 2.61
N ILE A 37 5.71 11.82 2.11
CA ILE A 37 5.55 12.38 0.77
C ILE A 37 6.29 11.51 -0.24
N VAL A 38 5.59 11.09 -1.28
CA VAL A 38 6.23 10.37 -2.37
C VAL A 38 7.11 11.32 -3.19
N LYS A 39 8.42 11.08 -3.14
CA LYS A 39 9.38 11.94 -3.79
C LYS A 39 9.63 11.49 -5.22
N GLU A 40 9.47 10.19 -5.49
CA GLU A 40 9.68 9.66 -6.83
C GLU A 40 8.65 10.23 -7.79
N ASP A 41 9.12 10.88 -8.85
CA ASP A 41 8.24 11.60 -9.76
C ASP A 41 7.44 10.65 -10.64
N CYS A 42 6.18 11.02 -10.87
CA CYS A 42 5.26 10.24 -11.68
C CYS A 42 3.96 11.01 -11.91
N GLU A 43 3.16 11.09 -10.85
CA GLU A 43 1.89 11.79 -10.89
C GLU A 43 1.49 12.21 -9.49
N ILE A 44 1.51 11.24 -8.57
CA ILE A 44 1.21 11.50 -7.18
C ILE A 44 2.44 12.05 -6.44
N LYS A 45 3.43 12.49 -7.21
CA LYS A 45 4.65 13.06 -6.65
C LYS A 45 4.32 14.36 -5.92
N GLY A 46 4.72 14.41 -4.67
CA GLY A 46 4.46 15.58 -3.85
C GLY A 46 3.34 15.35 -2.87
N GLU A 47 2.56 14.29 -3.07
CA GLU A 47 1.49 13.95 -2.16
C GLU A 47 1.96 12.99 -1.07
N SER A 48 1.20 12.96 0.02
CA SER A 48 1.51 12.12 1.16
C SER A 48 0.60 10.89 1.20
N VAL A 49 1.05 9.86 1.90
CA VAL A 49 0.30 8.62 2.03
C VAL A 49 -0.26 8.46 3.44
N ALA A 50 -0.37 9.59 4.15
CA ALA A 50 -0.74 9.59 5.55
C ALA A 50 -2.23 9.32 5.73
N GLY A 51 -2.55 8.05 5.90
CA GLY A 51 -3.91 7.65 6.21
C GLY A 51 -4.69 7.25 4.98
N ARG A 52 -3.98 6.91 3.92
CA ARG A 52 -4.62 6.52 2.67
C ARG A 52 -4.43 5.03 2.40
N ILE A 53 -5.29 4.46 1.57
CA ILE A 53 -5.21 3.04 1.22
C ILE A 53 -4.44 2.89 -0.09
N LEU A 54 -3.20 2.44 0.01
CA LEU A 54 -2.31 2.41 -1.15
C LEU A 54 -2.50 1.13 -1.95
N VAL A 55 -2.60 1.28 -3.26
CA VAL A 55 -2.70 0.15 -4.17
C VAL A 55 -1.60 0.25 -5.24
N PHE A 56 -0.75 -0.76 -5.32
CA PHE A 56 0.35 -0.77 -6.27
C PHE A 56 0.38 -2.06 -7.07
N PRO A 57 0.76 -1.97 -8.36
CA PRO A 57 0.93 -3.14 -9.21
C PRO A 57 2.27 -3.82 -8.99
N GLY A 58 3.15 -3.15 -8.27
CA GLY A 58 4.45 -3.70 -7.98
C GLY A 58 5.55 -2.66 -8.12
N GLY A 59 6.77 -3.13 -8.33
CA GLY A 59 7.90 -2.24 -8.44
C GLY A 59 9.18 -2.95 -8.06
N LYS A 60 10.08 -2.23 -7.40
CA LYS A 60 11.32 -2.83 -6.93
C LYS A 60 11.44 -2.71 -5.42
N GLY A 61 11.17 -3.80 -4.73
CA GLY A 61 11.22 -3.81 -3.28
C GLY A 61 12.55 -4.32 -2.78
N SER A 62 13.55 -3.45 -2.76
CA SER A 62 14.89 -3.83 -2.37
C SER A 62 15.04 -3.83 -0.86
N THR A 63 16.25 -4.12 -0.39
CA THR A 63 16.52 -4.26 1.04
C THR A 63 16.39 -2.93 1.78
N VAL A 64 16.34 -1.84 1.03
CA VAL A 64 16.24 -0.51 1.61
C VAL A 64 14.77 -0.13 1.85
N GLY A 65 13.86 -0.88 1.23
CA GLY A 65 12.44 -0.58 1.37
C GLY A 65 11.88 -1.03 2.70
N SER A 66 12.53 -2.02 3.31
CA SER A 66 12.09 -2.54 4.58
C SER A 66 12.56 -1.66 5.73
N TYR A 67 11.93 -1.82 6.90
CA TYR A 67 12.32 -1.12 8.12
C TYR A 67 11.86 0.35 8.12
N VAL A 68 12.04 1.02 6.99
CA VAL A 68 11.66 2.43 6.84
C VAL A 68 10.17 2.63 7.09
N LEU A 69 9.37 1.64 6.72
CA LEU A 69 7.92 1.69 6.90
C LEU A 69 7.55 1.89 8.37
N LEU A 70 8.37 1.37 9.26
CA LEU A 70 8.11 1.45 10.69
C LEU A 70 8.21 2.91 11.17
N ASN A 71 9.11 3.64 10.55
CA ASN A 71 9.32 5.05 10.90
C ASN A 71 8.08 5.87 10.56
N LEU A 72 7.51 5.57 9.40
CA LEU A 72 6.30 6.24 8.94
C LEU A 72 5.18 6.06 9.95
N ARG A 73 5.06 4.85 10.47
CA ARG A 73 4.01 4.49 11.41
C ARG A 73 4.09 5.36 12.66
N LYS A 74 5.28 5.42 13.25
CA LYS A 74 5.48 6.12 14.52
C LYS A 74 5.48 7.64 14.35
N ASN A 75 5.48 8.09 13.10
CA ASN A 75 5.38 9.52 12.83
C ASN A 75 3.91 9.90 12.63
N GLY A 76 3.13 8.96 12.12
CA GLY A 76 1.73 9.21 11.85
C GLY A 76 1.47 9.50 10.39
N VAL A 77 2.44 9.17 9.55
CA VAL A 77 2.32 9.40 8.12
C VAL A 77 2.36 8.10 7.34
N ALA A 78 2.19 6.99 8.04
CA ALA A 78 2.18 5.67 7.41
C ALA A 78 0.89 5.43 6.63
N PRO A 79 0.97 4.63 5.56
CA PRO A 79 -0.21 4.19 4.84
C PRO A 79 -0.97 3.15 5.66
N LYS A 80 -2.29 3.24 5.67
CA LYS A 80 -3.11 2.33 6.45
C LYS A 80 -2.96 0.89 5.97
N ALA A 81 -2.94 0.72 4.66
CA ALA A 81 -2.78 -0.60 4.06
C ALA A 81 -2.26 -0.46 2.64
N ILE A 82 -1.58 -1.48 2.15
CA ILE A 82 -1.04 -1.45 0.80
C ILE A 82 -1.32 -2.77 0.09
N ILE A 83 -2.14 -2.72 -0.94
CA ILE A 83 -2.51 -3.91 -1.70
C ILE A 83 -1.68 -3.96 -2.99
N ASN A 84 -0.97 -5.05 -3.19
CA ASN A 84 -0.06 -5.15 -4.32
C ASN A 84 -0.38 -6.35 -5.18
N LYS A 85 0.02 -6.28 -6.45
CA LYS A 85 -0.13 -7.39 -7.37
C LYS A 85 0.96 -8.43 -7.08
N LYS A 86 2.18 -7.95 -6.94
CA LYS A 86 3.30 -8.81 -6.62
C LYS A 86 3.89 -8.41 -5.27
N THR A 87 3.89 -9.34 -4.34
CA THR A 87 4.37 -9.07 -2.99
C THR A 87 5.79 -9.57 -2.82
N GLU A 88 6.63 -8.74 -2.22
CA GLU A 88 8.01 -9.11 -1.95
C GLU A 88 8.17 -9.41 -0.46
N THR A 89 8.98 -10.41 -0.15
CA THR A 89 9.15 -10.86 1.21
C THR A 89 9.86 -9.82 2.07
N ILE A 90 10.81 -9.10 1.47
CA ILE A 90 11.54 -8.04 2.18
C ILE A 90 10.57 -6.95 2.64
N ILE A 91 9.65 -6.56 1.75
CA ILE A 91 8.65 -5.57 2.07
C ILE A 91 7.72 -6.09 3.18
N ALA A 92 7.38 -7.37 3.07
CA ALA A 92 6.49 -8.00 4.04
C ALA A 92 7.07 -7.96 5.45
N VAL A 93 8.35 -8.29 5.58
CA VAL A 93 9.03 -8.26 6.87
C VAL A 93 8.96 -6.86 7.49
N GLY A 94 9.21 -5.85 6.64
CA GLY A 94 9.19 -4.48 7.11
C GLY A 94 7.79 -4.00 7.44
N ALA A 95 6.83 -4.37 6.60
CA ALA A 95 5.45 -3.93 6.78
C ALA A 95 4.79 -4.60 7.98
N ALA A 96 5.20 -5.82 8.27
CA ALA A 96 4.66 -6.56 9.41
C ALA A 96 4.93 -5.81 10.71
N MET A 97 6.14 -5.28 10.85
CA MET A 97 6.53 -4.56 12.05
C MET A 97 5.80 -3.22 12.15
N ALA A 98 5.53 -2.63 11.00
CA ALA A 98 4.84 -1.34 10.94
C ALA A 98 3.33 -1.50 10.91
N GLU A 99 2.86 -2.75 11.01
CA GLU A 99 1.43 -3.05 11.00
C GLU A 99 0.78 -2.49 9.73
N ILE A 100 1.46 -2.68 8.61
CA ILE A 100 0.97 -2.26 7.31
C ILE A 100 0.61 -3.49 6.48
N PRO A 101 -0.64 -3.97 6.60
CA PRO A 101 -1.09 -5.18 5.91
C PRO A 101 -0.91 -5.11 4.40
N LEU A 102 -0.06 -5.97 3.87
CA LEU A 102 0.13 -6.07 2.44
C LEU A 102 -0.27 -7.46 1.96
N VAL A 103 -0.97 -7.51 0.85
CA VAL A 103 -1.44 -8.76 0.29
C VAL A 103 -1.14 -8.82 -1.19
N GLU A 104 -1.18 -10.01 -1.78
CA GLU A 104 -0.97 -10.15 -3.21
C GLU A 104 -2.31 -10.38 -3.91
N VAL A 105 -2.51 -9.69 -5.02
CA VAL A 105 -3.70 -9.88 -5.83
C VAL A 105 -3.32 -10.41 -7.21
N ARG A 106 -4.00 -11.46 -7.63
CA ARG A 106 -3.70 -12.09 -8.91
C ARG A 106 -4.74 -11.67 -9.96
N ASP A 107 -5.66 -10.82 -9.53
CA ASP A 107 -6.78 -10.42 -10.38
C ASP A 107 -6.48 -9.10 -11.09
N GLU A 108 -6.55 -9.13 -12.41
CA GLU A 108 -6.28 -7.95 -13.23
C GLU A 108 -7.41 -6.93 -13.10
N LYS A 109 -8.63 -7.40 -12.93
CA LYS A 109 -9.80 -6.54 -12.91
C LYS A 109 -9.81 -5.69 -11.65
N PHE A 110 -9.12 -6.15 -10.61
CA PHE A 110 -8.96 -5.36 -9.40
C PHE A 110 -8.37 -4.00 -9.75
N PHE A 111 -7.29 -4.00 -10.52
CA PHE A 111 -6.61 -2.77 -10.92
C PHE A 111 -7.41 -2.01 -11.97
N GLU A 112 -8.17 -2.76 -12.75
CA GLU A 112 -9.04 -2.20 -13.76
C GLU A 112 -10.17 -1.39 -13.10
N ALA A 113 -10.77 -1.97 -12.08
CA ALA A 113 -11.93 -1.39 -11.42
C ALA A 113 -11.55 -0.35 -10.37
N VAL A 114 -10.49 -0.62 -9.61
CA VAL A 114 -10.11 0.28 -8.53
C VAL A 114 -9.67 1.64 -9.07
N LYS A 115 -10.27 2.69 -8.53
CA LYS A 115 -9.95 4.04 -8.94
C LYS A 115 -9.51 4.85 -7.72
N THR A 116 -8.45 5.62 -7.89
CA THR A 116 -7.95 6.45 -6.81
C THR A 116 -8.90 7.62 -6.57
N GLY A 117 -9.54 7.63 -5.41
CA GLY A 117 -10.53 8.65 -5.13
C GLY A 117 -11.76 8.09 -4.45
N ASP A 118 -11.95 6.78 -4.57
CA ASP A 118 -13.04 6.11 -3.87
C ASP A 118 -12.50 5.46 -2.61
N ARG A 119 -13.31 4.66 -1.91
CA ARG A 119 -12.88 4.10 -0.66
C ARG A 119 -12.75 2.59 -0.71
N VAL A 120 -11.68 2.09 -0.11
CA VAL A 120 -11.45 0.65 -0.05
C VAL A 120 -11.37 0.18 1.39
N VAL A 121 -12.12 -0.87 1.71
CA VAL A 121 -12.04 -1.49 3.01
C VAL A 121 -11.15 -2.73 2.91
N VAL A 122 -10.00 -2.67 3.55
CA VAL A 122 -9.01 -3.75 3.47
C VAL A 122 -9.14 -4.69 4.66
N ASN A 123 -9.40 -5.95 4.38
CA ASN A 123 -9.48 -6.97 5.42
C ASN A 123 -8.51 -8.10 5.09
N ALA A 124 -7.35 -8.08 5.74
CA ALA A 124 -6.32 -9.08 5.50
C ALA A 124 -6.55 -10.32 6.34
N ASP A 125 -7.45 -10.21 7.32
CA ASP A 125 -7.76 -11.35 8.18
C ASP A 125 -8.46 -12.43 7.38
N GLU A 126 -9.39 -12.02 6.53
CA GLU A 126 -10.11 -12.95 5.66
C GLU A 126 -9.46 -12.98 4.28
N GLY A 127 -8.76 -11.90 3.94
CA GLY A 127 -8.06 -11.85 2.67
C GLY A 127 -8.92 -11.36 1.55
N TYR A 128 -9.39 -10.11 1.64
CA TYR A 128 -10.21 -9.53 0.61
C TYR A 128 -10.24 -8.01 0.76
N VAL A 129 -10.66 -7.33 -0.29
CA VAL A 129 -10.82 -5.89 -0.25
C VAL A 129 -12.19 -5.50 -0.81
N GLU A 130 -12.94 -4.74 -0.02
CA GLU A 130 -14.22 -4.24 -0.48
C GLU A 130 -14.09 -2.81 -0.97
N LEU A 131 -14.17 -2.65 -2.28
CA LEU A 131 -14.17 -1.32 -2.88
C LEU A 131 -15.58 -0.76 -2.82
N ILE A 132 -15.82 0.14 -1.86
CA ILE A 132 -17.14 0.68 -1.65
C ILE A 132 -17.33 1.95 -2.45
N GLU A 133 -18.16 1.84 -3.47
CA GLU A 133 -18.40 2.96 -4.36
C GLU A 133 -19.37 3.93 -3.73
N VAL A 2 -17.67 -3.68 -6.33
CA VAL A 2 -16.65 -4.65 -6.68
C VAL A 2 -16.18 -5.41 -5.44
N LYS A 3 -16.17 -6.72 -5.54
CA LYS A 3 -15.84 -7.59 -4.43
C LYS A 3 -14.80 -8.61 -4.86
N PHE A 4 -13.60 -8.53 -4.29
CA PHE A 4 -12.51 -9.42 -4.70
C PHE A 4 -11.89 -10.10 -3.48
N ALA A 5 -11.13 -11.15 -3.75
CA ALA A 5 -10.38 -11.83 -2.70
C ALA A 5 -8.89 -11.73 -3.01
N CYS A 6 -8.09 -11.50 -1.98
CA CYS A 6 -6.66 -11.37 -2.16
C CYS A 6 -5.93 -12.43 -1.35
N ARG A 7 -4.62 -12.54 -1.54
CA ARG A 7 -3.83 -13.54 -0.85
C ARG A 7 -3.24 -12.95 0.43
N ALA A 8 -3.63 -13.53 1.55
CA ALA A 8 -3.24 -13.02 2.86
C ALA A 8 -1.76 -13.28 3.15
N ILE A 9 -0.93 -12.27 2.90
CA ILE A 9 0.49 -12.36 3.22
C ILE A 9 0.70 -12.01 4.69
N THR A 10 0.01 -10.97 5.15
CA THR A 10 0.07 -10.56 6.54
C THR A 10 -1.35 -10.50 7.10
N ARG A 11 -1.53 -9.85 8.23
CA ARG A 11 -2.85 -9.72 8.83
C ARG A 11 -3.26 -8.24 8.93
N GLY A 12 -4.40 -7.99 9.55
CA GLY A 12 -4.88 -6.63 9.69
C GLY A 12 -6.17 -6.41 8.94
N ARG A 13 -7.04 -5.57 9.50
CA ARG A 13 -8.32 -5.26 8.87
C ARG A 13 -8.65 -3.78 9.08
N ALA A 14 -8.70 -3.03 7.99
CA ALA A 14 -8.91 -1.60 8.07
C ALA A 14 -9.54 -1.06 6.79
N GLU A 15 -9.98 0.19 6.83
CA GLU A 15 -10.57 0.84 5.67
C GLU A 15 -10.00 2.25 5.53
N GLY A 16 -9.86 2.72 4.30
CA GLY A 16 -9.45 4.09 4.09
C GLY A 16 -9.67 4.53 2.67
N GLU A 17 -9.21 5.73 2.35
CA GLU A 17 -9.31 6.26 1.02
C GLU A 17 -8.30 5.58 0.10
N ALA A 18 -8.79 5.07 -1.02
CA ALA A 18 -7.95 4.34 -1.95
C ALA A 18 -7.16 5.28 -2.82
N LEU A 19 -5.85 5.19 -2.73
CA LEU A 19 -4.95 5.99 -3.53
C LEU A 19 -4.42 5.13 -4.67
N VAL A 20 -4.82 5.44 -5.89
CA VAL A 20 -4.50 4.58 -7.01
C VAL A 20 -3.29 5.10 -7.77
N THR A 21 -2.21 4.37 -7.67
CA THR A 21 -0.96 4.81 -8.28
C THR A 21 -0.59 3.91 -9.47
N LYS A 22 -0.24 4.54 -10.58
CA LYS A 22 0.18 3.80 -11.76
C LYS A 22 1.69 3.84 -11.92
N GLU A 23 2.33 4.67 -11.10
CA GLU A 23 3.78 4.76 -11.09
C GLU A 23 4.32 3.92 -9.95
N TYR A 24 5.59 3.58 -10.00
CA TYR A 24 6.20 2.75 -8.98
C TYR A 24 6.90 3.62 -7.93
N ILE A 25 6.81 3.21 -6.67
CA ILE A 25 7.42 3.96 -5.59
C ILE A 25 8.53 3.13 -4.95
N SER A 26 9.68 3.76 -4.74
CA SER A 26 10.83 3.06 -4.18
C SER A 26 10.68 2.92 -2.66
N PHE A 27 10.57 1.69 -2.20
CA PHE A 27 10.44 1.40 -0.77
C PHE A 27 11.75 1.69 -0.04
N LEU A 28 12.79 2.02 -0.79
CA LEU A 28 14.07 2.40 -0.21
C LEU A 28 13.90 3.71 0.56
N GLY A 29 12.97 4.54 0.10
CA GLY A 29 12.71 5.80 0.77
C GLY A 29 12.31 6.90 -0.20
N GLY A 30 11.33 6.61 -1.04
CA GLY A 30 10.87 7.60 -1.99
C GLY A 30 9.74 8.45 -1.43
N ILE A 31 9.65 8.50 -0.11
CA ILE A 31 8.62 9.27 0.58
C ILE A 31 9.25 10.14 1.66
N ASP A 32 8.81 11.38 1.76
CA ASP A 32 9.27 12.29 2.80
C ASP A 32 8.73 11.83 4.15
N LYS A 33 9.62 11.59 5.09
CA LYS A 33 9.24 10.96 6.35
C LYS A 33 8.60 11.96 7.30
N GLU A 34 8.69 13.24 6.99
CA GLU A 34 8.12 14.27 7.84
C GLU A 34 6.71 14.65 7.38
N THR A 35 6.52 14.76 6.07
CA THR A 35 5.24 15.18 5.53
C THR A 35 4.43 14.02 4.97
N GLY A 36 5.11 13.06 4.34
CA GLY A 36 4.42 11.97 3.70
C GLY A 36 4.25 12.20 2.21
N ILE A 37 5.02 13.16 1.68
CA ILE A 37 5.01 13.48 0.26
C ILE A 37 6.07 12.65 -0.45
N VAL A 38 5.69 11.98 -1.53
CA VAL A 38 6.65 11.20 -2.32
C VAL A 38 7.69 12.12 -2.94
N LYS A 39 8.93 11.64 -2.98
CA LYS A 39 10.06 12.46 -3.45
C LYS A 39 10.35 12.19 -4.92
N GLU A 40 9.61 11.25 -5.47
CA GLU A 40 9.82 10.80 -6.84
C GLU A 40 8.95 11.58 -7.83
N ASP A 41 9.35 11.56 -9.09
CA ASP A 41 8.66 12.32 -10.12
C ASP A 41 7.59 11.48 -10.83
N CYS A 42 6.45 12.13 -11.08
CA CYS A 42 5.36 11.58 -11.88
C CYS A 42 4.26 12.62 -11.95
N GLU A 43 3.28 12.42 -12.81
CA GLU A 43 2.19 13.39 -12.95
C GLU A 43 1.33 13.40 -11.69
N ILE A 44 1.15 12.23 -11.08
CA ILE A 44 0.34 12.10 -9.89
C ILE A 44 1.20 11.97 -8.63
N LYS A 45 2.49 12.25 -8.77
CA LYS A 45 3.38 12.23 -7.64
C LYS A 45 3.62 13.64 -7.13
N GLY A 46 3.82 13.76 -5.84
CA GLY A 46 3.94 15.07 -5.22
C GLY A 46 2.84 15.30 -4.20
N GLU A 47 1.99 14.30 -4.02
CA GLU A 47 0.91 14.37 -3.05
C GLU A 47 1.19 13.46 -1.87
N SER A 48 0.25 13.44 -0.92
CA SER A 48 0.46 12.75 0.35
C SER A 48 -0.04 11.31 0.30
N VAL A 49 0.77 10.39 0.80
CA VAL A 49 0.36 8.99 0.94
C VAL A 49 -0.02 8.70 2.39
N ALA A 50 0.00 9.75 3.20
CA ALA A 50 -0.23 9.64 4.63
C ALA A 50 -1.66 9.24 4.93
N GLY A 51 -1.81 7.98 5.21
CA GLY A 51 -3.08 7.46 5.67
C GLY A 51 -3.99 7.04 4.53
N ARG A 52 -3.41 6.80 3.37
CA ARG A 52 -4.18 6.38 2.21
C ARG A 52 -3.85 4.94 1.87
N ILE A 53 -4.77 4.24 1.21
CA ILE A 53 -4.49 2.88 0.76
C ILE A 53 -3.77 2.93 -0.58
N LEU A 54 -2.48 2.65 -0.55
CA LEU A 54 -1.64 2.78 -1.73
C LEU A 54 -1.77 1.54 -2.61
N VAL A 55 -2.07 1.74 -3.89
CA VAL A 55 -2.17 0.62 -4.81
C VAL A 55 -1.37 0.86 -6.08
N PHE A 56 -0.25 0.17 -6.20
CA PHE A 56 0.52 0.15 -7.43
C PHE A 56 0.96 -1.29 -7.71
N PRO A 57 1.14 -1.66 -8.99
CA PRO A 57 1.52 -3.03 -9.38
C PRO A 57 2.82 -3.49 -8.73
N GLY A 58 3.88 -2.72 -8.93
CA GLY A 58 5.18 -3.09 -8.38
C GLY A 58 6.28 -2.92 -9.41
N GLY A 59 7.40 -2.38 -8.98
CA GLY A 59 8.51 -2.15 -9.88
C GLY A 59 9.79 -1.83 -9.13
N LYS A 60 10.13 -0.55 -9.10
CA LYS A 60 11.30 -0.09 -8.35
C LYS A 60 10.98 -0.08 -6.86
N GLY A 61 11.09 -1.25 -6.24
CA GLY A 61 10.81 -1.37 -4.84
C GLY A 61 11.40 -2.64 -4.27
N SER A 62 12.64 -2.55 -3.82
CA SER A 62 13.34 -3.69 -3.28
C SER A 62 14.41 -3.24 -2.29
N THR A 63 14.87 -4.15 -1.45
CA THR A 63 15.89 -3.86 -0.44
C THR A 63 15.33 -2.90 0.61
N VAL A 64 14.10 -3.18 1.04
CA VAL A 64 13.44 -2.39 2.08
C VAL A 64 14.06 -2.69 3.44
N GLY A 65 14.61 -3.88 3.57
CA GLY A 65 15.19 -4.30 4.82
C GLY A 65 14.13 -4.68 5.81
N SER A 66 13.50 -3.66 6.40
CA SER A 66 12.46 -3.86 7.40
C SER A 66 12.02 -2.54 8.03
N TYR A 67 12.84 -2.04 8.95
CA TYR A 67 12.49 -0.91 9.80
C TYR A 67 12.45 0.42 9.04
N VAL A 68 12.90 0.43 7.79
CA VAL A 68 12.87 1.65 6.98
C VAL A 68 11.43 2.12 6.80
N LEU A 69 10.52 1.19 6.56
CA LEU A 69 9.11 1.51 6.38
C LEU A 69 8.48 1.89 7.73
N LEU A 70 8.98 1.26 8.79
CA LEU A 70 8.49 1.47 10.15
C LEU A 70 8.66 2.93 10.58
N ASN A 71 9.72 3.56 10.08
CA ASN A 71 10.01 4.96 10.37
C ASN A 71 8.83 5.85 10.01
N LEU A 72 8.24 5.61 8.85
CA LEU A 72 7.13 6.40 8.37
C LEU A 72 5.93 6.31 9.30
N ARG A 73 5.77 5.14 9.93
CA ARG A 73 4.65 4.91 10.84
C ARG A 73 4.84 5.68 12.13
N LYS A 74 6.08 5.78 12.59
CA LYS A 74 6.38 6.45 13.85
C LYS A 74 5.97 7.91 13.80
N ASN A 75 6.03 8.51 12.62
CA ASN A 75 5.63 9.90 12.47
C ASN A 75 4.16 9.97 12.03
N GLY A 76 3.68 8.93 11.39
CA GLY A 76 2.28 8.89 10.98
C GLY A 76 2.09 9.36 9.56
N VAL A 77 3.11 9.21 8.73
CA VAL A 77 3.04 9.62 7.34
C VAL A 77 2.97 8.40 6.43
N ALA A 78 2.87 7.23 7.04
CA ALA A 78 2.77 6.00 6.29
C ALA A 78 1.35 5.78 5.77
N PRO A 79 1.18 4.94 4.74
CA PRO A 79 -0.15 4.58 4.22
C PRO A 79 -0.99 3.87 5.27
N LYS A 80 -2.31 3.82 5.04
CA LYS A 80 -3.21 3.12 5.94
C LYS A 80 -3.22 1.64 5.58
N ALA A 81 -2.96 1.36 4.32
CA ALA A 81 -2.84 0.00 3.82
C ALA A 81 -2.23 0.04 2.43
N ILE A 82 -1.77 -1.09 1.94
CA ILE A 82 -1.17 -1.14 0.62
C ILE A 82 -1.35 -2.53 0.00
N ILE A 83 -2.00 -2.57 -1.15
CA ILE A 83 -2.25 -3.82 -1.83
C ILE A 83 -1.40 -3.86 -3.10
N ASN A 84 -0.52 -4.85 -3.18
CA ASN A 84 0.43 -4.90 -4.29
C ASN A 84 0.21 -6.14 -5.15
N LYS A 85 0.82 -6.12 -6.32
CA LYS A 85 0.78 -7.25 -7.23
C LYS A 85 2.09 -8.02 -7.14
N LYS A 86 3.16 -7.30 -6.85
CA LYS A 86 4.48 -7.88 -6.65
C LYS A 86 4.98 -7.53 -5.26
N THR A 87 5.30 -8.55 -4.46
CA THR A 87 5.71 -8.33 -3.06
C THR A 87 7.03 -9.02 -2.75
N GLU A 88 7.69 -8.55 -1.72
CA GLU A 88 8.90 -9.19 -1.20
C GLU A 88 8.73 -9.53 0.27
N THR A 89 9.50 -10.50 0.75
CA THR A 89 9.46 -10.89 2.15
C THR A 89 9.80 -9.72 3.07
N ILE A 90 10.85 -8.97 2.72
CA ILE A 90 11.28 -7.83 3.52
C ILE A 90 10.21 -6.74 3.58
N ILE A 91 9.42 -6.65 2.52
CA ILE A 91 8.30 -5.71 2.50
C ILE A 91 7.26 -6.14 3.51
N ALA A 92 6.99 -7.44 3.55
CA ALA A 92 6.02 -7.99 4.47
C ALA A 92 6.49 -7.85 5.92
N VAL A 93 7.79 -7.91 6.13
CA VAL A 93 8.37 -7.72 7.45
C VAL A 93 8.17 -6.29 7.92
N GLY A 94 8.52 -5.34 7.06
CA GLY A 94 8.36 -3.93 7.39
C GLY A 94 6.90 -3.56 7.59
N ALA A 95 6.06 -4.04 6.69
CA ALA A 95 4.63 -3.76 6.76
C ALA A 95 3.99 -4.35 8.01
N ALA A 96 4.45 -5.53 8.41
CA ALA A 96 3.91 -6.19 9.58
C ALA A 96 4.19 -5.39 10.85
N MET A 97 5.41 -4.85 10.95
CA MET A 97 5.80 -4.07 12.12
C MET A 97 5.14 -2.70 12.09
N ALA A 98 4.93 -2.17 10.89
CA ALA A 98 4.25 -0.89 10.73
C ALA A 98 2.73 -1.07 10.79
N GLU A 99 2.29 -2.32 10.96
CA GLU A 99 0.86 -2.64 11.05
C GLU A 99 0.10 -2.17 9.81
N ILE A 100 0.75 -2.31 8.66
CA ILE A 100 0.18 -1.92 7.38
C ILE A 100 -0.12 -3.15 6.53
N PRO A 101 -1.36 -3.69 6.66
CA PRO A 101 -1.79 -4.94 5.98
C PRO A 101 -1.29 -5.06 4.55
N LEU A 102 -0.45 -6.06 4.31
CA LEU A 102 0.12 -6.33 3.00
C LEU A 102 -0.51 -7.60 2.41
N VAL A 103 -1.14 -7.46 1.26
CA VAL A 103 -1.74 -8.60 0.57
C VAL A 103 -1.52 -8.51 -0.94
N GLU A 104 -1.67 -9.63 -1.63
CA GLU A 104 -1.48 -9.69 -3.07
C GLU A 104 -2.80 -9.67 -3.82
N VAL A 105 -2.89 -8.83 -4.84
CA VAL A 105 -3.99 -8.90 -5.79
C VAL A 105 -3.56 -9.72 -7.01
N ARG A 106 -4.46 -10.55 -7.51
CA ARG A 106 -4.12 -11.45 -8.59
C ARG A 106 -4.59 -10.91 -9.94
N ASP A 107 -5.84 -10.45 -9.98
CA ASP A 107 -6.44 -10.04 -11.24
C ASP A 107 -6.25 -8.55 -11.47
N GLU A 108 -6.09 -8.19 -12.75
CA GLU A 108 -5.87 -6.81 -13.15
C GLU A 108 -7.15 -5.97 -12.97
N LYS A 109 -8.29 -6.64 -12.87
CA LYS A 109 -9.57 -5.96 -12.70
C LYS A 109 -9.57 -5.02 -11.50
N PHE A 110 -8.83 -5.39 -10.46
CA PHE A 110 -8.77 -4.59 -9.25
C PHE A 110 -8.21 -3.21 -9.54
N PHE A 111 -7.19 -3.17 -10.39
CA PHE A 111 -6.51 -1.92 -10.71
C PHE A 111 -7.39 -1.00 -11.53
N GLU A 112 -8.26 -1.58 -12.35
CA GLU A 112 -9.19 -0.82 -13.16
C GLU A 112 -10.36 -0.34 -12.32
N ALA A 113 -10.91 -1.23 -11.51
CA ALA A 113 -12.11 -0.94 -10.73
C ALA A 113 -11.87 0.13 -9.67
N VAL A 114 -10.69 0.11 -9.06
CA VAL A 114 -10.38 1.05 -7.99
C VAL A 114 -10.09 2.44 -8.56
N LYS A 115 -10.75 3.44 -8.01
CA LYS A 115 -10.54 4.82 -8.43
C LYS A 115 -10.04 5.63 -7.24
N THR A 116 -9.16 6.58 -7.50
CA THR A 116 -8.61 7.42 -6.45
C THR A 116 -9.72 8.29 -5.82
N GLY A 117 -10.06 7.98 -4.58
CA GLY A 117 -11.10 8.71 -3.90
C GLY A 117 -12.21 7.80 -3.40
N ASP A 118 -12.15 6.54 -3.77
CA ASP A 118 -13.09 5.56 -3.26
C ASP A 118 -12.58 4.98 -1.95
N ARG A 119 -13.41 4.19 -1.28
CA ARG A 119 -13.03 3.61 0.00
C ARG A 119 -12.96 2.10 -0.10
N VAL A 120 -11.81 1.55 0.22
CA VAL A 120 -11.64 0.11 0.19
C VAL A 120 -11.43 -0.42 1.60
N VAL A 121 -12.19 -1.44 1.95
CA VAL A 121 -12.05 -2.11 3.23
C VAL A 121 -11.21 -3.37 3.04
N VAL A 122 -10.01 -3.37 3.58
CA VAL A 122 -9.08 -4.46 3.36
C VAL A 122 -9.01 -5.40 4.57
N ASN A 123 -9.44 -6.62 4.35
CA ASN A 123 -9.29 -7.67 5.34
C ASN A 123 -8.09 -8.53 4.95
N ALA A 124 -6.93 -8.20 5.50
CA ALA A 124 -5.72 -8.93 5.19
C ALA A 124 -5.64 -10.21 6.01
N ASP A 125 -6.39 -10.24 7.09
CA ASP A 125 -6.42 -11.38 8.01
C ASP A 125 -6.94 -12.62 7.29
N GLU A 126 -7.94 -12.43 6.44
CA GLU A 126 -8.51 -13.52 5.66
C GLU A 126 -8.12 -13.42 4.18
N GLY A 127 -7.87 -12.20 3.71
CA GLY A 127 -7.58 -12.00 2.31
C GLY A 127 -8.83 -11.62 1.54
N TYR A 128 -9.39 -10.47 1.87
CA TYR A 128 -10.65 -10.04 1.30
C TYR A 128 -10.63 -8.52 1.11
N VAL A 129 -10.88 -8.07 -0.10
CA VAL A 129 -10.87 -6.65 -0.40
C VAL A 129 -12.17 -6.23 -1.07
N GLU A 130 -12.89 -5.34 -0.41
CA GLU A 130 -14.14 -4.84 -0.94
C GLU A 130 -14.07 -3.32 -1.09
N LEU A 131 -14.31 -2.85 -2.30
CA LEU A 131 -14.25 -1.43 -2.59
C LEU A 131 -15.66 -0.87 -2.70
N ILE A 132 -15.97 0.11 -1.86
CA ILE A 132 -17.27 0.76 -1.91
C ILE A 132 -17.17 1.95 -2.85
N GLU A 133 -18.04 1.94 -3.84
CA GLU A 133 -18.07 2.98 -4.85
C GLU A 133 -18.69 4.24 -4.24
N VAL A 2 -16.43 -6.76 -7.59
CA VAL A 2 -16.67 -6.20 -6.26
C VAL A 2 -16.58 -7.32 -5.22
N LYS A 3 -16.02 -7.01 -4.05
CA LYS A 3 -15.70 -8.03 -3.04
C LYS A 3 -14.63 -8.97 -3.60
N PHE A 4 -13.38 -8.51 -3.60
CA PHE A 4 -12.30 -9.30 -4.18
C PHE A 4 -11.55 -10.05 -3.11
N ALA A 5 -11.24 -11.29 -3.39
CA ALA A 5 -10.50 -12.13 -2.47
C ALA A 5 -9.08 -12.34 -3.00
N CYS A 6 -8.12 -11.75 -2.31
CA CYS A 6 -6.75 -11.78 -2.77
C CYS A 6 -5.86 -12.45 -1.74
N ARG A 7 -4.56 -12.52 -2.01
CA ARG A 7 -3.67 -13.31 -1.20
C ARG A 7 -3.07 -12.47 -0.08
N ALA A 8 -3.33 -12.89 1.14
CA ALA A 8 -2.85 -12.17 2.32
C ALA A 8 -1.52 -12.72 2.80
N ILE A 9 -0.64 -11.82 3.22
CA ILE A 9 0.65 -12.22 3.76
C ILE A 9 0.72 -11.83 5.24
N THR A 10 0.29 -10.62 5.53
CA THR A 10 0.28 -10.12 6.90
C THR A 10 -1.18 -10.01 7.39
N ARG A 11 -1.37 -9.61 8.62
CA ARG A 11 -2.71 -9.57 9.22
C ARG A 11 -3.14 -8.14 9.48
N GLY A 12 -4.31 -7.97 10.06
CA GLY A 12 -4.83 -6.64 10.32
C GLY A 12 -5.96 -6.28 9.38
N ARG A 13 -6.60 -5.15 9.64
CA ARG A 13 -7.67 -4.67 8.78
C ARG A 13 -7.73 -3.14 8.80
N ALA A 14 -7.56 -2.54 7.63
CA ALA A 14 -7.47 -1.09 7.52
C ALA A 14 -8.49 -0.54 6.52
N GLU A 15 -9.10 0.58 6.89
CA GLU A 15 -10.12 1.20 6.06
C GLU A 15 -9.77 2.65 5.74
N GLY A 16 -9.74 3.00 4.45
CA GLY A 16 -9.48 4.38 4.08
C GLY A 16 -9.63 4.63 2.59
N GLU A 17 -9.05 5.73 2.13
CA GLU A 17 -9.09 6.11 0.73
C GLU A 17 -8.15 5.25 -0.08
N ALA A 18 -8.65 4.72 -1.19
CA ALA A 18 -7.85 3.92 -2.09
C ALA A 18 -7.09 4.81 -3.06
N LEU A 19 -5.79 4.58 -3.16
CA LEU A 19 -4.94 5.31 -4.09
C LEU A 19 -4.32 4.31 -5.07
N VAL A 20 -4.68 4.43 -6.33
CA VAL A 20 -4.25 3.47 -7.33
C VAL A 20 -3.15 4.05 -8.22
N THR A 21 -2.03 3.34 -8.32
CA THR A 21 -0.95 3.75 -9.18
C THR A 21 -0.51 2.59 -10.07
N LYS A 22 -1.04 2.56 -11.29
CA LYS A 22 -0.69 1.50 -12.23
C LYS A 22 0.58 1.89 -12.97
N GLU A 23 1.71 1.59 -12.34
CA GLU A 23 3.02 1.88 -12.90
C GLU A 23 4.06 1.03 -12.19
N TYR A 24 5.21 0.87 -12.81
CA TYR A 24 6.29 0.08 -12.25
C TYR A 24 7.32 1.02 -11.63
N ILE A 25 7.11 1.34 -10.37
CA ILE A 25 7.92 2.34 -9.69
C ILE A 25 8.84 1.71 -8.67
N SER A 26 9.74 2.51 -8.14
CA SER A 26 10.73 2.04 -7.20
C SER A 26 10.26 2.28 -5.77
N PHE A 27 10.18 1.22 -4.98
CA PHE A 27 9.73 1.31 -3.60
C PHE A 27 10.86 1.83 -2.71
N LEU A 28 12.03 2.00 -3.32
CA LEU A 28 13.19 2.50 -2.60
C LEU A 28 13.05 3.99 -2.30
N GLY A 29 12.14 4.64 -2.99
CA GLY A 29 11.91 6.05 -2.77
C GLY A 29 10.46 6.41 -3.03
N GLY A 30 9.55 5.60 -2.53
CA GLY A 30 8.14 5.83 -2.72
C GLY A 30 7.62 6.96 -1.85
N ILE A 31 7.27 6.64 -0.62
CA ILE A 31 6.79 7.61 0.33
C ILE A 31 7.95 8.16 1.15
N ASP A 32 7.97 9.46 1.39
CA ASP A 32 8.98 10.08 2.24
C ASP A 32 8.89 9.52 3.67
N LYS A 33 10.04 9.27 4.25
CA LYS A 33 10.12 8.56 5.53
C LYS A 33 9.71 9.43 6.72
N GLU A 34 9.51 10.72 6.48
CA GLU A 34 9.24 11.64 7.58
C GLU A 34 7.97 12.47 7.37
N THR A 35 7.78 12.99 6.16
CA THR A 35 6.62 13.84 5.90
C THR A 35 5.47 13.06 5.25
N GLY A 36 5.78 11.87 4.72
CA GLY A 36 4.76 11.03 4.13
C GLY A 36 4.34 11.47 2.75
N ILE A 37 5.16 12.31 2.13
CA ILE A 37 4.89 12.79 0.79
C ILE A 37 5.54 11.86 -0.23
N VAL A 38 4.80 11.49 -1.26
CA VAL A 38 5.32 10.62 -2.30
C VAL A 38 6.48 11.28 -3.04
N LYS A 39 7.63 10.61 -3.04
CA LYS A 39 8.83 11.11 -3.70
C LYS A 39 8.85 10.70 -5.17
N GLU A 40 8.57 9.42 -5.42
CA GLU A 40 8.54 8.90 -6.78
C GLU A 40 7.47 9.61 -7.58
N ASP A 41 7.79 10.01 -8.80
CA ASP A 41 6.86 10.78 -9.61
C ASP A 41 6.03 9.87 -10.51
N CYS A 42 4.91 10.42 -10.97
CA CYS A 42 3.94 9.71 -11.79
C CYS A 42 2.82 10.69 -12.14
N GLU A 43 2.32 11.36 -11.10
CA GLU A 43 1.33 12.42 -11.23
C GLU A 43 0.91 12.90 -9.85
N ILE A 44 0.63 11.95 -8.97
CA ILE A 44 0.15 12.25 -7.62
C ILE A 44 1.31 12.62 -6.68
N LYS A 45 2.47 12.89 -7.25
CA LYS A 45 3.62 13.28 -6.46
C LYS A 45 3.37 14.62 -5.82
N GLY A 46 3.58 14.69 -4.52
CA GLY A 46 3.31 15.90 -3.78
C GLY A 46 2.21 15.70 -2.74
N GLU A 47 1.40 14.67 -2.95
CA GLU A 47 0.34 14.35 -2.01
C GLU A 47 0.87 13.40 -0.92
N SER A 48 0.21 13.42 0.22
CA SER A 48 0.59 12.56 1.33
C SER A 48 -0.34 11.36 1.44
N VAL A 49 0.21 10.22 1.84
CA VAL A 49 -0.61 9.04 2.08
C VAL A 49 -1.38 9.18 3.39
N ALA A 50 -0.69 9.00 4.53
CA ALA A 50 -1.26 9.21 5.86
C ALA A 50 -2.65 8.59 6.03
N GLY A 51 -2.67 7.30 6.30
CA GLY A 51 -3.94 6.63 6.55
C GLY A 51 -4.64 6.18 5.26
N ARG A 52 -4.00 6.39 4.13
CA ARG A 52 -4.57 5.96 2.85
C ARG A 52 -4.05 4.59 2.46
N ILE A 53 -4.75 3.96 1.54
CA ILE A 53 -4.38 2.63 1.06
C ILE A 53 -3.75 2.74 -0.32
N LEU A 54 -2.51 2.31 -0.45
CA LEU A 54 -1.80 2.41 -1.72
C LEU A 54 -1.85 1.10 -2.48
N VAL A 55 -2.17 1.16 -3.76
CA VAL A 55 -2.20 -0.02 -4.60
C VAL A 55 -1.38 0.18 -5.87
N PHE A 56 -0.23 -0.47 -5.95
CA PHE A 56 0.57 -0.49 -7.16
C PHE A 56 1.08 -1.90 -7.43
N PRO A 57 1.16 -2.31 -8.70
CA PRO A 57 1.59 -3.66 -9.08
C PRO A 57 2.94 -4.04 -8.50
N GLY A 58 3.95 -3.23 -8.77
CA GLY A 58 5.29 -3.51 -8.29
C GLY A 58 6.32 -2.65 -9.00
N GLY A 59 7.59 -3.07 -8.93
CA GLY A 59 8.65 -2.32 -9.57
C GLY A 59 10.01 -2.67 -9.03
N LYS A 60 10.55 -1.83 -8.16
CA LYS A 60 11.85 -2.06 -7.56
C LYS A 60 11.78 -2.00 -6.04
N GLY A 61 11.69 -3.16 -5.40
CA GLY A 61 11.68 -3.22 -3.94
C GLY A 61 13.08 -3.39 -3.39
N SER A 62 13.88 -2.33 -3.47
CA SER A 62 15.29 -2.41 -3.15
C SER A 62 15.55 -2.36 -1.63
N THR A 63 15.11 -3.40 -0.93
CA THR A 63 15.42 -3.62 0.50
C THR A 63 15.07 -2.43 1.42
N VAL A 64 14.24 -1.51 0.95
CA VAL A 64 13.89 -0.33 1.74
C VAL A 64 12.70 -0.60 2.65
N GLY A 65 11.78 -1.43 2.20
CA GLY A 65 10.58 -1.72 2.97
C GLY A 65 10.82 -2.73 4.08
N SER A 66 12.03 -2.75 4.61
CA SER A 66 12.42 -3.71 5.62
C SER A 66 12.16 -3.16 7.03
N TYR A 67 12.17 -1.84 7.18
CA TYR A 67 11.96 -1.22 8.48
C TYR A 67 11.43 0.22 8.37
N VAL A 68 11.65 0.85 7.22
CA VAL A 68 11.28 2.26 7.04
C VAL A 68 9.78 2.48 7.26
N LEU A 69 8.97 1.48 6.93
CA LEU A 69 7.52 1.59 7.08
C LEU A 69 7.11 1.78 8.54
N LEU A 70 7.93 1.27 9.45
CA LEU A 70 7.68 1.43 10.88
C LEU A 70 7.89 2.88 11.30
N ASN A 71 8.93 3.50 10.75
CA ASN A 71 9.24 4.89 11.06
C ASN A 71 8.13 5.81 10.55
N LEU A 72 7.52 5.40 9.44
CA LEU A 72 6.38 6.11 8.87
C LEU A 72 5.25 6.20 9.89
N ARG A 73 5.05 5.11 10.64
CA ARG A 73 3.99 5.07 11.63
C ARG A 73 4.33 5.95 12.82
N LYS A 74 5.62 6.04 13.14
CA LYS A 74 6.10 6.89 14.22
C LYS A 74 5.79 8.36 13.92
N ASN A 75 5.84 8.70 12.64
CA ASN A 75 5.54 10.05 12.18
C ASN A 75 4.05 10.22 11.92
N GLY A 76 3.33 9.09 11.85
CA GLY A 76 1.89 9.13 11.63
C GLY A 76 1.53 9.37 10.18
N VAL A 77 2.50 9.23 9.30
CA VAL A 77 2.31 9.51 7.88
C VAL A 77 2.26 8.21 7.08
N ALA A 78 2.22 7.09 7.79
CA ALA A 78 2.23 5.78 7.16
C ALA A 78 0.91 5.50 6.45
N PRO A 79 0.95 4.69 5.39
CA PRO A 79 -0.26 4.20 4.73
C PRO A 79 -0.96 3.17 5.61
N LYS A 80 -2.28 3.13 5.53
CA LYS A 80 -3.05 2.19 6.33
C LYS A 80 -2.87 0.77 5.82
N ALA A 81 -2.74 0.64 4.51
CA ALA A 81 -2.56 -0.66 3.88
C ALA A 81 -1.87 -0.50 2.53
N ILE A 82 -1.14 -1.51 2.13
CA ILE A 82 -0.47 -1.52 0.83
C ILE A 82 -0.79 -2.80 0.07
N ILE A 83 -1.38 -2.67 -1.11
CA ILE A 83 -1.80 -3.83 -1.89
C ILE A 83 -1.03 -3.85 -3.21
N ASN A 84 -0.22 -4.88 -3.41
CA ASN A 84 0.58 -5.02 -4.62
C ASN A 84 0.04 -6.14 -5.49
N LYS A 85 0.66 -6.41 -6.63
CA LYS A 85 0.28 -7.60 -7.42
C LYS A 85 1.00 -8.81 -6.86
N LYS A 86 2.27 -8.62 -6.58
CA LYS A 86 3.06 -9.60 -5.84
C LYS A 86 3.99 -8.83 -4.92
N THR A 87 3.63 -8.73 -3.66
CA THR A 87 4.45 -8.01 -2.72
C THR A 87 5.68 -8.83 -2.37
N GLU A 88 6.78 -8.16 -2.06
CA GLU A 88 8.02 -8.86 -1.82
C GLU A 88 8.17 -9.18 -0.33
N THR A 89 8.83 -10.30 -0.05
CA THR A 89 9.01 -10.78 1.32
C THR A 89 9.61 -9.70 2.21
N ILE A 90 10.52 -8.91 1.64
CA ILE A 90 11.17 -7.82 2.36
C ILE A 90 10.14 -6.84 2.91
N ILE A 91 9.19 -6.45 2.07
CA ILE A 91 8.18 -5.47 2.44
C ILE A 91 7.24 -6.06 3.49
N ALA A 92 6.92 -7.34 3.34
CA ALA A 92 6.03 -8.04 4.25
C ALA A 92 6.60 -8.03 5.67
N VAL A 93 7.90 -8.28 5.78
CA VAL A 93 8.57 -8.30 7.09
C VAL A 93 8.57 -6.90 7.71
N GLY A 94 8.85 -5.89 6.89
CA GLY A 94 8.90 -4.52 7.39
C GLY A 94 7.53 -4.00 7.79
N ALA A 95 6.53 -4.24 6.96
CA ALA A 95 5.17 -3.78 7.23
C ALA A 95 4.56 -4.50 8.41
N ALA A 96 4.96 -5.75 8.63
CA ALA A 96 4.44 -6.55 9.74
C ALA A 96 4.79 -5.94 11.09
N MET A 97 5.87 -5.16 11.11
CA MET A 97 6.30 -4.51 12.34
C MET A 97 5.54 -3.20 12.58
N ALA A 98 5.06 -2.60 11.50
CA ALA A 98 4.35 -1.34 11.58
C ALA A 98 2.83 -1.55 11.60
N GLU A 99 2.40 -2.81 11.56
CA GLU A 99 0.98 -3.14 11.46
C GLU A 99 0.36 -2.54 10.20
N ILE A 100 1.04 -2.72 9.08
CA ILE A 100 0.53 -2.27 7.79
C ILE A 100 0.09 -3.47 6.95
N PRO A 101 -1.18 -3.88 7.09
CA PRO A 101 -1.72 -5.04 6.40
C PRO A 101 -1.53 -4.96 4.88
N LEU A 102 -0.75 -5.88 4.34
CA LEU A 102 -0.54 -5.92 2.90
C LEU A 102 -0.95 -7.26 2.33
N VAL A 103 -1.67 -7.20 1.21
CA VAL A 103 -2.05 -8.37 0.47
C VAL A 103 -1.70 -8.14 -0.99
N GLU A 104 -1.78 -9.17 -1.81
CA GLU A 104 -1.47 -9.01 -3.21
C GLU A 104 -2.66 -9.33 -4.10
N VAL A 105 -2.92 -8.43 -5.04
CA VAL A 105 -3.99 -8.58 -6.02
C VAL A 105 -3.41 -8.98 -7.37
N ARG A 106 -3.57 -10.24 -7.74
CA ARG A 106 -3.00 -10.72 -8.99
C ARG A 106 -4.07 -10.76 -10.08
N ASP A 107 -5.07 -9.90 -9.97
CA ASP A 107 -6.12 -9.82 -10.96
C ASP A 107 -6.21 -8.40 -11.51
N GLU A 108 -6.26 -8.30 -12.82
CA GLU A 108 -6.28 -7.01 -13.51
C GLU A 108 -7.61 -6.29 -13.31
N LYS A 109 -8.67 -7.07 -13.09
CA LYS A 109 -10.01 -6.53 -12.94
C LYS A 109 -10.12 -5.67 -11.69
N PHE A 110 -9.25 -5.91 -10.72
CA PHE A 110 -9.23 -5.11 -9.52
C PHE A 110 -8.82 -3.68 -9.85
N PHE A 111 -7.74 -3.54 -10.62
CA PHE A 111 -7.22 -2.24 -11.01
C PHE A 111 -8.20 -1.52 -11.93
N GLU A 112 -9.01 -2.30 -12.62
CA GLU A 112 -10.00 -1.79 -13.54
C GLU A 112 -11.24 -1.28 -12.81
N ALA A 113 -11.48 -1.82 -11.63
CA ALA A 113 -12.65 -1.47 -10.84
C ALA A 113 -12.34 -0.38 -9.82
N VAL A 114 -11.17 -0.45 -9.20
CA VAL A 114 -10.80 0.50 -8.15
C VAL A 114 -10.10 1.72 -8.73
N LYS A 115 -10.44 2.90 -8.23
CA LYS A 115 -9.80 4.13 -8.66
C LYS A 115 -9.52 5.02 -7.45
N THR A 116 -8.57 5.93 -7.62
CA THR A 116 -8.12 6.78 -6.53
C THR A 116 -9.25 7.72 -6.06
N GLY A 117 -9.75 7.46 -4.86
CA GLY A 117 -10.81 8.27 -4.30
C GLY A 117 -11.89 7.45 -3.65
N ASP A 118 -11.94 6.17 -3.97
CA ASP A 118 -12.95 5.29 -3.41
C ASP A 118 -12.56 4.79 -2.03
N ARG A 119 -13.56 4.41 -1.25
CA ARG A 119 -13.32 3.91 0.10
C ARG A 119 -13.13 2.40 0.07
N VAL A 120 -11.96 1.96 0.52
CA VAL A 120 -11.63 0.55 0.50
C VAL A 120 -11.32 0.04 1.92
N VAL A 121 -11.85 -1.14 2.24
CA VAL A 121 -11.52 -1.79 3.48
C VAL A 121 -10.66 -3.01 3.20
N VAL A 122 -9.40 -2.93 3.60
CA VAL A 122 -8.47 -4.01 3.41
C VAL A 122 -8.46 -4.89 4.66
N ASN A 123 -9.09 -6.05 4.56
CA ASN A 123 -9.16 -6.96 5.68
C ASN A 123 -8.25 -8.15 5.44
N ALA A 124 -7.07 -8.10 6.02
CA ALA A 124 -6.10 -9.17 5.87
C ALA A 124 -6.37 -10.27 6.89
N ASP A 125 -7.27 -9.99 7.82
CA ASP A 125 -7.71 -10.98 8.80
C ASP A 125 -8.42 -12.12 8.11
N GLU A 126 -9.21 -11.78 7.09
CA GLU A 126 -9.87 -12.78 6.28
C GLU A 126 -9.14 -12.92 4.94
N GLY A 127 -8.60 -11.82 4.44
CA GLY A 127 -7.83 -11.85 3.22
C GLY A 127 -8.65 -11.43 2.01
N TYR A 128 -9.02 -10.16 1.96
CA TYR A 128 -9.84 -9.65 0.86
C TYR A 128 -9.82 -8.13 0.87
N VAL A 129 -10.28 -7.54 -0.22
CA VAL A 129 -10.37 -6.10 -0.34
C VAL A 129 -11.74 -5.70 -0.90
N GLU A 130 -12.48 -4.90 -0.15
CA GLU A 130 -13.79 -4.44 -0.60
C GLU A 130 -13.82 -2.92 -0.68
N LEU A 131 -14.04 -2.42 -1.88
CA LEU A 131 -14.15 -0.99 -2.11
C LEU A 131 -15.58 -0.61 -2.45
N ILE A 132 -15.98 0.57 -2.06
CA ILE A 132 -17.29 1.08 -2.43
C ILE A 132 -17.12 2.22 -3.42
N GLU A 133 -17.83 2.12 -4.52
CA GLU A 133 -17.76 3.11 -5.58
C GLU A 133 -18.44 4.40 -5.12
N VAL A 2 -17.97 -4.09 -6.16
CA VAL A 2 -16.96 -5.10 -6.41
C VAL A 2 -16.22 -5.50 -5.14
N LYS A 3 -15.96 -6.79 -5.01
CA LYS A 3 -15.13 -7.31 -3.94
C LYS A 3 -14.20 -8.38 -4.51
N PHE A 4 -12.96 -8.39 -4.04
CA PHE A 4 -11.95 -9.27 -4.62
C PHE A 4 -11.27 -10.10 -3.54
N ALA A 5 -10.82 -11.28 -3.93
CA ALA A 5 -10.09 -12.17 -3.02
C ALA A 5 -8.60 -12.03 -3.25
N CYS A 6 -7.86 -11.76 -2.18
CA CYS A 6 -6.43 -11.61 -2.26
C CYS A 6 -5.73 -12.63 -1.36
N ARG A 7 -4.41 -12.67 -1.46
CA ARG A 7 -3.61 -13.54 -0.62
C ARG A 7 -3.15 -12.76 0.60
N ALA A 8 -3.50 -13.25 1.77
CA ALA A 8 -3.17 -12.56 3.01
C ALA A 8 -1.80 -12.95 3.50
N ILE A 9 -0.81 -12.12 3.19
CA ILE A 9 0.53 -12.31 3.72
C ILE A 9 0.60 -11.71 5.12
N THR A 10 0.06 -10.51 5.26
CA THR A 10 0.01 -9.83 6.54
C THR A 10 -1.40 -9.92 7.11
N ARG A 11 -1.54 -9.48 8.35
CA ARG A 11 -2.83 -9.50 9.02
C ARG A 11 -3.34 -8.08 9.22
N GLY A 12 -4.54 -7.96 9.77
CA GLY A 12 -5.09 -6.66 10.07
C GLY A 12 -6.39 -6.39 9.36
N ARG A 13 -6.92 -5.20 9.56
CA ARG A 13 -8.16 -4.78 8.93
C ARG A 13 -8.17 -3.25 8.86
N ALA A 14 -8.15 -2.72 7.65
CA ALA A 14 -7.94 -1.29 7.46
C ALA A 14 -9.03 -0.65 6.61
N GLU A 15 -9.19 0.65 6.81
CA GLU A 15 -10.15 1.44 6.04
C GLU A 15 -9.48 2.74 5.62
N GLY A 16 -9.42 3.00 4.31
CA GLY A 16 -8.76 4.20 3.85
C GLY A 16 -9.08 4.53 2.41
N GLU A 17 -8.83 5.78 2.04
CA GLU A 17 -8.96 6.25 0.66
C GLU A 17 -7.90 5.58 -0.20
N ALA A 18 -8.28 5.22 -1.42
CA ALA A 18 -7.38 4.51 -2.32
C ALA A 18 -6.43 5.47 -3.03
N LEU A 19 -5.14 5.19 -2.91
CA LEU A 19 -4.13 5.89 -3.66
C LEU A 19 -3.53 4.92 -4.67
N VAL A 20 -3.81 5.13 -5.94
CA VAL A 20 -3.38 4.22 -6.98
C VAL A 20 -2.17 4.77 -7.73
N THR A 21 -1.03 4.14 -7.52
CA THR A 21 0.19 4.53 -8.18
C THR A 21 0.46 3.62 -9.38
N LYS A 22 0.38 4.21 -10.56
CA LYS A 22 0.69 3.49 -11.79
C LYS A 22 2.14 3.71 -12.14
N GLU A 23 2.81 4.46 -11.28
CA GLU A 23 4.24 4.68 -11.37
C GLU A 23 4.98 3.49 -10.81
N TYR A 24 6.30 3.59 -10.70
CA TYR A 24 7.10 2.47 -10.26
C TYR A 24 7.87 2.81 -9.01
N ILE A 25 7.29 2.47 -7.86
CA ILE A 25 7.86 2.81 -6.57
C ILE A 25 8.45 1.57 -5.91
N SER A 26 9.53 1.75 -5.16
CA SER A 26 10.11 0.67 -4.39
C SER A 26 10.37 1.15 -2.97
N PHE A 27 10.55 0.21 -2.06
CA PHE A 27 10.76 0.55 -0.66
C PHE A 27 12.24 0.78 -0.37
N LEU A 28 12.98 1.12 -1.41
CA LEU A 28 14.35 1.59 -1.26
C LEU A 28 14.36 3.03 -0.73
N GLY A 29 13.20 3.66 -0.80
CA GLY A 29 13.05 5.04 -0.36
C GLY A 29 12.17 5.84 -1.30
N GLY A 30 10.94 5.38 -1.48
CA GLY A 30 10.01 6.05 -2.38
C GLY A 30 9.23 7.15 -1.70
N ILE A 31 8.75 6.89 -0.49
CA ILE A 31 7.99 7.86 0.28
C ILE A 31 8.94 8.64 1.20
N ASP A 32 8.64 9.91 1.43
CA ASP A 32 9.43 10.74 2.33
C ASP A 32 9.21 10.30 3.77
N LYS A 33 10.29 10.27 4.53
CA LYS A 33 10.29 9.66 5.85
C LYS A 33 9.68 10.55 6.93
N GLU A 34 9.44 11.82 6.61
CA GLU A 34 8.94 12.75 7.62
C GLU A 34 7.59 13.36 7.23
N THR A 35 7.43 13.71 5.97
CA THR A 35 6.19 14.33 5.51
C THR A 35 5.20 13.29 5.00
N GLY A 36 5.71 12.11 4.68
CA GLY A 36 4.85 11.06 4.17
C GLY A 36 4.48 11.28 2.72
N ILE A 37 5.15 12.24 2.08
CA ILE A 37 4.91 12.56 0.69
C ILE A 37 5.74 11.67 -0.21
N VAL A 38 5.12 11.09 -1.23
CA VAL A 38 5.84 10.24 -2.17
C VAL A 38 6.84 11.05 -3.00
N LYS A 39 8.08 10.59 -3.04
CA LYS A 39 9.09 11.19 -3.89
C LYS A 39 8.99 10.62 -5.29
N GLU A 40 8.68 9.33 -5.35
CA GLU A 40 8.57 8.63 -6.62
C GLU A 40 7.12 8.62 -7.10
N ASP A 41 6.77 9.63 -7.86
CA ASP A 41 5.43 9.75 -8.41
C ASP A 41 5.52 10.42 -9.77
N CYS A 42 4.40 10.90 -10.27
CA CYS A 42 4.34 11.51 -11.59
C CYS A 42 3.01 12.24 -11.76
N GLU A 43 1.92 11.64 -11.31
CA GLU A 43 0.60 12.18 -11.53
C GLU A 43 0.05 12.85 -10.27
N ILE A 44 0.14 12.16 -9.14
CA ILE A 44 -0.47 12.64 -7.92
C ILE A 44 0.59 13.04 -6.89
N LYS A 45 1.82 13.20 -7.37
CA LYS A 45 2.93 13.61 -6.53
C LYS A 45 2.57 14.85 -5.70
N GLY A 46 2.81 14.74 -4.40
CA GLY A 46 2.42 15.80 -3.49
C GLY A 46 1.44 15.30 -2.45
N GLU A 47 0.99 14.06 -2.64
CA GLU A 47 0.06 13.45 -1.71
C GLU A 47 0.81 12.66 -0.66
N SER A 48 0.26 12.66 0.55
CA SER A 48 0.83 11.89 1.64
C SER A 48 0.09 10.58 1.77
N VAL A 49 0.77 9.54 2.20
CA VAL A 49 0.15 8.24 2.39
C VAL A 49 -0.46 8.14 3.79
N ALA A 50 -0.35 9.23 4.54
CA ALA A 50 -0.82 9.28 5.91
C ALA A 50 -2.33 9.18 5.99
N GLY A 51 -2.80 7.96 6.16
CA GLY A 51 -4.21 7.74 6.44
C GLY A 51 -4.97 7.15 5.27
N ARG A 52 -4.25 6.81 4.21
CA ARG A 52 -4.88 6.23 3.04
C ARG A 52 -4.26 4.88 2.71
N ILE A 53 -4.78 4.24 1.68
CA ILE A 53 -4.32 2.91 1.28
C ILE A 53 -3.52 2.99 -0.01
N LEU A 54 -2.34 2.38 0.00
CA LEU A 54 -1.44 2.45 -1.14
C LEU A 54 -1.60 1.22 -2.03
N VAL A 55 -1.88 1.46 -3.30
CA VAL A 55 -2.03 0.38 -4.26
C VAL A 55 -1.08 0.55 -5.44
N PHE A 56 -0.07 -0.29 -5.51
CA PHE A 56 0.84 -0.31 -6.65
C PHE A 56 1.08 -1.74 -7.10
N PRO A 57 1.23 -1.95 -8.43
CA PRO A 57 1.52 -3.27 -8.99
C PRO A 57 2.97 -3.69 -8.76
N GLY A 58 3.87 -2.73 -8.87
CA GLY A 58 5.29 -3.00 -8.70
C GLY A 58 6.09 -1.73 -8.78
N GLY A 59 7.41 -1.85 -8.93
CA GLY A 59 8.24 -0.67 -9.01
C GLY A 59 9.67 -0.98 -9.42
N LYS A 60 10.62 -0.39 -8.70
CA LYS A 60 12.03 -0.56 -9.00
C LYS A 60 12.49 -1.98 -8.69
N GLY A 61 13.59 -2.40 -9.32
CA GLY A 61 14.11 -3.73 -9.09
C GLY A 61 14.95 -3.81 -7.84
N SER A 62 15.56 -2.68 -7.46
CA SER A 62 16.35 -2.61 -6.25
C SER A 62 15.44 -2.52 -5.03
N THR A 63 14.83 -3.65 -4.69
CA THR A 63 13.86 -3.72 -3.60
C THR A 63 14.56 -3.89 -2.26
N VAL A 64 15.63 -3.15 -2.04
CA VAL A 64 16.40 -3.26 -0.81
C VAL A 64 16.29 -2.00 0.03
N GLY A 65 15.98 -2.19 1.29
CA GLY A 65 15.82 -1.09 2.22
C GLY A 65 14.84 -1.43 3.31
N SER A 66 13.55 -1.40 2.95
CA SER A 66 12.46 -1.66 3.90
C SER A 66 12.60 -0.78 5.16
N TYR A 67 11.93 -1.18 6.24
CA TYR A 67 12.02 -0.52 7.55
C TYR A 67 11.37 0.87 7.58
N VAL A 68 11.41 1.59 6.46
CA VAL A 68 10.85 2.93 6.37
C VAL A 68 9.37 2.97 6.76
N LEU A 69 8.65 1.89 6.49
CA LEU A 69 7.24 1.79 6.85
C LEU A 69 7.05 1.96 8.34
N LEU A 70 7.95 1.37 9.12
CA LEU A 70 7.90 1.45 10.56
C LEU A 70 8.10 2.90 11.01
N ASN A 71 9.07 3.57 10.40
CA ASN A 71 9.37 4.95 10.73
C ASN A 71 8.17 5.84 10.41
N LEU A 72 7.59 5.63 9.23
CA LEU A 72 6.42 6.38 8.81
C LEU A 72 5.26 6.18 9.78
N ARG A 73 5.11 4.95 10.25
CA ARG A 73 4.01 4.60 11.13
C ARG A 73 4.17 5.25 12.50
N LYS A 74 5.40 5.32 12.99
CA LYS A 74 5.68 5.93 14.28
C LYS A 74 5.46 7.44 14.21
N ASN A 75 5.64 8.01 13.03
CA ASN A 75 5.48 9.45 12.84
C ASN A 75 4.02 9.79 12.53
N GLY A 76 3.27 8.80 12.05
CA GLY A 76 1.88 9.00 11.74
C GLY A 76 1.67 9.40 10.29
N VAL A 77 2.66 9.11 9.45
CA VAL A 77 2.60 9.46 8.04
C VAL A 77 2.66 8.20 7.17
N ALA A 78 2.25 7.08 7.76
CA ALA A 78 2.25 5.80 7.04
C ALA A 78 0.86 5.53 6.46
N PRO A 79 0.79 4.65 5.45
CA PRO A 79 -0.48 4.23 4.89
C PRO A 79 -1.20 3.23 5.79
N LYS A 80 -2.52 3.22 5.72
CA LYS A 80 -3.31 2.33 6.55
C LYS A 80 -3.23 0.89 6.06
N ALA A 81 -3.08 0.74 4.75
CA ALA A 81 -2.97 -0.59 4.15
C ALA A 81 -2.31 -0.50 2.79
N ILE A 82 -1.81 -1.63 2.29
CA ILE A 82 -1.18 -1.69 0.98
C ILE A 82 -1.59 -2.97 0.25
N ILE A 83 -2.04 -2.84 -0.99
CA ILE A 83 -2.42 -3.99 -1.79
C ILE A 83 -1.49 -4.08 -3.01
N ASN A 84 -0.85 -5.23 -3.18
CA ASN A 84 0.12 -5.40 -4.26
C ASN A 84 -0.29 -6.52 -5.19
N LYS A 85 0.30 -6.52 -6.40
CA LYS A 85 0.14 -7.64 -7.31
C LYS A 85 1.31 -8.59 -7.14
N LYS A 86 2.47 -8.02 -6.92
CA LYS A 86 3.67 -8.81 -6.65
C LYS A 86 4.40 -8.22 -5.46
N THR A 87 4.48 -8.99 -4.38
CA THR A 87 5.11 -8.52 -3.16
C THR A 87 6.47 -9.18 -2.97
N GLU A 88 7.22 -8.71 -1.99
CA GLU A 88 8.57 -9.18 -1.74
C GLU A 88 8.77 -9.36 -0.23
N THR A 89 9.76 -10.15 0.13
CA THR A 89 10.09 -10.40 1.53
C THR A 89 10.27 -9.10 2.30
N ILE A 90 11.05 -8.16 1.75
CA ILE A 90 11.32 -6.90 2.43
C ILE A 90 10.02 -6.10 2.63
N ILE A 91 9.07 -6.31 1.73
CA ILE A 91 7.82 -5.59 1.77
C ILE A 91 6.93 -6.14 2.88
N ALA A 92 6.76 -7.46 2.87
CA ALA A 92 5.94 -8.14 3.87
C ALA A 92 6.46 -7.89 5.28
N VAL A 93 7.76 -8.07 5.47
CA VAL A 93 8.39 -7.86 6.76
C VAL A 93 8.26 -6.40 7.20
N GLY A 94 8.49 -5.49 6.26
CA GLY A 94 8.42 -4.07 6.55
C GLY A 94 7.04 -3.62 6.96
N ALA A 95 6.04 -4.12 6.27
CA ALA A 95 4.65 -3.77 6.56
C ALA A 95 4.18 -4.40 7.87
N ALA A 96 4.58 -5.65 8.10
CA ALA A 96 4.18 -6.37 9.30
C ALA A 96 4.65 -5.65 10.57
N MET A 97 5.87 -5.14 10.54
CA MET A 97 6.46 -4.47 11.70
C MET A 97 5.70 -3.20 12.06
N ALA A 98 5.15 -2.54 11.06
CA ALA A 98 4.47 -1.27 11.27
C ALA A 98 2.95 -1.42 11.34
N GLU A 99 2.46 -2.65 11.32
CA GLU A 99 1.02 -2.92 11.32
C GLU A 99 0.39 -2.34 10.05
N ILE A 100 0.96 -2.71 8.92
CA ILE A 100 0.46 -2.25 7.63
C ILE A 100 -0.15 -3.42 6.86
N PRO A 101 -1.46 -3.67 7.04
CA PRO A 101 -2.16 -4.76 6.35
C PRO A 101 -1.88 -4.79 4.85
N LEU A 102 -1.06 -5.76 4.45
CA LEU A 102 -0.65 -5.87 3.06
C LEU A 102 -1.03 -7.24 2.50
N VAL A 103 -1.67 -7.22 1.35
CA VAL A 103 -2.12 -8.45 0.71
C VAL A 103 -1.78 -8.43 -0.78
N GLU A 104 -1.87 -9.60 -1.41
CA GLU A 104 -1.56 -9.73 -2.83
C GLU A 104 -2.85 -10.03 -3.60
N VAL A 105 -3.27 -9.08 -4.42
CA VAL A 105 -4.54 -9.21 -5.14
C VAL A 105 -4.33 -9.86 -6.51
N ARG A 106 -5.03 -10.96 -6.76
CA ARG A 106 -4.83 -11.74 -7.97
C ARG A 106 -5.81 -11.35 -9.07
N ASP A 107 -6.60 -10.31 -8.84
CA ASP A 107 -7.64 -9.94 -9.80
C ASP A 107 -7.28 -8.65 -10.52
N GLU A 108 -7.29 -8.71 -11.84
CA GLU A 108 -6.91 -7.60 -12.68
C GLU A 108 -7.96 -6.49 -12.66
N LYS A 109 -9.23 -6.88 -12.53
CA LYS A 109 -10.33 -5.93 -12.56
C LYS A 109 -10.21 -4.93 -11.42
N PHE A 110 -9.57 -5.35 -10.33
CA PHE A 110 -9.35 -4.50 -9.18
C PHE A 110 -8.62 -3.23 -9.59
N PHE A 111 -7.53 -3.39 -10.33
CA PHE A 111 -6.67 -2.26 -10.70
C PHE A 111 -7.38 -1.35 -11.71
N GLU A 112 -8.28 -1.92 -12.47
CA GLU A 112 -9.04 -1.18 -13.45
C GLU A 112 -10.17 -0.38 -12.80
N ALA A 113 -10.76 -0.96 -11.76
CA ALA A 113 -11.90 -0.34 -11.09
C ALA A 113 -11.48 0.65 -10.02
N VAL A 114 -10.32 0.43 -9.42
CA VAL A 114 -9.87 1.30 -8.34
C VAL A 114 -9.24 2.58 -8.88
N LYS A 115 -9.72 3.71 -8.41
CA LYS A 115 -9.17 5.01 -8.77
C LYS A 115 -8.73 5.74 -7.52
N THR A 116 -7.77 6.65 -7.67
CA THR A 116 -7.31 7.45 -6.55
C THR A 116 -8.40 8.41 -6.08
N GLY A 117 -9.16 7.97 -5.08
CA GLY A 117 -10.24 8.78 -4.57
C GLY A 117 -11.35 7.94 -3.98
N ASP A 118 -11.53 6.73 -4.51
CA ASP A 118 -12.48 5.78 -3.94
C ASP A 118 -11.96 5.25 -2.62
N ARG A 119 -12.80 4.55 -1.87
CA ARG A 119 -12.41 4.09 -0.54
C ARG A 119 -12.36 2.57 -0.49
N VAL A 120 -11.28 2.04 0.06
CA VAL A 120 -11.07 0.60 0.12
C VAL A 120 -11.17 0.09 1.55
N VAL A 121 -11.82 -1.06 1.71
CA VAL A 121 -11.84 -1.76 2.99
C VAL A 121 -10.99 -3.02 2.89
N VAL A 122 -9.89 -3.04 3.61
CA VAL A 122 -8.93 -4.13 3.50
C VAL A 122 -9.06 -5.09 4.66
N ASN A 123 -9.46 -6.32 4.36
CA ASN A 123 -9.56 -7.35 5.37
C ASN A 123 -8.41 -8.33 5.18
N ALA A 124 -7.31 -8.09 5.89
CA ALA A 124 -6.12 -8.90 5.74
C ALA A 124 -6.15 -10.08 6.69
N ASP A 125 -7.15 -10.10 7.56
CA ASP A 125 -7.30 -11.18 8.53
C ASP A 125 -7.79 -12.45 7.84
N GLU A 126 -8.66 -12.29 6.85
CA GLU A 126 -9.18 -13.42 6.10
C GLU A 126 -8.69 -13.40 4.65
N GLY A 127 -7.99 -12.34 4.29
CA GLY A 127 -7.48 -12.22 2.93
C GLY A 127 -8.57 -11.85 1.94
N TYR A 128 -9.03 -10.61 2.01
CA TYR A 128 -10.12 -10.16 1.19
C TYR A 128 -10.10 -8.64 1.07
N VAL A 129 -10.46 -8.12 -0.09
CA VAL A 129 -10.46 -6.69 -0.29
C VAL A 129 -11.79 -6.21 -0.88
N GLU A 130 -12.44 -5.29 -0.19
CA GLU A 130 -13.70 -4.75 -0.64
C GLU A 130 -13.53 -3.30 -1.10
N LEU A 131 -13.81 -3.05 -2.36
CA LEU A 131 -13.69 -1.72 -2.91
C LEU A 131 -15.02 -0.99 -2.83
N ILE A 132 -15.07 0.06 -2.03
CA ILE A 132 -16.29 0.83 -1.89
C ILE A 132 -16.32 1.96 -2.89
N GLU A 133 -17.22 1.82 -3.83
CA GLU A 133 -17.37 2.79 -4.88
C GLU A 133 -18.07 4.03 -4.36
N VAL A 2 -17.17 -6.58 -8.16
CA VAL A 2 -16.22 -5.93 -7.28
C VAL A 2 -16.07 -6.73 -5.99
N LYS A 3 -15.23 -6.21 -5.09
CA LYS A 3 -14.88 -6.90 -3.84
C LYS A 3 -14.14 -8.20 -4.14
N PHE A 4 -12.83 -8.14 -4.09
CA PHE A 4 -11.99 -9.24 -4.53
C PHE A 4 -11.30 -9.90 -3.33
N ALA A 5 -11.09 -11.20 -3.45
CA ALA A 5 -10.35 -11.94 -2.45
C ALA A 5 -8.89 -12.02 -2.85
N CYS A 6 -8.01 -11.69 -1.92
CA CYS A 6 -6.59 -11.65 -2.22
C CYS A 6 -5.82 -12.60 -1.30
N ARG A 7 -4.51 -12.65 -1.50
CA ARG A 7 -3.65 -13.49 -0.69
C ARG A 7 -3.07 -12.68 0.46
N ALA A 8 -3.31 -13.12 1.68
CA ALA A 8 -2.91 -12.37 2.87
C ALA A 8 -1.46 -12.67 3.25
N ILE A 9 -0.69 -11.61 3.47
CA ILE A 9 0.67 -11.72 3.97
C ILE A 9 0.72 -11.32 5.44
N THR A 10 0.11 -10.18 5.74
CA THR A 10 0.02 -9.70 7.10
C THR A 10 -1.45 -9.61 7.53
N ARG A 11 -1.71 -9.06 8.70
CA ARG A 11 -3.08 -8.95 9.19
C ARG A 11 -3.43 -7.49 9.46
N GLY A 12 -4.63 -7.26 9.96
CA GLY A 12 -5.07 -5.92 10.26
C GLY A 12 -6.16 -5.44 9.32
N ARG A 13 -6.99 -4.53 9.80
CA ARG A 13 -8.04 -3.95 8.97
C ARG A 13 -7.77 -2.48 8.74
N ALA A 14 -7.95 -2.05 7.51
CA ALA A 14 -7.76 -0.65 7.17
C ALA A 14 -8.88 -0.17 6.26
N GLU A 15 -9.43 0.98 6.59
CA GLU A 15 -10.46 1.59 5.78
C GLU A 15 -10.13 3.06 5.54
N GLY A 16 -10.10 3.46 4.28
CA GLY A 16 -9.85 4.85 3.97
C GLY A 16 -9.80 5.12 2.48
N GLU A 17 -9.14 6.22 2.14
CA GLU A 17 -9.04 6.66 0.76
C GLU A 17 -8.10 5.76 -0.03
N ALA A 18 -8.50 5.40 -1.23
CA ALA A 18 -7.71 4.54 -2.09
C ALA A 18 -6.95 5.34 -3.13
N LEU A 19 -5.66 5.04 -3.25
CA LEU A 19 -4.82 5.68 -4.25
C LEU A 19 -4.27 4.63 -5.20
N VAL A 20 -4.57 4.77 -6.49
CA VAL A 20 -4.10 3.81 -7.47
C VAL A 20 -2.91 4.37 -8.24
N THR A 21 -1.78 3.70 -8.09
CA THR A 21 -0.54 4.16 -8.71
C THR A 21 -0.16 3.25 -9.87
N LYS A 22 0.23 3.85 -10.99
CA LYS A 22 0.67 3.10 -12.14
C LYS A 22 2.19 2.97 -12.13
N GLU A 23 2.82 3.88 -11.40
CA GLU A 23 4.27 3.95 -11.35
C GLU A 23 4.83 2.88 -10.41
N TYR A 24 6.11 2.57 -10.58
CA TYR A 24 6.80 1.66 -9.69
C TYR A 24 7.95 2.39 -8.99
N ILE A 25 7.91 2.42 -7.66
CA ILE A 25 8.87 3.18 -6.89
C ILE A 25 9.63 2.30 -5.91
N SER A 26 10.96 2.31 -6.01
CA SER A 26 11.79 1.70 -5.00
C SER A 26 11.84 2.62 -3.79
N PHE A 27 11.54 2.09 -2.61
CA PHE A 27 11.44 2.92 -1.41
C PHE A 27 12.81 3.35 -0.89
N LEU A 28 13.35 4.36 -1.55
CA LEU A 28 14.54 5.05 -1.11
C LEU A 28 14.17 6.52 -0.91
N GLY A 29 13.51 7.04 -1.92
CA GLY A 29 12.92 8.36 -1.86
C GLY A 29 11.62 8.40 -2.64
N GLY A 30 11.36 9.50 -3.31
CA GLY A 30 10.17 9.63 -4.11
C GLY A 30 9.01 10.15 -3.29
N ILE A 31 8.83 9.56 -2.14
CA ILE A 31 7.85 10.02 -1.17
C ILE A 31 8.59 10.57 0.04
N ASP A 32 8.22 11.74 0.50
CA ASP A 32 8.86 12.33 1.65
C ASP A 32 8.50 11.53 2.90
N LYS A 33 9.54 11.07 3.60
CA LYS A 33 9.36 10.15 4.72
C LYS A 33 8.95 10.86 6.01
N GLU A 34 8.92 12.18 5.98
CA GLU A 34 8.59 12.94 7.18
C GLU A 34 7.16 13.48 7.12
N THR A 35 6.71 13.81 5.92
CA THR A 35 5.37 14.35 5.71
C THR A 35 4.46 13.36 5.00
N GLY A 36 5.04 12.48 4.19
CA GLY A 36 4.25 11.52 3.44
C GLY A 36 3.84 12.06 2.09
N ILE A 37 4.39 13.20 1.71
CA ILE A 37 4.07 13.83 0.44
C ILE A 37 4.92 13.23 -0.69
N VAL A 38 4.27 12.73 -1.73
CA VAL A 38 4.97 12.22 -2.89
C VAL A 38 5.66 13.37 -3.65
N LYS A 39 6.97 13.31 -3.69
CA LYS A 39 7.77 14.30 -4.36
C LYS A 39 7.96 13.91 -5.82
N GLU A 40 7.86 12.60 -6.07
CA GLU A 40 8.03 12.04 -7.39
C GLU A 40 6.93 12.53 -8.33
N ASP A 41 7.31 12.98 -9.52
CA ASP A 41 6.36 13.52 -10.47
C ASP A 41 5.42 12.44 -11.00
N CYS A 42 4.13 12.76 -11.02
CA CYS A 42 3.09 11.86 -11.48
C CYS A 42 1.77 12.61 -11.50
N GLU A 43 0.66 11.90 -11.71
CA GLU A 43 -0.65 12.55 -11.68
C GLU A 43 -1.18 12.69 -10.25
N ILE A 44 -0.60 11.94 -9.33
CA ILE A 44 -1.01 11.98 -7.93
C ILE A 44 -0.02 12.86 -7.15
N LYS A 45 0.76 13.61 -7.90
CA LYS A 45 1.83 14.43 -7.35
C LYS A 45 1.28 15.49 -6.41
N GLY A 46 1.93 15.63 -5.27
CA GLY A 46 1.54 16.65 -4.30
C GLY A 46 0.69 16.10 -3.18
N GLU A 47 0.22 14.87 -3.32
CA GLU A 47 -0.62 14.26 -2.29
C GLU A 47 0.20 13.46 -1.29
N SER A 48 -0.45 13.04 -0.22
CA SER A 48 0.18 12.27 0.83
C SER A 48 -0.35 10.84 0.84
N VAL A 49 0.53 9.88 1.10
CA VAL A 49 0.13 8.49 1.24
C VAL A 49 0.01 8.12 2.71
N ALA A 50 0.11 9.14 3.55
CA ALA A 50 0.14 8.96 4.99
C ALA A 50 -1.24 8.62 5.54
N GLY A 51 -1.45 7.33 5.70
CA GLY A 51 -2.64 6.85 6.38
C GLY A 51 -3.79 6.56 5.45
N ARG A 52 -3.49 6.20 4.21
CA ARG A 52 -4.51 5.79 3.26
C ARG A 52 -4.12 4.48 2.59
N ILE A 53 -4.99 3.97 1.73
CA ILE A 53 -4.76 2.71 1.06
C ILE A 53 -4.01 2.95 -0.24
N LEU A 54 -2.82 2.38 -0.35
CA LEU A 54 -1.98 2.59 -1.53
C LEU A 54 -1.97 1.33 -2.38
N VAL A 55 -2.49 1.45 -3.58
CA VAL A 55 -2.53 0.33 -4.51
C VAL A 55 -1.61 0.58 -5.69
N PHE A 56 -0.49 -0.13 -5.72
CA PHE A 56 0.46 -0.03 -6.81
C PHE A 56 0.90 -1.41 -7.27
N PRO A 57 1.31 -1.56 -8.54
CA PRO A 57 1.71 -2.84 -9.10
C PRO A 57 2.87 -3.46 -8.32
N GLY A 58 3.82 -2.63 -7.92
CA GLY A 58 4.96 -3.11 -7.18
C GLY A 58 6.21 -2.30 -7.51
N GLY A 59 7.34 -2.97 -7.56
CA GLY A 59 8.58 -2.30 -7.88
C GLY A 59 9.77 -3.19 -7.65
N LYS A 60 10.96 -2.65 -7.86
CA LYS A 60 12.19 -3.40 -7.66
C LYS A 60 12.71 -3.15 -6.24
N GLY A 61 12.52 -4.14 -5.38
CA GLY A 61 12.85 -3.97 -3.98
C GLY A 61 14.26 -4.36 -3.64
N SER A 62 15.20 -3.46 -3.91
CA SER A 62 16.58 -3.70 -3.55
C SER A 62 17.12 -2.50 -2.77
N THR A 63 17.74 -2.79 -1.62
CA THR A 63 18.33 -1.76 -0.76
C THR A 63 17.24 -0.86 -0.16
N VAL A 64 16.00 -1.34 -0.20
CA VAL A 64 14.87 -0.59 0.31
C VAL A 64 14.89 -0.48 1.81
N GLY A 65 14.52 0.69 2.31
CA GLY A 65 14.48 0.95 3.74
C GLY A 65 13.31 0.27 4.40
N SER A 66 13.32 -1.06 4.40
CA SER A 66 12.28 -1.86 5.04
C SER A 66 12.05 -1.45 6.49
N TYR A 67 13.14 -1.15 7.20
CA TYR A 67 13.05 -0.76 8.61
C TYR A 67 12.40 0.62 8.76
N VAL A 68 12.54 1.45 7.72
CA VAL A 68 12.01 2.81 7.75
C VAL A 68 10.49 2.80 7.75
N LEU A 69 9.91 1.73 7.18
CA LEU A 69 8.46 1.59 7.13
C LEU A 69 7.85 1.62 8.53
N LEU A 70 8.60 1.10 9.50
CA LEU A 70 8.15 1.10 10.89
C LEU A 70 8.09 2.52 11.43
N ASN A 71 9.14 3.29 11.18
CA ASN A 71 9.18 4.69 11.60
C ASN A 71 8.11 5.48 10.88
N LEU A 72 7.90 5.17 9.61
CA LEU A 72 6.85 5.79 8.82
C LEU A 72 5.50 5.56 9.46
N ARG A 73 5.24 4.32 9.88
CA ARG A 73 3.96 3.97 10.48
C ARG A 73 3.79 4.65 11.85
N LYS A 74 4.88 4.72 12.59
CA LYS A 74 4.87 5.41 13.89
C LYS A 74 4.57 6.90 13.70
N ASN A 75 5.02 7.45 12.59
CA ASN A 75 4.84 8.86 12.31
C ASN A 75 3.50 9.10 11.62
N GLY A 76 2.92 8.05 11.08
CA GLY A 76 1.64 8.14 10.40
C GLY A 76 1.79 8.33 8.90
N VAL A 77 3.03 8.34 8.45
CA VAL A 77 3.37 8.59 7.05
C VAL A 77 3.17 7.35 6.19
N ALA A 78 3.35 6.18 6.80
CA ALA A 78 3.20 4.93 6.07
C ALA A 78 1.75 4.73 5.64
N PRO A 79 1.53 4.12 4.47
CA PRO A 79 0.19 3.78 4.00
C PRO A 79 -0.51 2.88 5.00
N LYS A 80 -1.82 3.09 5.18
CA LYS A 80 -2.58 2.35 6.17
C LYS A 80 -2.83 0.93 5.68
N ALA A 81 -2.63 0.74 4.38
CA ALA A 81 -2.78 -0.57 3.76
C ALA A 81 -2.13 -0.54 2.38
N ILE A 82 -1.49 -1.64 2.00
CA ILE A 82 -0.85 -1.73 0.70
C ILE A 82 -1.29 -2.99 -0.03
N ILE A 83 -1.90 -2.79 -1.20
CA ILE A 83 -2.37 -3.91 -2.02
C ILE A 83 -1.53 -3.95 -3.29
N ASN A 84 -0.78 -5.02 -3.50
CA ASN A 84 0.18 -5.08 -4.59
C ASN A 84 -0.07 -6.25 -5.52
N LYS A 85 0.49 -6.16 -6.72
CA LYS A 85 0.45 -7.25 -7.68
C LYS A 85 1.78 -8.01 -7.63
N LYS A 86 2.85 -7.26 -7.39
CA LYS A 86 4.17 -7.81 -7.14
C LYS A 86 4.70 -7.27 -5.83
N THR A 87 5.21 -8.14 -4.97
CA THR A 87 5.73 -7.71 -3.69
C THR A 87 7.12 -8.29 -3.47
N GLU A 88 7.77 -7.88 -2.37
CA GLU A 88 9.11 -8.32 -2.06
C GLU A 88 9.22 -8.69 -0.58
N THR A 89 10.27 -9.43 -0.25
CA THR A 89 10.48 -9.91 1.10
C THR A 89 10.62 -8.75 2.10
N ILE A 90 11.49 -7.80 1.79
CA ILE A 90 11.73 -6.64 2.65
C ILE A 90 10.45 -5.85 2.88
N ILE A 91 9.57 -5.83 1.87
CA ILE A 91 8.31 -5.12 1.98
C ILE A 91 7.41 -5.82 2.98
N ALA A 92 7.33 -7.13 2.88
CA ALA A 92 6.53 -7.94 3.80
C ALA A 92 7.05 -7.81 5.23
N VAL A 93 8.36 -7.75 5.37
CA VAL A 93 9.00 -7.60 6.68
C VAL A 93 8.60 -6.26 7.30
N GLY A 94 8.76 -5.18 6.54
CA GLY A 94 8.39 -3.87 7.02
C GLY A 94 6.92 -3.79 7.39
N ALA A 95 6.08 -4.33 6.52
CA ALA A 95 4.64 -4.33 6.74
C ALA A 95 4.25 -5.12 7.99
N ALA A 96 4.97 -6.21 8.24
CA ALA A 96 4.69 -7.06 9.38
C ALA A 96 5.04 -6.36 10.69
N MET A 97 6.17 -5.69 10.72
CA MET A 97 6.65 -5.04 11.93
C MET A 97 5.86 -3.78 12.24
N ALA A 98 5.47 -3.05 11.21
CA ALA A 98 4.77 -1.79 11.38
C ALA A 98 3.27 -1.98 11.45
N GLU A 99 2.82 -3.19 11.14
CA GLU A 99 1.40 -3.53 11.06
C GLU A 99 0.75 -2.78 9.89
N ILE A 100 1.08 -3.23 8.70
CA ILE A 100 0.58 -2.65 7.47
C ILE A 100 -0.04 -3.73 6.59
N PRO A 101 -1.35 -3.98 6.75
CA PRO A 101 -2.10 -4.99 6.00
C PRO A 101 -1.69 -5.06 4.52
N LEU A 102 -1.02 -6.15 4.17
CA LEU A 102 -0.53 -6.35 2.82
C LEU A 102 -1.16 -7.61 2.24
N VAL A 103 -1.82 -7.46 1.09
CA VAL A 103 -2.41 -8.59 0.41
C VAL A 103 -1.97 -8.62 -1.05
N GLU A 104 -1.70 -9.81 -1.54
CA GLU A 104 -1.23 -10.01 -2.89
C GLU A 104 -2.41 -10.18 -3.85
N VAL A 105 -2.47 -9.33 -4.86
CA VAL A 105 -3.52 -9.40 -5.86
C VAL A 105 -2.97 -9.93 -7.18
N ARG A 106 -3.48 -11.07 -7.60
CA ARG A 106 -3.09 -11.65 -8.88
C ARG A 106 -4.22 -11.49 -9.89
N ASP A 107 -5.19 -10.65 -9.55
CA ASP A 107 -6.35 -10.43 -10.42
C ASP A 107 -6.28 -9.05 -11.05
N GLU A 108 -6.46 -9.00 -12.37
CA GLU A 108 -6.34 -7.75 -13.12
C GLU A 108 -7.50 -6.81 -12.84
N LYS A 109 -8.66 -7.36 -12.50
CA LYS A 109 -9.86 -6.57 -12.37
C LYS A 109 -9.85 -5.72 -11.11
N PHE A 110 -8.99 -6.05 -10.15
CA PHE A 110 -8.84 -5.25 -8.95
C PHE A 110 -8.35 -3.86 -9.31
N PHE A 111 -7.30 -3.81 -10.12
CA PHE A 111 -6.72 -2.55 -10.56
C PHE A 111 -7.63 -1.85 -11.55
N GLU A 112 -8.50 -2.63 -12.17
CA GLU A 112 -9.47 -2.13 -13.11
C GLU A 112 -10.60 -1.41 -12.38
N ALA A 113 -11.03 -1.97 -11.26
CA ALA A 113 -12.17 -1.44 -10.52
C ALA A 113 -11.77 -0.27 -9.63
N VAL A 114 -10.58 -0.34 -9.04
CA VAL A 114 -10.13 0.69 -8.11
C VAL A 114 -9.71 1.96 -8.85
N LYS A 115 -10.12 3.10 -8.31
CA LYS A 115 -9.72 4.39 -8.86
C LYS A 115 -9.11 5.25 -7.76
N THR A 116 -8.33 6.24 -8.17
CA THR A 116 -7.82 7.23 -7.24
C THR A 116 -8.99 8.04 -6.65
N GLY A 117 -9.25 7.85 -5.37
CA GLY A 117 -10.29 8.63 -4.72
C GLY A 117 -11.45 7.80 -4.20
N ASP A 118 -11.37 6.48 -4.37
CA ASP A 118 -12.41 5.60 -3.84
C ASP A 118 -12.13 5.25 -2.39
N ARG A 119 -13.03 4.49 -1.78
CA ARG A 119 -12.85 4.08 -0.40
C ARG A 119 -12.70 2.57 -0.32
N VAL A 120 -11.57 2.14 0.19
CA VAL A 120 -11.26 0.71 0.29
C VAL A 120 -11.30 0.24 1.74
N VAL A 121 -12.08 -0.80 1.97
CA VAL A 121 -12.12 -1.47 3.26
C VAL A 121 -11.41 -2.81 3.13
N VAL A 122 -10.18 -2.89 3.61
CA VAL A 122 -9.40 -4.11 3.47
C VAL A 122 -9.25 -4.85 4.80
N ASN A 123 -9.51 -6.14 4.78
CA ASN A 123 -9.32 -6.99 5.95
C ASN A 123 -8.24 -8.02 5.63
N ALA A 124 -7.04 -7.81 6.17
CA ALA A 124 -5.92 -8.68 5.88
C ALA A 124 -5.98 -9.95 6.71
N ASP A 125 -6.75 -9.93 7.79
CA ASP A 125 -6.92 -11.10 8.65
C ASP A 125 -7.55 -12.24 7.85
N GLU A 126 -8.37 -11.89 6.88
CA GLU A 126 -9.01 -12.88 6.02
C GLU A 126 -8.40 -12.84 4.61
N GLY A 127 -8.07 -11.63 4.15
CA GLY A 127 -7.54 -11.47 2.82
C GLY A 127 -8.61 -11.08 1.83
N TYR A 128 -9.30 -9.99 2.11
CA TYR A 128 -10.46 -9.59 1.35
C TYR A 128 -10.52 -8.07 1.25
N VAL A 129 -10.76 -7.57 0.06
CA VAL A 129 -10.79 -6.13 -0.16
C VAL A 129 -12.16 -5.68 -0.66
N GLU A 130 -12.86 -4.92 0.17
CA GLU A 130 -14.16 -4.39 -0.20
C GLU A 130 -14.06 -2.89 -0.46
N LEU A 131 -14.15 -2.50 -1.72
CA LEU A 131 -14.09 -1.08 -2.05
C LEU A 131 -15.48 -0.58 -2.44
N ILE A 132 -15.75 0.67 -2.13
CA ILE A 132 -17.02 1.28 -2.49
C ILE A 132 -16.82 2.33 -3.55
N GLU A 133 -17.66 2.30 -4.57
CA GLU A 133 -17.57 3.21 -5.69
C GLU A 133 -17.92 4.63 -5.26
N VAL A 2 -18.66 -3.79 -5.41
CA VAL A 2 -17.87 -4.91 -5.86
C VAL A 2 -16.82 -5.27 -4.83
N LYS A 3 -16.74 -6.55 -4.50
CA LYS A 3 -15.80 -7.02 -3.51
C LYS A 3 -14.85 -8.05 -4.10
N PHE A 4 -13.59 -7.97 -3.72
CA PHE A 4 -12.56 -8.84 -4.25
C PHE A 4 -11.99 -9.72 -3.14
N ALA A 5 -11.34 -10.80 -3.52
CA ALA A 5 -10.72 -11.70 -2.57
C ALA A 5 -9.22 -11.83 -2.86
N CYS A 6 -8.41 -11.59 -1.85
CA CYS A 6 -6.97 -11.67 -1.99
C CYS A 6 -6.39 -12.72 -1.05
N ARG A 7 -5.08 -12.94 -1.15
CA ARG A 7 -4.39 -13.83 -0.25
C ARG A 7 -3.72 -13.02 0.85
N ALA A 8 -4.02 -13.35 2.09
CA ALA A 8 -3.52 -12.59 3.22
C ALA A 8 -2.03 -12.85 3.46
N ILE A 9 -1.31 -11.78 3.80
CA ILE A 9 0.09 -11.89 4.19
C ILE A 9 0.22 -11.52 5.67
N THR A 10 -0.23 -10.31 6.00
CA THR A 10 -0.28 -9.87 7.39
C THR A 10 -1.73 -9.70 7.82
N ARG A 11 -1.96 -9.02 8.95
CA ARG A 11 -3.32 -8.89 9.47
C ARG A 11 -3.75 -7.42 9.56
N GLY A 12 -5.04 -7.21 9.78
CA GLY A 12 -5.57 -5.87 9.89
C GLY A 12 -6.85 -5.68 9.09
N ARG A 13 -7.75 -4.85 9.61
CA ARG A 13 -9.00 -4.53 8.93
C ARG A 13 -9.29 -3.05 9.12
N ALA A 14 -9.26 -2.28 8.03
CA ALA A 14 -9.43 -0.83 8.12
C ALA A 14 -9.78 -0.23 6.76
N GLU A 15 -10.15 1.04 6.76
CA GLU A 15 -10.45 1.75 5.53
C GLU A 15 -9.38 2.79 5.23
N GLY A 16 -9.40 3.29 4.00
CA GLY A 16 -8.52 4.38 3.63
C GLY A 16 -8.79 4.84 2.22
N GLU A 17 -8.41 6.08 1.91
CA GLU A 17 -8.51 6.57 0.55
C GLU A 17 -7.64 5.73 -0.36
N ALA A 18 -8.15 5.39 -1.53
CA ALA A 18 -7.44 4.53 -2.44
C ALA A 18 -6.37 5.31 -3.18
N LEU A 19 -5.13 5.05 -2.85
CA LEU A 19 -4.02 5.63 -3.58
C LEU A 19 -3.46 4.56 -4.51
N VAL A 20 -3.68 4.75 -5.80
CA VAL A 20 -3.35 3.72 -6.77
C VAL A 20 -2.35 4.23 -7.79
N THR A 21 -1.16 3.65 -7.76
CA THR A 21 -0.15 3.95 -8.75
C THR A 21 0.35 2.65 -9.37
N LYS A 22 0.15 2.54 -10.68
CA LYS A 22 0.59 1.35 -11.41
C LYS A 22 1.98 1.62 -11.99
N GLU A 23 2.66 2.60 -11.39
CA GLU A 23 4.00 2.97 -11.79
C GLU A 23 5.01 2.30 -10.88
N TYR A 24 6.18 1.98 -11.42
CA TYR A 24 7.25 1.41 -10.62
C TYR A 24 8.02 2.52 -9.90
N ILE A 25 7.71 2.71 -8.63
CA ILE A 25 8.32 3.79 -7.84
C ILE A 25 9.57 3.28 -7.15
N SER A 26 9.88 2.01 -7.39
CA SER A 26 11.12 1.41 -6.96
C SER A 26 11.22 1.23 -5.43
N PHE A 27 10.53 2.08 -4.66
CA PHE A 27 10.46 1.99 -3.20
C PHE A 27 11.75 2.48 -2.53
N LEU A 28 12.88 2.30 -3.20
CA LEU A 28 14.18 2.76 -2.69
C LEU A 28 14.17 4.27 -2.53
N GLY A 29 14.02 4.72 -1.29
CA GLY A 29 13.98 6.16 -1.00
C GLY A 29 12.80 6.84 -1.66
N GLY A 30 11.74 6.08 -1.90
CA GLY A 30 10.62 6.59 -2.65
C GLY A 30 9.63 7.38 -1.80
N ILE A 31 9.71 7.25 -0.49
CA ILE A 31 8.77 7.93 0.41
C ILE A 31 9.51 8.77 1.44
N ASP A 32 9.09 10.02 1.58
CA ASP A 32 9.62 10.93 2.58
C ASP A 32 9.26 10.43 3.98
N LYS A 33 10.25 10.35 4.86
CA LYS A 33 10.06 9.73 6.16
C LYS A 33 9.47 10.70 7.19
N GLU A 34 9.22 11.92 6.78
CA GLU A 34 8.66 12.93 7.67
C GLU A 34 7.17 13.12 7.43
N THR A 35 6.81 13.40 6.19
CA THR A 35 5.43 13.72 5.85
C THR A 35 4.77 12.60 5.05
N GLY A 36 5.52 11.56 4.72
CA GLY A 36 4.95 10.44 3.98
C GLY A 36 4.56 10.83 2.56
N ILE A 37 5.43 11.58 1.91
CA ILE A 37 5.22 12.02 0.53
C ILE A 37 6.19 11.32 -0.40
N VAL A 38 5.68 10.76 -1.50
CA VAL A 38 6.52 10.08 -2.48
C VAL A 38 7.54 11.06 -3.07
N LYS A 39 8.81 10.70 -2.96
CA LYS A 39 9.91 11.50 -3.49
C LYS A 39 9.94 11.41 -5.01
N GLU A 40 9.84 10.18 -5.51
CA GLU A 40 9.90 9.92 -6.94
C GLU A 40 8.73 10.59 -7.65
N ASP A 41 9.05 11.40 -8.66
CA ASP A 41 8.01 12.06 -9.43
C ASP A 41 7.49 11.13 -10.50
N CYS A 42 6.17 11.07 -10.60
CA CYS A 42 5.51 10.24 -11.60
C CYS A 42 4.03 10.57 -11.60
N GLU A 43 3.74 11.88 -11.43
CA GLU A 43 2.38 12.40 -11.43
C GLU A 43 1.64 12.10 -10.12
N ILE A 44 1.99 10.99 -9.48
CA ILE A 44 1.41 10.63 -8.19
C ILE A 44 2.16 11.34 -7.04
N LYS A 45 3.28 11.95 -7.38
CA LYS A 45 4.11 12.66 -6.41
C LYS A 45 3.33 13.78 -5.74
N GLY A 46 3.47 13.90 -4.43
CA GLY A 46 2.82 14.98 -3.71
C GLY A 46 1.70 14.50 -2.81
N GLU A 47 1.25 13.28 -3.01
CA GLU A 47 0.16 12.74 -2.22
C GLU A 47 0.67 12.05 -0.97
N SER A 48 -0.07 12.21 0.12
CA SER A 48 0.29 11.61 1.39
C SER A 48 -0.22 10.18 1.48
N VAL A 49 0.62 9.29 1.98
CA VAL A 49 0.19 7.91 2.23
C VAL A 49 -0.38 7.78 3.64
N ALA A 50 -0.26 8.86 4.40
CA ALA A 50 -0.68 8.92 5.79
C ALA A 50 -2.18 8.74 5.93
N GLY A 51 -2.57 7.51 6.15
CA GLY A 51 -3.96 7.20 6.39
C GLY A 51 -4.69 6.76 5.14
N ARG A 52 -3.94 6.45 4.11
CA ARG A 52 -4.53 6.00 2.85
C ARG A 52 -4.16 4.55 2.56
N ILE A 53 -4.87 3.96 1.62
CA ILE A 53 -4.61 2.59 1.20
C ILE A 53 -3.70 2.61 -0.02
N LEU A 54 -2.56 1.96 0.08
CA LEU A 54 -1.59 1.96 -1.01
C LEU A 54 -1.80 0.75 -1.90
N VAL A 55 -2.22 0.99 -3.14
CA VAL A 55 -2.38 -0.08 -4.10
C VAL A 55 -1.21 -0.06 -5.06
N PHE A 56 -0.32 -1.05 -4.93
CA PHE A 56 0.92 -1.05 -5.68
C PHE A 56 1.16 -2.44 -6.28
N PRO A 57 1.67 -2.50 -7.53
CA PRO A 57 1.96 -3.75 -8.20
C PRO A 57 3.41 -4.22 -8.03
N GLY A 58 4.35 -3.37 -8.43
CA GLY A 58 5.75 -3.74 -8.37
C GLY A 58 6.66 -2.55 -8.15
N GLY A 59 7.66 -2.72 -7.30
CA GLY A 59 8.60 -1.67 -7.01
C GLY A 59 9.95 -1.95 -7.58
N LYS A 60 10.74 -2.75 -6.85
CA LYS A 60 12.08 -3.15 -7.28
C LYS A 60 12.75 -3.95 -6.17
N GLY A 61 13.11 -3.26 -5.10
CA GLY A 61 13.78 -3.88 -3.99
C GLY A 61 14.90 -3.00 -3.45
N SER A 62 16.13 -3.34 -3.80
CA SER A 62 17.30 -2.56 -3.43
C SER A 62 17.59 -2.67 -1.93
N THR A 63 18.43 -1.79 -1.42
CA THR A 63 18.87 -1.86 -0.04
C THR A 63 18.13 -0.83 0.82
N VAL A 64 16.80 -0.94 0.82
CA VAL A 64 15.95 -0.04 1.60
C VAL A 64 16.09 -0.32 3.11
N GLY A 65 16.06 -1.58 3.47
CA GLY A 65 16.12 -1.95 4.88
C GLY A 65 14.75 -2.14 5.49
N SER A 66 13.71 -1.83 4.70
CA SER A 66 12.31 -1.99 5.08
C SER A 66 11.93 -1.24 6.38
N TYR A 67 12.80 -0.36 6.84
CA TYR A 67 12.52 0.40 8.07
C TYR A 67 11.80 1.71 7.78
N VAL A 68 11.63 2.03 6.50
CA VAL A 68 10.95 3.25 6.10
C VAL A 68 9.49 3.22 6.57
N LEU A 69 8.80 2.14 6.24
CA LEU A 69 7.39 1.99 6.61
C LEU A 69 7.22 1.98 8.13
N LEU A 70 8.14 1.32 8.82
CA LEU A 70 8.10 1.22 10.27
C LEU A 70 8.22 2.60 10.91
N ASN A 71 9.17 3.39 10.42
CA ASN A 71 9.39 4.75 10.94
C ASN A 71 8.17 5.61 10.68
N LEU A 72 7.63 5.53 9.47
CA LEU A 72 6.43 6.27 9.09
C LEU A 72 5.30 5.97 10.08
N ARG A 73 5.19 4.70 10.44
CA ARG A 73 4.14 4.23 11.34
C ARG A 73 4.30 4.85 12.73
N LYS A 74 5.54 4.99 13.17
CA LYS A 74 5.82 5.52 14.50
C LYS A 74 5.48 6.99 14.60
N ASN A 75 5.49 7.68 13.46
CA ASN A 75 5.16 9.10 13.42
C ASN A 75 3.69 9.30 13.09
N GLY A 76 3.08 8.29 12.47
CA GLY A 76 1.68 8.36 12.13
C GLY A 76 1.45 8.80 10.70
N VAL A 77 2.51 8.73 9.90
CA VAL A 77 2.43 9.14 8.49
C VAL A 77 2.52 7.92 7.58
N ALA A 78 2.17 6.76 8.12
CA ALA A 78 2.23 5.52 7.37
C ALA A 78 0.87 5.22 6.72
N PRO A 79 0.88 4.43 5.63
CA PRO A 79 -0.36 3.99 4.98
C PRO A 79 -1.16 3.03 5.85
N LYS A 80 -2.46 2.98 5.60
CA LYS A 80 -3.35 2.08 6.32
C LYS A 80 -3.05 0.63 5.96
N ALA A 81 -2.82 0.39 4.67
CA ALA A 81 -2.53 -0.96 4.19
C ALA A 81 -1.92 -0.88 2.80
N ILE A 82 -1.36 -1.98 2.34
CA ILE A 82 -0.74 -2.05 1.03
C ILE A 82 -1.21 -3.29 0.29
N ILE A 83 -1.86 -3.09 -0.85
CA ILE A 83 -2.36 -4.19 -1.65
C ILE A 83 -1.44 -4.38 -2.85
N ASN A 84 -0.78 -5.54 -2.93
CA ASN A 84 0.18 -5.78 -3.99
C ASN A 84 -0.31 -6.84 -4.97
N LYS A 85 0.34 -6.91 -6.14
CA LYS A 85 0.03 -7.93 -7.12
C LYS A 85 0.48 -9.29 -6.61
N LYS A 86 1.75 -9.38 -6.24
CA LYS A 86 2.26 -10.63 -5.70
C LYS A 86 3.21 -10.38 -4.53
N THR A 87 3.06 -9.23 -3.92
CA THR A 87 3.79 -8.86 -2.70
C THR A 87 5.27 -8.57 -2.97
N GLU A 88 5.71 -7.37 -2.58
CA GLU A 88 7.12 -7.04 -2.62
C GLU A 88 7.78 -7.56 -1.35
N THR A 89 8.90 -8.26 -1.51
CA THR A 89 9.55 -8.94 -0.39
C THR A 89 9.91 -7.96 0.73
N ILE A 90 10.57 -6.87 0.36
CA ILE A 90 11.01 -5.87 1.32
C ILE A 90 9.83 -5.13 1.94
N ILE A 91 8.79 -4.89 1.13
CA ILE A 91 7.61 -4.21 1.62
C ILE A 91 6.85 -5.10 2.61
N ALA A 92 6.81 -6.39 2.32
CA ALA A 92 6.13 -7.35 3.20
C ALA A 92 6.73 -7.34 4.59
N VAL A 93 8.06 -7.34 4.67
CA VAL A 93 8.75 -7.30 5.96
C VAL A 93 8.41 -6.02 6.71
N GLY A 94 8.53 -4.89 6.01
CA GLY A 94 8.24 -3.60 6.62
C GLY A 94 6.79 -3.49 7.04
N ALA A 95 5.89 -3.96 6.20
CA ALA A 95 4.46 -3.91 6.48
C ALA A 95 4.10 -4.77 7.67
N ALA A 96 4.74 -5.93 7.77
CA ALA A 96 4.49 -6.84 8.89
C ALA A 96 4.91 -6.19 10.22
N MET A 97 6.05 -5.51 10.20
CA MET A 97 6.58 -4.87 11.40
C MET A 97 5.76 -3.63 11.77
N ALA A 98 5.30 -2.91 10.77
CA ALA A 98 4.59 -1.66 10.99
C ALA A 98 3.07 -1.86 11.09
N GLU A 99 2.63 -3.11 11.08
CA GLU A 99 1.21 -3.44 11.14
C GLU A 99 0.44 -2.77 9.99
N ILE A 100 0.95 -2.96 8.79
CA ILE A 100 0.36 -2.41 7.58
C ILE A 100 -0.15 -3.55 6.69
N PRO A 101 -1.43 -3.95 6.88
CA PRO A 101 -2.04 -5.08 6.17
C PRO A 101 -1.58 -5.24 4.72
N LEU A 102 -0.86 -6.33 4.49
CA LEU A 102 -0.33 -6.65 3.17
C LEU A 102 -1.07 -7.85 2.61
N VAL A 103 -1.57 -7.73 1.39
CA VAL A 103 -2.28 -8.83 0.75
C VAL A 103 -1.87 -8.99 -0.71
N GLU A 104 -2.16 -10.16 -1.26
CA GLU A 104 -1.79 -10.49 -2.64
C GLU A 104 -3.04 -10.70 -3.50
N VAL A 105 -3.20 -9.89 -4.54
CA VAL A 105 -4.33 -10.03 -5.44
C VAL A 105 -3.92 -10.79 -6.70
N ARG A 106 -4.68 -11.82 -7.05
CA ARG A 106 -4.38 -12.61 -8.25
C ARG A 106 -5.13 -12.07 -9.45
N ASP A 107 -5.47 -10.79 -9.39
CA ASP A 107 -6.28 -10.16 -10.42
C ASP A 107 -5.80 -8.75 -10.69
N GLU A 108 -5.24 -8.55 -11.88
CA GLU A 108 -4.77 -7.23 -12.29
C GLU A 108 -5.95 -6.28 -12.50
N LYS A 109 -7.10 -6.86 -12.85
CA LYS A 109 -8.30 -6.08 -13.09
C LYS A 109 -8.75 -5.34 -11.82
N PHE A 110 -8.30 -5.80 -10.66
CA PHE A 110 -8.51 -5.07 -9.42
C PHE A 110 -7.82 -3.71 -9.52
N PHE A 111 -6.59 -3.72 -10.01
CA PHE A 111 -5.79 -2.51 -10.13
C PHE A 111 -6.36 -1.56 -11.17
N GLU A 112 -7.15 -2.09 -12.09
CA GLU A 112 -7.82 -1.29 -13.08
C GLU A 112 -9.12 -0.71 -12.51
N ALA A 113 -9.75 -1.48 -11.63
CA ALA A 113 -11.01 -1.07 -11.04
C ALA A 113 -10.80 -0.03 -9.95
N VAL A 114 -9.82 -0.26 -9.09
CA VAL A 114 -9.53 0.67 -8.02
C VAL A 114 -8.66 1.80 -8.53
N LYS A 115 -9.14 3.03 -8.35
CA LYS A 115 -8.42 4.20 -8.82
C LYS A 115 -8.33 5.22 -7.69
N THR A 116 -7.28 6.04 -7.74
CA THR A 116 -7.05 7.06 -6.73
C THR A 116 -8.24 8.02 -6.63
N GLY A 117 -9.00 7.90 -5.56
CA GLY A 117 -10.15 8.77 -5.38
C GLY A 117 -11.20 8.20 -4.46
N ASP A 118 -11.45 6.90 -4.54
CA ASP A 118 -12.51 6.29 -3.74
C ASP A 118 -11.91 5.56 -2.53
N ARG A 119 -12.72 4.74 -1.88
CA ARG A 119 -12.30 4.10 -0.64
C ARG A 119 -12.10 2.60 -0.80
N VAL A 120 -11.03 2.10 -0.18
CA VAL A 120 -10.76 0.68 -0.13
C VAL A 120 -10.73 0.22 1.32
N VAL A 121 -11.57 -0.74 1.66
CA VAL A 121 -11.54 -1.32 2.98
C VAL A 121 -10.79 -2.65 2.92
N VAL A 122 -9.64 -2.68 3.56
CA VAL A 122 -8.80 -3.86 3.54
C VAL A 122 -9.20 -4.81 4.65
N ASN A 123 -9.33 -6.09 4.31
CA ASN A 123 -9.65 -7.11 5.28
C ASN A 123 -8.61 -8.22 5.22
N ALA A 124 -7.60 -8.13 6.07
CA ALA A 124 -6.56 -9.14 6.14
C ALA A 124 -6.95 -10.22 7.14
N ASP A 125 -8.14 -10.06 7.71
CA ASP A 125 -8.70 -11.04 8.62
C ASP A 125 -9.16 -12.27 7.83
N GLU A 126 -9.70 -12.00 6.65
CA GLU A 126 -10.18 -13.07 5.77
C GLU A 126 -9.36 -13.15 4.49
N GLY A 127 -8.57 -12.13 4.22
CA GLY A 127 -7.95 -12.02 2.92
C GLY A 127 -8.98 -11.54 1.91
N TYR A 128 -9.41 -10.30 2.10
CA TYR A 128 -10.57 -9.78 1.40
C TYR A 128 -10.38 -8.30 1.12
N VAL A 129 -10.88 -7.85 -0.01
CA VAL A 129 -10.83 -6.43 -0.34
C VAL A 129 -12.23 -5.95 -0.70
N GLU A 130 -12.84 -5.22 0.21
CA GLU A 130 -14.17 -4.70 -0.02
C GLU A 130 -14.07 -3.25 -0.51
N LEU A 131 -14.36 -3.06 -1.79
CA LEU A 131 -14.29 -1.75 -2.41
C LEU A 131 -15.60 -1.01 -2.19
N ILE A 132 -15.51 0.21 -1.68
CA ILE A 132 -16.70 0.98 -1.39
C ILE A 132 -16.72 2.22 -2.24
N GLU A 133 -17.63 2.26 -3.18
CA GLU A 133 -17.73 3.38 -4.10
C GLU A 133 -18.58 4.47 -3.46
N VAL A 2 -17.52 -4.38 -5.36
CA VAL A 2 -16.81 -5.64 -5.51
C VAL A 2 -16.10 -6.05 -4.21
N LYS A 3 -16.44 -7.24 -3.74
CA LYS A 3 -15.78 -7.82 -2.58
C LYS A 3 -14.87 -8.96 -3.04
N PHE A 4 -13.60 -8.66 -3.27
CA PHE A 4 -12.67 -9.66 -3.79
C PHE A 4 -11.87 -10.30 -2.66
N ALA A 5 -11.40 -11.51 -2.93
CA ALA A 5 -10.51 -12.21 -2.00
C ALA A 5 -9.11 -12.26 -2.57
N CYS A 6 -8.15 -11.79 -1.78
CA CYS A 6 -6.77 -11.72 -2.23
C CYS A 6 -5.88 -12.59 -1.35
N ARG A 7 -4.60 -12.62 -1.63
CA ARG A 7 -3.69 -13.50 -0.91
C ARG A 7 -3.09 -12.75 0.26
N ALA A 8 -3.41 -13.21 1.46
CA ALA A 8 -3.03 -12.54 2.69
C ALA A 8 -1.54 -12.66 2.96
N ILE A 9 -0.89 -11.51 3.13
CA ILE A 9 0.52 -11.46 3.46
C ILE A 9 0.68 -11.14 4.95
N THR A 10 -0.03 -10.12 5.41
CA THR A 10 -0.02 -9.73 6.81
C THR A 10 -1.33 -10.12 7.49
N ARG A 11 -1.52 -9.68 8.72
CA ARG A 11 -2.77 -9.85 9.42
C ARG A 11 -3.42 -8.49 9.68
N GLY A 12 -4.56 -8.49 10.33
CA GLY A 12 -5.20 -7.24 10.71
C GLY A 12 -6.21 -6.79 9.68
N ARG A 13 -6.80 -5.62 9.92
CA ARG A 13 -7.83 -5.06 9.06
C ARG A 13 -7.94 -3.56 9.31
N ALA A 14 -8.19 -2.79 8.26
CA ALA A 14 -8.22 -1.35 8.37
C ALA A 14 -9.01 -0.71 7.24
N GLU A 15 -9.09 0.60 7.28
CA GLU A 15 -9.79 1.39 6.29
C GLU A 15 -8.87 2.44 5.71
N GLY A 16 -9.21 2.97 4.55
CA GLY A 16 -8.49 4.11 4.03
C GLY A 16 -9.04 4.54 2.69
N GLU A 17 -8.83 5.79 2.36
CA GLU A 17 -9.21 6.31 1.06
C GLU A 17 -8.20 5.81 0.03
N ALA A 18 -8.68 5.39 -1.13
CA ALA A 18 -7.83 4.71 -2.08
C ALA A 18 -6.93 5.66 -2.84
N LEU A 19 -5.68 5.28 -2.97
CA LEU A 19 -4.72 6.03 -3.75
C LEU A 19 -3.99 5.06 -4.67
N VAL A 20 -4.19 5.23 -5.97
CA VAL A 20 -3.62 4.31 -6.94
C VAL A 20 -2.39 4.91 -7.61
N THR A 21 -1.32 4.13 -7.67
CA THR A 21 -0.08 4.60 -8.26
C THR A 21 0.16 3.87 -9.58
N LYS A 22 0.39 4.63 -10.64
CA LYS A 22 0.54 4.06 -11.98
C LYS A 22 2.01 3.93 -12.37
N GLU A 23 2.89 4.37 -11.49
CA GLU A 23 4.31 4.41 -11.79
C GLU A 23 5.06 3.19 -11.28
N TYR A 24 6.22 2.94 -11.88
CA TYR A 24 7.10 1.86 -11.47
C TYR A 24 8.26 2.44 -10.70
N ILE A 25 8.11 2.53 -9.38
CA ILE A 25 9.05 3.29 -8.57
C ILE A 25 9.67 2.42 -7.49
N SER A 26 9.56 1.11 -7.64
CA SER A 26 10.02 0.14 -6.64
C SER A 26 9.45 0.49 -5.26
N PHE A 27 10.13 0.07 -4.21
CA PHE A 27 9.66 0.37 -2.87
C PHE A 27 10.85 0.65 -1.93
N LEU A 28 12.00 0.96 -2.52
CA LEU A 28 13.19 1.23 -1.73
C LEU A 28 13.24 2.69 -1.29
N GLY A 29 12.35 3.51 -1.83
CA GLY A 29 12.31 4.90 -1.48
C GLY A 29 11.38 5.70 -2.37
N GLY A 30 10.50 6.48 -1.76
CA GLY A 30 9.56 7.28 -2.52
C GLY A 30 8.77 8.23 -1.65
N ILE A 31 8.25 7.70 -0.55
CA ILE A 31 7.46 8.49 0.38
C ILE A 31 8.35 9.14 1.42
N ASP A 32 8.13 10.42 1.69
CA ASP A 32 8.89 11.13 2.71
C ASP A 32 8.38 10.79 4.10
N LYS A 33 9.30 10.77 5.06
CA LYS A 33 8.99 10.34 6.41
C LYS A 33 8.35 11.45 7.24
N GLU A 34 8.43 12.68 6.76
CA GLU A 34 7.95 13.82 7.53
C GLU A 34 6.57 14.27 7.05
N THR A 35 6.43 14.43 5.73
CA THR A 35 5.16 14.88 5.18
C THR A 35 4.27 13.71 4.78
N GLY A 36 4.88 12.64 4.27
CA GLY A 36 4.12 11.53 3.75
C GLY A 36 3.79 11.72 2.29
N ILE A 37 4.55 12.59 1.63
CA ILE A 37 4.38 12.88 0.22
C ILE A 37 5.23 11.93 -0.62
N VAL A 38 4.67 11.42 -1.71
CA VAL A 38 5.44 10.61 -2.64
C VAL A 38 6.27 11.52 -3.55
N LYS A 39 7.56 11.60 -3.24
CA LYS A 39 8.47 12.44 -3.99
C LYS A 39 8.98 11.72 -5.22
N GLU A 40 9.04 10.39 -5.12
CA GLU A 40 9.48 9.57 -6.24
C GLU A 40 8.30 9.05 -7.03
N ASP A 41 7.76 9.92 -7.84
CA ASP A 41 6.66 9.60 -8.72
C ASP A 41 6.77 10.42 -9.99
N CYS A 42 5.73 10.45 -10.79
CA CYS A 42 5.74 11.17 -12.06
C CYS A 42 4.38 11.80 -12.38
N GLU A 43 3.30 11.26 -11.82
CA GLU A 43 1.96 11.75 -12.12
C GLU A 43 1.16 11.93 -10.83
N ILE A 44 1.19 10.91 -9.98
CA ILE A 44 0.47 10.94 -8.71
C ILE A 44 1.24 11.82 -7.72
N LYS A 45 2.50 12.04 -8.06
CA LYS A 45 3.43 12.85 -7.28
C LYS A 45 2.79 14.14 -6.79
N GLY A 46 2.72 14.27 -5.48
CA GLY A 46 2.13 15.44 -4.87
C GLY A 46 1.11 15.10 -3.79
N GLU A 47 0.61 13.88 -3.81
CA GLU A 47 -0.40 13.46 -2.85
C GLU A 47 0.22 12.80 -1.63
N SER A 48 -0.52 12.83 -0.52
CA SER A 48 -0.08 12.24 0.73
C SER A 48 -0.65 10.83 0.89
N VAL A 49 0.17 9.91 1.37
CA VAL A 49 -0.29 8.56 1.62
C VAL A 49 -0.73 8.40 3.06
N ALA A 50 -0.56 9.46 3.84
CA ALA A 50 -0.89 9.44 5.26
C ALA A 50 -2.40 9.39 5.46
N GLY A 51 -2.91 8.18 5.52
CA GLY A 51 -4.33 7.98 5.71
C GLY A 51 -4.97 7.37 4.48
N ARG A 52 -4.15 7.07 3.50
CA ARG A 52 -4.63 6.50 2.25
C ARG A 52 -4.28 5.02 2.16
N ILE A 53 -5.03 4.29 1.36
CA ILE A 53 -4.69 2.92 1.01
C ILE A 53 -3.98 2.93 -0.34
N LEU A 54 -2.74 2.49 -0.33
CA LEU A 54 -1.88 2.62 -1.50
C LEU A 54 -1.94 1.36 -2.36
N VAL A 55 -2.28 1.52 -3.63
CA VAL A 55 -2.31 0.39 -4.57
C VAL A 55 -1.41 0.68 -5.76
N PHE A 56 -0.28 0.00 -5.82
CA PHE A 56 0.65 0.15 -6.94
C PHE A 56 1.15 -1.21 -7.41
N PRO A 57 1.40 -1.36 -8.72
CA PRO A 57 1.97 -2.58 -9.29
C PRO A 57 3.43 -2.75 -8.86
N GLY A 58 4.10 -1.64 -8.61
CA GLY A 58 5.47 -1.67 -8.13
C GLY A 58 6.49 -1.81 -9.24
N GLY A 59 6.39 -2.91 -9.98
CA GLY A 59 7.33 -3.19 -11.04
C GLY A 59 8.61 -3.80 -10.49
N LYS A 60 9.33 -3.01 -9.70
CA LYS A 60 10.57 -3.48 -9.11
C LYS A 60 10.34 -3.78 -7.63
N GLY A 61 10.74 -4.96 -7.20
CA GLY A 61 10.61 -5.30 -5.79
C GLY A 61 11.83 -4.89 -5.01
N SER A 62 13.00 -5.03 -5.64
CA SER A 62 14.28 -4.65 -5.04
C SER A 62 14.59 -5.48 -3.79
N THR A 63 15.69 -5.17 -3.13
CA THR A 63 16.08 -5.88 -1.92
C THR A 63 16.15 -4.92 -0.74
N VAL A 64 15.65 -3.72 -0.92
CA VAL A 64 15.65 -2.71 0.12
C VAL A 64 14.26 -2.12 0.27
N GLY A 65 13.82 -1.91 1.51
CA GLY A 65 12.50 -1.38 1.75
C GLY A 65 11.95 -1.82 3.10
N SER A 66 12.63 -2.77 3.72
CA SER A 66 12.24 -3.26 5.03
C SER A 66 12.52 -2.20 6.12
N TYR A 67 11.72 -2.25 7.19
CA TYR A 67 11.92 -1.39 8.37
C TYR A 67 11.49 0.06 8.16
N VAL A 68 11.70 0.59 6.97
CA VAL A 68 11.41 2.00 6.70
C VAL A 68 9.92 2.32 6.88
N LEU A 69 9.07 1.32 6.72
CA LEU A 69 7.63 1.51 6.91
C LEU A 69 7.30 1.77 8.37
N LEU A 70 8.09 1.18 9.26
CA LEU A 70 7.90 1.37 10.70
C LEU A 70 8.21 2.81 11.06
N ASN A 71 9.23 3.36 10.42
CA ASN A 71 9.61 4.77 10.60
C ASN A 71 8.46 5.66 10.17
N LEU A 72 7.93 5.39 8.97
CA LEU A 72 6.79 6.16 8.43
C LEU A 72 5.59 6.04 9.35
N ARG A 73 5.34 4.83 9.85
CA ARG A 73 4.18 4.55 10.67
C ARG A 73 4.32 5.18 12.06
N LYS A 74 5.54 5.20 12.57
CA LYS A 74 5.83 5.79 13.86
C LYS A 74 5.45 7.27 13.88
N ASN A 75 5.70 7.95 12.77
CA ASN A 75 5.40 9.36 12.67
C ASN A 75 3.93 9.57 12.32
N GLY A 76 3.37 8.59 11.60
CA GLY A 76 1.97 8.65 11.23
C GLY A 76 1.76 9.15 9.82
N VAL A 77 2.79 9.03 8.99
CA VAL A 77 2.71 9.49 7.61
C VAL A 77 2.64 8.31 6.64
N ALA A 78 2.55 7.12 7.19
CA ALA A 78 2.49 5.91 6.39
C ALA A 78 1.06 5.64 5.93
N PRO A 79 0.89 4.92 4.81
CA PRO A 79 -0.42 4.49 4.34
C PRO A 79 -1.08 3.54 5.33
N LYS A 80 -2.39 3.60 5.42
CA LYS A 80 -3.13 2.77 6.37
C LYS A 80 -3.16 1.32 5.89
N ALA A 81 -3.06 1.14 4.59
CA ALA A 81 -2.98 -0.19 4.00
C ALA A 81 -2.35 -0.11 2.61
N ILE A 82 -1.81 -1.23 2.16
CA ILE A 82 -1.20 -1.31 0.83
C ILE A 82 -1.63 -2.61 0.16
N ILE A 83 -2.16 -2.52 -1.05
CA ILE A 83 -2.61 -3.71 -1.77
C ILE A 83 -1.86 -3.80 -3.11
N ASN A 84 -1.08 -4.87 -3.30
CA ASN A 84 -0.22 -4.97 -4.47
C ASN A 84 -0.40 -6.32 -5.16
N LYS A 85 0.33 -6.52 -6.24
CA LYS A 85 0.41 -7.81 -6.89
C LYS A 85 1.79 -8.40 -6.66
N LYS A 86 2.81 -7.56 -6.70
CA LYS A 86 4.17 -8.00 -6.46
C LYS A 86 4.60 -7.61 -5.06
N THR A 87 4.84 -8.60 -4.21
CA THR A 87 5.29 -8.36 -2.86
C THR A 87 6.64 -9.03 -2.63
N GLU A 88 7.51 -8.34 -1.90
CA GLU A 88 8.83 -8.88 -1.58
C GLU A 88 8.91 -9.25 -0.11
N THR A 89 9.85 -10.11 0.23
CA THR A 89 10.02 -10.54 1.61
C THR A 89 10.32 -9.34 2.53
N ILE A 90 11.22 -8.47 2.08
CA ILE A 90 11.60 -7.30 2.85
C ILE A 90 10.42 -6.33 3.02
N ILE A 91 9.54 -6.30 2.03
CA ILE A 91 8.35 -5.44 2.10
C ILE A 91 7.40 -5.97 3.17
N ALA A 92 7.18 -7.29 3.16
CA ALA A 92 6.30 -7.94 4.11
C ALA A 92 6.78 -7.70 5.54
N VAL A 93 8.07 -7.92 5.77
CA VAL A 93 8.66 -7.72 7.10
C VAL A 93 8.49 -6.28 7.55
N GLY A 94 8.78 -5.35 6.65
CA GLY A 94 8.70 -3.93 6.98
C GLY A 94 7.29 -3.52 7.37
N ALA A 95 6.31 -3.98 6.62
CA ALA A 95 4.93 -3.61 6.85
C ALA A 95 4.35 -4.31 8.08
N ALA A 96 4.74 -5.56 8.28
CA ALA A 96 4.23 -6.36 9.40
C ALA A 96 4.56 -5.71 10.74
N MET A 97 5.76 -5.15 10.84
CA MET A 97 6.21 -4.51 12.08
C MET A 97 5.47 -3.21 12.32
N ALA A 98 5.08 -2.54 11.24
CA ALA A 98 4.38 -1.27 11.31
C ALA A 98 2.87 -1.48 11.37
N GLU A 99 2.45 -2.74 11.28
CA GLU A 99 1.04 -3.10 11.26
C GLU A 99 0.34 -2.49 10.03
N ILE A 100 1.01 -2.60 8.89
CA ILE A 100 0.45 -2.15 7.62
C ILE A 100 0.09 -3.36 6.77
N PRO A 101 -1.15 -3.87 6.92
CA PRO A 101 -1.59 -5.09 6.26
C PRO A 101 -1.59 -4.97 4.73
N LEU A 102 -0.78 -5.80 4.09
CA LEU A 102 -0.75 -5.84 2.63
C LEU A 102 -1.17 -7.23 2.14
N VAL A 103 -1.82 -7.27 1.00
CA VAL A 103 -2.23 -8.53 0.40
C VAL A 103 -1.96 -8.50 -1.10
N GLU A 104 -1.86 -9.68 -1.70
CA GLU A 104 -1.61 -9.79 -3.13
C GLU A 104 -2.92 -9.95 -3.89
N VAL A 105 -3.20 -9.01 -4.78
CA VAL A 105 -4.36 -9.10 -5.65
C VAL A 105 -4.12 -10.13 -6.74
N ARG A 106 -5.17 -10.85 -7.10
CA ARG A 106 -5.05 -11.93 -8.06
C ARG A 106 -5.86 -11.63 -9.31
N ASP A 107 -6.12 -10.37 -9.56
CA ASP A 107 -6.95 -9.97 -10.69
C ASP A 107 -6.46 -8.67 -11.30
N GLU A 108 -6.25 -8.69 -12.61
CA GLU A 108 -5.81 -7.51 -13.35
C GLU A 108 -6.87 -6.42 -13.36
N LYS A 109 -8.13 -6.83 -13.44
CA LYS A 109 -9.24 -5.90 -13.55
C LYS A 109 -9.42 -5.10 -12.25
N PHE A 110 -8.84 -5.60 -11.16
CA PHE A 110 -8.85 -4.87 -9.91
C PHE A 110 -8.18 -3.51 -10.08
N PHE A 111 -7.09 -3.50 -10.85
CA PHE A 111 -6.33 -2.27 -11.10
C PHE A 111 -7.14 -1.29 -11.94
N GLU A 112 -8.02 -1.83 -12.76
CA GLU A 112 -8.89 -1.03 -13.60
C GLU A 112 -10.01 -0.42 -12.76
N ALA A 113 -10.53 -1.23 -11.84
CA ALA A 113 -11.66 -0.82 -11.01
C ALA A 113 -11.24 0.21 -9.97
N VAL A 114 -10.13 -0.03 -9.28
CA VAL A 114 -9.68 0.83 -8.19
C VAL A 114 -9.29 2.21 -8.72
N LYS A 115 -9.68 3.25 -7.97
CA LYS A 115 -9.40 4.62 -8.36
C LYS A 115 -8.98 5.43 -7.15
N THR A 116 -8.16 6.45 -7.37
CA THR A 116 -7.75 7.33 -6.29
C THR A 116 -8.94 8.20 -5.85
N GLY A 117 -9.34 8.07 -4.60
CA GLY A 117 -10.42 8.89 -4.08
C GLY A 117 -11.60 8.09 -3.58
N ASP A 118 -11.64 6.80 -3.90
CA ASP A 118 -12.73 5.94 -3.48
C ASP A 118 -12.46 5.33 -2.11
N ARG A 119 -13.39 4.53 -1.61
CA ARG A 119 -13.29 3.98 -0.26
C ARG A 119 -13.01 2.49 -0.29
N VAL A 120 -11.90 2.10 0.30
CA VAL A 120 -11.51 0.70 0.35
C VAL A 120 -11.32 0.26 1.80
N VAL A 121 -11.81 -0.92 2.11
CA VAL A 121 -11.53 -1.56 3.39
C VAL A 121 -10.71 -2.81 3.17
N VAL A 122 -9.68 -2.98 3.98
CA VAL A 122 -8.80 -4.13 3.83
C VAL A 122 -8.93 -5.05 5.03
N ASN A 123 -9.04 -6.33 4.76
CA ASN A 123 -9.06 -7.33 5.80
C ASN A 123 -8.04 -8.41 5.46
N ALA A 124 -6.84 -8.27 6.00
CA ALA A 124 -5.76 -9.21 5.70
C ALA A 124 -5.81 -10.39 6.66
N ASP A 125 -6.56 -10.22 7.74
CA ASP A 125 -6.73 -11.27 8.73
C ASP A 125 -7.58 -12.40 8.17
N GLU A 126 -8.62 -12.02 7.44
CA GLU A 126 -9.52 -12.98 6.82
C GLU A 126 -9.21 -13.17 5.33
N GLY A 127 -8.61 -12.15 4.73
CA GLY A 127 -8.23 -12.23 3.33
C GLY A 127 -9.33 -11.73 2.41
N TYR A 128 -9.59 -10.43 2.45
CA TYR A 128 -10.69 -9.82 1.70
C TYR A 128 -10.43 -8.33 1.50
N VAL A 129 -10.89 -7.82 0.37
CA VAL A 129 -10.87 -6.39 0.09
C VAL A 129 -12.20 -5.97 -0.53
N GLU A 130 -12.85 -4.98 0.06
CA GLU A 130 -14.11 -4.50 -0.45
C GLU A 130 -13.95 -3.11 -1.07
N LEU A 131 -14.12 -3.05 -2.38
CA LEU A 131 -14.03 -1.82 -3.12
C LEU A 131 -15.42 -1.36 -3.54
N ILE A 132 -15.79 -0.16 -3.12
CA ILE A 132 -17.06 0.42 -3.54
C ILE A 132 -16.79 1.65 -4.37
N GLU A 133 -17.28 1.61 -5.59
CA GLU A 133 -17.12 2.70 -6.53
C GLU A 133 -18.09 3.81 -6.17
N VAL A 2 -17.53 -4.50 -5.60
CA VAL A 2 -17.07 -5.88 -5.66
C VAL A 2 -16.04 -6.15 -4.57
N LYS A 3 -16.12 -7.32 -3.98
CA LYS A 3 -15.16 -7.74 -2.98
C LYS A 3 -14.16 -8.70 -3.62
N PHE A 4 -12.91 -8.28 -3.72
CA PHE A 4 -11.89 -9.08 -4.37
C PHE A 4 -11.14 -9.94 -3.36
N ALA A 5 -10.70 -11.11 -3.80
CA ALA A 5 -9.98 -12.03 -2.94
C ALA A 5 -8.48 -11.86 -3.11
N CYS A 6 -7.79 -11.63 -1.99
CA CYS A 6 -6.35 -11.46 -2.01
C CYS A 6 -5.71 -12.54 -1.14
N ARG A 7 -4.38 -12.57 -1.14
CA ARG A 7 -3.66 -13.46 -0.23
C ARG A 7 -3.14 -12.66 0.95
N ALA A 8 -3.56 -13.06 2.14
CA ALA A 8 -3.19 -12.37 3.38
C ALA A 8 -1.72 -12.57 3.71
N ILE A 9 -0.96 -11.48 3.67
CA ILE A 9 0.43 -11.51 4.08
C ILE A 9 0.51 -11.17 5.56
N THR A 10 0.17 -9.93 5.89
CA THR A 10 0.05 -9.52 7.28
C THR A 10 -1.41 -9.62 7.71
N ARG A 11 -1.72 -9.11 8.90
CA ARG A 11 -3.07 -9.26 9.44
C ARG A 11 -3.61 -7.92 9.93
N GLY A 12 -4.93 -7.87 10.14
CA GLY A 12 -5.57 -6.65 10.57
C GLY A 12 -6.53 -6.12 9.53
N ARG A 13 -7.51 -5.34 9.95
CA ARG A 13 -8.46 -4.73 9.03
C ARG A 13 -8.33 -3.22 9.06
N ALA A 14 -7.96 -2.64 7.94
CA ALA A 14 -7.71 -1.21 7.87
C ALA A 14 -8.65 -0.53 6.88
N GLU A 15 -9.15 0.63 7.27
CA GLU A 15 -10.04 1.43 6.44
C GLU A 15 -9.35 2.71 6.00
N GLY A 16 -9.53 3.10 4.76
CA GLY A 16 -9.00 4.37 4.32
C GLY A 16 -9.46 4.74 2.92
N GLU A 17 -9.16 5.95 2.52
CA GLU A 17 -9.45 6.42 1.17
C GLU A 17 -8.33 5.95 0.25
N ALA A 18 -8.70 5.29 -0.84
CA ALA A 18 -7.73 4.61 -1.67
C ALA A 18 -7.18 5.50 -2.78
N LEU A 19 -5.87 5.51 -2.90
CA LEU A 19 -5.19 6.15 -4.00
C LEU A 19 -4.53 5.09 -4.86
N VAL A 20 -4.76 5.17 -6.16
CA VAL A 20 -4.31 4.12 -7.06
C VAL A 20 -3.34 4.66 -8.10
N THR A 21 -2.19 4.03 -8.19
CA THR A 21 -1.20 4.40 -9.20
C THR A 21 -0.95 3.21 -10.11
N LYS A 22 -0.82 3.48 -11.41
CA LYS A 22 -0.60 2.42 -12.39
C LYS A 22 0.90 2.22 -12.61
N GLU A 23 1.69 3.12 -12.03
CA GLU A 23 3.13 3.06 -12.16
C GLU A 23 3.74 2.35 -10.96
N TYR A 24 4.80 1.59 -11.23
CA TYR A 24 5.53 0.91 -10.17
C TYR A 24 6.57 1.84 -9.56
N ILE A 25 6.93 1.60 -8.31
CA ILE A 25 7.84 2.48 -7.60
C ILE A 25 9.07 1.74 -7.11
N SER A 26 9.95 2.46 -6.43
CA SER A 26 11.12 1.87 -5.82
C SER A 26 10.98 1.92 -4.30
N PHE A 27 11.09 0.76 -3.66
CA PHE A 27 10.97 0.70 -2.21
C PHE A 27 12.23 1.20 -1.54
N LEU A 28 12.21 2.47 -1.18
CA LEU A 28 13.31 3.15 -0.52
C LEU A 28 12.82 4.47 0.05
N GLY A 29 13.74 5.38 0.37
CA GLY A 29 13.35 6.67 0.91
C GLY A 29 12.74 7.58 -0.15
N GLY A 30 11.57 7.21 -0.65
CA GLY A 30 10.89 8.01 -1.66
C GLY A 30 9.79 8.86 -1.07
N ILE A 31 9.28 8.47 0.08
CA ILE A 31 8.26 9.24 0.78
C ILE A 31 8.90 10.00 1.93
N ASP A 32 8.50 11.25 2.10
CA ASP A 32 9.04 12.09 3.17
C ASP A 32 8.58 11.59 4.54
N LYS A 33 9.53 11.48 5.46
CA LYS A 33 9.26 10.89 6.77
C LYS A 33 8.55 11.87 7.71
N GLU A 34 8.57 13.15 7.38
CA GLU A 34 8.03 14.17 8.26
C GLU A 34 6.58 14.51 7.91
N THR A 35 6.33 14.83 6.65
CA THR A 35 5.00 15.25 6.22
C THR A 35 4.29 14.16 5.42
N GLY A 36 4.98 13.06 5.18
CA GLY A 36 4.37 11.92 4.50
C GLY A 36 4.00 12.22 3.06
N ILE A 37 4.85 12.97 2.38
CA ILE A 37 4.63 13.31 0.98
C ILE A 37 5.54 12.48 0.10
N VAL A 38 4.97 11.83 -0.91
CA VAL A 38 5.75 11.02 -1.83
C VAL A 38 6.57 11.92 -2.75
N LYS A 39 7.89 11.82 -2.67
CA LYS A 39 8.79 12.61 -3.50
C LYS A 39 8.96 11.96 -4.87
N GLU A 40 8.99 10.63 -4.88
CA GLU A 40 9.06 9.89 -6.13
C GLU A 40 7.80 10.12 -6.94
N ASP A 41 7.96 10.41 -8.22
CA ASP A 41 6.83 10.86 -9.03
C ASP A 41 5.97 9.69 -9.49
N CYS A 42 4.67 9.89 -9.40
CA CYS A 42 3.68 8.90 -9.85
C CYS A 42 2.49 9.63 -10.43
N GLU A 43 2.74 10.84 -10.95
CA GLU A 43 1.71 11.73 -11.50
C GLU A 43 0.82 12.30 -10.39
N ILE A 44 0.01 11.44 -9.79
CA ILE A 44 -0.93 11.86 -8.74
C ILE A 44 -0.21 12.01 -7.40
N LYS A 45 1.10 11.85 -7.43
CA LYS A 45 1.93 11.98 -6.24
C LYS A 45 1.97 13.42 -5.76
N GLY A 46 1.91 13.60 -4.45
CA GLY A 46 1.95 14.93 -3.87
C GLY A 46 1.03 15.08 -2.67
N GLU A 47 0.32 14.01 -2.34
CA GLU A 47 -0.57 14.00 -1.21
C GLU A 47 0.05 13.28 -0.03
N SER A 48 -0.46 13.55 1.16
CA SER A 48 0.00 12.87 2.35
C SER A 48 -0.70 11.53 2.48
N VAL A 49 0.09 10.47 2.53
CA VAL A 49 -0.44 9.11 2.59
C VAL A 49 -0.72 8.68 4.03
N ALA A 50 -0.84 9.67 4.91
CA ALA A 50 -1.03 9.44 6.34
C ALA A 50 -2.38 8.80 6.60
N GLY A 51 -2.36 7.49 6.65
CA GLY A 51 -3.56 6.72 6.95
C GLY A 51 -4.41 6.48 5.73
N ARG A 52 -3.78 6.52 4.56
CA ARG A 52 -4.46 6.28 3.30
C ARG A 52 -4.27 4.84 2.84
N ILE A 53 -5.10 4.41 1.91
CA ILE A 53 -4.94 3.09 1.31
C ILE A 53 -4.30 3.24 -0.05
N LEU A 54 -3.14 2.65 -0.24
CA LEU A 54 -2.42 2.78 -1.49
C LEU A 54 -2.47 1.49 -2.29
N VAL A 55 -2.93 1.59 -3.52
CA VAL A 55 -2.96 0.46 -4.42
C VAL A 55 -1.95 0.65 -5.53
N PHE A 56 -0.86 -0.10 -5.45
CA PHE A 56 0.18 -0.08 -6.47
C PHE A 56 0.63 -1.50 -6.78
N PRO A 57 1.02 -1.77 -8.03
CA PRO A 57 1.50 -3.11 -8.42
C PRO A 57 2.72 -3.54 -7.62
N GLY A 58 3.67 -2.62 -7.47
CA GLY A 58 4.89 -2.92 -6.76
C GLY A 58 6.06 -2.17 -7.32
N GLY A 59 7.09 -2.89 -7.73
CA GLY A 59 8.25 -2.28 -8.32
C GLY A 59 9.54 -2.89 -7.83
N LYS A 60 10.54 -2.05 -7.60
CA LYS A 60 11.84 -2.52 -7.14
C LYS A 60 11.89 -2.48 -5.61
N GLY A 61 11.76 -3.64 -4.99
CA GLY A 61 11.72 -3.73 -3.55
C GLY A 61 13.09 -3.95 -2.94
N SER A 62 13.80 -2.86 -2.72
CA SER A 62 15.09 -2.89 -2.07
C SER A 62 14.93 -3.04 -0.56
N THR A 63 15.95 -3.58 0.10
CA THR A 63 15.87 -3.84 1.54
C THR A 63 15.82 -2.56 2.35
N VAL A 64 16.26 -1.46 1.73
CA VAL A 64 16.24 -0.16 2.38
C VAL A 64 14.81 0.32 2.60
N GLY A 65 13.91 -0.14 1.74
CA GLY A 65 12.51 0.25 1.83
C GLY A 65 11.70 -0.63 2.75
N SER A 66 12.39 -1.47 3.52
CA SER A 66 11.72 -2.36 4.46
C SER A 66 11.40 -1.62 5.77
N TYR A 67 12.44 -1.07 6.39
CA TYR A 67 12.28 -0.45 7.70
C TYR A 67 11.66 0.95 7.61
N VAL A 68 11.64 1.52 6.40
CA VAL A 68 11.08 2.86 6.23
C VAL A 68 9.57 2.86 6.49
N LEU A 69 8.93 1.72 6.24
CA LEU A 69 7.50 1.59 6.48
C LEU A 69 7.19 1.78 7.95
N LEU A 70 8.04 1.22 8.80
CA LEU A 70 7.88 1.35 10.24
C LEU A 70 8.16 2.78 10.68
N ASN A 71 9.22 3.38 10.12
CA ASN A 71 9.59 4.75 10.40
C ASN A 71 8.42 5.69 10.08
N LEU A 72 7.87 5.54 8.89
CA LEU A 72 6.75 6.36 8.44
C LEU A 72 5.53 6.14 9.33
N ARG A 73 5.23 4.87 9.63
CA ARG A 73 4.06 4.53 10.42
C ARG A 73 4.20 5.07 11.84
N LYS A 74 5.40 4.98 12.38
CA LYS A 74 5.68 5.45 13.73
C LYS A 74 5.43 6.95 13.83
N ASN A 75 5.65 7.68 12.74
CA ASN A 75 5.41 9.11 12.73
C ASN A 75 3.99 9.40 12.27
N GLY A 76 3.30 8.36 11.81
CA GLY A 76 1.90 8.47 11.45
C GLY A 76 1.70 9.02 10.06
N VAL A 77 2.75 9.01 9.26
CA VAL A 77 2.69 9.56 7.91
C VAL A 77 2.69 8.47 6.84
N ALA A 78 2.60 7.23 7.28
CA ALA A 78 2.59 6.08 6.38
C ALA A 78 1.16 5.71 6.02
N PRO A 79 0.98 4.98 4.90
CA PRO A 79 -0.32 4.41 4.54
C PRO A 79 -0.84 3.49 5.64
N LYS A 80 -2.15 3.41 5.76
CA LYS A 80 -2.76 2.58 6.80
C LYS A 80 -2.78 1.12 6.34
N ALA A 81 -2.78 0.94 5.02
CA ALA A 81 -2.73 -0.38 4.42
C ALA A 81 -2.44 -0.25 2.93
N ILE A 82 -1.87 -1.29 2.34
CA ILE A 82 -1.52 -1.26 0.93
C ILE A 82 -1.89 -2.57 0.24
N ILE A 83 -2.29 -2.49 -1.02
CA ILE A 83 -2.62 -3.68 -1.80
C ILE A 83 -1.68 -3.77 -3.00
N ASN A 84 -0.98 -4.89 -3.14
CA ASN A 84 0.00 -5.06 -4.21
C ASN A 84 -0.34 -6.27 -5.05
N LYS A 85 0.35 -6.46 -6.16
CA LYS A 85 0.15 -7.64 -6.97
C LYS A 85 1.20 -8.70 -6.64
N LYS A 86 2.38 -8.23 -6.29
CA LYS A 86 3.46 -9.12 -5.89
C LYS A 86 4.20 -8.56 -4.69
N THR A 87 4.08 -9.24 -3.57
CA THR A 87 4.71 -8.84 -2.34
C THR A 87 6.01 -9.60 -2.11
N GLU A 88 7.08 -8.87 -1.86
CA GLU A 88 8.38 -9.47 -1.55
C GLU A 88 8.48 -9.71 -0.04
N THR A 89 9.26 -10.71 0.34
CA THR A 89 9.48 -11.02 1.74
C THR A 89 10.03 -9.80 2.50
N ILE A 90 10.93 -9.07 1.84
CA ILE A 90 11.49 -7.84 2.42
C ILE A 90 10.38 -6.87 2.80
N ILE A 91 9.38 -6.77 1.93
CA ILE A 91 8.27 -5.86 2.13
C ILE A 91 7.37 -6.38 3.26
N ALA A 92 7.14 -7.68 3.26
CA ALA A 92 6.31 -8.34 4.27
C ALA A 92 6.84 -8.08 5.67
N VAL A 93 8.15 -8.25 5.85
CA VAL A 93 8.79 -8.03 7.14
C VAL A 93 8.61 -6.58 7.59
N GLY A 94 8.83 -5.65 6.66
CA GLY A 94 8.67 -4.24 6.98
C GLY A 94 7.24 -3.89 7.37
N ALA A 95 6.29 -4.35 6.56
CA ALA A 95 4.88 -4.06 6.79
C ALA A 95 4.37 -4.73 8.06
N ALA A 96 4.91 -5.91 8.37
CA ALA A 96 4.52 -6.64 9.58
C ALA A 96 4.90 -5.87 10.83
N MET A 97 6.11 -5.33 10.85
CA MET A 97 6.61 -4.58 12.00
C MET A 97 5.87 -3.25 12.16
N ALA A 98 5.48 -2.68 11.03
CA ALA A 98 4.78 -1.40 11.02
C ALA A 98 3.28 -1.57 11.21
N GLU A 99 2.83 -2.83 11.19
CA GLU A 99 1.41 -3.16 11.29
C GLU A 99 0.64 -2.54 10.13
N ILE A 100 1.16 -2.74 8.92
CA ILE A 100 0.53 -2.26 7.71
C ILE A 100 -0.02 -3.43 6.90
N PRO A 101 -1.29 -3.81 7.14
CA PRO A 101 -1.94 -4.92 6.46
C PRO A 101 -1.84 -4.79 4.93
N LEU A 102 -1.14 -5.73 4.33
CA LEU A 102 -0.98 -5.73 2.88
C LEU A 102 -1.33 -7.11 2.32
N VAL A 103 -1.95 -7.11 1.15
CA VAL A 103 -2.36 -8.33 0.51
C VAL A 103 -2.00 -8.29 -0.98
N GLU A 104 -1.85 -9.45 -1.58
CA GLU A 104 -1.49 -9.52 -2.99
C GLU A 104 -2.70 -9.86 -3.86
N VAL A 105 -2.80 -9.16 -4.98
CA VAL A 105 -3.81 -9.45 -5.99
C VAL A 105 -3.15 -9.66 -7.35
N ARG A 106 -3.15 -10.90 -7.82
CA ARG A 106 -2.61 -11.21 -9.14
C ARG A 106 -3.69 -11.05 -10.20
N ASP A 107 -4.75 -10.33 -9.82
CA ASP A 107 -5.85 -10.02 -10.73
C ASP A 107 -5.63 -8.65 -11.36
N GLU A 108 -5.61 -8.62 -12.68
CA GLU A 108 -5.35 -7.41 -13.43
C GLU A 108 -6.53 -6.44 -13.33
N LYS A 109 -7.75 -6.97 -13.38
CA LYS A 109 -8.93 -6.13 -13.48
C LYS A 109 -9.19 -5.36 -12.19
N PHE A 110 -8.61 -5.81 -11.09
CA PHE A 110 -8.64 -5.05 -9.85
C PHE A 110 -8.07 -3.66 -10.09
N PHE A 111 -6.89 -3.62 -10.71
CA PHE A 111 -6.20 -2.36 -10.99
C PHE A 111 -6.87 -1.65 -12.16
N GLU A 112 -7.50 -2.44 -13.01
CA GLU A 112 -8.19 -1.96 -14.18
C GLU A 112 -9.39 -1.09 -13.79
N ALA A 113 -10.16 -1.56 -12.81
CA ALA A 113 -11.44 -0.94 -12.47
C ALA A 113 -11.33 0.04 -11.31
N VAL A 114 -10.37 -0.18 -10.41
CA VAL A 114 -10.26 0.64 -9.21
C VAL A 114 -9.85 2.08 -9.56
N LYS A 115 -10.53 3.04 -8.95
CA LYS A 115 -10.22 4.44 -9.15
C LYS A 115 -9.63 5.04 -7.90
N THR A 116 -8.88 6.13 -8.07
CA THR A 116 -8.27 6.80 -6.95
C THR A 116 -9.23 7.83 -6.34
N GLY A 117 -9.43 7.75 -5.04
CA GLY A 117 -10.31 8.69 -4.36
C GLY A 117 -11.56 8.05 -3.81
N ASP A 118 -11.70 6.75 -3.99
CA ASP A 118 -12.85 6.02 -3.46
C ASP A 118 -12.48 5.26 -2.19
N ARG A 119 -13.40 4.44 -1.70
CA ARG A 119 -13.23 3.79 -0.41
C ARG A 119 -12.82 2.34 -0.56
N VAL A 120 -11.73 1.97 0.10
CA VAL A 120 -11.27 0.59 0.12
C VAL A 120 -10.91 0.17 1.54
N VAL A 121 -11.53 -0.90 2.00
CA VAL A 121 -11.24 -1.45 3.31
C VAL A 121 -10.65 -2.84 3.15
N VAL A 122 -9.48 -3.06 3.72
CA VAL A 122 -8.80 -4.34 3.56
C VAL A 122 -8.84 -5.13 4.86
N ASN A 123 -9.37 -6.34 4.77
CA ASN A 123 -9.35 -7.27 5.88
C ASN A 123 -8.28 -8.32 5.63
N ALA A 124 -7.09 -8.10 6.21
CA ALA A 124 -5.96 -8.99 5.99
C ALA A 124 -6.05 -10.20 6.91
N ASP A 125 -7.15 -10.31 7.64
CA ASP A 125 -7.40 -11.48 8.48
C ASP A 125 -7.66 -12.69 7.61
N GLU A 126 -8.38 -12.48 6.51
CA GLU A 126 -8.62 -13.53 5.52
C GLU A 126 -7.97 -13.18 4.19
N GLY A 127 -7.72 -11.90 3.96
CA GLY A 127 -7.21 -11.46 2.67
C GLY A 127 -8.35 -11.06 1.76
N TYR A 128 -9.04 -9.99 2.13
CA TYR A 128 -10.28 -9.62 1.47
C TYR A 128 -10.39 -8.10 1.40
N VAL A 129 -10.59 -7.56 0.21
CA VAL A 129 -10.66 -6.11 0.05
C VAL A 129 -12.07 -5.67 -0.37
N GLU A 130 -12.55 -4.62 0.29
CA GLU A 130 -13.82 -4.02 -0.05
C GLU A 130 -13.62 -2.82 -0.96
N LEU A 131 -13.97 -2.95 -2.23
CA LEU A 131 -13.90 -1.84 -3.16
C LEU A 131 -15.29 -1.24 -3.36
N ILE A 132 -15.51 -0.05 -2.82
CA ILE A 132 -16.80 0.60 -2.96
C ILE A 132 -16.65 1.93 -3.66
N GLU A 133 -17.41 2.10 -4.72
CA GLU A 133 -17.42 3.34 -5.47
C GLU A 133 -18.45 4.28 -4.85
N VAL A 2 -18.44 -5.58 -6.43
CA VAL A 2 -17.27 -6.44 -6.45
C VAL A 2 -16.57 -6.51 -5.09
N LYS A 3 -16.38 -7.72 -4.61
CA LYS A 3 -15.56 -7.98 -3.44
C LYS A 3 -14.44 -8.94 -3.83
N PHE A 4 -13.21 -8.51 -3.65
CA PHE A 4 -12.07 -9.29 -4.11
C PHE A 4 -11.48 -10.14 -3.00
N ALA A 5 -10.91 -11.27 -3.38
CA ALA A 5 -10.26 -12.16 -2.43
C ALA A 5 -8.77 -12.18 -2.70
N CYS A 6 -7.99 -11.84 -1.69
CA CYS A 6 -6.54 -11.77 -1.84
C CYS A 6 -5.85 -12.71 -0.86
N ARG A 7 -4.55 -12.87 -1.02
CA ARG A 7 -3.76 -13.69 -0.11
C ARG A 7 -3.17 -12.81 0.98
N ALA A 8 -3.59 -13.07 2.21
CA ALA A 8 -3.15 -12.29 3.35
C ALA A 8 -1.72 -12.65 3.74
N ILE A 9 -0.80 -11.72 3.52
CA ILE A 9 0.56 -11.88 4.00
C ILE A 9 0.63 -11.39 5.43
N THR A 10 0.22 -10.15 5.62
CA THR A 10 0.05 -9.59 6.95
C THR A 10 -1.42 -9.64 7.32
N ARG A 11 -1.75 -9.28 8.54
CA ARG A 11 -3.14 -9.20 8.96
C ARG A 11 -3.50 -7.79 9.38
N GLY A 12 -4.76 -7.56 9.68
CA GLY A 12 -5.21 -6.24 10.05
C GLY A 12 -6.31 -5.74 9.14
N ARG A 13 -7.24 -5.00 9.71
CA ARG A 13 -8.32 -4.40 8.93
C ARG A 13 -8.27 -2.89 9.05
N ALA A 14 -8.36 -2.22 7.91
CA ALA A 14 -8.29 -0.77 7.88
C ALA A 14 -9.03 -0.23 6.68
N GLU A 15 -9.65 0.92 6.85
CA GLU A 15 -10.36 1.57 5.75
C GLU A 15 -9.82 2.98 5.57
N GLY A 16 -9.69 3.40 4.32
CA GLY A 16 -9.19 4.72 4.03
C GLY A 16 -9.35 5.07 2.57
N GLU A 17 -9.00 6.30 2.21
CA GLU A 17 -9.02 6.70 0.82
C GLU A 17 -7.94 5.94 0.06
N ALA A 18 -8.32 5.32 -1.04
CA ALA A 18 -7.42 4.50 -1.81
C ALA A 18 -6.55 5.35 -2.72
N LEU A 19 -5.25 5.18 -2.59
CA LEU A 19 -4.31 5.84 -3.45
C LEU A 19 -3.71 4.80 -4.38
N VAL A 20 -4.08 4.86 -5.65
CA VAL A 20 -3.68 3.85 -6.61
C VAL A 20 -2.54 4.36 -7.48
N THR A 21 -1.48 3.58 -7.57
CA THR A 21 -0.31 3.95 -8.32
C THR A 21 0.01 2.89 -9.37
N LYS A 22 -0.20 3.22 -10.63
CA LYS A 22 0.13 2.30 -11.71
C LYS A 22 1.57 2.52 -12.17
N GLU A 23 2.32 3.21 -11.33
CA GLU A 23 3.74 3.45 -11.57
C GLU A 23 4.55 2.25 -11.08
N TYR A 24 5.76 2.11 -11.58
CA TYR A 24 6.66 1.06 -11.14
C TYR A 24 7.92 1.66 -10.55
N ILE A 25 7.83 2.05 -9.29
CA ILE A 25 8.93 2.71 -8.61
C ILE A 25 9.58 1.81 -7.59
N SER A 26 10.71 2.26 -7.12
CA SER A 26 11.45 1.58 -6.09
C SER A 26 10.99 2.09 -4.73
N PHE A 27 10.52 1.19 -3.87
CA PHE A 27 10.00 1.59 -2.56
C PHE A 27 11.04 2.38 -1.78
N LEU A 28 12.10 1.69 -1.35
CA LEU A 28 13.22 2.31 -0.64
C LEU A 28 12.78 3.02 0.64
N GLY A 29 12.36 4.27 0.49
CA GLY A 29 11.94 5.07 1.61
C GLY A 29 11.77 6.52 1.21
N GLY A 30 11.18 6.71 0.04
CA GLY A 30 11.05 8.04 -0.54
C GLY A 30 9.98 8.88 0.13
N ILE A 31 9.21 8.27 1.01
CA ILE A 31 8.21 9.01 1.76
C ILE A 31 8.87 9.72 2.93
N ASP A 32 8.78 11.05 2.94
CA ASP A 32 9.37 11.83 4.02
C ASP A 32 8.63 11.56 5.32
N LYS A 33 9.39 11.22 6.35
CA LYS A 33 8.81 10.79 7.62
C LYS A 33 8.21 11.95 8.42
N GLU A 34 8.47 13.17 7.99
CA GLU A 34 8.01 14.33 8.70
C GLU A 34 6.72 14.89 8.10
N THR A 35 6.61 14.81 6.78
CA THR A 35 5.44 15.33 6.08
C THR A 35 4.54 14.20 5.58
N GLY A 36 5.13 13.09 5.16
CA GLY A 36 4.37 12.00 4.58
C GLY A 36 4.20 12.17 3.08
N ILE A 37 5.01 13.05 2.52
CA ILE A 37 4.99 13.31 1.08
C ILE A 37 6.05 12.47 0.38
N VAL A 38 5.70 11.92 -0.77
CA VAL A 38 6.65 11.16 -1.57
C VAL A 38 7.67 12.09 -2.24
N LYS A 39 8.93 11.94 -1.85
CA LYS A 39 9.99 12.78 -2.38
C LYS A 39 10.59 12.18 -3.65
N GLU A 40 10.20 10.97 -3.98
CA GLU A 40 10.72 10.32 -5.18
C GLU A 40 9.80 10.63 -6.36
N ASP A 41 10.38 10.63 -7.55
CA ASP A 41 9.69 11.08 -8.75
C ASP A 41 8.72 10.01 -9.25
N CYS A 42 7.52 10.45 -9.59
CA CYS A 42 6.47 9.58 -10.09
C CYS A 42 5.35 10.43 -10.67
N GLU A 43 4.36 9.81 -11.30
CA GLU A 43 3.26 10.56 -11.91
C GLU A 43 2.49 11.36 -10.85
N ILE A 44 2.34 10.78 -9.67
CA ILE A 44 1.62 11.43 -8.57
C ILE A 44 2.60 11.94 -7.53
N LYS A 45 3.67 12.54 -8.03
CA LYS A 45 4.73 13.09 -7.20
C LYS A 45 4.22 14.28 -6.41
N GLY A 46 4.33 14.19 -5.09
CA GLY A 46 3.86 15.25 -4.24
C GLY A 46 2.63 14.86 -3.44
N GLU A 47 2.12 13.66 -3.66
CA GLU A 47 0.97 13.16 -2.92
C GLU A 47 1.39 12.66 -1.54
N SER A 48 0.45 12.65 -0.60
CA SER A 48 0.70 12.20 0.74
C SER A 48 0.13 10.79 0.94
N VAL A 49 0.89 9.93 1.58
CA VAL A 49 0.46 8.55 1.82
C VAL A 49 -0.11 8.39 3.22
N ALA A 50 -0.09 9.48 3.99
CA ALA A 50 -0.55 9.48 5.36
C ALA A 50 -2.03 9.22 5.45
N GLY A 51 -2.36 7.97 5.66
CA GLY A 51 -3.73 7.58 5.85
C GLY A 51 -4.40 7.15 4.57
N ARG A 52 -3.59 6.84 3.57
CA ARG A 52 -4.11 6.40 2.29
C ARG A 52 -3.82 4.92 2.08
N ILE A 53 -4.67 4.25 1.34
CA ILE A 53 -4.45 2.84 1.04
C ILE A 53 -3.78 2.72 -0.33
N LEU A 54 -2.49 2.41 -0.30
CA LEU A 54 -1.70 2.37 -1.52
C LEU A 54 -1.90 1.08 -2.28
N VAL A 55 -2.44 1.20 -3.48
CA VAL A 55 -2.63 0.07 -4.36
C VAL A 55 -1.75 0.22 -5.59
N PHE A 56 -0.70 -0.56 -5.64
CA PHE A 56 0.20 -0.56 -6.80
C PHE A 56 0.52 -1.99 -7.21
N PRO A 57 0.74 -2.22 -8.51
CA PRO A 57 1.08 -3.56 -9.02
C PRO A 57 2.42 -4.06 -8.50
N GLY A 58 3.40 -3.17 -8.45
CA GLY A 58 4.72 -3.53 -7.99
C GLY A 58 5.75 -2.46 -8.30
N GLY A 59 6.98 -2.88 -8.53
CA GLY A 59 8.04 -1.94 -8.83
C GLY A 59 9.41 -2.58 -8.79
N LYS A 60 10.39 -1.86 -8.25
CA LYS A 60 11.75 -2.38 -8.16
C LYS A 60 11.98 -3.09 -6.82
N GLY A 61 12.68 -4.22 -6.87
CA GLY A 61 12.96 -4.98 -5.67
C GLY A 61 14.35 -4.71 -5.14
N SER A 62 14.44 -3.70 -4.30
CA SER A 62 15.72 -3.31 -3.72
C SER A 62 15.91 -3.94 -2.34
N THR A 63 17.16 -4.15 -1.95
CA THR A 63 17.50 -4.81 -0.70
C THR A 63 17.49 -3.80 0.46
N VAL A 64 16.40 -3.04 0.54
CA VAL A 64 16.23 -1.96 1.53
C VAL A 64 16.58 -2.42 2.94
N GLY A 65 16.03 -3.55 3.35
CA GLY A 65 16.24 -4.02 4.69
C GLY A 65 15.11 -3.61 5.62
N SER A 66 13.98 -3.22 5.03
CA SER A 66 12.73 -2.93 5.76
C SER A 66 12.94 -1.80 6.78
N TYR A 67 12.12 -1.82 7.85
CA TYR A 67 12.17 -0.80 8.92
C TYR A 67 11.50 0.51 8.51
N VAL A 68 11.77 0.96 7.29
CA VAL A 68 11.29 2.26 6.80
C VAL A 68 9.78 2.44 6.97
N LEU A 69 9.01 1.36 6.78
CA LEU A 69 7.56 1.44 6.90
C LEU A 69 7.13 1.69 8.34
N LEU A 70 7.87 1.12 9.28
CA LEU A 70 7.57 1.26 10.69
C LEU A 70 7.86 2.69 11.15
N ASN A 71 8.96 3.23 10.66
CA ASN A 71 9.35 4.61 10.95
C ASN A 71 8.22 5.58 10.59
N LEU A 72 7.60 5.35 9.44
CA LEU A 72 6.53 6.19 8.95
C LEU A 72 5.34 6.18 9.90
N ARG A 73 5.00 5.00 10.41
CA ARG A 73 3.80 4.86 11.23
C ARG A 73 4.01 5.45 12.61
N LYS A 74 5.25 5.53 13.05
CA LYS A 74 5.55 6.05 14.38
C LYS A 74 5.39 7.56 14.41
N ASN A 75 5.55 8.22 13.27
CA ASN A 75 5.34 9.65 13.20
C ASN A 75 3.90 9.95 12.80
N GLY A 76 3.30 9.03 12.06
CA GLY A 76 1.91 9.19 11.67
C GLY A 76 1.75 9.54 10.21
N VAL A 77 2.75 9.22 9.41
CA VAL A 77 2.73 9.54 8.00
C VAL A 77 2.68 8.26 7.15
N ALA A 78 2.23 7.18 7.77
CA ALA A 78 2.17 5.88 7.10
C ALA A 78 0.82 5.65 6.43
N PRO A 79 0.78 4.80 5.40
CA PRO A 79 -0.46 4.41 4.72
C PRO A 79 -1.35 3.54 5.60
N LYS A 80 -2.64 3.50 5.28
CA LYS A 80 -3.58 2.67 6.01
C LYS A 80 -3.33 1.19 5.73
N ALA A 81 -3.12 0.86 4.47
CA ALA A 81 -2.89 -0.52 4.06
C ALA A 81 -2.28 -0.56 2.67
N ILE A 82 -1.73 -1.71 2.30
CA ILE A 82 -1.07 -1.87 1.01
C ILE A 82 -1.65 -3.08 0.27
N ILE A 83 -2.14 -2.89 -0.95
CA ILE A 83 -2.64 -4.00 -1.76
C ILE A 83 -1.82 -4.09 -3.04
N ASN A 84 -1.10 -5.18 -3.22
CA ASN A 84 -0.20 -5.33 -4.36
C ASN A 84 -0.49 -6.61 -5.12
N LYS A 85 -0.09 -6.64 -6.39
CA LYS A 85 -0.20 -7.83 -7.20
C LYS A 85 0.80 -8.86 -6.66
N LYS A 86 2.05 -8.43 -6.54
CA LYS A 86 3.08 -9.20 -5.88
C LYS A 86 4.15 -8.25 -5.37
N THR A 87 4.23 -8.12 -4.06
CA THR A 87 5.18 -7.24 -3.43
C THR A 87 6.48 -7.98 -3.10
N GLU A 88 7.52 -7.23 -2.77
CA GLU A 88 8.81 -7.84 -2.44
C GLU A 88 8.84 -8.25 -0.99
N THR A 89 9.65 -9.27 -0.70
CA THR A 89 9.78 -9.82 0.64
C THR A 89 10.23 -8.75 1.63
N ILE A 90 11.08 -7.83 1.16
CA ILE A 90 11.58 -6.74 1.98
C ILE A 90 10.41 -5.86 2.46
N ILE A 91 9.46 -5.64 1.57
CA ILE A 91 8.29 -4.83 1.89
C ILE A 91 7.30 -5.63 2.74
N ALA A 92 7.10 -6.89 2.37
CA ALA A 92 6.17 -7.77 3.09
C ALA A 92 6.51 -7.85 4.57
N VAL A 93 7.77 -8.09 4.89
CA VAL A 93 8.22 -8.17 6.26
C VAL A 93 8.22 -6.79 6.91
N GLY A 94 8.63 -5.78 6.14
CA GLY A 94 8.69 -4.43 6.65
C GLY A 94 7.33 -3.90 7.07
N ALA A 95 6.31 -4.19 6.27
CA ALA A 95 4.96 -3.74 6.57
C ALA A 95 4.36 -4.57 7.70
N ALA A 96 4.77 -5.84 7.78
CA ALA A 96 4.36 -6.71 8.88
C ALA A 96 4.83 -6.15 10.21
N MET A 97 6.04 -5.59 10.20
CA MET A 97 6.61 -4.95 11.38
C MET A 97 5.82 -3.70 11.75
N ALA A 98 5.46 -2.92 10.74
CA ALA A 98 4.74 -1.68 10.94
C ALA A 98 3.24 -1.92 11.14
N GLU A 99 2.81 -3.17 11.01
CA GLU A 99 1.40 -3.53 11.12
C GLU A 99 0.60 -2.80 10.04
N ILE A 100 1.21 -2.68 8.86
CA ILE A 100 0.56 -2.11 7.69
C ILE A 100 0.19 -3.23 6.72
N PRO A 101 -1.01 -3.80 6.88
CA PRO A 101 -1.42 -5.01 6.18
C PRO A 101 -1.28 -4.92 4.66
N LEU A 102 -0.43 -5.78 4.11
CA LEU A 102 -0.33 -5.92 2.67
C LEU A 102 -0.71 -7.33 2.25
N VAL A 103 -1.30 -7.45 1.06
CA VAL A 103 -1.81 -8.72 0.57
C VAL A 103 -1.43 -8.94 -0.88
N GLU A 104 -1.55 -10.18 -1.34
CA GLU A 104 -1.31 -10.52 -2.74
C GLU A 104 -2.64 -10.58 -3.48
N VAL A 105 -2.84 -9.67 -4.42
CA VAL A 105 -4.02 -9.71 -5.27
C VAL A 105 -3.62 -10.07 -6.69
N ARG A 106 -4.04 -11.24 -7.13
CA ARG A 106 -3.62 -11.78 -8.42
C ARG A 106 -4.65 -11.47 -9.50
N ASP A 107 -5.38 -10.38 -9.32
CA ASP A 107 -6.40 -9.98 -10.27
C ASP A 107 -6.06 -8.63 -10.89
N GLU A 108 -5.93 -8.60 -12.21
CA GLU A 108 -5.58 -7.37 -12.92
C GLU A 108 -6.76 -6.40 -12.95
N LYS A 109 -7.96 -6.94 -13.01
CA LYS A 109 -9.18 -6.14 -13.12
C LYS A 109 -9.34 -5.22 -11.91
N PHE A 110 -8.93 -5.70 -10.75
CA PHE A 110 -8.96 -4.94 -9.51
C PHE A 110 -8.28 -3.57 -9.68
N PHE A 111 -7.10 -3.56 -10.29
CA PHE A 111 -6.31 -2.34 -10.40
C PHE A 111 -6.95 -1.35 -11.37
N GLU A 112 -7.79 -1.87 -12.26
CA GLU A 112 -8.51 -1.04 -13.18
C GLU A 112 -9.83 -0.57 -12.59
N ALA A 113 -10.38 -1.39 -11.70
CA ALA A 113 -11.62 -1.04 -11.02
C ALA A 113 -11.38 0.09 -10.02
N VAL A 114 -10.31 -0.03 -9.25
CA VAL A 114 -10.01 0.95 -8.22
C VAL A 114 -9.11 2.06 -8.76
N LYS A 115 -9.46 3.31 -8.46
CA LYS A 115 -8.64 4.45 -8.83
C LYS A 115 -8.42 5.31 -7.60
N THR A 116 -7.40 6.17 -7.65
CA THR A 116 -7.10 7.03 -6.53
C THR A 116 -8.25 8.01 -6.28
N GLY A 117 -8.74 8.01 -5.04
CA GLY A 117 -9.84 8.90 -4.70
C GLY A 117 -11.08 8.16 -4.25
N ASP A 118 -11.14 6.86 -4.55
CA ASP A 118 -12.23 6.02 -4.07
C ASP A 118 -11.85 5.40 -2.73
N ARG A 119 -12.78 4.68 -2.11
CA ARG A 119 -12.52 4.15 -0.77
C ARG A 119 -12.52 2.64 -0.77
N VAL A 120 -11.47 2.08 -0.17
CA VAL A 120 -11.32 0.64 -0.07
C VAL A 120 -11.34 0.22 1.40
N VAL A 121 -11.99 -0.90 1.68
CA VAL A 121 -11.95 -1.50 3.00
C VAL A 121 -11.05 -2.72 2.95
N VAL A 122 -9.88 -2.61 3.56
CA VAL A 122 -8.89 -3.68 3.49
C VAL A 122 -9.02 -4.62 4.67
N ASN A 123 -9.29 -5.88 4.38
CA ASN A 123 -9.37 -6.90 5.39
C ASN A 123 -8.26 -7.92 5.16
N ALA A 124 -7.12 -7.72 5.81
CA ALA A 124 -6.00 -8.63 5.64
C ALA A 124 -6.01 -9.70 6.72
N ASP A 125 -7.00 -9.62 7.60
CA ASP A 125 -7.15 -10.61 8.65
C ASP A 125 -7.85 -11.84 8.08
N GLU A 126 -8.84 -11.59 7.24
CA GLU A 126 -9.56 -12.65 6.56
C GLU A 126 -9.04 -12.84 5.13
N GLY A 127 -8.50 -11.77 4.55
CA GLY A 127 -7.95 -11.85 3.20
C GLY A 127 -8.97 -11.44 2.15
N TYR A 128 -9.45 -10.21 2.25
CA TYR A 128 -10.50 -9.73 1.37
C TYR A 128 -10.34 -8.24 1.12
N VAL A 129 -10.71 -7.81 -0.08
CA VAL A 129 -10.68 -6.41 -0.44
C VAL A 129 -12.08 -5.94 -0.81
N GLU A 130 -12.67 -5.12 0.05
CA GLU A 130 -14.00 -4.61 -0.21
C GLU A 130 -13.91 -3.19 -0.76
N LEU A 131 -14.20 -3.04 -2.03
CA LEU A 131 -14.19 -1.73 -2.66
C LEU A 131 -15.57 -1.12 -2.64
N ILE A 132 -15.66 0.13 -2.23
CA ILE A 132 -16.92 0.83 -2.26
C ILE A 132 -16.81 2.03 -3.16
N GLU A 133 -17.56 1.97 -4.24
CA GLU A 133 -17.59 3.04 -5.22
C GLU A 133 -18.24 4.27 -4.60
N VAL A 2 -18.73 -6.20 -3.93
CA VAL A 2 -17.79 -7.14 -4.56
C VAL A 2 -16.47 -7.18 -3.80
N LYS A 3 -16.13 -8.37 -3.35
CA LYS A 3 -14.90 -8.60 -2.62
C LYS A 3 -13.91 -9.36 -3.47
N PHE A 4 -12.74 -8.78 -3.67
CA PHE A 4 -11.69 -9.45 -4.42
C PHE A 4 -10.84 -10.28 -3.45
N ALA A 5 -10.53 -11.49 -3.84
CA ALA A 5 -9.78 -12.40 -3.00
C ALA A 5 -8.30 -12.34 -3.32
N CYS A 6 -7.52 -11.89 -2.35
CA CYS A 6 -6.08 -11.79 -2.52
C CYS A 6 -5.40 -12.65 -1.45
N ARG A 7 -4.13 -12.97 -1.64
CA ARG A 7 -3.41 -13.77 -0.65
C ARG A 7 -2.69 -12.87 0.33
N ALA A 8 -2.96 -13.06 1.61
CA ALA A 8 -2.46 -12.17 2.64
C ALA A 8 -1.18 -12.70 3.26
N ILE A 9 -0.24 -11.80 3.49
CA ILE A 9 0.98 -12.15 4.20
C ILE A 9 0.90 -11.63 5.63
N THR A 10 0.51 -10.36 5.75
CA THR A 10 0.26 -9.76 7.04
C THR A 10 -1.25 -9.68 7.28
N ARG A 11 -1.65 -9.35 8.49
CA ARG A 11 -3.07 -9.33 8.83
C ARG A 11 -3.48 -7.99 9.41
N GLY A 12 -4.74 -7.91 9.84
CA GLY A 12 -5.31 -6.65 10.26
C GLY A 12 -6.30 -6.13 9.23
N ARG A 13 -6.95 -5.02 9.54
CA ARG A 13 -7.90 -4.41 8.61
C ARG A 13 -7.88 -2.90 8.78
N ALA A 14 -8.16 -2.18 7.69
CA ALA A 14 -8.15 -0.74 7.71
C ALA A 14 -9.03 -0.17 6.62
N GLU A 15 -9.48 1.06 6.83
CA GLU A 15 -10.28 1.77 5.84
C GLU A 15 -9.63 3.10 5.51
N GLY A 16 -9.52 3.39 4.23
CA GLY A 16 -8.95 4.66 3.82
C GLY A 16 -9.28 4.97 2.38
N GLU A 17 -8.89 6.17 1.95
CA GLU A 17 -9.08 6.57 0.57
C GLU A 17 -8.11 5.79 -0.31
N ALA A 18 -8.60 5.24 -1.42
CA ALA A 18 -7.79 4.44 -2.29
C ALA A 18 -6.94 5.30 -3.20
N LEU A 19 -5.64 5.12 -3.11
CA LEU A 19 -4.69 5.82 -3.96
C LEU A 19 -4.03 4.82 -4.88
N VAL A 20 -4.30 4.92 -6.17
CA VAL A 20 -3.74 3.99 -7.14
C VAL A 20 -2.58 4.62 -7.89
N THR A 21 -1.39 4.13 -7.60
CA THR A 21 -0.19 4.59 -8.30
C THR A 21 0.00 3.77 -9.56
N LYS A 22 -0.07 4.42 -10.70
CA LYS A 22 0.02 3.73 -11.98
C LYS A 22 1.46 3.28 -12.24
N GLU A 23 2.40 3.99 -11.64
CA GLU A 23 3.81 3.68 -11.80
C GLU A 23 4.28 2.73 -10.72
N TYR A 24 5.30 1.95 -11.04
CA TYR A 24 5.89 1.02 -10.10
C TYR A 24 7.02 1.69 -9.33
N ILE A 25 6.67 2.28 -8.20
CA ILE A 25 7.64 2.98 -7.38
C ILE A 25 8.33 2.03 -6.42
N SER A 26 9.59 2.32 -6.19
CA SER A 26 10.45 1.46 -5.43
C SER A 26 10.44 1.82 -3.94
N PHE A 27 10.65 0.82 -3.10
CA PHE A 27 10.67 1.02 -1.65
C PHE A 27 12.06 1.44 -1.19
N LEU A 28 12.90 1.84 -2.14
CA LEU A 28 14.28 2.21 -1.84
C LEU A 28 14.36 3.56 -1.13
N GLY A 29 13.22 4.25 -1.04
CA GLY A 29 13.18 5.52 -0.35
C GLY A 29 12.59 6.62 -1.22
N GLY A 30 11.29 6.54 -1.47
CA GLY A 30 10.63 7.54 -2.30
C GLY A 30 9.77 8.49 -1.50
N ILE A 31 9.29 8.04 -0.34
CA ILE A 31 8.41 8.83 0.50
C ILE A 31 9.22 9.62 1.53
N ASP A 32 8.91 10.90 1.67
CA ASP A 32 9.54 11.73 2.69
C ASP A 32 9.07 11.31 4.09
N LYS A 33 10.02 11.21 5.00
CA LYS A 33 9.78 10.64 6.33
C LYS A 33 8.98 11.58 7.24
N GLU A 34 8.86 12.83 6.87
CA GLU A 34 8.21 13.83 7.73
C GLU A 34 6.82 14.20 7.22
N THR A 35 6.73 14.43 5.92
CA THR A 35 5.51 14.92 5.31
C THR A 35 4.67 13.79 4.71
N GLY A 36 5.34 12.71 4.32
CA GLY A 36 4.66 11.64 3.64
C GLY A 36 4.52 11.89 2.16
N ILE A 37 5.17 12.96 1.69
CA ILE A 37 5.14 13.33 0.29
C ILE A 37 6.16 12.51 -0.50
N VAL A 38 5.76 11.97 -1.63
CA VAL A 38 6.70 11.22 -2.46
C VAL A 38 7.60 12.16 -3.25
N LYS A 39 8.89 11.88 -3.20
CA LYS A 39 9.87 12.66 -3.94
C LYS A 39 10.17 11.98 -5.27
N GLU A 40 9.75 10.73 -5.37
CA GLU A 40 10.03 9.92 -6.54
C GLU A 40 8.76 9.29 -7.06
N ASP A 41 8.05 10.03 -7.88
CA ASP A 41 6.80 9.57 -8.44
C ASP A 41 6.58 10.16 -9.83
N CYS A 42 5.35 10.11 -10.28
CA CYS A 42 4.97 10.54 -11.62
C CYS A 42 3.49 10.95 -11.66
N GLU A 43 2.67 10.28 -10.85
CA GLU A 43 1.22 10.53 -10.84
C GLU A 43 0.78 11.23 -9.56
N ILE A 44 1.24 10.73 -8.41
CA ILE A 44 0.83 11.28 -7.13
C ILE A 44 1.93 12.18 -6.58
N LYS A 45 2.90 12.45 -7.44
CA LYS A 45 4.01 13.32 -7.11
C LYS A 45 3.49 14.68 -6.64
N GLY A 46 3.74 14.97 -5.37
CA GLY A 46 3.25 16.20 -4.78
C GLY A 46 2.22 15.94 -3.70
N GLU A 47 1.71 14.72 -3.64
CA GLU A 47 0.70 14.36 -2.65
C GLU A 47 1.31 13.52 -1.53
N SER A 48 0.55 13.32 -0.47
CA SER A 48 1.01 12.55 0.67
C SER A 48 0.28 11.21 0.75
N VAL A 49 0.94 10.23 1.33
CA VAL A 49 0.35 8.91 1.52
C VAL A 49 -0.07 8.71 2.98
N ALA A 50 0.10 9.76 3.79
CA ALA A 50 -0.17 9.71 5.21
C ALA A 50 -1.66 9.65 5.49
N GLY A 51 -2.21 8.44 5.47
CA GLY A 51 -3.60 8.24 5.76
C GLY A 51 -4.38 7.71 4.57
N ARG A 52 -3.67 7.34 3.53
CA ARG A 52 -4.30 6.82 2.32
C ARG A 52 -3.89 5.36 2.12
N ILE A 53 -4.69 4.63 1.36
CA ILE A 53 -4.36 3.25 1.03
C ILE A 53 -3.60 3.22 -0.29
N LEU A 54 -2.37 2.76 -0.25
CA LEU A 54 -1.49 2.80 -1.40
C LEU A 54 -1.62 1.52 -2.21
N VAL A 55 -2.19 1.63 -3.40
CA VAL A 55 -2.34 0.49 -4.28
C VAL A 55 -1.59 0.70 -5.58
N PHE A 56 -0.46 0.02 -5.73
CA PHE A 56 0.31 0.06 -6.96
C PHE A 56 0.78 -1.36 -7.32
N PRO A 57 1.21 -1.59 -8.57
CA PRO A 57 1.70 -2.90 -9.02
C PRO A 57 2.79 -3.47 -8.10
N GLY A 58 3.85 -2.69 -7.90
CA GLY A 58 4.95 -3.12 -7.06
C GLY A 58 6.24 -3.23 -7.83
N GLY A 59 7.36 -2.92 -7.16
CA GLY A 59 8.65 -3.02 -7.81
C GLY A 59 9.80 -2.58 -6.91
N LYS A 60 10.79 -3.47 -6.77
CA LYS A 60 12.03 -3.18 -6.03
C LYS A 60 11.79 -2.70 -4.60
N GLY A 61 11.74 -3.64 -3.68
CA GLY A 61 11.63 -3.30 -2.28
C GLY A 61 12.96 -3.42 -1.57
N SER A 62 13.55 -4.62 -1.65
CA SER A 62 14.87 -4.88 -1.10
C SER A 62 14.87 -4.77 0.42
N THR A 63 16.05 -4.83 1.01
CA THR A 63 16.19 -4.76 2.47
C THR A 63 15.87 -3.35 2.97
N VAL A 64 16.02 -2.36 2.09
CA VAL A 64 15.75 -0.98 2.44
C VAL A 64 14.24 -0.75 2.62
N GLY A 65 13.45 -1.41 1.79
CA GLY A 65 12.01 -1.23 1.84
C GLY A 65 11.35 -2.08 2.92
N SER A 66 11.75 -1.86 4.15
CA SER A 66 11.19 -2.59 5.27
C SER A 66 10.99 -1.67 6.48
N TYR A 67 12.10 -1.27 7.09
CA TYR A 67 12.07 -0.45 8.30
C TYR A 67 11.57 0.97 8.00
N VAL A 68 11.59 1.34 6.73
CA VAL A 68 11.07 2.65 6.32
C VAL A 68 9.62 2.79 6.73
N LEU A 69 8.84 1.75 6.49
CA LEU A 69 7.42 1.73 6.85
C LEU A 69 7.24 1.88 8.35
N LEU A 70 8.12 1.23 9.11
CA LEU A 70 8.06 1.27 10.56
C LEU A 70 8.36 2.68 11.08
N ASN A 71 9.33 3.34 10.48
CA ASN A 71 9.69 4.69 10.87
C ASN A 71 8.59 5.68 10.50
N LEU A 72 8.01 5.49 9.31
CA LEU A 72 6.89 6.31 8.87
C LEU A 72 5.70 6.12 9.79
N ARG A 73 5.52 4.88 10.24
CA ARG A 73 4.40 4.50 11.10
C ARG A 73 4.47 5.23 12.44
N LYS A 74 5.69 5.40 12.97
CA LYS A 74 5.86 6.08 14.24
C LYS A 74 5.54 7.56 14.11
N ASN A 75 5.75 8.11 12.92
CA ASN A 75 5.53 9.52 12.68
C ASN A 75 4.09 9.76 12.23
N GLY A 76 3.42 8.68 11.86
CA GLY A 76 2.04 8.77 11.45
C GLY A 76 1.87 9.11 9.99
N VAL A 77 2.97 9.07 9.25
CA VAL A 77 2.95 9.41 7.83
C VAL A 77 2.95 8.15 6.98
N ALA A 78 2.67 7.02 7.60
CA ALA A 78 2.55 5.76 6.90
C ALA A 78 1.17 5.63 6.27
N PRO A 79 1.04 4.84 5.20
CA PRO A 79 -0.24 4.58 4.56
C PRO A 79 -1.15 3.72 5.43
N LYS A 80 -2.45 3.78 5.17
CA LYS A 80 -3.42 2.99 5.92
C LYS A 80 -3.31 1.52 5.57
N ALA A 81 -2.93 1.26 4.32
CA ALA A 81 -2.77 -0.10 3.83
C ALA A 81 -2.06 -0.10 2.48
N ILE A 82 -1.56 -1.27 2.08
CA ILE A 82 -0.87 -1.40 0.80
C ILE A 82 -1.31 -2.68 0.10
N ILE A 83 -1.91 -2.54 -1.07
CA ILE A 83 -2.32 -3.70 -1.85
C ILE A 83 -1.52 -3.75 -3.14
N ASN A 84 -0.74 -4.81 -3.32
CA ASN A 84 0.16 -4.91 -4.46
C ASN A 84 -0.18 -6.10 -5.35
N LYS A 85 0.26 -6.02 -6.58
CA LYS A 85 0.11 -7.12 -7.53
C LYS A 85 1.26 -8.09 -7.31
N LYS A 86 2.45 -7.53 -7.19
CA LYS A 86 3.66 -8.31 -7.01
C LYS A 86 4.58 -7.59 -6.04
N THR A 87 4.78 -8.18 -4.87
CA THR A 87 5.58 -7.54 -3.84
C THR A 87 6.74 -8.46 -3.42
N GLU A 88 7.51 -8.01 -2.44
CA GLU A 88 8.65 -8.77 -1.94
C GLU A 88 8.43 -9.17 -0.49
N THR A 89 9.01 -10.31 -0.10
CA THR A 89 8.84 -10.84 1.24
C THR A 89 9.36 -9.88 2.31
N ILE A 90 10.48 -9.22 2.01
CA ILE A 90 11.09 -8.28 2.95
C ILE A 90 10.13 -7.13 3.27
N ILE A 91 9.41 -6.68 2.24
CA ILE A 91 8.45 -5.59 2.39
C ILE A 91 7.34 -6.01 3.34
N ALA A 92 6.89 -7.25 3.18
CA ALA A 92 5.84 -7.81 4.03
C ALA A 92 6.29 -7.85 5.49
N VAL A 93 7.57 -8.18 5.69
CA VAL A 93 8.14 -8.20 7.04
C VAL A 93 8.14 -6.80 7.65
N GLY A 94 8.51 -5.81 6.85
CA GLY A 94 8.49 -4.43 7.31
C GLY A 94 7.09 -3.95 7.62
N ALA A 95 6.14 -4.34 6.76
CA ALA A 95 4.74 -3.99 6.96
C ALA A 95 4.18 -4.65 8.22
N ALA A 96 4.68 -5.84 8.54
CA ALA A 96 4.27 -6.54 9.75
C ALA A 96 4.69 -5.78 11.00
N MET A 97 5.73 -4.97 10.86
CA MET A 97 6.20 -4.15 11.97
C MET A 97 5.33 -2.93 12.11
N ALA A 98 5.00 -2.32 10.98
CA ALA A 98 4.27 -1.06 10.96
C ALA A 98 2.76 -1.28 11.06
N GLU A 99 2.35 -2.55 11.15
CA GLU A 99 0.94 -2.92 11.25
C GLU A 99 0.17 -2.51 9.99
N ILE A 100 0.84 -2.68 8.85
CA ILE A 100 0.26 -2.32 7.55
C ILE A 100 -0.06 -3.58 6.74
N PRO A 101 -1.28 -4.12 6.89
CA PRO A 101 -1.70 -5.34 6.20
C PRO A 101 -1.62 -5.22 4.68
N LEU A 102 -0.89 -6.15 4.07
CA LEU A 102 -0.77 -6.16 2.62
C LEU A 102 -1.13 -7.53 2.05
N VAL A 103 -1.68 -7.52 0.85
CA VAL A 103 -2.09 -8.74 0.18
C VAL A 103 -1.64 -8.72 -1.27
N GLU A 104 -1.50 -9.89 -1.87
CA GLU A 104 -1.13 -9.99 -3.28
C GLU A 104 -2.37 -10.16 -4.14
N VAL A 105 -2.59 -9.22 -5.04
CA VAL A 105 -3.70 -9.30 -5.97
C VAL A 105 -3.19 -9.44 -7.40
N ARG A 106 -3.51 -10.57 -8.02
CA ARG A 106 -3.02 -10.85 -9.37
C ARG A 106 -4.02 -10.36 -10.42
N ASP A 107 -5.29 -10.36 -10.04
CA ASP A 107 -6.36 -9.97 -10.94
C ASP A 107 -6.30 -8.47 -11.24
N GLU A 108 -6.10 -8.14 -12.51
CA GLU A 108 -6.02 -6.74 -12.92
C GLU A 108 -7.37 -6.05 -12.78
N LYS A 109 -8.43 -6.84 -12.76
CA LYS A 109 -9.77 -6.30 -12.62
C LYS A 109 -9.95 -5.57 -11.30
N PHE A 110 -9.09 -5.86 -10.34
CA PHE A 110 -9.07 -5.12 -9.09
C PHE A 110 -8.67 -3.68 -9.36
N PHE A 111 -7.54 -3.53 -10.05
CA PHE A 111 -7.00 -2.20 -10.38
C PHE A 111 -7.88 -1.51 -11.41
N GLU A 112 -8.58 -2.32 -12.20
CA GLU A 112 -9.51 -1.83 -13.19
C GLU A 112 -10.75 -1.24 -12.50
N ALA A 113 -11.17 -1.88 -11.42
CA ALA A 113 -12.34 -1.43 -10.67
C ALA A 113 -11.98 -0.28 -9.73
N VAL A 114 -10.98 -0.50 -8.88
CA VAL A 114 -10.59 0.50 -7.89
C VAL A 114 -9.93 1.69 -8.58
N LYS A 115 -10.27 2.89 -8.12
CA LYS A 115 -9.73 4.11 -8.69
C LYS A 115 -9.30 5.05 -7.59
N THR A 116 -8.31 5.88 -7.87
CA THR A 116 -7.83 6.86 -6.90
C THR A 116 -8.97 7.79 -6.49
N GLY A 117 -9.36 7.70 -5.23
CA GLY A 117 -10.44 8.52 -4.74
C GLY A 117 -11.72 7.74 -4.53
N ASP A 118 -11.61 6.47 -4.18
CA ASP A 118 -12.76 5.68 -3.76
C ASP A 118 -12.42 4.93 -2.47
N ARG A 119 -13.40 4.25 -1.88
CA ARG A 119 -13.20 3.65 -0.57
C ARG A 119 -12.86 2.18 -0.67
N VAL A 120 -11.73 1.81 -0.11
CA VAL A 120 -11.32 0.41 -0.02
C VAL A 120 -11.20 0.00 1.44
N VAL A 121 -11.92 -1.04 1.80
CA VAL A 121 -11.81 -1.62 3.13
C VAL A 121 -11.08 -2.95 3.04
N VAL A 122 -9.82 -2.96 3.46
CA VAL A 122 -9.01 -4.16 3.38
C VAL A 122 -9.10 -4.95 4.67
N ASN A 123 -9.31 -6.25 4.55
CA ASN A 123 -9.34 -7.14 5.70
C ASN A 123 -8.39 -8.30 5.46
N ALA A 124 -7.16 -8.15 5.94
CA ALA A 124 -6.10 -9.10 5.65
C ALA A 124 -6.15 -10.31 6.57
N ASP A 125 -6.93 -10.21 7.64
CA ASP A 125 -7.10 -11.32 8.56
C ASP A 125 -7.73 -12.49 7.82
N GLU A 126 -8.62 -12.19 6.89
CA GLU A 126 -9.28 -13.20 6.08
C GLU A 126 -8.71 -13.20 4.67
N GLY A 127 -8.21 -12.06 4.22
CA GLY A 127 -7.56 -11.97 2.93
C GLY A 127 -8.51 -11.56 1.81
N TYR A 128 -8.95 -10.31 1.84
CA TYR A 128 -9.85 -9.80 0.81
C TYR A 128 -10.00 -8.29 0.94
N VAL A 129 -10.48 -7.66 -0.12
CA VAL A 129 -10.70 -6.23 -0.12
C VAL A 129 -12.15 -5.92 -0.49
N GLU A 130 -12.78 -5.06 0.29
CA GLU A 130 -14.16 -4.65 0.05
C GLU A 130 -14.18 -3.23 -0.51
N LEU A 131 -14.68 -3.09 -1.73
CA LEU A 131 -14.79 -1.77 -2.33
C LEU A 131 -16.17 -1.20 -2.08
N ILE A 132 -16.23 0.00 -1.51
CA ILE A 132 -17.49 0.67 -1.29
C ILE A 132 -17.62 1.83 -2.25
N GLU A 133 -18.53 1.69 -3.18
CA GLU A 133 -18.69 2.65 -4.27
C GLU A 133 -19.54 3.82 -3.81
N VAL A 2 -18.04 -4.08 -5.38
CA VAL A 2 -17.21 -5.22 -5.69
C VAL A 2 -16.41 -5.68 -4.47
N LYS A 3 -16.31 -6.99 -4.30
CA LYS A 3 -15.53 -7.57 -3.22
C LYS A 3 -14.44 -8.48 -3.79
N PHE A 4 -13.19 -8.06 -3.66
CA PHE A 4 -12.07 -8.82 -4.22
C PHE A 4 -11.51 -9.79 -3.19
N ALA A 5 -10.98 -10.90 -3.67
CA ALA A 5 -10.34 -11.89 -2.82
C ALA A 5 -8.83 -11.86 -3.03
N CYS A 6 -8.10 -11.53 -1.98
CA CYS A 6 -6.66 -11.42 -2.07
C CYS A 6 -5.97 -12.39 -1.11
N ARG A 7 -4.66 -12.53 -1.25
CA ARG A 7 -3.88 -13.35 -0.35
C ARG A 7 -3.29 -12.46 0.75
N ALA A 8 -3.50 -12.85 1.99
CA ALA A 8 -3.08 -12.03 3.12
C ALA A 8 -1.72 -12.46 3.64
N ILE A 9 -0.82 -11.50 3.76
CA ILE A 9 0.51 -11.74 4.30
C ILE A 9 0.57 -11.27 5.74
N THR A 10 0.23 -9.99 5.95
CA THR A 10 0.13 -9.44 7.28
C THR A 10 -1.33 -9.49 7.73
N ARG A 11 -1.61 -9.13 8.97
CA ARG A 11 -2.97 -9.25 9.50
C ARG A 11 -3.50 -7.90 9.97
N GLY A 12 -4.80 -7.84 10.24
CA GLY A 12 -5.44 -6.59 10.62
C GLY A 12 -6.38 -6.09 9.54
N ARG A 13 -6.94 -4.90 9.71
CA ARG A 13 -7.80 -4.33 8.69
C ARG A 13 -7.57 -2.83 8.54
N ALA A 14 -7.87 -2.31 7.36
CA ALA A 14 -7.68 -0.90 7.10
C ALA A 14 -8.86 -0.34 6.29
N GLU A 15 -9.27 0.86 6.65
CA GLU A 15 -10.38 1.54 5.99
C GLU A 15 -10.00 2.96 5.60
N GLY A 16 -10.13 3.29 4.32
CA GLY A 16 -9.84 4.64 3.91
C GLY A 16 -9.92 4.84 2.40
N GLU A 17 -9.39 5.97 1.95
CA GLU A 17 -9.38 6.31 0.55
C GLU A 17 -8.35 5.47 -0.21
N ALA A 18 -8.74 4.95 -1.36
CA ALA A 18 -7.85 4.15 -2.17
C ALA A 18 -6.99 5.04 -3.06
N LEU A 19 -5.69 4.87 -2.96
CA LEU A 19 -4.74 5.56 -3.82
C LEU A 19 -4.15 4.55 -4.78
N VAL A 20 -4.49 4.67 -6.06
CA VAL A 20 -4.18 3.62 -7.02
C VAL A 20 -3.02 4.00 -7.93
N THR A 21 -2.04 3.12 -7.96
CA THR A 21 -0.90 3.25 -8.85
C THR A 21 -0.57 1.89 -9.45
N LYS A 22 -0.13 1.87 -10.71
CA LYS A 22 0.29 0.62 -11.33
C LYS A 22 1.67 0.76 -11.95
N GLU A 23 2.41 1.77 -11.50
CA GLU A 23 3.79 1.94 -11.89
C GLU A 23 4.67 1.01 -11.06
N TYR A 24 5.46 0.20 -11.73
CA TYR A 24 6.33 -0.74 -11.04
C TYR A 24 7.55 -0.02 -10.50
N ILE A 25 7.64 0.13 -9.18
CA ILE A 25 8.71 0.91 -8.57
C ILE A 25 9.46 0.07 -7.55
N SER A 26 8.92 -1.13 -7.30
CA SER A 26 9.48 -2.09 -6.35
C SER A 26 9.83 -1.48 -4.99
N PHE A 27 9.19 -0.36 -4.64
CA PHE A 27 9.41 0.31 -3.36
C PHE A 27 10.83 0.85 -3.21
N LEU A 28 11.53 0.99 -4.33
CA LEU A 28 12.86 1.61 -4.35
C LEU A 28 12.71 3.14 -4.46
N GLY A 29 11.59 3.64 -3.97
CA GLY A 29 11.29 5.05 -4.08
C GLY A 29 11.71 5.83 -2.86
N GLY A 30 10.80 6.61 -2.30
CA GLY A 30 11.14 7.44 -1.17
C GLY A 30 9.97 8.30 -0.73
N ILE A 31 9.21 7.81 0.23
CA ILE A 31 8.19 8.60 0.90
C ILE A 31 8.82 9.21 2.15
N ASP A 32 8.71 10.52 2.29
CA ASP A 32 9.30 11.22 3.42
C ASP A 32 8.67 10.76 4.73
N LYS A 33 9.51 10.29 5.65
CA LYS A 33 9.02 9.70 6.88
C LYS A 33 8.73 10.74 7.96
N GLU A 34 8.87 12.01 7.61
CA GLU A 34 8.57 13.08 8.55
C GLU A 34 7.20 13.69 8.26
N THR A 35 6.87 13.80 6.98
CA THR A 35 5.61 14.41 6.56
C THR A 35 4.66 13.40 5.91
N GLY A 36 5.19 12.27 5.47
CA GLY A 36 4.38 11.27 4.79
C GLY A 36 4.09 11.65 3.36
N ILE A 37 4.97 12.46 2.79
CA ILE A 37 4.82 12.91 1.40
C ILE A 37 5.76 12.13 0.50
N VAL A 38 5.21 11.57 -0.58
CA VAL A 38 6.01 10.84 -1.55
C VAL A 38 6.95 11.81 -2.29
N LYS A 39 8.24 11.67 -2.03
CA LYS A 39 9.24 12.53 -2.65
C LYS A 39 9.68 11.95 -3.99
N GLU A 40 9.58 10.64 -4.12
CA GLU A 40 9.92 9.96 -5.36
C GLU A 40 8.91 10.33 -6.43
N ASP A 41 9.39 10.75 -7.60
CA ASP A 41 8.52 11.26 -8.64
C ASP A 41 7.75 10.13 -9.31
N CYS A 42 6.46 10.34 -9.46
CA CYS A 42 5.56 9.36 -10.04
C CYS A 42 4.29 10.04 -10.52
N GLU A 43 4.48 11.28 -11.02
CA GLU A 43 3.39 12.16 -11.43
C GLU A 43 2.64 12.70 -10.21
N ILE A 44 2.22 11.81 -9.32
CA ILE A 44 1.53 12.21 -8.10
C ILE A 44 2.52 12.49 -6.98
N LYS A 45 3.61 13.17 -7.32
CA LYS A 45 4.60 13.57 -6.34
C LYS A 45 4.04 14.72 -5.51
N GLY A 46 4.07 14.56 -4.20
CA GLY A 46 3.50 15.56 -3.31
C GLY A 46 2.25 15.07 -2.63
N GLU A 47 1.83 13.85 -2.95
CA GLU A 47 0.66 13.25 -2.33
C GLU A 47 0.96 12.74 -0.92
N SER A 48 -0.07 12.76 -0.09
CA SER A 48 0.04 12.25 1.27
C SER A 48 -0.58 10.87 1.35
N VAL A 49 0.14 9.94 1.97
CA VAL A 49 -0.34 8.58 2.14
C VAL A 49 -0.78 8.33 3.59
N ALA A 50 -0.74 9.38 4.39
CA ALA A 50 -1.00 9.27 5.81
C ALA A 50 -2.48 9.07 6.09
N GLY A 51 -2.86 7.82 6.18
CA GLY A 51 -4.23 7.48 6.52
C GLY A 51 -5.02 6.98 5.33
N ARG A 52 -4.33 6.69 4.24
CA ARG A 52 -4.96 6.20 3.03
C ARG A 52 -4.60 4.74 2.80
N ILE A 53 -5.19 4.14 1.79
CA ILE A 53 -4.84 2.78 1.42
C ILE A 53 -4.11 2.81 0.08
N LEU A 54 -2.89 2.29 0.08
CA LEU A 54 -2.05 2.37 -1.10
C LEU A 54 -2.23 1.14 -1.97
N VAL A 55 -2.66 1.37 -3.21
CA VAL A 55 -2.77 0.32 -4.19
C VAL A 55 -1.58 0.40 -5.12
N PHE A 56 -0.67 -0.55 -4.99
CA PHE A 56 0.58 -0.51 -5.72
C PHE A 56 0.84 -1.90 -6.32
N PRO A 57 1.42 -1.98 -7.53
CA PRO A 57 1.71 -3.27 -8.16
C PRO A 57 2.72 -4.07 -7.35
N GLY A 58 3.67 -3.36 -6.77
CA GLY A 58 4.66 -3.99 -5.92
C GLY A 58 6.04 -3.97 -6.53
N GLY A 59 6.85 -4.92 -6.12
CA GLY A 59 8.19 -5.06 -6.64
C GLY A 59 8.49 -6.48 -7.02
N LYS A 60 9.72 -6.92 -6.80
CA LYS A 60 10.14 -8.26 -7.15
C LYS A 60 11.55 -8.50 -6.63
N GLY A 61 12.49 -7.75 -7.18
CA GLY A 61 13.85 -7.77 -6.66
C GLY A 61 14.14 -6.49 -5.90
N SER A 62 13.60 -6.39 -4.70
CA SER A 62 13.68 -5.16 -3.92
C SER A 62 14.71 -5.26 -2.81
N THR A 63 14.86 -4.17 -2.07
CA THR A 63 15.74 -4.10 -0.91
C THR A 63 15.25 -3.00 0.02
N VAL A 64 14.82 -1.90 -0.57
CA VAL A 64 14.22 -0.81 0.18
C VAL A 64 12.71 -1.03 0.28
N GLY A 65 12.14 -0.71 1.43
CA GLY A 65 10.70 -0.86 1.60
C GLY A 65 10.34 -1.49 2.94
N SER A 66 11.34 -1.93 3.68
CA SER A 66 11.10 -2.57 4.97
C SER A 66 11.08 -1.55 6.10
N TYR A 67 12.27 -1.06 6.45
CA TYR A 67 12.43 -0.18 7.61
C TYR A 67 11.73 1.16 7.40
N VAL A 68 11.60 1.58 6.15
CA VAL A 68 10.96 2.86 5.84
C VAL A 68 9.47 2.83 6.18
N LEU A 69 8.85 1.65 6.06
CA LEU A 69 7.44 1.50 6.39
C LEU A 69 7.24 1.61 7.90
N LEU A 70 8.20 1.09 8.65
CA LEU A 70 8.17 1.18 10.10
C LEU A 70 8.34 2.64 10.52
N ASN A 71 9.22 3.35 9.82
CA ASN A 71 9.44 4.77 10.05
C ASN A 71 8.16 5.56 9.84
N LEU A 72 7.51 5.29 8.70
CA LEU A 72 6.27 5.96 8.35
C LEU A 72 5.21 5.74 9.42
N ARG A 73 5.05 4.50 9.86
CA ARG A 73 4.04 4.16 10.84
C ARG A 73 4.35 4.81 12.18
N LYS A 74 5.62 4.86 12.52
CA LYS A 74 6.07 5.45 13.79
C LYS A 74 5.69 6.93 13.87
N ASN A 75 5.62 7.58 12.73
CA ASN A 75 5.24 8.99 12.70
C ASN A 75 3.73 9.11 12.55
N GLY A 76 3.11 8.06 12.02
CA GLY A 76 1.69 8.09 11.76
C GLY A 76 1.38 8.60 10.38
N VAL A 77 2.40 8.61 9.54
CA VAL A 77 2.28 9.14 8.19
C VAL A 77 2.27 8.01 7.16
N ALA A 78 2.07 6.80 7.64
CA ALA A 78 2.06 5.62 6.79
C ALA A 78 0.66 5.36 6.25
N PRO A 79 0.56 4.63 5.13
CA PRO A 79 -0.72 4.16 4.63
C PRO A 79 -1.28 3.08 5.56
N LYS A 80 -2.59 3.08 5.74
CA LYS A 80 -3.23 2.11 6.62
C LYS A 80 -2.99 0.69 6.13
N ALA A 81 -2.93 0.54 4.81
CA ALA A 81 -2.68 -0.75 4.20
C ALA A 81 -2.05 -0.57 2.83
N ILE A 82 -1.34 -1.59 2.39
CA ILE A 82 -0.76 -1.61 1.05
C ILE A 82 -1.21 -2.87 0.31
N ILE A 83 -1.97 -2.66 -0.75
CA ILE A 83 -2.48 -3.78 -1.54
C ILE A 83 -1.66 -3.89 -2.81
N ASN A 84 -0.97 -5.00 -2.97
CA ASN A 84 -0.04 -5.16 -4.07
C ASN A 84 -0.49 -6.26 -5.02
N LYS A 85 0.24 -6.42 -6.11
CA LYS A 85 0.03 -7.55 -7.01
C LYS A 85 1.09 -8.60 -6.72
N LYS A 86 2.31 -8.11 -6.50
CA LYS A 86 3.44 -8.97 -6.18
C LYS A 86 4.09 -8.52 -4.88
N THR A 87 4.01 -9.36 -3.86
CA THR A 87 4.61 -9.07 -2.58
C THR A 87 6.09 -9.39 -2.60
N GLU A 88 6.86 -8.74 -1.75
CA GLU A 88 8.28 -8.97 -1.66
C GLU A 88 8.64 -9.28 -0.21
N THR A 89 9.58 -10.21 -0.03
CA THR A 89 9.94 -10.71 1.28
C THR A 89 10.38 -9.58 2.23
N ILE A 90 11.28 -8.72 1.76
CA ILE A 90 11.82 -7.65 2.59
C ILE A 90 10.74 -6.66 2.97
N ILE A 91 9.94 -6.28 1.98
CA ILE A 91 8.87 -5.31 2.19
C ILE A 91 7.82 -5.87 3.16
N ALA A 92 7.52 -7.15 3.01
CA ALA A 92 6.53 -7.81 3.86
C ALA A 92 6.96 -7.78 5.33
N VAL A 93 8.25 -8.00 5.56
CA VAL A 93 8.80 -7.95 6.92
C VAL A 93 8.63 -6.55 7.51
N GLY A 94 8.94 -5.53 6.71
CA GLY A 94 8.81 -4.17 7.16
C GLY A 94 7.37 -3.81 7.50
N ALA A 95 6.45 -4.19 6.64
CA ALA A 95 5.04 -3.92 6.85
C ALA A 95 4.51 -4.70 8.05
N ALA A 96 5.07 -5.88 8.30
CA ALA A 96 4.70 -6.68 9.46
C ALA A 96 5.09 -5.96 10.75
N MET A 97 6.25 -5.31 10.74
CA MET A 97 6.71 -4.53 11.89
C MET A 97 5.76 -3.37 12.14
N ALA A 98 5.41 -2.69 11.07
CA ALA A 98 4.59 -1.50 11.15
C ALA A 98 3.11 -1.84 11.29
N GLU A 99 2.80 -3.13 11.29
CA GLU A 99 1.42 -3.61 11.44
C GLU A 99 0.55 -3.05 10.30
N ILE A 100 1.10 -3.08 9.10
CA ILE A 100 0.42 -2.57 7.91
C ILE A 100 -0.09 -3.74 7.08
N PRO A 101 -1.33 -4.17 7.32
CA PRO A 101 -1.95 -5.33 6.64
C PRO A 101 -1.80 -5.27 5.13
N LEU A 102 -0.83 -6.02 4.60
CA LEU A 102 -0.60 -6.04 3.18
C LEU A 102 -1.18 -7.31 2.58
N VAL A 103 -1.84 -7.17 1.45
CA VAL A 103 -2.42 -8.30 0.75
C VAL A 103 -2.10 -8.16 -0.74
N GLU A 104 -2.17 -9.25 -1.48
CA GLU A 104 -1.85 -9.20 -2.88
C GLU A 104 -3.03 -9.65 -3.74
N VAL A 105 -3.28 -8.91 -4.81
CA VAL A 105 -4.21 -9.30 -5.84
C VAL A 105 -3.44 -9.48 -7.14
N ARG A 106 -3.23 -10.72 -7.52
CA ARG A 106 -2.34 -11.05 -8.62
C ARG A 106 -3.04 -10.95 -9.98
N ASP A 107 -3.94 -9.99 -10.10
CA ASP A 107 -4.62 -9.75 -11.36
C ASP A 107 -4.74 -8.26 -11.64
N GLU A 108 -4.65 -7.91 -12.92
CA GLU A 108 -4.67 -6.51 -13.35
C GLU A 108 -6.06 -5.90 -13.19
N LYS A 109 -7.08 -6.76 -13.18
CA LYS A 109 -8.46 -6.30 -13.12
C LYS A 109 -8.73 -5.50 -11.84
N PHE A 110 -7.98 -5.82 -10.78
CA PHE A 110 -8.11 -5.08 -9.53
C PHE A 110 -7.75 -3.62 -9.73
N PHE A 111 -6.65 -3.38 -10.42
CA PHE A 111 -6.13 -2.04 -10.62
C PHE A 111 -6.99 -1.26 -11.60
N GLU A 112 -7.72 -1.98 -12.43
CA GLU A 112 -8.63 -1.38 -13.39
C GLU A 112 -9.93 -0.94 -12.72
N ALA A 113 -10.39 -1.73 -11.75
CA ALA A 113 -11.65 -1.47 -11.08
C ALA A 113 -11.53 -0.40 -10.00
N VAL A 114 -10.46 -0.47 -9.23
CA VAL A 114 -10.25 0.47 -8.13
C VAL A 114 -9.70 1.80 -8.67
N LYS A 115 -10.22 2.90 -8.15
CA LYS A 115 -9.83 4.23 -8.61
C LYS A 115 -9.29 5.05 -7.44
N THR A 116 -8.39 5.98 -7.74
CA THR A 116 -7.87 6.87 -6.71
C THR A 116 -8.95 7.87 -6.28
N GLY A 117 -9.64 7.53 -5.20
CA GLY A 117 -10.72 8.36 -4.73
C GLY A 117 -11.85 7.56 -4.13
N ASP A 118 -11.92 6.28 -4.48
CA ASP A 118 -12.94 5.39 -3.93
C ASP A 118 -12.57 4.97 -2.52
N ARG A 119 -13.53 4.39 -1.80
CA ARG A 119 -13.31 4.01 -0.41
C ARG A 119 -13.20 2.49 -0.31
N VAL A 120 -12.10 2.05 0.25
CA VAL A 120 -11.82 0.62 0.33
C VAL A 120 -11.67 0.18 1.78
N VAL A 121 -12.23 -0.98 2.08
CA VAL A 121 -12.00 -1.63 3.37
C VAL A 121 -11.30 -2.96 3.14
N VAL A 122 -10.06 -3.05 3.58
CA VAL A 122 -9.29 -4.26 3.41
C VAL A 122 -9.11 -4.96 4.74
N ASN A 123 -9.64 -6.16 4.84
CA ASN A 123 -9.49 -6.96 6.04
C ASN A 123 -8.57 -8.13 5.74
N ALA A 124 -7.44 -8.18 6.44
CA ALA A 124 -6.43 -9.18 6.17
C ALA A 124 -6.49 -10.32 7.17
N ASP A 125 -7.51 -10.32 8.02
CA ASP A 125 -7.71 -11.41 8.96
C ASP A 125 -8.00 -12.70 8.21
N GLU A 126 -8.81 -12.60 7.17
CA GLU A 126 -9.05 -13.72 6.28
C GLU A 126 -8.58 -13.36 4.87
N GLY A 127 -8.70 -12.08 4.50
CA GLY A 127 -8.15 -11.60 3.26
C GLY A 127 -9.19 -11.28 2.22
N TYR A 128 -9.64 -10.02 2.19
CA TYR A 128 -10.56 -9.57 1.15
C TYR A 128 -10.51 -8.05 1.03
N VAL A 129 -10.83 -7.55 -0.15
CA VAL A 129 -10.86 -6.12 -0.40
C VAL A 129 -12.28 -5.68 -0.74
N GLU A 130 -12.90 -4.93 0.15
CA GLU A 130 -14.24 -4.44 -0.08
C GLU A 130 -14.19 -3.07 -0.74
N LEU A 131 -14.55 -3.02 -2.01
CA LEU A 131 -14.48 -1.81 -2.79
C LEU A 131 -15.82 -1.08 -2.79
N ILE A 132 -15.84 0.08 -2.18
CA ILE A 132 -17.02 0.93 -2.20
C ILE A 132 -16.72 2.17 -3.03
N GLU A 133 -17.45 2.30 -4.09
CA GLU A 133 -17.28 3.41 -4.99
C GLU A 133 -18.01 4.62 -4.42
N VAL A 2 -18.07 -3.96 -5.50
CA VAL A 2 -17.17 -4.95 -6.10
C VAL A 2 -16.21 -5.52 -5.06
N LYS A 3 -16.02 -6.83 -5.11
CA LYS A 3 -15.22 -7.52 -4.10
C LYS A 3 -14.14 -8.37 -4.75
N PHE A 4 -12.96 -8.37 -4.16
CA PHE A 4 -11.85 -9.16 -4.68
C PHE A 4 -11.18 -9.93 -3.56
N ALA A 5 -10.64 -11.09 -3.90
CA ALA A 5 -9.96 -11.92 -2.94
C ALA A 5 -8.45 -11.75 -3.03
N CYS A 6 -7.81 -11.55 -1.89
CA CYS A 6 -6.37 -11.43 -1.84
C CYS A 6 -5.78 -12.49 -0.92
N ARG A 7 -4.47 -12.64 -0.95
CA ARG A 7 -3.79 -13.54 -0.03
C ARG A 7 -3.28 -12.75 1.16
N ALA A 8 -3.50 -13.27 2.35
CA ALA A 8 -3.15 -12.56 3.57
C ALA A 8 -1.66 -12.61 3.85
N ILE A 9 -0.96 -11.57 3.44
CA ILE A 9 0.45 -11.43 3.74
C ILE A 9 0.61 -10.86 5.14
N THR A 10 -0.12 -9.78 5.41
CA THR A 10 -0.21 -9.20 6.73
C THR A 10 -1.61 -9.47 7.28
N ARG A 11 -1.87 -9.08 8.51
CA ARG A 11 -3.18 -9.30 9.13
C ARG A 11 -3.74 -8.00 9.68
N GLY A 12 -4.95 -8.05 10.22
CA GLY A 12 -5.62 -6.85 10.66
C GLY A 12 -6.59 -6.34 9.62
N ARG A 13 -6.99 -5.09 9.74
CA ARG A 13 -7.90 -4.48 8.78
C ARG A 13 -7.75 -2.97 8.78
N ALA A 14 -7.97 -2.37 7.62
CA ALA A 14 -7.86 -0.93 7.46
C ALA A 14 -8.81 -0.45 6.37
N GLU A 15 -9.26 0.79 6.51
CA GLU A 15 -10.16 1.38 5.53
C GLU A 15 -9.73 2.82 5.27
N GLY A 16 -9.55 3.16 4.00
CA GLY A 16 -9.16 4.52 3.67
C GLY A 16 -9.38 4.83 2.21
N GLU A 17 -9.20 6.09 1.85
CA GLU A 17 -9.34 6.52 0.48
C GLU A 17 -8.18 5.97 -0.35
N ALA A 18 -8.50 5.34 -1.45
CA ALA A 18 -7.50 4.70 -2.29
C ALA A 18 -6.79 5.69 -3.18
N LEU A 19 -5.50 5.48 -3.36
CA LEU A 19 -4.69 6.31 -4.21
C LEU A 19 -4.07 5.43 -5.29
N VAL A 20 -4.45 5.64 -6.53
CA VAL A 20 -4.01 4.77 -7.61
C VAL A 20 -2.90 5.41 -8.44
N THR A 21 -1.71 4.85 -8.31
CA THR A 21 -0.59 5.22 -9.14
C THR A 21 0.34 4.00 -9.24
N LYS A 22 0.17 3.24 -10.31
CA LYS A 22 0.91 2.00 -10.46
C LYS A 22 2.39 2.25 -10.66
N GLU A 23 2.76 2.76 -11.83
CA GLU A 23 4.15 3.08 -12.15
C GLU A 23 5.09 1.90 -11.85
N TYR A 24 6.38 2.19 -11.77
CA TYR A 24 7.38 1.19 -11.41
C TYR A 24 8.64 1.86 -10.89
N ILE A 25 8.44 2.84 -10.03
CA ILE A 25 9.54 3.62 -9.48
C ILE A 25 10.34 2.82 -8.45
N SER A 26 11.39 3.45 -7.93
CA SER A 26 12.26 2.81 -6.96
C SER A 26 11.74 3.05 -5.55
N PHE A 27 11.60 1.97 -4.79
CA PHE A 27 11.15 2.06 -3.41
C PHE A 27 12.33 2.41 -2.50
N LEU A 28 12.53 3.70 -2.29
CA LEU A 28 13.58 4.17 -1.39
C LEU A 28 12.98 5.09 -0.33
N GLY A 29 12.69 6.32 -0.73
CA GLY A 29 12.11 7.28 0.18
C GLY A 29 11.28 8.31 -0.57
N GLY A 30 10.28 7.84 -1.29
CA GLY A 30 9.46 8.73 -2.09
C GLY A 30 8.33 9.35 -1.29
N ILE A 31 8.42 9.27 0.02
CA ILE A 31 7.42 9.80 0.92
C ILE A 31 8.10 10.59 2.04
N ASP A 32 7.59 11.76 2.34
CA ASP A 32 8.13 12.58 3.42
C ASP A 32 7.90 11.91 4.76
N LYS A 33 8.92 11.91 5.59
CA LYS A 33 8.89 11.16 6.85
C LYS A 33 8.15 11.92 7.96
N GLU A 34 7.79 13.17 7.70
CA GLU A 34 7.15 13.98 8.73
C GLU A 34 5.73 14.40 8.36
N THR A 35 5.45 14.58 7.07
CA THR A 35 4.11 14.96 6.67
C THR A 35 3.49 13.98 5.67
N GLY A 36 4.26 12.98 5.24
CA GLY A 36 3.73 11.95 4.36
C GLY A 36 3.42 12.44 2.95
N ILE A 37 4.16 13.46 2.52
CA ILE A 37 4.02 13.98 1.16
C ILE A 37 4.95 13.23 0.21
N VAL A 38 4.40 12.75 -0.89
CA VAL A 38 5.19 12.04 -1.90
C VAL A 38 6.24 12.96 -2.52
N LYS A 39 7.49 12.50 -2.54
CA LYS A 39 8.60 13.28 -3.08
C LYS A 39 8.75 13.03 -4.57
N GLU A 40 8.59 11.77 -4.96
CA GLU A 40 8.85 11.33 -6.32
C GLU A 40 7.60 11.45 -7.17
N ASP A 41 7.68 12.22 -8.26
CA ASP A 41 6.54 12.39 -9.13
C ASP A 41 6.30 11.15 -9.97
N CYS A 42 5.05 10.74 -10.03
CA CYS A 42 4.64 9.59 -10.82
C CYS A 42 3.56 10.00 -11.82
N GLU A 43 2.80 11.03 -11.45
CA GLU A 43 1.71 11.55 -12.26
C GLU A 43 1.01 12.64 -11.46
N ILE A 44 0.46 12.23 -10.32
CA ILE A 44 -0.23 13.14 -9.42
C ILE A 44 0.51 13.24 -8.09
N LYS A 45 1.66 13.89 -8.15
CA LYS A 45 2.51 14.04 -6.97
C LYS A 45 2.21 15.37 -6.25
N GLY A 46 2.22 15.32 -4.93
CA GLY A 46 2.05 16.53 -4.14
C GLY A 46 1.12 16.34 -2.96
N GLU A 47 0.47 15.19 -2.89
CA GLU A 47 -0.51 14.93 -1.85
C GLU A 47 0.03 14.02 -0.77
N SER A 48 -0.75 13.85 0.29
CA SER A 48 -0.35 13.03 1.42
C SER A 48 -0.88 11.61 1.26
N VAL A 49 -0.05 10.63 1.59
CA VAL A 49 -0.47 9.23 1.58
C VAL A 49 -0.77 8.76 3.00
N ALA A 50 -0.66 9.69 3.95
CA ALA A 50 -0.83 9.41 5.35
C ALA A 50 -2.27 9.02 5.64
N GLY A 51 -2.49 7.71 5.66
CA GLY A 51 -3.78 7.18 6.00
C GLY A 51 -4.61 6.84 4.77
N ARG A 52 -3.97 6.80 3.62
CA ARG A 52 -4.66 6.43 2.38
C ARG A 52 -4.26 5.01 1.98
N ILE A 53 -5.04 4.43 1.07
CA ILE A 53 -4.79 3.08 0.60
C ILE A 53 -3.97 3.12 -0.69
N LEU A 54 -2.73 2.67 -0.61
CA LEU A 54 -1.81 2.80 -1.72
C LEU A 54 -1.68 1.46 -2.46
N VAL A 55 -1.91 1.50 -3.77
CA VAL A 55 -1.88 0.30 -4.59
C VAL A 55 -0.72 0.34 -5.58
N PHE A 56 0.09 -0.72 -5.59
CA PHE A 56 1.20 -0.85 -6.52
C PHE A 56 1.19 -2.22 -7.18
N PRO A 57 1.60 -2.29 -8.46
CA PRO A 57 1.73 -3.56 -9.18
C PRO A 57 2.97 -4.34 -8.75
N GLY A 58 4.11 -3.66 -8.76
CA GLY A 58 5.38 -4.28 -8.44
C GLY A 58 6.54 -3.56 -9.09
N GLY A 59 7.04 -2.53 -8.40
CA GLY A 59 8.09 -1.70 -8.98
C GLY A 59 9.48 -2.16 -8.61
N LYS A 60 10.35 -1.20 -8.31
CA LYS A 60 11.73 -1.49 -7.95
C LYS A 60 11.89 -1.60 -6.45
N GLY A 61 12.19 -2.80 -5.96
CA GLY A 61 12.32 -3.02 -4.53
C GLY A 61 13.49 -2.26 -3.95
N SER A 62 14.63 -2.31 -4.65
CA SER A 62 15.82 -1.54 -4.31
C SER A 62 16.33 -1.81 -2.89
N THR A 63 15.97 -2.97 -2.37
CA THR A 63 16.43 -3.43 -1.06
C THR A 63 15.99 -2.47 0.07
N VAL A 64 14.84 -1.84 -0.11
CA VAL A 64 14.28 -0.97 0.91
C VAL A 64 12.87 -1.43 1.27
N GLY A 65 12.47 -1.22 2.53
CA GLY A 65 11.15 -1.61 2.97
C GLY A 65 11.12 -1.91 4.45
N SER A 66 12.09 -2.68 4.91
CA SER A 66 12.16 -3.07 6.30
C SER A 66 12.55 -1.87 7.17
N TYR A 67 11.96 -1.80 8.38
CA TYR A 67 12.27 -0.78 9.38
C TYR A 67 11.71 0.59 9.02
N VAL A 68 12.00 1.06 7.82
CA VAL A 68 11.59 2.41 7.40
C VAL A 68 10.07 2.57 7.46
N LEU A 69 9.34 1.52 7.07
CA LEU A 69 7.88 1.57 7.09
C LEU A 69 7.36 1.69 8.51
N LEU A 70 8.06 1.06 9.45
CA LEU A 70 7.66 1.09 10.85
C LEU A 70 7.77 2.50 11.41
N ASN A 71 8.85 3.17 11.09
CA ASN A 71 9.10 4.53 11.57
C ASN A 71 8.05 5.49 11.01
N LEU A 72 7.73 5.31 9.73
CA LEU A 72 6.73 6.14 9.05
C LEU A 72 5.35 5.88 9.64
N ARG A 73 5.07 4.63 9.96
CA ARG A 73 3.76 4.21 10.47
C ARG A 73 3.57 4.71 11.89
N LYS A 74 4.63 4.65 12.68
CA LYS A 74 4.60 5.08 14.06
C LYS A 74 4.35 6.58 14.13
N ASN A 75 4.82 7.30 13.11
CA ASN A 75 4.61 8.73 13.03
C ASN A 75 3.25 9.04 12.41
N GLY A 76 2.74 8.08 11.65
CA GLY A 76 1.42 8.23 11.05
C GLY A 76 1.47 8.94 9.72
N VAL A 77 2.60 8.87 9.05
CA VAL A 77 2.77 9.54 7.76
C VAL A 77 2.82 8.52 6.62
N ALA A 78 2.73 7.25 6.98
CA ALA A 78 2.76 6.17 6.02
C ALA A 78 1.36 5.88 5.48
N PRO A 79 1.26 5.16 4.35
CA PRO A 79 -0.02 4.70 3.83
C PRO A 79 -0.71 3.78 4.84
N LYS A 80 -2.04 3.81 4.85
CA LYS A 80 -2.80 3.07 5.83
C LYS A 80 -2.78 1.58 5.49
N ALA A 81 -2.59 1.28 4.21
CA ALA A 81 -2.46 -0.09 3.74
C ALA A 81 -1.93 -0.10 2.31
N ILE A 82 -1.21 -1.14 1.96
CA ILE A 82 -0.67 -1.28 0.61
C ILE A 82 -1.07 -2.62 0.02
N ILE A 83 -1.73 -2.57 -1.13
CA ILE A 83 -2.19 -3.80 -1.78
C ILE A 83 -1.40 -4.03 -3.05
N ASN A 84 -0.72 -5.17 -3.13
CA ASN A 84 0.14 -5.46 -4.26
C ASN A 84 -0.17 -6.85 -4.82
N LYS A 85 0.35 -7.14 -6.00
CA LYS A 85 0.33 -8.51 -6.50
C LYS A 85 1.73 -9.08 -6.36
N LYS A 86 2.71 -8.25 -6.64
CA LYS A 86 4.10 -8.63 -6.46
C LYS A 86 4.83 -7.57 -5.64
N THR A 87 5.04 -7.88 -4.37
CA THR A 87 5.80 -7.00 -3.51
C THR A 87 7.12 -7.68 -3.16
N GLU A 88 8.12 -6.90 -2.79
CA GLU A 88 9.40 -7.46 -2.46
C GLU A 88 9.36 -8.03 -1.04
N THR A 89 10.09 -9.11 -0.82
CA THR A 89 10.08 -9.80 0.46
C THR A 89 10.49 -8.86 1.59
N ILE A 90 11.38 -7.93 1.28
CA ILE A 90 11.84 -6.94 2.24
C ILE A 90 10.70 -6.02 2.65
N ILE A 91 9.87 -5.63 1.68
CA ILE A 91 8.74 -4.75 1.93
C ILE A 91 7.64 -5.47 2.70
N ALA A 92 7.39 -6.73 2.30
CA ALA A 92 6.36 -7.55 2.93
C ALA A 92 6.60 -7.69 4.43
N VAL A 93 7.84 -7.99 4.80
CA VAL A 93 8.20 -8.13 6.21
C VAL A 93 8.13 -6.78 6.92
N GLY A 94 8.63 -5.74 6.25
CA GLY A 94 8.61 -4.41 6.82
C GLY A 94 7.21 -3.93 7.10
N ALA A 95 6.29 -4.20 6.16
CA ALA A 95 4.89 -3.83 6.31
C ALA A 95 4.25 -4.59 7.48
N ALA A 96 4.61 -5.86 7.62
CA ALA A 96 4.08 -6.68 8.69
C ALA A 96 4.53 -6.16 10.05
N MET A 97 5.77 -5.67 10.11
CA MET A 97 6.32 -5.11 11.34
C MET A 97 5.63 -3.80 11.69
N ALA A 98 5.30 -3.03 10.67
CA ALA A 98 4.72 -1.71 10.85
C ALA A 98 3.20 -1.76 10.99
N GLU A 99 2.63 -2.96 10.90
CA GLU A 99 1.18 -3.14 10.93
C GLU A 99 0.53 -2.43 9.74
N ILE A 100 1.11 -2.67 8.58
CA ILE A 100 0.58 -2.16 7.31
C ILE A 100 -0.02 -3.32 6.52
N PRO A 101 -1.33 -3.57 6.70
CA PRO A 101 -2.03 -4.70 6.08
C PRO A 101 -1.76 -4.81 4.57
N LEU A 102 -0.81 -5.67 4.22
CA LEU A 102 -0.48 -5.93 2.84
C LEU A 102 -1.08 -7.25 2.43
N VAL A 103 -1.85 -7.23 1.35
CA VAL A 103 -2.43 -8.44 0.80
C VAL A 103 -2.10 -8.57 -0.68
N GLU A 104 -2.01 -9.80 -1.15
CA GLU A 104 -1.64 -10.06 -2.54
C GLU A 104 -2.90 -10.32 -3.38
N VAL A 105 -3.15 -9.43 -4.33
CA VAL A 105 -4.35 -9.53 -5.15
C VAL A 105 -4.27 -10.69 -6.14
N ARG A 106 -5.34 -11.46 -6.23
CA ARG A 106 -5.39 -12.59 -7.14
C ARG A 106 -5.79 -12.15 -8.54
N ASP A 107 -6.65 -11.14 -8.60
CA ASP A 107 -7.24 -10.74 -9.88
C ASP A 107 -6.75 -9.35 -10.30
N GLU A 108 -6.50 -9.19 -11.59
CA GLU A 108 -6.05 -7.92 -12.15
C GLU A 108 -7.19 -6.91 -12.15
N LYS A 109 -8.41 -7.42 -12.08
CA LYS A 109 -9.61 -6.58 -12.05
C LYS A 109 -9.58 -5.59 -10.89
N PHE A 110 -8.83 -5.91 -9.84
CA PHE A 110 -8.69 -5.03 -8.69
C PHE A 110 -8.09 -3.69 -9.12
N PHE A 111 -7.02 -3.77 -9.92
CA PHE A 111 -6.32 -2.57 -10.37
C PHE A 111 -7.22 -1.73 -11.28
N GLU A 112 -8.10 -2.41 -11.99
CA GLU A 112 -9.00 -1.78 -12.93
C GLU A 112 -10.20 -1.16 -12.20
N ALA A 113 -10.58 -1.77 -11.09
CA ALA A 113 -11.76 -1.34 -10.35
C ALA A 113 -11.45 -0.28 -9.31
N VAL A 114 -10.26 -0.34 -8.72
CA VAL A 114 -9.88 0.60 -7.67
C VAL A 114 -9.81 2.03 -8.23
N LYS A 115 -10.37 2.96 -7.48
CA LYS A 115 -10.46 4.35 -7.92
C LYS A 115 -9.67 5.26 -6.99
N THR A 116 -8.97 6.23 -7.58
CA THR A 116 -8.27 7.22 -6.79
C THR A 116 -9.25 8.19 -6.13
N GLY A 117 -9.53 7.96 -4.85
CA GLY A 117 -10.44 8.81 -4.13
C GLY A 117 -11.47 8.02 -3.34
N ASP A 118 -11.85 6.86 -3.83
CA ASP A 118 -12.88 6.05 -3.18
C ASP A 118 -12.29 5.16 -2.09
N ARG A 119 -13.15 4.69 -1.19
CA ARG A 119 -12.69 4.01 0.01
C ARG A 119 -12.54 2.52 -0.22
N VAL A 120 -11.37 2.01 0.11
CA VAL A 120 -11.11 0.58 0.05
C VAL A 120 -11.03 0.01 1.46
N VAL A 121 -11.90 -0.95 1.74
CA VAL A 121 -11.88 -1.63 3.03
C VAL A 121 -11.10 -2.93 2.89
N VAL A 122 -9.87 -2.93 3.35
CA VAL A 122 -9.03 -4.10 3.24
C VAL A 122 -8.94 -4.84 4.57
N ASN A 123 -9.47 -6.05 4.59
CA ASN A 123 -9.38 -6.89 5.76
C ASN A 123 -8.28 -7.92 5.54
N ALA A 124 -7.08 -7.59 5.98
CA ALA A 124 -5.91 -8.41 5.70
C ALA A 124 -5.94 -9.70 6.50
N ASP A 125 -6.62 -9.68 7.64
CA ASP A 125 -6.69 -10.84 8.53
C ASP A 125 -7.39 -12.01 7.85
N GLU A 126 -8.21 -11.72 6.85
CA GLU A 126 -8.88 -12.76 6.10
C GLU A 126 -8.50 -12.70 4.62
N GLY A 127 -7.65 -11.72 4.28
CA GLY A 127 -7.22 -11.54 2.89
C GLY A 127 -8.37 -11.24 1.96
N TYR A 128 -9.05 -10.12 2.17
CA TYR A 128 -10.20 -9.78 1.37
C TYR A 128 -10.36 -8.27 1.31
N VAL A 129 -10.75 -7.76 0.14
CA VAL A 129 -10.94 -6.32 -0.03
C VAL A 129 -12.35 -5.99 -0.51
N GLU A 130 -12.93 -4.98 0.10
CA GLU A 130 -14.26 -4.49 -0.25
C GLU A 130 -14.18 -3.04 -0.69
N LEU A 131 -14.47 -2.78 -1.96
CA LEU A 131 -14.42 -1.42 -2.47
C LEU A 131 -15.77 -0.73 -2.30
N ILE A 132 -15.76 0.41 -1.65
CA ILE A 132 -16.97 1.17 -1.46
C ILE A 132 -17.01 2.31 -2.46
N GLU A 133 -17.92 2.20 -3.39
CA GLU A 133 -18.04 3.16 -4.48
C GLU A 133 -19.02 4.25 -4.09
N VAL A 2 -18.50 -4.26 -5.37
CA VAL A 2 -17.46 -5.09 -5.97
C VAL A 2 -16.46 -5.52 -4.91
N LYS A 3 -16.13 -6.81 -4.90
CA LYS A 3 -15.23 -7.35 -3.89
C LYS A 3 -14.35 -8.46 -4.47
N PHE A 4 -13.14 -8.57 -3.95
CA PHE A 4 -12.19 -9.58 -4.39
C PHE A 4 -11.52 -10.22 -3.18
N ALA A 5 -11.09 -11.46 -3.33
CA ALA A 5 -10.34 -12.15 -2.28
C ALA A 5 -8.92 -12.44 -2.74
N CYS A 6 -7.95 -11.80 -2.11
CA CYS A 6 -6.56 -11.95 -2.48
C CYS A 6 -5.75 -12.50 -1.29
N ARG A 7 -4.46 -12.76 -1.50
CA ARG A 7 -3.68 -13.42 -0.46
C ARG A 7 -2.95 -12.42 0.42
N ALA A 8 -3.26 -12.45 1.70
CA ALA A 8 -2.65 -11.54 2.66
C ALA A 8 -1.33 -12.10 3.19
N ILE A 9 -0.37 -11.21 3.39
CA ILE A 9 0.92 -11.59 3.97
C ILE A 9 0.98 -11.10 5.41
N THR A 10 0.76 -9.82 5.59
CA THR A 10 0.59 -9.26 6.92
C THR A 10 -0.91 -9.11 7.19
N ARG A 11 -1.30 -8.98 8.45
CA ARG A 11 -2.71 -8.95 8.76
C ARG A 11 -3.13 -7.71 9.53
N GLY A 12 -4.39 -7.69 9.91
CA GLY A 12 -4.99 -6.48 10.43
C GLY A 12 -6.17 -6.09 9.57
N ARG A 13 -6.65 -4.86 9.72
CA ARG A 13 -7.75 -4.39 8.90
C ARG A 13 -7.61 -2.90 8.67
N ALA A 14 -7.98 -2.43 7.49
CA ALA A 14 -7.87 -1.01 7.16
C ALA A 14 -8.86 -0.64 6.08
N GLU A 15 -9.28 0.62 6.08
CA GLU A 15 -10.21 1.12 5.09
C GLU A 15 -9.94 2.59 4.80
N GLY A 16 -10.43 3.07 3.67
CA GLY A 16 -10.37 4.48 3.40
C GLY A 16 -10.23 4.78 1.93
N GLU A 17 -9.77 5.99 1.63
CA GLU A 17 -9.52 6.40 0.26
C GLU A 17 -8.41 5.57 -0.35
N ALA A 18 -8.71 4.94 -1.47
CA ALA A 18 -7.76 4.12 -2.18
C ALA A 18 -6.83 4.98 -3.01
N LEU A 19 -5.56 4.95 -2.68
CA LEU A 19 -4.56 5.69 -3.44
C LEU A 19 -3.91 4.75 -4.45
N VAL A 20 -4.21 4.94 -5.72
CA VAL A 20 -3.75 4.04 -6.75
C VAL A 20 -2.63 4.67 -7.56
N THR A 21 -1.44 4.12 -7.42
CA THR A 21 -0.28 4.55 -8.20
C THR A 21 0.18 3.41 -9.09
N LYS A 22 -0.18 3.48 -10.38
CA LYS A 22 0.13 2.40 -11.31
C LYS A 22 1.61 2.39 -11.67
N GLU A 23 2.31 3.45 -11.30
CA GLU A 23 3.73 3.55 -11.60
C GLU A 23 4.52 2.59 -10.71
N TYR A 24 5.39 1.82 -11.33
CA TYR A 24 6.17 0.82 -10.62
C TYR A 24 7.34 1.46 -9.88
N ILE A 25 7.03 2.21 -8.84
CA ILE A 25 8.04 2.82 -8.00
C ILE A 25 8.55 1.83 -6.98
N SER A 26 9.78 2.03 -6.57
CA SER A 26 10.46 1.09 -5.73
C SER A 26 10.80 1.71 -4.37
N PHE A 27 11.32 0.90 -3.48
CA PHE A 27 11.79 1.37 -2.18
C PHE A 27 13.19 1.94 -2.30
N LEU A 28 13.88 2.09 -1.16
CA LEU A 28 15.21 2.69 -1.11
C LEU A 28 15.11 4.21 -1.36
N GLY A 29 13.89 4.72 -1.26
CA GLY A 29 13.68 6.14 -1.41
C GLY A 29 12.51 6.48 -2.31
N GLY A 30 11.39 5.77 -2.12
CA GLY A 30 10.18 6.09 -2.85
C GLY A 30 9.32 7.06 -2.08
N ILE A 31 8.70 6.55 -1.03
CA ILE A 31 7.99 7.40 -0.08
C ILE A 31 8.99 7.90 0.95
N ASP A 32 8.96 9.19 1.24
CA ASP A 32 9.94 9.78 2.15
C ASP A 32 9.69 9.37 3.59
N LYS A 33 10.77 9.22 4.33
CA LYS A 33 10.74 8.69 5.69
C LYS A 33 10.39 9.78 6.72
N GLU A 34 10.40 11.03 6.28
CA GLU A 34 10.21 12.14 7.19
C GLU A 34 8.87 12.83 6.96
N THR A 35 8.51 13.00 5.70
CA THR A 35 7.28 13.68 5.35
C THR A 35 6.16 12.71 4.97
N GLY A 36 6.55 11.51 4.55
CA GLY A 36 5.57 10.55 4.09
C GLY A 36 5.07 10.89 2.70
N ILE A 37 5.83 11.75 2.03
CA ILE A 37 5.49 12.19 0.69
C ILE A 37 6.31 11.41 -0.34
N VAL A 38 5.71 11.10 -1.47
CA VAL A 38 6.42 10.40 -2.54
C VAL A 38 7.49 11.31 -3.14
N LYS A 39 8.75 10.91 -2.98
CA LYS A 39 9.89 11.67 -3.50
C LYS A 39 10.10 11.36 -4.97
N GLU A 40 9.70 10.17 -5.38
CA GLU A 40 9.85 9.71 -6.75
C GLU A 40 8.99 10.52 -7.70
N ASP A 41 9.49 10.72 -8.91
CA ASP A 41 8.78 11.53 -9.91
C ASP A 41 7.64 10.73 -10.52
N CYS A 42 6.50 11.39 -10.67
CA CYS A 42 5.30 10.78 -11.19
C CYS A 42 4.32 11.87 -11.57
N GLU A 43 3.26 11.52 -12.29
CA GLU A 43 2.22 12.49 -12.62
C GLU A 43 1.54 12.97 -11.34
N ILE A 44 1.40 12.04 -10.40
CA ILE A 44 0.85 12.38 -9.10
C ILE A 44 1.94 12.34 -8.03
N LYS A 45 3.02 13.08 -8.29
CA LYS A 45 4.12 13.17 -7.35
C LYS A 45 3.74 14.11 -6.21
N GLY A 46 3.99 13.69 -4.99
CA GLY A 46 3.69 14.52 -3.85
C GLY A 46 2.47 14.06 -3.09
N GLU A 47 1.96 12.88 -3.45
CA GLU A 47 0.79 12.33 -2.78
C GLU A 47 1.10 12.03 -1.32
N SER A 48 0.08 12.18 -0.49
CA SER A 48 0.23 11.97 0.94
C SER A 48 -0.45 10.66 1.34
N VAL A 49 0.36 9.66 1.66
CA VAL A 49 -0.15 8.32 1.96
C VAL A 49 -0.64 8.22 3.41
N ALA A 50 -0.54 9.32 4.14
CA ALA A 50 -0.88 9.33 5.55
C ALA A 50 -2.39 9.17 5.77
N GLY A 51 -2.80 7.92 5.88
CA GLY A 51 -4.18 7.62 6.20
C GLY A 51 -4.96 7.06 5.03
N ARG A 52 -4.26 6.76 3.95
CA ARG A 52 -4.91 6.23 2.75
C ARG A 52 -4.68 4.73 2.61
N ILE A 53 -5.35 4.13 1.65
CA ILE A 53 -5.09 2.74 1.29
C ILE A 53 -4.21 2.72 0.05
N LEU A 54 -2.93 2.42 0.24
CA LEU A 54 -1.96 2.56 -0.82
C LEU A 54 -1.90 1.30 -1.69
N VAL A 55 -2.31 1.45 -2.95
CA VAL A 55 -2.29 0.34 -3.89
C VAL A 55 -1.39 0.66 -5.07
N PHE A 56 -0.23 0.02 -5.11
CA PHE A 56 0.69 0.16 -6.22
C PHE A 56 1.26 -1.20 -6.60
N PRO A 57 1.61 -1.40 -7.89
CA PRO A 57 2.30 -2.62 -8.32
C PRO A 57 3.68 -2.71 -7.67
N GLY A 58 4.42 -1.61 -7.76
CA GLY A 58 5.71 -1.52 -7.12
C GLY A 58 6.82 -2.20 -7.89
N GLY A 59 7.98 -1.58 -7.93
CA GLY A 59 9.13 -2.18 -8.58
C GLY A 59 10.04 -2.86 -7.59
N LYS A 60 9.60 -2.90 -6.32
CA LYS A 60 10.38 -3.47 -5.22
C LYS A 60 11.61 -2.63 -4.90
N GLY A 61 12.71 -2.86 -5.61
CA GLY A 61 13.88 -2.04 -5.45
C GLY A 61 15.14 -2.88 -5.32
N SER A 62 15.74 -2.83 -4.16
CA SER A 62 17.01 -3.50 -3.93
C SER A 62 17.16 -3.89 -2.46
N THR A 63 16.17 -4.60 -1.94
CA THR A 63 16.23 -5.18 -0.59
C THR A 63 16.07 -4.12 0.52
N VAL A 64 16.31 -2.85 0.19
CA VAL A 64 16.20 -1.75 1.15
C VAL A 64 14.75 -1.29 1.30
N GLY A 65 13.84 -2.25 1.26
CA GLY A 65 12.42 -1.96 1.44
C GLY A 65 11.99 -2.11 2.88
N SER A 66 12.82 -2.75 3.69
CA SER A 66 12.51 -2.98 5.08
C SER A 66 12.88 -1.77 5.94
N TYR A 67 12.37 -1.76 7.18
CA TYR A 67 12.64 -0.69 8.15
C TYR A 67 11.87 0.59 7.83
N VAL A 68 11.87 0.98 6.56
CA VAL A 68 11.21 2.22 6.12
C VAL A 68 9.75 2.27 6.55
N LEU A 69 9.04 1.17 6.35
CA LEU A 69 7.63 1.09 6.68
C LEU A 69 7.38 1.32 8.17
N LEU A 70 8.29 0.83 9.01
CA LEU A 70 8.19 1.02 10.46
C LEU A 70 8.44 2.47 10.81
N ASN A 71 9.40 3.08 10.12
CA ASN A 71 9.72 4.50 10.31
C ASN A 71 8.49 5.34 9.98
N LEU A 72 7.87 5.06 8.84
CA LEU A 72 6.68 5.78 8.39
C LEU A 72 5.55 5.70 9.42
N ARG A 73 5.38 4.53 10.00
CA ARG A 73 4.31 4.31 10.97
C ARG A 73 4.61 5.02 12.29
N LYS A 74 5.87 4.98 12.72
CA LYS A 74 6.27 5.72 13.91
C LYS A 74 6.08 7.21 13.69
N ASN A 75 6.31 7.64 12.45
CA ASN A 75 6.18 9.03 12.07
C ASN A 75 4.70 9.42 12.03
N GLY A 76 3.86 8.47 11.64
CA GLY A 76 2.43 8.71 11.55
C GLY A 76 1.99 9.05 10.15
N VAL A 77 2.92 8.95 9.21
CA VAL A 77 2.66 9.32 7.82
C VAL A 77 2.45 8.08 6.95
N ALA A 78 2.33 6.92 7.60
CA ALA A 78 2.16 5.67 6.88
C ALA A 78 0.70 5.44 6.53
N PRO A 79 0.44 4.78 5.39
CA PRO A 79 -0.91 4.42 4.98
C PRO A 79 -1.51 3.36 5.89
N LYS A 80 -2.83 3.25 5.88
CA LYS A 80 -3.52 2.28 6.71
C LYS A 80 -3.23 0.86 6.21
N ALA A 81 -3.18 0.71 4.90
CA ALA A 81 -2.90 -0.58 4.29
C ALA A 81 -2.16 -0.39 2.96
N ILE A 82 -1.48 -1.44 2.53
CA ILE A 82 -0.75 -1.42 1.27
C ILE A 82 -1.05 -2.67 0.47
N ILE A 83 -1.61 -2.51 -0.72
CA ILE A 83 -1.98 -3.64 -1.54
C ILE A 83 -1.12 -3.66 -2.81
N ASN A 84 -0.36 -4.73 -3.01
CA ASN A 84 0.51 -4.86 -4.18
C ASN A 84 0.07 -6.03 -5.04
N LYS A 85 0.69 -6.16 -6.21
CA LYS A 85 0.48 -7.32 -7.05
C LYS A 85 1.52 -8.38 -6.72
N LYS A 86 2.77 -7.94 -6.56
CA LYS A 86 3.86 -8.83 -6.19
C LYS A 86 4.34 -8.51 -4.79
N THR A 87 4.24 -9.48 -3.90
CA THR A 87 4.72 -9.34 -2.54
C THR A 87 6.22 -9.62 -2.49
N GLU A 88 6.88 -9.13 -1.45
CA GLU A 88 8.30 -9.34 -1.29
C GLU A 88 8.63 -9.49 0.19
N THR A 89 9.69 -10.23 0.48
CA THR A 89 10.14 -10.45 1.84
C THR A 89 10.36 -9.13 2.57
N ILE A 90 11.05 -8.20 1.93
CA ILE A 90 11.40 -6.92 2.54
C ILE A 90 10.16 -6.10 2.88
N ILE A 91 9.14 -6.20 2.04
CA ILE A 91 7.89 -5.50 2.27
C ILE A 91 7.16 -6.11 3.44
N ALA A 92 7.12 -7.44 3.46
CA ALA A 92 6.48 -8.19 4.54
C ALA A 92 7.15 -7.87 5.87
N VAL A 93 8.47 -7.88 5.88
CA VAL A 93 9.23 -7.56 7.09
C VAL A 93 8.89 -6.16 7.61
N GLY A 94 8.95 -5.19 6.72
CA GLY A 94 8.70 -3.81 7.11
C GLY A 94 7.27 -3.60 7.61
N ALA A 95 6.32 -4.18 6.92
CA ALA A 95 4.90 -4.00 7.24
C ALA A 95 4.50 -4.75 8.50
N ALA A 96 5.15 -5.88 8.76
CA ALA A 96 4.85 -6.67 9.95
C ALA A 96 5.24 -5.92 11.22
N MET A 97 6.31 -5.13 11.13
CA MET A 97 6.78 -4.34 12.26
C MET A 97 5.77 -3.26 12.61
N ALA A 98 5.27 -2.61 11.59
CA ALA A 98 4.47 -1.40 11.75
C ALA A 98 2.98 -1.70 11.75
N GLU A 99 2.65 -2.98 11.60
CA GLU A 99 1.26 -3.41 11.43
C GLU A 99 0.63 -2.72 10.23
N ILE A 100 1.17 -3.01 9.07
CA ILE A 100 0.67 -2.47 7.81
C ILE A 100 0.08 -3.59 6.97
N PRO A 101 -1.22 -3.87 7.13
CA PRO A 101 -1.92 -4.94 6.41
C PRO A 101 -1.67 -4.88 4.90
N LEU A 102 -0.98 -5.87 4.37
CA LEU A 102 -0.70 -5.93 2.95
C LEU A 102 -1.17 -7.26 2.38
N VAL A 103 -1.87 -7.19 1.26
CA VAL A 103 -2.30 -8.39 0.56
C VAL A 103 -1.82 -8.31 -0.89
N GLU A 104 -1.62 -9.45 -1.51
CA GLU A 104 -1.20 -9.50 -2.89
C GLU A 104 -2.40 -9.77 -3.79
N VAL A 105 -2.66 -8.84 -4.69
CA VAL A 105 -3.69 -9.00 -5.71
C VAL A 105 -3.05 -9.48 -7.00
N ARG A 106 -3.79 -10.17 -7.82
CA ARG A 106 -3.23 -10.73 -9.04
C ARG A 106 -4.06 -10.33 -10.26
N ASP A 107 -5.27 -9.85 -10.03
CA ASP A 107 -6.22 -9.62 -11.10
C ASP A 107 -6.17 -8.18 -11.59
N GLU A 108 -6.24 -8.00 -12.91
CA GLU A 108 -6.21 -6.68 -13.52
C GLU A 108 -7.52 -5.94 -13.27
N LYS A 109 -8.61 -6.70 -13.17
CA LYS A 109 -9.94 -6.13 -12.99
C LYS A 109 -9.99 -5.32 -11.69
N PHE A 110 -9.17 -5.70 -10.72
CA PHE A 110 -9.08 -4.98 -9.46
C PHE A 110 -8.52 -3.58 -9.69
N PHE A 111 -7.43 -3.49 -10.44
CA PHE A 111 -6.75 -2.22 -10.66
C PHE A 111 -7.59 -1.29 -11.52
N GLU A 112 -8.46 -1.86 -12.33
CA GLU A 112 -9.31 -1.08 -13.18
C GLU A 112 -10.58 -0.64 -12.46
N ALA A 113 -11.10 -1.51 -11.59
CA ALA A 113 -12.29 -1.19 -10.84
C ALA A 113 -12.01 -0.07 -9.83
N VAL A 114 -10.84 -0.14 -9.20
CA VAL A 114 -10.46 0.84 -8.21
C VAL A 114 -9.66 1.98 -8.85
N LYS A 115 -9.92 3.20 -8.42
CA LYS A 115 -9.16 4.36 -8.86
C LYS A 115 -8.97 5.32 -7.70
N THR A 116 -7.92 6.12 -7.79
CA THR A 116 -7.56 7.06 -6.74
C THR A 116 -8.70 8.02 -6.42
N GLY A 117 -9.22 7.94 -5.20
CA GLY A 117 -10.23 8.88 -4.77
C GLY A 117 -11.38 8.23 -4.04
N ASP A 118 -11.76 7.03 -4.44
CA ASP A 118 -12.90 6.37 -3.82
C ASP A 118 -12.43 5.49 -2.67
N ARG A 119 -13.35 4.73 -2.07
CA ARG A 119 -13.09 4.05 -0.82
C ARG A 119 -13.01 2.54 -1.01
N VAL A 120 -12.11 1.92 -0.27
CA VAL A 120 -12.01 0.48 -0.27
C VAL A 120 -11.73 -0.03 1.14
N VAL A 121 -12.34 -1.14 1.50
CA VAL A 121 -12.14 -1.75 2.80
C VAL A 121 -11.36 -3.05 2.65
N VAL A 122 -10.20 -3.10 3.29
CA VAL A 122 -9.33 -4.26 3.18
C VAL A 122 -9.20 -4.98 4.51
N ASN A 123 -9.71 -6.21 4.56
CA ASN A 123 -9.54 -7.04 5.73
C ASN A 123 -8.42 -8.03 5.47
N ALA A 124 -7.24 -7.73 5.99
CA ALA A 124 -6.05 -8.53 5.73
C ALA A 124 -6.06 -9.82 6.54
N ASP A 125 -7.01 -9.93 7.46
CA ASP A 125 -7.15 -11.14 8.25
C ASP A 125 -7.53 -12.31 7.35
N GLU A 126 -8.38 -12.02 6.37
CA GLU A 126 -8.83 -13.03 5.41
C GLU A 126 -8.09 -12.87 4.09
N GLY A 127 -7.68 -11.64 3.80
CA GLY A 127 -7.24 -11.31 2.46
C GLY A 127 -8.44 -10.94 1.62
N TYR A 128 -9.14 -9.90 2.05
CA TYR A 128 -10.47 -9.61 1.55
C TYR A 128 -10.59 -8.12 1.26
N VAL A 129 -10.96 -7.79 0.03
CA VAL A 129 -11.00 -6.40 -0.38
C VAL A 129 -12.39 -6.05 -0.90
N GLU A 130 -13.08 -5.17 -0.19
CA GLU A 130 -14.40 -4.70 -0.60
C GLU A 130 -14.31 -3.26 -1.07
N LEU A 131 -14.58 -3.04 -2.34
CA LEU A 131 -14.58 -1.70 -2.91
C LEU A 131 -15.94 -1.06 -2.70
N ILE A 132 -15.96 0.15 -2.16
CA ILE A 132 -17.20 0.84 -1.95
C ILE A 132 -17.16 2.21 -2.58
N GLU A 133 -18.00 2.36 -3.58
CA GLU A 133 -18.02 3.56 -4.40
C GLU A 133 -18.94 4.59 -3.78
N VAL A 2 -17.40 -5.45 -7.76
CA VAL A 2 -16.30 -5.21 -6.84
C VAL A 2 -16.23 -6.36 -5.84
N LYS A 3 -15.51 -6.15 -4.73
CA LYS A 3 -15.35 -7.17 -3.69
C LYS A 3 -14.50 -8.33 -4.20
N PHE A 4 -13.21 -8.26 -3.96
CA PHE A 4 -12.27 -9.25 -4.48
C PHE A 4 -11.51 -9.94 -3.36
N ALA A 5 -11.15 -11.19 -3.59
CA ALA A 5 -10.34 -11.94 -2.63
C ALA A 5 -8.88 -11.92 -3.05
N CYS A 6 -8.00 -11.68 -2.09
CA CYS A 6 -6.59 -11.63 -2.34
C CYS A 6 -5.85 -12.53 -1.36
N ARG A 7 -4.53 -12.65 -1.51
CA ARG A 7 -3.75 -13.47 -0.60
C ARG A 7 -3.18 -12.61 0.50
N ALA A 8 -3.52 -12.94 1.74
CA ALA A 8 -3.11 -12.15 2.88
C ALA A 8 -1.80 -12.63 3.47
N ILE A 9 -0.77 -11.80 3.34
CA ILE A 9 0.53 -12.10 3.91
C ILE A 9 0.54 -11.75 5.39
N THR A 10 0.13 -10.54 5.70
CA THR A 10 0.04 -10.08 7.07
C THR A 10 -1.41 -10.10 7.55
N ARG A 11 -1.66 -9.59 8.74
CA ARG A 11 -3.01 -9.57 9.30
C ARG A 11 -3.41 -8.15 9.68
N GLY A 12 -4.66 -7.99 10.11
CA GLY A 12 -5.17 -6.67 10.42
C GLY A 12 -6.09 -6.17 9.31
N ARG A 13 -6.74 -5.04 9.54
CA ARG A 13 -7.62 -4.48 8.53
C ARG A 13 -7.53 -2.96 8.50
N ALA A 14 -7.77 -2.37 7.34
CA ALA A 14 -7.67 -0.93 7.17
C ALA A 14 -8.79 -0.42 6.28
N GLU A 15 -9.36 0.70 6.66
CA GLU A 15 -10.43 1.32 5.91
C GLU A 15 -10.12 2.79 5.66
N GLY A 16 -10.08 3.20 4.40
CA GLY A 16 -9.86 4.60 4.11
C GLY A 16 -9.81 4.88 2.62
N GLU A 17 -9.22 6.02 2.27
CA GLU A 17 -9.14 6.47 0.90
C GLU A 17 -8.17 5.60 0.09
N ALA A 18 -8.59 5.20 -1.10
CA ALA A 18 -7.75 4.38 -1.96
C ALA A 18 -6.92 5.26 -2.90
N LEU A 19 -5.61 5.05 -2.88
CA LEU A 19 -4.69 5.80 -3.70
C LEU A 19 -3.97 4.84 -4.65
N VAL A 20 -4.16 5.02 -5.95
CA VAL A 20 -3.63 4.07 -6.92
C VAL A 20 -2.35 4.58 -7.56
N THR A 21 -1.32 3.75 -7.52
CA THR A 21 -0.06 4.04 -8.18
C THR A 21 0.32 2.89 -9.09
N LYS A 22 0.22 3.09 -10.40
CA LYS A 22 0.45 2.01 -11.35
C LYS A 22 1.93 1.87 -11.70
N GLU A 23 2.77 2.58 -10.99
CA GLU A 23 4.20 2.50 -11.21
C GLU A 23 4.89 1.75 -10.08
N TYR A 24 5.91 0.99 -10.43
CA TYR A 24 6.66 0.20 -9.46
C TYR A 24 7.70 1.06 -8.77
N ILE A 25 7.86 0.88 -7.47
CA ILE A 25 8.84 1.64 -6.72
C ILE A 25 9.74 0.71 -5.92
N SER A 26 10.94 1.18 -5.60
CA SER A 26 11.93 0.39 -4.87
C SER A 26 11.81 0.60 -3.37
N PHE A 27 10.83 1.43 -2.98
CA PHE A 27 10.58 1.77 -1.57
C PHE A 27 11.65 2.70 -1.00
N LEU A 28 12.73 2.90 -1.76
CA LEU A 28 13.71 3.94 -1.44
C LEU A 28 13.36 5.18 -2.25
N GLY A 29 12.06 5.38 -2.46
CA GLY A 29 11.60 6.46 -3.31
C GLY A 29 11.49 7.77 -2.57
N GLY A 30 10.99 8.78 -3.27
CA GLY A 30 10.92 10.12 -2.72
C GLY A 30 9.68 10.37 -1.89
N ILE A 31 9.30 9.40 -1.07
CA ILE A 31 8.23 9.62 -0.11
C ILE A 31 8.81 10.36 1.09
N ASP A 32 8.38 11.62 1.26
CA ASP A 32 8.90 12.47 2.31
C ASP A 32 8.72 11.84 3.69
N LYS A 33 9.80 11.79 4.45
CA LYS A 33 9.80 11.08 5.73
C LYS A 33 9.22 11.94 6.84
N GLU A 34 9.00 13.23 6.57
CA GLU A 34 8.48 14.13 7.58
C GLU A 34 6.96 14.23 7.49
N THR A 35 6.46 14.31 6.27
CA THR A 35 5.03 14.55 6.04
C THR A 35 4.36 13.42 5.25
N GLY A 36 5.15 12.45 4.79
CA GLY A 36 4.61 11.34 4.03
C GLY A 36 4.06 11.77 2.68
N ILE A 37 4.69 12.80 2.11
CA ILE A 37 4.30 13.30 0.81
C ILE A 37 5.08 12.58 -0.28
N VAL A 38 4.37 11.93 -1.19
CA VAL A 38 5.02 11.28 -2.33
C VAL A 38 5.56 12.34 -3.29
N LYS A 39 6.84 12.63 -3.14
CA LYS A 39 7.53 13.59 -4.00
C LYS A 39 8.01 12.89 -5.25
N GLU A 40 7.83 11.58 -5.27
CA GLU A 40 8.14 10.77 -6.44
C GLU A 40 7.14 11.09 -7.53
N ASP A 41 7.60 11.20 -8.77
CA ASP A 41 6.72 11.60 -9.85
C ASP A 41 5.83 10.45 -10.29
N CYS A 42 4.55 10.76 -10.43
CA CYS A 42 3.55 9.80 -10.88
C CYS A 42 2.23 10.53 -11.12
N GLU A 43 2.34 11.82 -11.42
CA GLU A 43 1.20 12.73 -11.60
C GLU A 43 0.47 12.99 -10.27
N ILE A 44 0.32 11.97 -9.45
CA ILE A 44 -0.24 12.11 -8.10
C ILE A 44 0.81 12.64 -7.14
N LYS A 45 1.91 13.12 -7.70
CA LYS A 45 3.00 13.72 -6.94
C LYS A 45 2.49 14.90 -6.11
N GLY A 46 2.71 14.82 -4.82
CA GLY A 46 2.26 15.86 -3.92
C GLY A 46 1.16 15.39 -2.98
N GLU A 47 0.70 14.16 -3.17
CA GLU A 47 -0.29 13.56 -2.31
C GLU A 47 0.36 12.89 -1.10
N SER A 48 -0.34 12.89 0.02
CA SER A 48 0.13 12.24 1.23
C SER A 48 -0.46 10.84 1.33
N VAL A 49 0.28 9.94 1.94
CA VAL A 49 -0.17 8.57 2.14
C VAL A 49 -0.57 8.33 3.59
N ALA A 50 -0.52 9.40 4.39
CA ALA A 50 -0.78 9.32 5.82
C ALA A 50 -2.23 9.01 6.11
N GLY A 51 -2.52 7.73 6.20
CA GLY A 51 -3.85 7.29 6.56
C GLY A 51 -4.66 6.86 5.36
N ARG A 52 -3.98 6.58 4.26
CA ARG A 52 -4.64 6.12 3.05
C ARG A 52 -4.18 4.71 2.70
N ILE A 53 -4.89 4.09 1.77
CA ILE A 53 -4.55 2.74 1.32
C ILE A 53 -3.95 2.81 -0.07
N LEU A 54 -2.75 2.30 -0.23
CA LEU A 54 -2.04 2.41 -1.50
C LEU A 54 -2.22 1.15 -2.34
N VAL A 55 -2.42 1.35 -3.63
CA VAL A 55 -2.54 0.25 -4.56
C VAL A 55 -1.36 0.25 -5.54
N PHE A 56 -0.60 -0.83 -5.54
CA PHE A 56 0.57 -0.95 -6.41
C PHE A 56 0.53 -2.28 -7.16
N PRO A 57 0.99 -2.30 -8.42
CA PRO A 57 1.09 -3.54 -9.18
C PRO A 57 2.20 -4.44 -8.66
N GLY A 58 3.41 -3.91 -8.59
CA GLY A 58 4.53 -4.69 -8.14
C GLY A 58 5.41 -3.93 -7.17
N GLY A 59 5.37 -4.33 -5.91
CA GLY A 59 6.24 -3.75 -4.92
C GLY A 59 7.61 -4.38 -4.96
N LYS A 60 8.65 -3.56 -5.01
CA LYS A 60 10.00 -4.06 -5.15
C LYS A 60 10.93 -3.34 -4.18
N GLY A 61 12.11 -3.90 -3.99
CA GLY A 61 13.05 -3.32 -3.06
C GLY A 61 13.51 -4.33 -2.03
N SER A 62 14.63 -4.99 -2.31
CA SER A 62 15.13 -6.02 -1.43
C SER A 62 16.35 -5.51 -0.67
N THR A 63 16.50 -4.20 -0.68
CA THR A 63 17.60 -3.54 -0.01
C THR A 63 17.10 -2.33 0.78
N VAL A 64 15.79 -2.32 1.04
CA VAL A 64 15.14 -1.20 1.73
C VAL A 64 15.56 -1.16 3.20
N GLY A 65 15.46 -2.28 3.86
CA GLY A 65 15.74 -2.34 5.29
C GLY A 65 14.48 -2.57 6.09
N SER A 66 13.34 -2.19 5.49
CA SER A 66 12.01 -2.45 6.04
C SER A 66 11.65 -1.55 7.23
N TYR A 67 12.65 -1.19 8.02
CA TYR A 67 12.44 -0.38 9.22
C TYR A 67 11.84 1.00 8.87
N VAL A 68 12.05 1.44 7.65
CA VAL A 68 11.59 2.75 7.20
C VAL A 68 10.06 2.86 7.31
N LEU A 69 9.36 1.75 7.08
CA LEU A 69 7.90 1.75 7.12
C LEU A 69 7.40 1.96 8.55
N LEU A 70 8.07 1.32 9.49
CA LEU A 70 7.75 1.47 10.90
C LEU A 70 8.04 2.90 11.36
N ASN A 71 9.16 3.44 10.86
CA ASN A 71 9.56 4.80 11.17
C ASN A 71 8.49 5.80 10.70
N LEU A 72 7.98 5.57 9.50
CA LEU A 72 6.92 6.41 8.94
C LEU A 72 5.63 6.26 9.76
N ARG A 73 5.35 5.05 10.21
CA ARG A 73 4.18 4.78 11.04
C ARG A 73 4.27 5.52 12.37
N LYS A 74 5.45 5.50 12.97
CA LYS A 74 5.68 6.18 14.24
C LYS A 74 5.50 7.70 14.06
N ASN A 75 5.78 8.19 12.86
CA ASN A 75 5.64 9.60 12.57
C ASN A 75 4.21 9.92 12.14
N GLY A 76 3.43 8.88 11.86
CA GLY A 76 2.04 9.06 11.51
C GLY A 76 1.86 9.52 10.08
N VAL A 77 2.88 9.29 9.26
CA VAL A 77 2.86 9.72 7.87
C VAL A 77 2.90 8.53 6.92
N ALA A 78 2.64 7.35 7.48
CA ALA A 78 2.64 6.12 6.69
C ALA A 78 1.23 5.74 6.28
N PRO A 79 1.10 4.93 5.21
CA PRO A 79 -0.20 4.43 4.77
C PRO A 79 -0.84 3.51 5.79
N LYS A 80 -2.12 3.23 5.63
CA LYS A 80 -2.80 2.26 6.45
C LYS A 80 -2.53 0.84 5.95
N ALA A 81 -2.52 0.69 4.63
CA ALA A 81 -2.31 -0.59 4.01
C ALA A 81 -1.87 -0.41 2.56
N ILE A 82 -1.23 -1.44 2.01
CA ILE A 82 -0.86 -1.42 0.61
C ILE A 82 -1.31 -2.73 -0.05
N ILE A 83 -2.04 -2.61 -1.14
CA ILE A 83 -2.52 -3.77 -1.87
C ILE A 83 -1.72 -3.91 -3.16
N ASN A 84 -0.98 -4.99 -3.28
CA ASN A 84 -0.12 -5.21 -4.43
C ASN A 84 -0.61 -6.41 -5.21
N LYS A 85 -0.24 -6.50 -6.49
CA LYS A 85 -0.50 -7.71 -7.24
C LYS A 85 0.60 -8.72 -6.92
N LYS A 86 1.80 -8.19 -6.68
CA LYS A 86 2.91 -9.00 -6.22
C LYS A 86 3.88 -8.12 -5.44
N THR A 87 4.55 -8.69 -4.46
CA THR A 87 5.43 -7.93 -3.58
C THR A 87 6.70 -8.71 -3.26
N GLU A 88 7.58 -8.12 -2.45
CA GLU A 88 8.85 -8.75 -2.11
C GLU A 88 8.86 -9.09 -0.61
N THR A 89 9.74 -10.01 -0.23
CA THR A 89 9.88 -10.45 1.15
C THR A 89 10.21 -9.27 2.07
N ILE A 90 11.14 -8.42 1.64
CA ILE A 90 11.53 -7.24 2.42
C ILE A 90 10.32 -6.36 2.72
N ILE A 91 9.46 -6.21 1.73
CA ILE A 91 8.28 -5.37 1.88
C ILE A 91 7.34 -5.94 2.94
N ALA A 92 7.13 -7.25 2.87
CA ALA A 92 6.25 -7.93 3.81
C ALA A 92 6.77 -7.82 5.23
N VAL A 93 8.09 -7.96 5.39
CA VAL A 93 8.72 -7.87 6.71
C VAL A 93 8.48 -6.49 7.33
N GLY A 94 8.64 -5.45 6.53
CA GLY A 94 8.44 -4.10 7.02
C GLY A 94 6.98 -3.82 7.33
N ALA A 95 6.11 -4.30 6.45
CA ALA A 95 4.67 -4.11 6.62
C ALA A 95 4.16 -4.82 7.86
N ALA A 96 4.77 -5.94 8.19
CA ALA A 96 4.36 -6.71 9.37
C ALA A 96 4.59 -5.93 10.65
N MET A 97 5.76 -5.29 10.76
CA MET A 97 6.12 -4.54 11.95
C MET A 97 5.36 -3.21 12.04
N ALA A 98 5.21 -2.56 10.90
CA ALA A 98 4.52 -1.27 10.85
C ALA A 98 3.00 -1.42 10.88
N GLU A 99 2.53 -2.67 10.95
CA GLU A 99 1.11 -2.98 10.93
C GLU A 99 0.43 -2.43 9.68
N ILE A 100 1.00 -2.78 8.54
CA ILE A 100 0.46 -2.36 7.26
C ILE A 100 -0.06 -3.59 6.50
N PRO A 101 -1.34 -3.96 6.72
CA PRO A 101 -1.97 -5.12 6.08
C PRO A 101 -1.67 -5.18 4.58
N LEU A 102 -0.99 -6.24 4.17
CA LEU A 102 -0.59 -6.40 2.78
C LEU A 102 -1.20 -7.67 2.20
N VAL A 103 -1.99 -7.51 1.15
CA VAL A 103 -2.56 -8.64 0.44
C VAL A 103 -2.15 -8.55 -1.03
N GLU A 104 -1.88 -9.69 -1.64
CA GLU A 104 -1.52 -9.71 -3.06
C GLU A 104 -2.73 -10.11 -3.91
N VAL A 105 -3.00 -9.31 -4.91
CA VAL A 105 -4.15 -9.52 -5.78
C VAL A 105 -3.78 -10.39 -6.97
N ARG A 106 -4.67 -11.32 -7.32
CA ARG A 106 -4.45 -12.18 -8.47
C ARG A 106 -5.03 -11.54 -9.74
N ASP A 107 -6.12 -10.81 -9.57
CA ASP A 107 -6.91 -10.35 -10.70
C ASP A 107 -6.56 -8.93 -11.10
N GLU A 108 -6.52 -8.72 -12.40
CA GLU A 108 -6.23 -7.43 -12.98
C GLU A 108 -7.40 -6.45 -12.81
N LYS A 109 -8.61 -6.99 -12.69
CA LYS A 109 -9.81 -6.16 -12.61
C LYS A 109 -9.84 -5.33 -11.33
N PHE A 110 -9.05 -5.71 -10.34
CA PHE A 110 -8.92 -4.92 -9.13
C PHE A 110 -8.40 -3.52 -9.48
N PHE A 111 -7.36 -3.49 -10.32
CA PHE A 111 -6.74 -2.24 -10.76
C PHE A 111 -7.68 -1.53 -11.73
N GLU A 112 -8.47 -2.32 -12.45
CA GLU A 112 -9.45 -1.81 -13.37
C GLU A 112 -10.56 -1.06 -12.61
N ALA A 113 -11.03 -1.67 -11.53
CA ALA A 113 -12.13 -1.13 -10.76
C ALA A 113 -11.70 0.03 -9.87
N VAL A 114 -10.59 -0.16 -9.14
CA VAL A 114 -10.17 0.82 -8.15
C VAL A 114 -9.75 2.14 -8.81
N LYS A 115 -10.24 3.25 -8.26
CA LYS A 115 -9.90 4.57 -8.74
C LYS A 115 -9.30 5.39 -7.60
N THR A 116 -8.34 6.25 -7.93
CA THR A 116 -7.77 7.15 -6.95
C THR A 116 -8.82 8.16 -6.48
N GLY A 117 -9.39 7.90 -5.31
CA GLY A 117 -10.42 8.77 -4.80
C GLY A 117 -11.58 8.00 -4.18
N ASP A 118 -11.67 6.70 -4.48
CA ASP A 118 -12.69 5.85 -3.88
C ASP A 118 -12.23 5.35 -2.52
N ARG A 119 -13.12 4.64 -1.83
CA ARG A 119 -12.80 4.14 -0.50
C ARG A 119 -12.71 2.62 -0.54
N VAL A 120 -11.68 2.08 0.09
CA VAL A 120 -11.50 0.64 0.12
C VAL A 120 -11.39 0.13 1.55
N VAL A 121 -12.05 -0.99 1.80
CA VAL A 121 -11.96 -1.66 3.09
C VAL A 121 -11.22 -2.98 2.91
N VAL A 122 -9.98 -3.02 3.37
CA VAL A 122 -9.18 -4.22 3.24
C VAL A 122 -9.08 -4.98 4.55
N ASN A 123 -9.43 -6.25 4.50
CA ASN A 123 -9.33 -7.13 5.65
C ASN A 123 -8.30 -8.22 5.39
N ALA A 124 -7.11 -8.02 5.94
CA ALA A 124 -6.00 -8.94 5.71
C ALA A 124 -6.08 -10.12 6.68
N ASP A 125 -7.09 -10.11 7.53
CA ASP A 125 -7.33 -11.24 8.43
C ASP A 125 -7.78 -12.46 7.63
N GLU A 126 -8.59 -12.22 6.61
CA GLU A 126 -9.04 -13.28 5.72
C GLU A 126 -8.31 -13.19 4.38
N GLY A 127 -7.95 -11.97 3.99
CA GLY A 127 -7.40 -11.75 2.67
C GLY A 127 -8.47 -11.30 1.72
N TYR A 128 -9.12 -10.20 2.06
CA TYR A 128 -10.28 -9.74 1.35
C TYR A 128 -10.23 -8.24 1.18
N VAL A 129 -10.32 -7.79 -0.06
CA VAL A 129 -10.24 -6.37 -0.36
C VAL A 129 -11.56 -5.88 -0.96
N GLU A 130 -12.30 -5.13 -0.18
CA GLU A 130 -13.61 -4.68 -0.61
C GLU A 130 -13.57 -3.21 -0.98
N LEU A 131 -13.66 -2.93 -2.26
CA LEU A 131 -13.71 -1.56 -2.74
C LEU A 131 -15.14 -1.04 -2.68
N ILE A 132 -15.33 0.07 -2.00
CA ILE A 132 -16.64 0.69 -1.93
C ILE A 132 -16.72 1.80 -2.95
N GLU A 133 -17.65 1.66 -3.87
CA GLU A 133 -17.81 2.61 -4.94
C GLU A 133 -18.42 3.90 -4.42
N VAL A 2 -18.22 -3.38 -5.73
CA VAL A 2 -17.41 -4.52 -6.13
C VAL A 2 -16.61 -5.07 -4.95
N LYS A 3 -16.57 -6.38 -4.85
CA LYS A 3 -15.86 -7.04 -3.75
C LYS A 3 -14.92 -8.10 -4.28
N PHE A 4 -13.63 -7.93 -4.05
CA PHE A 4 -12.64 -8.85 -4.57
C PHE A 4 -11.93 -9.58 -3.44
N ALA A 5 -11.23 -10.66 -3.78
CA ALA A 5 -10.55 -11.46 -2.78
C ALA A 5 -9.05 -11.45 -3.02
N CYS A 6 -8.28 -11.30 -1.95
CA CYS A 6 -6.84 -11.26 -2.04
C CYS A 6 -6.20 -12.35 -1.18
N ARG A 7 -4.91 -12.56 -1.37
CA ARG A 7 -4.15 -13.53 -0.60
C ARG A 7 -3.48 -12.84 0.59
N ALA A 8 -3.97 -13.12 1.78
CA ALA A 8 -3.48 -12.47 2.98
C ALA A 8 -2.04 -12.87 3.30
N ILE A 9 -1.15 -11.89 3.28
CA ILE A 9 0.23 -12.11 3.69
C ILE A 9 0.41 -11.57 5.10
N THR A 10 0.19 -10.28 5.26
CA THR A 10 0.16 -9.66 6.58
C THR A 10 -1.30 -9.57 7.03
N ARG A 11 -1.54 -9.14 8.26
CA ARG A 11 -2.89 -9.10 8.79
C ARG A 11 -3.23 -7.70 9.32
N GLY A 12 -4.51 -7.50 9.60
CA GLY A 12 -4.97 -6.19 10.01
C GLY A 12 -6.21 -5.76 9.25
N ARG A 13 -6.95 -4.81 9.79
CA ARG A 13 -8.18 -4.34 9.17
C ARG A 13 -8.16 -2.81 9.05
N ALA A 14 -8.12 -2.31 7.84
CA ALA A 14 -8.00 -0.88 7.61
C ALA A 14 -8.89 -0.40 6.49
N GLU A 15 -9.40 0.82 6.62
CA GLU A 15 -10.17 1.45 5.57
C GLU A 15 -9.69 2.87 5.37
N GLY A 16 -9.77 3.37 4.15
CA GLY A 16 -9.45 4.75 3.89
C GLY A 16 -9.44 5.07 2.42
N GLU A 17 -8.77 6.17 2.07
CA GLU A 17 -8.66 6.60 0.70
C GLU A 17 -7.76 5.66 -0.09
N ALA A 18 -8.26 5.22 -1.23
CA ALA A 18 -7.50 4.38 -2.13
C ALA A 18 -6.57 5.24 -2.97
N LEU A 19 -5.29 5.01 -2.81
CA LEU A 19 -4.29 5.71 -3.59
C LEU A 19 -3.74 4.74 -4.62
N VAL A 20 -3.96 5.01 -5.90
CA VAL A 20 -3.60 4.05 -6.91
C VAL A 20 -2.29 4.41 -7.58
N THR A 21 -1.27 3.62 -7.31
CA THR A 21 0.02 3.83 -7.90
C THR A 21 0.29 2.81 -8.99
N LYS A 22 -0.12 3.15 -10.19
CA LYS A 22 0.12 2.30 -11.36
C LYS A 22 1.57 2.42 -11.81
N GLU A 23 2.31 3.26 -11.11
CA GLU A 23 3.71 3.47 -11.38
C GLU A 23 4.55 2.52 -10.52
N TYR A 24 5.79 2.29 -10.91
CA TYR A 24 6.67 1.42 -10.14
C TYR A 24 7.80 2.24 -9.53
N ILE A 25 7.72 2.48 -8.22
CA ILE A 25 8.75 3.23 -7.52
C ILE A 25 9.67 2.28 -6.79
N SER A 26 10.97 2.47 -6.97
CA SER A 26 11.96 1.68 -6.25
C SER A 26 11.99 2.11 -4.79
N PHE A 27 11.74 1.15 -3.89
CA PHE A 27 11.63 1.45 -2.48
C PHE A 27 12.98 1.75 -1.86
N LEU A 28 13.36 3.02 -1.93
CA LEU A 28 14.60 3.48 -1.32
C LEU A 28 14.32 4.79 -0.57
N GLY A 29 14.02 5.84 -1.31
CA GLY A 29 13.72 7.11 -0.71
C GLY A 29 12.60 7.83 -1.44
N GLY A 30 12.21 8.99 -0.93
CA GLY A 30 11.18 9.77 -1.58
C GLY A 30 10.16 10.30 -0.60
N ILE A 31 9.46 9.41 0.07
CA ILE A 31 8.47 9.80 1.07
C ILE A 31 9.16 10.37 2.31
N ASP A 32 8.76 11.60 2.67
CA ASP A 32 9.29 12.25 3.86
C ASP A 32 9.01 11.44 5.10
N LYS A 33 10.02 11.26 5.94
CA LYS A 33 9.85 10.53 7.19
C LYS A 33 8.94 11.32 8.14
N GLU A 34 8.85 12.62 7.88
CA GLU A 34 8.15 13.54 8.77
C GLU A 34 6.74 13.86 8.27
N THR A 35 6.65 14.40 7.06
CA THR A 35 5.36 14.83 6.52
C THR A 35 4.61 13.72 5.79
N GLY A 36 5.31 12.63 5.48
CA GLY A 36 4.68 11.52 4.79
C GLY A 36 4.28 11.88 3.37
N ILE A 37 5.04 12.79 2.76
CA ILE A 37 4.80 13.22 1.40
C ILE A 37 5.84 12.58 0.48
N VAL A 38 5.40 12.02 -0.63
CA VAL A 38 6.33 11.43 -1.57
C VAL A 38 6.96 12.52 -2.45
N LYS A 39 8.22 12.82 -2.15
CA LYS A 39 8.97 13.84 -2.87
C LYS A 39 9.50 13.30 -4.19
N GLU A 40 9.58 11.99 -4.31
CA GLU A 40 10.07 11.36 -5.52
C GLU A 40 9.08 11.56 -6.65
N ASP A 41 9.57 11.92 -7.83
CA ASP A 41 8.70 12.22 -8.95
C ASP A 41 8.29 10.95 -9.67
N CYS A 42 7.00 10.81 -9.90
CA CYS A 42 6.43 9.64 -10.57
C CYS A 42 4.91 9.72 -10.53
N GLU A 43 4.38 10.87 -10.96
CA GLU A 43 2.93 11.15 -11.00
C GLU A 43 2.34 11.35 -9.59
N ILE A 44 2.68 10.45 -8.67
CA ILE A 44 2.12 10.50 -7.31
C ILE A 44 2.81 11.58 -6.47
N LYS A 45 3.89 12.14 -7.00
CA LYS A 45 4.67 13.16 -6.31
C LYS A 45 3.79 14.31 -5.84
N GLY A 46 3.83 14.59 -4.55
CA GLY A 46 3.05 15.68 -3.98
C GLY A 46 1.92 15.19 -3.10
N GLU A 47 1.58 13.92 -3.23
CA GLU A 47 0.51 13.34 -2.43
C GLU A 47 1.00 12.83 -1.08
N SER A 48 0.07 12.62 -0.18
CA SER A 48 0.37 12.11 1.16
C SER A 48 0.03 10.64 1.26
N VAL A 49 0.76 9.92 2.10
CA VAL A 49 0.51 8.49 2.31
C VAL A 49 -0.11 8.25 3.69
N ALA A 50 -0.31 9.34 4.42
CA ALA A 50 -0.70 9.28 5.82
C ALA A 50 -2.14 8.79 5.98
N GLY A 51 -2.26 7.48 6.14
CA GLY A 51 -3.53 6.88 6.46
C GLY A 51 -4.32 6.46 5.24
N ARG A 52 -3.62 6.24 4.14
CA ARG A 52 -4.27 5.83 2.90
C ARG A 52 -3.92 4.39 2.54
N ILE A 53 -4.63 3.86 1.56
CA ILE A 53 -4.42 2.49 1.11
C ILE A 53 -3.78 2.52 -0.27
N LEU A 54 -2.55 2.08 -0.37
CA LEU A 54 -1.80 2.16 -1.62
C LEU A 54 -1.74 0.82 -2.32
N VAL A 55 -2.04 0.83 -3.61
CA VAL A 55 -1.97 -0.35 -4.44
C VAL A 55 -0.79 -0.25 -5.41
N PHE A 56 0.01 -1.29 -5.46
CA PHE A 56 1.17 -1.34 -6.35
C PHE A 56 1.18 -2.63 -7.14
N PRO A 57 1.66 -2.59 -8.40
CA PRO A 57 1.84 -3.79 -9.22
C PRO A 57 2.93 -4.69 -8.66
N GLY A 58 3.95 -4.07 -8.07
CA GLY A 58 5.02 -4.83 -7.46
C GLY A 58 6.04 -3.94 -6.80
N GLY A 59 7.03 -3.51 -7.57
CA GLY A 59 8.11 -2.72 -7.04
C GLY A 59 9.43 -3.43 -7.21
N LYS A 60 10.50 -2.65 -7.39
CA LYS A 60 11.81 -3.23 -7.60
C LYS A 60 12.57 -3.35 -6.29
N GLY A 61 13.43 -4.36 -6.22
CA GLY A 61 14.13 -4.67 -4.99
C GLY A 61 15.27 -3.71 -4.70
N SER A 62 14.93 -2.60 -4.08
CA SER A 62 15.92 -1.68 -3.58
C SER A 62 16.17 -1.96 -2.11
N THR A 63 17.40 -1.80 -1.66
CA THR A 63 17.77 -2.21 -0.32
C THR A 63 17.66 -1.05 0.67
N VAL A 64 16.43 -0.59 0.83
CA VAL A 64 16.10 0.42 1.83
C VAL A 64 16.43 -0.05 3.23
N GLY A 65 16.43 -1.37 3.42
CA GLY A 65 16.78 -1.94 4.70
C GLY A 65 15.58 -2.19 5.58
N SER A 66 14.40 -1.83 5.08
CA SER A 66 13.15 -1.97 5.82
C SER A 66 13.13 -1.05 7.03
N TYR A 67 12.19 -1.30 7.96
CA TYR A 67 12.07 -0.54 9.22
C TYR A 67 11.55 0.88 9.02
N VAL A 68 11.84 1.46 7.85
CA VAL A 68 11.38 2.80 7.52
C VAL A 68 9.86 2.94 7.64
N LEU A 69 9.15 1.92 7.18
CA LEU A 69 7.69 1.92 7.25
C LEU A 69 7.22 1.97 8.70
N LEU A 70 7.98 1.37 9.60
CA LEU A 70 7.66 1.36 11.01
C LEU A 70 7.79 2.77 11.58
N ASN A 71 8.87 3.45 11.19
CA ASN A 71 9.11 4.84 11.60
C ASN A 71 7.95 5.73 11.15
N LEU A 72 7.53 5.53 9.91
CA LEU A 72 6.43 6.29 9.35
C LEU A 72 5.13 5.98 10.09
N ARG A 73 4.96 4.71 10.45
CA ARG A 73 3.75 4.25 11.13
C ARG A 73 3.69 4.83 12.54
N LYS A 74 4.84 4.90 13.20
CA LYS A 74 4.95 5.50 14.53
C LYS A 74 4.52 6.97 14.49
N ASN A 75 4.81 7.63 13.39
CA ASN A 75 4.50 9.04 13.24
C ASN A 75 3.07 9.24 12.73
N GLY A 76 2.53 8.21 12.08
CA GLY A 76 1.17 8.28 11.58
C GLY A 76 1.11 8.81 10.16
N VAL A 77 2.23 8.75 9.46
CA VAL A 77 2.31 9.23 8.08
C VAL A 77 2.52 8.08 7.12
N ALA A 78 2.31 6.87 7.61
CA ALA A 78 2.46 5.68 6.79
C ALA A 78 1.11 5.24 6.24
N PRO A 79 1.12 4.43 5.18
CA PRO A 79 -0.10 3.84 4.62
C PRO A 79 -0.76 2.88 5.61
N LYS A 80 -2.08 2.91 5.66
CA LYS A 80 -2.83 1.99 6.52
C LYS A 80 -2.72 0.57 5.98
N ALA A 81 -2.53 0.46 4.67
CA ALA A 81 -2.39 -0.84 4.03
C ALA A 81 -1.74 -0.70 2.67
N ILE A 82 -0.98 -1.71 2.28
CA ILE A 82 -0.37 -1.74 0.96
C ILE A 82 -0.79 -3.02 0.26
N ILE A 83 -1.49 -2.87 -0.85
CA ILE A 83 -1.99 -4.02 -1.58
C ILE A 83 -1.23 -4.16 -2.89
N ASN A 84 -0.47 -5.24 -3.04
CA ASN A 84 0.33 -5.45 -4.22
C ASN A 84 -0.21 -6.60 -5.04
N LYS A 85 0.04 -6.58 -6.34
CA LYS A 85 -0.34 -7.69 -7.19
C LYS A 85 0.50 -8.90 -6.80
N LYS A 86 1.80 -8.67 -6.65
CA LYS A 86 2.71 -9.71 -6.22
C LYS A 86 3.78 -9.13 -5.29
N THR A 87 3.83 -9.66 -4.07
CA THR A 87 4.68 -9.11 -3.02
C THR A 87 6.11 -9.67 -3.09
N GLU A 88 7.08 -8.86 -2.65
CA GLU A 88 8.45 -9.30 -2.51
C GLU A 88 8.87 -9.19 -1.04
N THR A 89 9.85 -9.99 -0.66
CA THR A 89 10.27 -10.12 0.74
C THR A 89 10.51 -8.76 1.41
N ILE A 90 11.31 -7.91 0.77
CA ILE A 90 11.67 -6.62 1.36
C ILE A 90 10.43 -5.78 1.68
N ILE A 91 9.46 -5.81 0.79
CA ILE A 91 8.24 -5.02 0.94
C ILE A 91 7.39 -5.58 2.07
N ALA A 92 7.28 -6.91 2.11
CA ALA A 92 6.47 -7.58 3.12
C ALA A 92 7.03 -7.39 4.52
N VAL A 93 8.34 -7.54 4.66
CA VAL A 93 9.00 -7.38 5.96
C VAL A 93 8.82 -5.96 6.49
N GLY A 94 8.96 -4.98 5.62
CA GLY A 94 8.81 -3.60 6.02
C GLY A 94 7.41 -3.28 6.51
N ALA A 95 6.41 -3.79 5.80
CA ALA A 95 5.01 -3.53 6.13
C ALA A 95 4.57 -4.32 7.36
N ALA A 96 5.02 -5.56 7.46
CA ALA A 96 4.62 -6.45 8.56
C ALA A 96 4.95 -5.85 9.92
N MET A 97 6.17 -5.34 10.06
CA MET A 97 6.63 -4.79 11.32
C MET A 97 5.85 -3.54 11.71
N ALA A 98 5.41 -2.80 10.72
CA ALA A 98 4.65 -1.58 10.95
C ALA A 98 3.16 -1.85 11.07
N GLU A 99 2.78 -3.13 10.99
CA GLU A 99 1.37 -3.54 11.04
C GLU A 99 0.59 -2.92 9.87
N ILE A 100 1.22 -2.92 8.71
CA ILE A 100 0.60 -2.42 7.50
C ILE A 100 0.19 -3.60 6.62
N PRO A 101 -1.05 -4.09 6.79
CA PRO A 101 -1.55 -5.30 6.14
C PRO A 101 -1.28 -5.32 4.64
N LEU A 102 -0.24 -6.04 4.25
CA LEU A 102 0.10 -6.22 2.86
C LEU A 102 -0.42 -7.57 2.39
N VAL A 103 -1.16 -7.56 1.30
CA VAL A 103 -1.73 -8.78 0.75
C VAL A 103 -1.49 -8.89 -0.75
N GLU A 104 -1.58 -10.11 -1.26
CA GLU A 104 -1.36 -10.38 -2.68
C GLU A 104 -2.67 -10.26 -3.45
N VAL A 105 -2.67 -9.43 -4.48
CA VAL A 105 -3.85 -9.28 -5.33
C VAL A 105 -3.86 -10.34 -6.42
N ARG A 106 -4.67 -11.36 -6.23
CA ARG A 106 -4.83 -12.40 -7.23
C ARG A 106 -5.77 -11.91 -8.33
N ASP A 107 -6.76 -11.13 -7.94
CA ASP A 107 -7.73 -10.60 -8.87
C ASP A 107 -7.27 -9.26 -9.42
N GLU A 108 -6.75 -9.27 -10.64
CA GLU A 108 -6.15 -8.06 -11.23
C GLU A 108 -7.23 -7.03 -11.57
N LYS A 109 -8.48 -7.48 -11.58
CA LYS A 109 -9.61 -6.60 -11.82
C LYS A 109 -9.72 -5.54 -10.74
N PHE A 110 -9.18 -5.83 -9.56
CA PHE A 110 -9.17 -4.88 -8.46
C PHE A 110 -8.42 -3.60 -8.85
N PHE A 111 -7.33 -3.76 -9.60
CA PHE A 111 -6.51 -2.62 -10.01
C PHE A 111 -7.23 -1.80 -11.07
N GLU A 112 -8.17 -2.42 -11.75
CA GLU A 112 -8.94 -1.75 -12.77
C GLU A 112 -10.04 -0.89 -12.16
N ALA A 113 -10.56 -1.33 -11.03
CA ALA A 113 -11.65 -0.63 -10.36
C ALA A 113 -11.14 0.47 -9.43
N VAL A 114 -9.95 0.26 -8.87
CA VAL A 114 -9.40 1.20 -7.89
C VAL A 114 -8.88 2.48 -8.57
N LYS A 115 -9.35 3.62 -8.08
CA LYS A 115 -8.89 4.92 -8.55
C LYS A 115 -8.52 5.79 -7.36
N THR A 116 -7.74 6.84 -7.59
CA THR A 116 -7.34 7.73 -6.51
C THR A 116 -8.54 8.50 -5.97
N GLY A 117 -8.76 8.42 -4.67
CA GLY A 117 -9.82 9.17 -4.03
C GLY A 117 -11.02 8.30 -3.70
N ASP A 118 -10.94 7.03 -4.06
CA ASP A 118 -12.01 6.08 -3.77
C ASP A 118 -11.83 5.53 -2.36
N ARG A 119 -12.76 4.72 -1.87
CA ARG A 119 -12.62 4.15 -0.54
C ARG A 119 -12.53 2.63 -0.61
N VAL A 120 -11.43 2.10 -0.11
CA VAL A 120 -11.23 0.67 -0.10
C VAL A 120 -11.08 0.15 1.33
N VAL A 121 -11.89 -0.84 1.67
CA VAL A 121 -11.80 -1.50 2.96
C VAL A 121 -11.09 -2.83 2.80
N VAL A 122 -9.87 -2.92 3.33
CA VAL A 122 -9.08 -4.12 3.17
C VAL A 122 -9.13 -4.99 4.43
N ASN A 123 -9.65 -6.19 4.27
CA ASN A 123 -9.67 -7.15 5.35
C ASN A 123 -8.55 -8.16 5.16
N ALA A 124 -7.42 -7.91 5.79
CA ALA A 124 -6.33 -8.87 5.82
C ALA A 124 -6.58 -9.88 6.93
N ASP A 125 -7.71 -9.68 7.59
CA ASP A 125 -8.19 -10.58 8.62
C ASP A 125 -8.96 -11.74 7.98
N GLU A 126 -9.06 -11.68 6.67
CA GLU A 126 -9.82 -12.67 5.90
C GLU A 126 -9.15 -12.89 4.54
N GLY A 127 -8.75 -11.79 3.92
CA GLY A 127 -8.20 -11.86 2.58
C GLY A 127 -9.22 -11.41 1.56
N TYR A 128 -9.79 -10.24 1.78
CA TYR A 128 -10.92 -9.77 1.01
C TYR A 128 -10.96 -8.25 1.04
N VAL A 129 -11.29 -7.64 -0.09
CA VAL A 129 -11.31 -6.19 -0.19
C VAL A 129 -12.67 -5.69 -0.67
N GLU A 130 -13.25 -4.78 0.08
CA GLU A 130 -14.51 -4.17 -0.29
C GLU A 130 -14.28 -2.80 -0.87
N LEU A 131 -14.54 -2.66 -2.16
CA LEU A 131 -14.36 -1.39 -2.84
C LEU A 131 -15.72 -0.81 -3.19
N ILE A 132 -15.93 0.45 -2.84
CA ILE A 132 -17.18 1.11 -3.15
C ILE A 132 -16.88 2.33 -3.98
N GLU A 133 -17.31 2.27 -5.23
CA GLU A 133 -17.03 3.30 -6.20
C GLU A 133 -17.56 4.64 -5.72
N VAL A 2 -18.84 -4.80 -4.99
CA VAL A 2 -17.78 -5.58 -5.64
C VAL A 2 -16.63 -5.84 -4.66
N LYS A 3 -16.30 -7.10 -4.49
CA LYS A 3 -15.29 -7.50 -3.51
C LYS A 3 -14.32 -8.48 -4.13
N PHE A 4 -13.04 -8.11 -4.14
CA PHE A 4 -12.02 -8.96 -4.72
C PHE A 4 -11.31 -9.78 -3.64
N ALA A 5 -10.84 -10.96 -3.99
CA ALA A 5 -10.15 -11.82 -3.06
C ALA A 5 -8.64 -11.73 -3.27
N CYS A 6 -7.91 -11.47 -2.20
CA CYS A 6 -6.46 -11.39 -2.25
C CYS A 6 -5.85 -12.42 -1.32
N ARG A 7 -4.54 -12.60 -1.42
CA ARG A 7 -3.85 -13.54 -0.55
C ARG A 7 -3.29 -12.81 0.66
N ALA A 8 -3.73 -13.23 1.84
CA ALA A 8 -3.36 -12.58 3.08
C ALA A 8 -1.90 -12.84 3.43
N ILE A 9 -1.13 -11.76 3.53
CA ILE A 9 0.25 -11.84 3.97
C ILE A 9 0.34 -11.42 5.43
N THR A 10 -0.29 -10.29 5.75
CA THR A 10 -0.33 -9.79 7.12
C THR A 10 -1.77 -9.89 7.64
N ARG A 11 -2.07 -9.22 8.75
CA ARG A 11 -3.42 -9.18 9.30
C ARG A 11 -3.81 -7.74 9.65
N GLY A 12 -5.09 -7.53 9.96
CA GLY A 12 -5.56 -6.20 10.28
C GLY A 12 -6.55 -5.68 9.25
N ARG A 13 -7.43 -4.79 9.66
CA ARG A 13 -8.39 -4.19 8.75
C ARG A 13 -8.25 -2.67 8.77
N ALA A 14 -8.08 -2.07 7.60
CA ALA A 14 -7.85 -0.64 7.51
C ALA A 14 -8.72 -0.02 6.43
N GLU A 15 -9.38 1.07 6.77
CA GLU A 15 -10.27 1.76 5.85
C GLU A 15 -9.74 3.14 5.53
N GLY A 16 -9.63 3.45 4.24
CA GLY A 16 -9.19 4.76 3.82
C GLY A 16 -9.42 4.99 2.35
N GLU A 17 -9.03 6.16 1.87
CA GLU A 17 -9.14 6.50 0.47
C GLU A 17 -8.07 5.77 -0.33
N ALA A 18 -8.46 5.17 -1.43
CA ALA A 18 -7.55 4.44 -2.28
C ALA A 18 -6.76 5.37 -3.17
N LEU A 19 -5.45 5.33 -3.02
CA LEU A 19 -4.54 6.12 -3.83
C LEU A 19 -3.83 5.21 -4.82
N VAL A 20 -4.10 5.38 -6.11
CA VAL A 20 -3.55 4.49 -7.11
C VAL A 20 -2.40 5.17 -7.86
N THR A 21 -1.19 4.67 -7.63
CA THR A 21 -0.03 5.12 -8.36
C THR A 21 0.78 3.88 -8.75
N LYS A 22 1.15 3.81 -10.00
CA LYS A 22 1.77 2.62 -10.53
C LYS A 22 3.28 2.72 -10.42
N GLU A 23 3.89 3.38 -11.40
CA GLU A 23 5.35 3.59 -11.43
C GLU A 23 6.13 2.31 -11.09
N TYR A 24 7.42 2.49 -10.78
CA TYR A 24 8.23 1.43 -10.21
C TYR A 24 9.24 2.07 -9.26
N ILE A 25 8.96 2.01 -7.97
CA ILE A 25 9.77 2.72 -7.00
C ILE A 25 10.55 1.77 -6.11
N SER A 26 11.83 2.04 -5.95
CA SER A 26 12.65 1.33 -4.99
C SER A 26 12.32 1.84 -3.59
N PHE A 27 11.96 0.94 -2.69
CA PHE A 27 11.51 1.31 -1.35
C PHE A 27 12.70 1.61 -0.44
N LEU A 28 13.70 2.27 -0.98
CA LEU A 28 14.83 2.74 -0.20
C LEU A 28 14.41 4.03 0.51
N GLY A 29 13.51 4.76 -0.15
CA GLY A 29 12.97 5.98 0.41
C GLY A 29 11.63 6.31 -0.21
N GLY A 30 11.61 7.30 -1.10
CA GLY A 30 10.41 7.62 -1.84
C GLY A 30 9.47 8.55 -1.09
N ILE A 31 9.30 8.32 0.20
CA ILE A 31 8.37 9.08 1.01
C ILE A 31 9.12 9.89 2.07
N ASP A 32 8.65 11.10 2.32
CA ASP A 32 9.25 11.97 3.31
C ASP A 32 8.93 11.50 4.73
N LYS A 33 9.93 11.51 5.60
CA LYS A 33 9.79 10.95 6.94
C LYS A 33 9.16 11.92 7.93
N GLU A 34 8.87 13.14 7.49
CA GLU A 34 8.32 14.15 8.38
C GLU A 34 6.89 14.48 8.03
N THR A 35 6.65 14.83 6.77
CA THR A 35 5.34 15.28 6.32
C THR A 35 4.58 14.17 5.60
N GLY A 36 5.29 13.12 5.20
CA GLY A 36 4.65 12.01 4.50
C GLY A 36 4.39 12.32 3.05
N ILE A 37 5.14 13.28 2.52
CA ILE A 37 5.05 13.65 1.12
C ILE A 37 6.02 12.80 0.30
N VAL A 38 5.55 12.23 -0.79
CA VAL A 38 6.43 11.48 -1.66
C VAL A 38 7.50 12.40 -2.28
N LYS A 39 8.75 12.14 -1.93
CA LYS A 39 9.89 12.87 -2.46
C LYS A 39 10.22 12.35 -3.86
N GLU A 40 9.61 11.24 -4.21
CA GLU A 40 9.81 10.63 -5.52
C GLU A 40 8.70 11.09 -6.47
N ASP A 41 9.02 11.17 -7.76
CA ASP A 41 8.05 11.56 -8.76
C ASP A 41 7.16 10.39 -9.12
N CYS A 42 5.87 10.64 -9.20
CA CYS A 42 4.87 9.60 -9.46
C CYS A 42 3.71 10.20 -10.22
N GLU A 43 2.64 9.44 -10.37
CA GLU A 43 1.43 9.95 -11.01
C GLU A 43 0.89 11.14 -10.21
N ILE A 44 0.71 10.94 -8.91
CA ILE A 44 0.18 12.00 -8.05
C ILE A 44 1.21 12.41 -7.00
N LYS A 45 2.41 12.71 -7.46
CA LYS A 45 3.47 13.18 -6.57
C LYS A 45 3.06 14.48 -5.90
N GLY A 46 3.19 14.51 -4.58
CA GLY A 46 2.80 15.68 -3.81
C GLY A 46 1.70 15.38 -2.82
N GLU A 47 1.18 14.16 -2.87
CA GLU A 47 0.11 13.75 -1.97
C GLU A 47 0.67 13.26 -0.65
N SER A 48 -0.09 13.47 0.41
CA SER A 48 0.28 12.99 1.73
C SER A 48 -0.35 11.62 1.97
N VAL A 49 0.47 10.59 2.07
CA VAL A 49 -0.03 9.22 2.21
C VAL A 49 -0.39 8.90 3.66
N ALA A 50 -0.61 9.92 4.45
CA ALA A 50 -0.85 9.78 5.88
C ALA A 50 -2.29 9.37 6.17
N GLY A 51 -2.51 8.07 6.25
CA GLY A 51 -3.78 7.57 6.71
C GLY A 51 -4.71 7.15 5.58
N ARG A 52 -4.15 6.91 4.40
CA ARG A 52 -4.93 6.46 3.28
C ARG A 52 -4.43 5.10 2.79
N ILE A 53 -5.04 4.57 1.76
CA ILE A 53 -4.67 3.25 1.26
C ILE A 53 -3.86 3.38 -0.02
N LEU A 54 -2.77 2.63 -0.12
CA LEU A 54 -1.90 2.69 -1.28
C LEU A 54 -2.08 1.45 -2.15
N VAL A 55 -2.37 1.67 -3.42
CA VAL A 55 -2.45 0.60 -4.39
C VAL A 55 -1.24 0.66 -5.31
N PHE A 56 -0.35 -0.33 -5.20
CA PHE A 56 0.90 -0.30 -5.93
C PHE A 56 1.13 -1.66 -6.62
N PRO A 57 1.69 -1.66 -7.84
CA PRO A 57 1.94 -2.91 -8.57
C PRO A 57 3.05 -3.75 -7.95
N GLY A 58 4.24 -3.16 -7.82
CA GLY A 58 5.37 -3.88 -7.26
C GLY A 58 6.62 -3.03 -7.19
N GLY A 59 7.43 -3.27 -6.17
CA GLY A 59 8.67 -2.56 -6.00
C GLY A 59 9.61 -3.32 -5.09
N LYS A 60 10.89 -2.99 -5.13
CA LYS A 60 11.88 -3.72 -4.35
C LYS A 60 12.36 -2.89 -3.16
N GLY A 61 12.58 -3.57 -2.05
CA GLY A 61 13.19 -2.93 -0.88
C GLY A 61 14.47 -3.63 -0.50
N SER A 62 15.28 -3.92 -1.52
CA SER A 62 16.48 -4.74 -1.37
C SER A 62 17.39 -4.28 -0.23
N THR A 63 17.35 -5.04 0.87
CA THR A 63 18.20 -4.81 2.03
C THR A 63 18.06 -3.38 2.57
N VAL A 64 16.86 -2.82 2.46
CA VAL A 64 16.60 -1.50 3.01
C VAL A 64 16.45 -1.57 4.53
N GLY A 65 16.06 -2.74 5.02
CA GLY A 65 15.90 -2.94 6.44
C GLY A 65 14.43 -2.96 6.84
N SER A 66 13.58 -2.55 5.90
CA SER A 66 12.13 -2.56 6.08
C SER A 66 11.69 -1.57 7.17
N TYR A 67 12.60 -0.69 7.58
CA TYR A 67 12.33 0.27 8.64
C TYR A 67 11.48 1.41 8.13
N VAL A 68 11.44 1.59 6.81
CA VAL A 68 10.73 2.70 6.18
C VAL A 68 9.26 2.73 6.60
N LEU A 69 8.56 1.64 6.36
CA LEU A 69 7.14 1.55 6.66
C LEU A 69 6.88 1.78 8.14
N LEU A 70 7.73 1.21 8.99
CA LEU A 70 7.58 1.33 10.42
C LEU A 70 7.80 2.77 10.88
N ASN A 71 8.91 3.36 10.45
CA ASN A 71 9.27 4.72 10.82
C ASN A 71 8.15 5.69 10.44
N LEU A 72 7.63 5.54 9.23
CA LEU A 72 6.59 6.42 8.73
C LEU A 72 5.29 6.24 9.51
N ARG A 73 5.00 5.00 9.90
CA ARG A 73 3.75 4.73 10.59
C ARG A 73 3.80 5.19 12.03
N LYS A 74 5.00 5.20 12.61
CA LYS A 74 5.18 5.71 13.96
C LYS A 74 4.93 7.22 14.00
N ASN A 75 5.33 7.88 12.92
CA ASN A 75 5.13 9.33 12.78
C ASN A 75 3.69 9.63 12.41
N GLY A 76 3.04 8.66 11.77
CA GLY A 76 1.64 8.81 11.39
C GLY A 76 1.49 9.38 10.00
N VAL A 77 2.52 9.22 9.18
CA VAL A 77 2.51 9.74 7.82
C VAL A 77 2.56 8.61 6.80
N ALA A 78 2.36 7.39 7.28
CA ALA A 78 2.37 6.22 6.42
C ALA A 78 0.97 5.83 6.02
N PRO A 79 0.82 5.13 4.88
CA PRO A 79 -0.46 4.60 4.45
C PRO A 79 -0.97 3.54 5.42
N LYS A 80 -2.28 3.47 5.59
CA LYS A 80 -2.89 2.48 6.46
C LYS A 80 -2.59 1.07 5.98
N ALA A 81 -2.57 0.90 4.66
CA ALA A 81 -2.30 -0.39 4.06
C ALA A 81 -1.88 -0.24 2.61
N ILE A 82 -1.20 -1.25 2.10
CA ILE A 82 -0.75 -1.25 0.72
C ILE A 82 -1.12 -2.56 0.05
N ILE A 83 -1.84 -2.49 -1.04
CA ILE A 83 -2.24 -3.69 -1.77
C ILE A 83 -1.38 -3.84 -3.01
N ASN A 84 -0.60 -4.91 -3.07
CA ASN A 84 0.34 -5.09 -4.17
C ASN A 84 -0.01 -6.30 -5.03
N LYS A 85 0.44 -6.26 -6.26
CA LYS A 85 0.25 -7.34 -7.21
C LYS A 85 1.32 -8.41 -6.99
N LYS A 86 2.53 -7.93 -6.71
CA LYS A 86 3.64 -8.81 -6.37
C LYS A 86 4.21 -8.40 -5.02
N THR A 87 3.97 -9.23 -4.01
CA THR A 87 4.44 -8.94 -2.67
C THR A 87 5.93 -9.27 -2.53
N GLU A 88 6.74 -8.23 -2.43
CA GLU A 88 8.17 -8.41 -2.23
C GLU A 88 8.43 -8.89 -0.80
N THR A 89 9.29 -9.89 -0.66
CA THR A 89 9.55 -10.53 0.63
C THR A 89 9.97 -9.52 1.70
N ILE A 90 10.86 -8.60 1.31
CA ILE A 90 11.38 -7.61 2.24
C ILE A 90 10.30 -6.62 2.65
N ILE A 91 9.38 -6.34 1.73
CA ILE A 91 8.26 -5.45 2.00
C ILE A 91 7.33 -6.09 3.02
N ALA A 92 7.12 -7.41 2.87
CA ALA A 92 6.25 -8.15 3.77
C ALA A 92 6.75 -8.07 5.22
N VAL A 93 8.05 -8.20 5.40
CA VAL A 93 8.66 -8.11 6.72
C VAL A 93 8.38 -6.75 7.33
N GLY A 94 8.56 -5.70 6.54
CA GLY A 94 8.35 -4.35 7.02
C GLY A 94 6.90 -4.05 7.33
N ALA A 95 6.01 -4.49 6.44
CA ALA A 95 4.58 -4.26 6.60
C ALA A 95 4.06 -4.92 7.86
N ALA A 96 4.59 -6.09 8.17
CA ALA A 96 4.16 -6.84 9.35
C ALA A 96 4.52 -6.09 10.63
N MET A 97 5.62 -5.35 10.61
CA MET A 97 6.08 -4.64 11.80
C MET A 97 5.27 -3.37 12.05
N ALA A 98 4.94 -2.65 10.98
CA ALA A 98 4.23 -1.38 11.08
C ALA A 98 2.73 -1.58 11.18
N GLU A 99 2.29 -2.84 11.13
CA GLU A 99 0.87 -3.19 11.06
C GLU A 99 0.26 -2.58 9.80
N ILE A 100 0.88 -2.88 8.67
CA ILE A 100 0.38 -2.47 7.37
C ILE A 100 -0.11 -3.71 6.64
N PRO A 101 -1.40 -4.06 6.82
CA PRO A 101 -1.99 -5.28 6.25
C PRO A 101 -1.68 -5.43 4.77
N LEU A 102 -0.67 -6.26 4.49
CA LEU A 102 -0.25 -6.50 3.12
C LEU A 102 -0.95 -7.72 2.56
N VAL A 103 -1.50 -7.58 1.37
CA VAL A 103 -2.17 -8.66 0.68
C VAL A 103 -1.76 -8.70 -0.79
N GLU A 104 -1.74 -9.90 -1.34
CA GLU A 104 -1.30 -10.10 -2.72
C GLU A 104 -2.50 -10.25 -3.64
N VAL A 105 -2.61 -9.39 -4.63
CA VAL A 105 -3.68 -9.50 -5.62
C VAL A 105 -3.13 -9.95 -6.97
N ARG A 106 -3.59 -11.11 -7.42
CA ARG A 106 -3.22 -11.63 -8.73
C ARG A 106 -4.25 -11.22 -9.76
N ASP A 107 -5.21 -10.42 -9.32
CA ASP A 107 -6.37 -10.09 -10.14
C ASP A 107 -6.17 -8.76 -10.86
N GLU A 108 -6.28 -8.81 -12.20
CA GLU A 108 -6.09 -7.63 -13.03
C GLU A 108 -7.28 -6.67 -12.90
N LYS A 109 -8.45 -7.22 -12.66
CA LYS A 109 -9.67 -6.43 -12.58
C LYS A 109 -9.64 -5.51 -11.36
N PHE A 110 -8.95 -5.94 -10.31
CA PHE A 110 -8.80 -5.15 -9.10
C PHE A 110 -8.23 -3.77 -9.42
N PHE A 111 -7.12 -3.74 -10.16
CA PHE A 111 -6.42 -2.49 -10.45
C PHE A 111 -7.24 -1.60 -11.37
N GLU A 112 -8.14 -2.21 -12.10
CA GLU A 112 -8.99 -1.50 -13.03
C GLU A 112 -10.22 -0.93 -12.34
N ALA A 113 -10.72 -1.66 -11.36
CA ALA A 113 -11.92 -1.26 -10.63
C ALA A 113 -11.60 -0.22 -9.57
N VAL A 114 -10.41 -0.33 -8.97
CA VAL A 114 -10.01 0.62 -7.93
C VAL A 114 -9.54 1.92 -8.55
N LYS A 115 -10.15 3.02 -8.12
CA LYS A 115 -9.80 4.34 -8.62
C LYS A 115 -9.28 5.20 -7.47
N THR A 116 -8.45 6.18 -7.80
CA THR A 116 -7.95 7.10 -6.80
C THR A 116 -9.08 7.99 -6.27
N GLY A 117 -9.68 7.57 -5.17
CA GLY A 117 -10.81 8.27 -4.61
C GLY A 117 -11.86 7.33 -4.09
N ASP A 118 -11.71 6.04 -4.38
CA ASP A 118 -12.62 5.02 -3.86
C ASP A 118 -12.24 4.66 -2.43
N ARG A 119 -13.18 4.09 -1.69
CA ARG A 119 -12.90 3.63 -0.34
C ARG A 119 -12.74 2.12 -0.31
N VAL A 120 -11.54 1.67 -0.02
CA VAL A 120 -11.28 0.24 0.08
C VAL A 120 -10.80 -0.12 1.47
N VAL A 121 -11.53 -0.99 2.14
CA VAL A 121 -11.12 -1.47 3.45
C VAL A 121 -10.45 -2.83 3.28
N VAL A 122 -9.17 -2.87 3.61
CA VAL A 122 -8.40 -4.09 3.47
C VAL A 122 -8.68 -5.04 4.62
N ASN A 123 -9.00 -6.27 4.28
CA ASN A 123 -9.20 -7.31 5.27
C ASN A 123 -8.13 -8.37 5.09
N ALA A 124 -7.06 -8.23 5.85
CA ALA A 124 -5.92 -9.12 5.71
C ALA A 124 -6.08 -10.37 6.58
N ASP A 125 -7.07 -10.35 7.45
CA ASP A 125 -7.35 -11.50 8.29
C ASP A 125 -8.04 -12.60 7.47
N GLU A 126 -8.95 -12.19 6.60
CA GLU A 126 -9.68 -13.14 5.77
C GLU A 126 -9.13 -13.19 4.34
N GLY A 127 -8.32 -12.20 3.99
CA GLY A 127 -7.77 -12.13 2.65
C GLY A 127 -8.78 -11.59 1.66
N TYR A 128 -9.14 -10.33 1.85
CA TYR A 128 -10.20 -9.72 1.05
C TYR A 128 -9.99 -8.21 0.95
N VAL A 129 -10.33 -7.66 -0.20
CA VAL A 129 -10.35 -6.21 -0.37
C VAL A 129 -11.76 -5.73 -0.64
N GLU A 130 -12.36 -5.11 0.35
CA GLU A 130 -13.74 -4.69 0.28
C GLU A 130 -13.84 -3.26 -0.22
N LEU A 131 -14.30 -3.10 -1.45
CA LEU A 131 -14.37 -1.80 -2.09
C LEU A 131 -15.76 -1.19 -1.96
N ILE A 132 -15.80 0.05 -1.50
CA ILE A 132 -17.05 0.80 -1.41
C ILE A 132 -16.92 2.10 -2.17
N GLU A 133 -17.77 2.27 -3.16
CA GLU A 133 -17.80 3.49 -3.93
C GLU A 133 -18.33 4.63 -3.08
N VAL A 2 -17.70 -3.88 -6.07
CA VAL A 2 -16.82 -4.96 -6.45
C VAL A 2 -16.00 -5.43 -5.25
N LYS A 3 -16.24 -6.66 -4.84
CA LYS A 3 -15.59 -7.24 -3.67
C LYS A 3 -14.75 -8.44 -4.08
N PHE A 4 -13.43 -8.30 -3.95
CA PHE A 4 -12.51 -9.32 -4.45
C PHE A 4 -11.78 -10.02 -3.32
N ALA A 5 -11.32 -11.23 -3.62
CA ALA A 5 -10.52 -11.99 -2.68
C ALA A 5 -9.05 -11.94 -3.09
N CYS A 6 -8.19 -11.68 -2.12
CA CYS A 6 -6.77 -11.55 -2.36
C CYS A 6 -6.02 -12.60 -1.55
N ARG A 7 -4.69 -12.62 -1.64
CA ARG A 7 -3.92 -13.52 -0.82
C ARG A 7 -3.33 -12.77 0.35
N ALA A 8 -3.59 -13.28 1.54
CA ALA A 8 -3.19 -12.62 2.77
C ALA A 8 -1.72 -12.87 3.09
N ILE A 9 -0.99 -11.78 3.33
CA ILE A 9 0.39 -11.87 3.76
C ILE A 9 0.51 -11.37 5.19
N THR A 10 -0.05 -10.20 5.43
CA THR A 10 -0.19 -9.68 6.78
C THR A 10 -1.62 -9.93 7.26
N ARG A 11 -1.90 -9.68 8.52
CA ARG A 11 -3.24 -9.94 9.06
C ARG A 11 -3.78 -8.70 9.75
N GLY A 12 -5.02 -8.79 10.23
CA GLY A 12 -5.70 -7.62 10.76
C GLY A 12 -6.64 -7.04 9.72
N ARG A 13 -6.99 -5.78 9.88
CA ARG A 13 -7.81 -5.09 8.89
C ARG A 13 -7.35 -3.65 8.74
N ALA A 14 -7.72 -3.04 7.62
CA ALA A 14 -7.33 -1.68 7.31
C ALA A 14 -8.44 -0.97 6.55
N GLU A 15 -8.40 0.35 6.57
CA GLU A 15 -9.42 1.16 5.93
C GLU A 15 -8.85 2.50 5.53
N GLY A 16 -9.28 3.03 4.39
CA GLY A 16 -8.85 4.34 4.00
C GLY A 16 -9.28 4.69 2.58
N GLU A 17 -8.99 5.92 2.19
CA GLU A 17 -9.25 6.39 0.84
C GLU A 17 -8.24 5.78 -0.12
N ALA A 18 -8.72 5.32 -1.27
CA ALA A 18 -7.88 4.64 -2.22
C ALA A 18 -7.07 5.62 -3.07
N LEU A 19 -5.77 5.39 -3.13
CA LEU A 19 -4.90 6.15 -4.00
C LEU A 19 -4.29 5.17 -5.01
N VAL A 20 -4.69 5.30 -6.26
CA VAL A 20 -4.32 4.32 -7.27
C VAL A 20 -3.28 4.86 -8.23
N THR A 21 -2.27 4.05 -8.50
CA THR A 21 -1.26 4.38 -9.49
C THR A 21 -0.78 3.12 -10.19
N LYS A 22 -1.00 3.04 -11.49
CA LYS A 22 -0.51 1.92 -12.28
C LYS A 22 0.96 2.15 -12.64
N GLU A 23 1.42 3.36 -12.35
CA GLU A 23 2.81 3.71 -12.52
C GLU A 23 3.57 3.19 -11.30
N TYR A 24 4.80 2.77 -11.50
CA TYR A 24 5.57 2.10 -10.46
C TYR A 24 6.27 3.11 -9.57
N ILE A 25 6.63 2.71 -8.37
CA ILE A 25 7.35 3.58 -7.46
C ILE A 25 8.24 2.79 -6.54
N SER A 26 9.50 3.21 -6.52
CA SER A 26 10.51 2.54 -5.75
C SER A 26 10.38 2.88 -4.27
N PHE A 27 10.50 1.88 -3.43
CA PHE A 27 10.29 2.05 -1.98
C PHE A 27 11.45 2.79 -1.32
N LEU A 28 12.60 2.80 -1.99
CA LEU A 28 13.81 3.38 -1.40
C LEU A 28 13.64 4.89 -1.23
N GLY A 29 13.54 5.61 -2.33
CA GLY A 29 13.38 7.05 -2.26
C GLY A 29 12.04 7.49 -2.80
N GLY A 30 11.03 6.67 -2.56
CA GLY A 30 9.72 6.92 -3.10
C GLY A 30 8.79 7.58 -2.10
N ILE A 31 9.10 7.46 -0.81
CA ILE A 31 8.24 8.02 0.23
C ILE A 31 9.04 8.88 1.20
N ASP A 32 8.51 10.05 1.50
CA ASP A 32 9.11 10.97 2.45
C ASP A 32 8.99 10.39 3.86
N LYS A 33 10.10 10.32 4.58
CA LYS A 33 10.12 9.68 5.88
C LYS A 33 9.55 10.60 6.97
N GLU A 34 9.27 11.84 6.61
CA GLU A 34 8.72 12.80 7.56
C GLU A 34 7.23 12.97 7.36
N THR A 35 6.84 13.36 6.15
CA THR A 35 5.45 13.71 5.87
C THR A 35 4.70 12.59 5.14
N GLY A 36 5.42 11.56 4.72
CA GLY A 36 4.80 10.46 4.01
C GLY A 36 4.37 10.84 2.60
N ILE A 37 5.00 11.88 2.06
CA ILE A 37 4.74 12.31 0.69
C ILE A 37 5.59 11.51 -0.28
N VAL A 38 4.97 10.93 -1.29
CA VAL A 38 5.72 10.20 -2.31
C VAL A 38 6.67 11.16 -3.05
N LYS A 39 7.96 10.85 -2.97
CA LYS A 39 9.00 11.71 -3.54
C LYS A 39 9.26 11.36 -4.99
N GLU A 40 9.16 10.08 -5.31
CA GLU A 40 9.34 9.63 -6.68
C GLU A 40 8.07 9.93 -7.46
N ASP A 41 8.13 10.91 -8.34
CA ASP A 41 6.96 11.41 -9.05
C ASP A 41 6.99 11.05 -10.53
N CYS A 42 5.80 10.77 -11.07
CA CYS A 42 5.61 10.56 -12.49
C CYS A 42 4.85 11.75 -13.09
N GLU A 43 3.73 12.08 -12.45
CA GLU A 43 2.89 13.19 -12.89
C GLU A 43 1.77 13.45 -11.88
N ILE A 44 1.32 12.40 -11.18
CA ILE A 44 0.24 12.52 -10.21
C ILE A 44 0.71 12.24 -8.80
N LYS A 45 2.01 12.16 -8.61
CA LYS A 45 2.58 11.84 -7.33
C LYS A 45 2.89 13.10 -6.54
N GLY A 46 2.76 13.01 -5.23
CA GLY A 46 2.92 14.18 -4.38
C GLY A 46 1.94 14.18 -3.24
N GLU A 47 1.11 13.15 -3.18
CA GLU A 47 0.16 12.96 -2.09
C GLU A 47 0.80 12.21 -0.93
N SER A 48 0.22 12.38 0.25
CA SER A 48 0.65 11.65 1.43
C SER A 48 -0.07 10.32 1.52
N VAL A 49 0.58 9.35 2.15
CA VAL A 49 -0.02 8.03 2.35
C VAL A 49 -0.45 7.86 3.81
N ALA A 50 -0.42 8.96 4.55
CA ALA A 50 -0.68 8.95 5.98
C ALA A 50 -2.13 8.62 6.28
N GLY A 51 -2.42 7.34 6.39
CA GLY A 51 -3.72 6.90 6.85
C GLY A 51 -4.61 6.37 5.75
N ARG A 52 -4.13 6.42 4.51
CA ARG A 52 -4.94 5.98 3.39
C ARG A 52 -4.39 4.68 2.81
N ILE A 53 -4.94 4.26 1.68
CA ILE A 53 -4.55 3.01 1.06
C ILE A 53 -3.97 3.27 -0.33
N LEU A 54 -2.73 2.87 -0.54
CA LEU A 54 -2.05 3.09 -1.81
C LEU A 54 -2.02 1.79 -2.61
N VAL A 55 -2.59 1.81 -3.80
CA VAL A 55 -2.64 0.63 -4.64
C VAL A 55 -1.75 0.81 -5.86
N PHE A 56 -0.62 0.12 -5.85
CA PHE A 56 0.31 0.13 -6.97
C PHE A 56 0.82 -1.30 -7.22
N PRO A 57 1.18 -1.63 -8.47
CA PRO A 57 1.68 -2.96 -8.83
C PRO A 57 2.99 -3.29 -8.09
N GLY A 58 3.87 -2.31 -8.02
CA GLY A 58 5.15 -2.51 -7.38
C GLY A 58 6.12 -1.39 -7.71
N GLY A 59 7.41 -1.63 -7.57
CA GLY A 59 8.38 -0.62 -7.90
C GLY A 59 9.79 -0.96 -7.42
N LYS A 60 10.41 -1.93 -8.09
CA LYS A 60 11.82 -2.28 -7.87
C LYS A 60 12.05 -2.94 -6.51
N GLY A 61 12.70 -4.10 -6.53
CA GLY A 61 12.96 -4.83 -5.32
C GLY A 61 14.27 -4.45 -4.67
N SER A 62 14.30 -3.28 -4.06
CA SER A 62 15.50 -2.78 -3.40
C SER A 62 15.62 -3.34 -1.98
N THR A 63 16.73 -3.02 -1.31
CA THR A 63 16.97 -3.48 0.05
C THR A 63 16.16 -2.66 1.07
N VAL A 64 14.93 -2.32 0.68
CA VAL A 64 14.09 -1.47 1.50
C VAL A 64 12.73 -2.13 1.73
N GLY A 65 12.11 -1.85 2.86
CA GLY A 65 10.83 -2.44 3.18
C GLY A 65 10.66 -2.66 4.66
N SER A 66 11.66 -3.27 5.28
CA SER A 66 11.65 -3.50 6.72
C SER A 66 11.76 -2.16 7.45
N TYR A 67 12.77 -1.39 7.09
CA TYR A 67 12.93 -0.04 7.64
C TYR A 67 12.29 0.97 6.69
N VAL A 68 12.35 2.24 7.06
CA VAL A 68 11.67 3.32 6.32
C VAL A 68 10.16 3.26 6.56
N LEU A 69 9.54 2.15 6.17
CA LEU A 69 8.12 1.95 6.41
C LEU A 69 7.84 1.92 7.91
N LEU A 70 8.74 1.28 8.65
CA LEU A 70 8.67 1.26 10.11
C LEU A 70 8.78 2.67 10.67
N ASN A 71 9.67 3.46 10.07
CA ASN A 71 9.88 4.85 10.48
C ASN A 71 8.63 5.67 10.26
N LEU A 72 7.93 5.40 9.16
CA LEU A 72 6.67 6.07 8.86
C LEU A 72 5.66 5.85 9.98
N ARG A 73 5.62 4.62 10.48
CA ARG A 73 4.70 4.27 11.55
C ARG A 73 5.05 4.99 12.83
N LYS A 74 6.35 5.19 13.05
CA LYS A 74 6.85 5.83 14.26
C LYS A 74 6.45 7.30 14.29
N ASN A 75 6.22 7.90 13.13
CA ASN A 75 5.79 9.28 13.07
C ASN A 75 4.28 9.36 12.85
N GLY A 76 3.70 8.25 12.39
CA GLY A 76 2.27 8.18 12.20
C GLY A 76 1.85 8.43 10.77
N VAL A 77 2.82 8.66 9.90
CA VAL A 77 2.55 8.99 8.51
C VAL A 77 2.56 7.74 7.62
N ALA A 78 2.42 6.58 8.26
CA ALA A 78 2.41 5.31 7.54
C ALA A 78 1.04 5.03 6.92
N PRO A 79 1.00 4.34 5.78
CA PRO A 79 -0.24 3.93 5.13
C PRO A 79 -0.95 2.86 5.96
N LYS A 80 -2.26 2.77 5.83
CA LYS A 80 -3.01 1.77 6.58
C LYS A 80 -3.01 0.43 5.85
N ALA A 81 -3.01 0.48 4.52
CA ALA A 81 -3.00 -0.75 3.74
C ALA A 81 -2.32 -0.54 2.39
N ILE A 82 -1.60 -1.56 1.95
CA ILE A 82 -0.99 -1.58 0.63
C ILE A 82 -1.37 -2.87 -0.09
N ILE A 83 -1.94 -2.76 -1.28
CA ILE A 83 -2.34 -3.93 -2.04
C ILE A 83 -1.56 -3.97 -3.35
N ASN A 84 -0.73 -4.99 -3.53
CA ASN A 84 0.13 -5.08 -4.71
C ASN A 84 -0.17 -6.33 -5.51
N LYS A 85 0.33 -6.37 -6.75
CA LYS A 85 0.15 -7.54 -7.61
C LYS A 85 1.11 -8.64 -7.18
N LYS A 86 2.23 -8.22 -6.61
CA LYS A 86 3.15 -9.12 -5.95
C LYS A 86 3.67 -8.49 -4.68
N THR A 87 3.61 -9.23 -3.59
CA THR A 87 4.17 -8.76 -2.34
C THR A 87 5.61 -9.22 -2.23
N GLU A 88 6.41 -8.51 -1.44
CA GLU A 88 7.80 -8.87 -1.29
C GLU A 88 8.15 -9.13 0.17
N THR A 89 9.06 -10.06 0.39
CA THR A 89 9.40 -10.53 1.72
C THR A 89 9.89 -9.39 2.63
N ILE A 90 10.84 -8.62 2.13
CA ILE A 90 11.42 -7.52 2.91
C ILE A 90 10.34 -6.53 3.33
N ILE A 91 9.46 -6.22 2.39
CA ILE A 91 8.39 -5.26 2.62
C ILE A 91 7.36 -5.83 3.58
N ALA A 92 7.04 -7.11 3.41
CA ALA A 92 6.05 -7.77 4.27
C ALA A 92 6.47 -7.74 5.73
N VAL A 93 7.75 -8.03 5.98
CA VAL A 93 8.28 -8.02 7.34
C VAL A 93 8.16 -6.62 7.95
N GLY A 94 8.54 -5.62 7.17
CA GLY A 94 8.47 -4.25 7.63
C GLY A 94 7.05 -3.77 7.86
N ALA A 95 6.17 -4.15 6.94
CA ALA A 95 4.77 -3.75 7.02
C ALA A 95 4.09 -4.39 8.22
N ALA A 96 4.39 -5.66 8.47
CA ALA A 96 3.86 -6.36 9.64
C ALA A 96 4.31 -5.67 10.93
N MET A 97 5.49 -5.05 10.87
CA MET A 97 6.05 -4.34 12.01
C MET A 97 5.48 -2.92 12.13
N ALA A 98 5.13 -2.34 10.98
CA ALA A 98 4.63 -0.97 10.95
C ALA A 98 3.10 -0.93 10.94
N GLU A 99 2.47 -2.05 11.31
CA GLU A 99 1.00 -2.14 11.35
C GLU A 99 0.38 -1.76 10.00
N ILE A 100 1.02 -2.23 8.94
CA ILE A 100 0.51 -2.03 7.58
C ILE A 100 0.13 -3.36 6.96
N PRO A 101 -1.09 -3.84 7.20
CA PRO A 101 -1.56 -5.11 6.65
C PRO A 101 -1.68 -5.07 5.13
N LEU A 102 -0.78 -5.79 4.46
CA LEU A 102 -0.80 -5.84 3.02
C LEU A 102 -1.24 -7.21 2.52
N VAL A 103 -1.85 -7.23 1.33
CA VAL A 103 -2.28 -8.47 0.70
C VAL A 103 -1.91 -8.44 -0.77
N GLU A 104 -1.89 -9.60 -1.40
CA GLU A 104 -1.46 -9.72 -2.78
C GLU A 104 -2.64 -10.00 -3.71
N VAL A 105 -2.78 -9.17 -4.73
CA VAL A 105 -3.82 -9.35 -5.74
C VAL A 105 -3.20 -9.80 -7.06
N ARG A 106 -3.66 -10.93 -7.57
CA ARG A 106 -3.14 -11.46 -8.83
C ARG A 106 -4.12 -11.17 -9.95
N ASP A 107 -5.08 -10.30 -9.67
CA ASP A 107 -6.11 -9.96 -10.63
C ASP A 107 -5.91 -8.56 -11.19
N GLU A 108 -5.80 -8.47 -12.50
CA GLU A 108 -5.58 -7.21 -13.20
C GLU A 108 -6.85 -6.35 -13.14
N LYS A 109 -8.00 -7.01 -13.10
CA LYS A 109 -9.28 -6.33 -13.11
C LYS A 109 -9.44 -5.43 -11.89
N PHE A 110 -8.79 -5.80 -10.79
CA PHE A 110 -8.83 -5.03 -9.56
C PHE A 110 -8.27 -3.62 -9.78
N PHE A 111 -7.10 -3.54 -10.41
CA PHE A 111 -6.45 -2.25 -10.67
C PHE A 111 -7.27 -1.42 -11.65
N GLU A 112 -8.04 -2.10 -12.48
CA GLU A 112 -8.87 -1.47 -13.48
C GLU A 112 -10.16 -0.94 -12.86
N ALA A 113 -10.57 -1.57 -11.78
CA ALA A 113 -11.82 -1.21 -11.10
C ALA A 113 -11.60 -0.17 -10.02
N VAL A 114 -10.50 -0.30 -9.27
CA VAL A 114 -10.21 0.60 -8.16
C VAL A 114 -9.88 2.00 -8.67
N LYS A 115 -10.45 3.02 -8.03
CA LYS A 115 -10.25 4.40 -8.46
C LYS A 115 -9.66 5.23 -7.33
N THR A 116 -8.91 6.26 -7.70
CA THR A 116 -8.37 7.19 -6.72
C THR A 116 -9.48 8.05 -6.15
N GLY A 117 -9.61 8.04 -4.84
CA GLY A 117 -10.66 8.79 -4.18
C GLY A 117 -11.85 7.91 -3.84
N ASP A 118 -11.66 6.60 -4.00
CA ASP A 118 -12.71 5.65 -3.68
C ASP A 118 -12.47 5.07 -2.29
N ARG A 119 -13.37 4.21 -1.81
CA ARG A 119 -13.30 3.74 -0.43
C ARG A 119 -13.06 2.23 -0.38
N VAL A 120 -11.90 1.86 0.12
CA VAL A 120 -11.52 0.46 0.22
C VAL A 120 -11.43 0.03 1.69
N VAL A 121 -12.11 -1.05 2.01
CA VAL A 121 -11.97 -1.66 3.34
C VAL A 121 -11.32 -3.03 3.18
N VAL A 122 -10.14 -3.18 3.77
CA VAL A 122 -9.36 -4.40 3.62
C VAL A 122 -9.34 -5.19 4.91
N ASN A 123 -9.77 -6.44 4.85
CA ASN A 123 -9.61 -7.34 5.98
C ASN A 123 -8.49 -8.32 5.66
N ALA A 124 -7.29 -7.99 6.12
CA ALA A 124 -6.10 -8.74 5.76
C ALA A 124 -6.07 -10.11 6.42
N ASP A 125 -6.84 -10.29 7.48
CA ASP A 125 -6.91 -11.57 8.17
C ASP A 125 -7.46 -12.63 7.23
N GLU A 126 -8.42 -12.24 6.41
CA GLU A 126 -8.95 -13.12 5.37
C GLU A 126 -8.12 -12.98 4.11
N GLY A 127 -7.68 -11.76 3.85
CA GLY A 127 -7.12 -11.42 2.56
C GLY A 127 -8.23 -11.01 1.62
N TYR A 128 -9.01 -10.03 2.06
CA TYR A 128 -10.24 -9.68 1.37
C TYR A 128 -10.39 -8.17 1.29
N VAL A 129 -10.76 -7.69 0.12
CA VAL A 129 -10.92 -6.25 -0.09
C VAL A 129 -12.35 -5.92 -0.50
N GLU A 130 -12.95 -4.94 0.17
CA GLU A 130 -14.27 -4.48 -0.20
C GLU A 130 -14.17 -3.10 -0.84
N LEU A 131 -14.37 -3.07 -2.14
CA LEU A 131 -14.30 -1.83 -2.91
C LEU A 131 -15.70 -1.35 -3.26
N ILE A 132 -16.15 -0.30 -2.62
CA ILE A 132 -17.46 0.25 -2.90
C ILE A 132 -17.34 1.47 -3.77
N GLU A 133 -17.79 1.31 -4.99
CA GLU A 133 -17.72 2.35 -6.01
C GLU A 133 -18.52 3.55 -5.56
N VAL A 2 -18.10 -3.95 -5.23
CA VAL A 2 -17.61 -5.26 -5.65
C VAL A 2 -16.64 -5.83 -4.63
N LYS A 3 -16.87 -7.08 -4.27
CA LYS A 3 -15.96 -7.81 -3.39
C LYS A 3 -14.96 -8.60 -4.22
N PHE A 4 -13.70 -8.52 -3.85
CA PHE A 4 -12.64 -9.23 -4.55
C PHE A 4 -11.89 -10.15 -3.60
N ALA A 5 -11.23 -11.16 -4.14
CA ALA A 5 -10.51 -12.13 -3.33
C ALA A 5 -9.01 -11.98 -3.52
N CYS A 6 -8.32 -11.63 -2.44
CA CYS A 6 -6.87 -11.52 -2.44
C CYS A 6 -6.26 -12.51 -1.44
N ARG A 7 -4.95 -12.61 -1.44
CA ARG A 7 -4.27 -13.48 -0.49
C ARG A 7 -3.62 -12.64 0.61
N ALA A 8 -3.83 -13.04 1.85
CA ALA A 8 -3.39 -12.27 2.99
C ALA A 8 -1.93 -12.57 3.35
N ILE A 9 -1.17 -11.51 3.60
CA ILE A 9 0.20 -11.64 4.09
C ILE A 9 0.24 -11.13 5.53
N THR A 10 -0.26 -9.92 5.74
CA THR A 10 -0.37 -9.35 7.07
C THR A 10 -1.77 -9.63 7.61
N ARG A 11 -2.03 -9.22 8.84
CA ARG A 11 -3.34 -9.45 9.45
C ARG A 11 -3.96 -8.12 9.88
N GLY A 12 -5.20 -8.17 10.36
CA GLY A 12 -5.88 -6.96 10.75
C GLY A 12 -6.82 -6.44 9.68
N ARG A 13 -7.23 -5.18 9.81
CA ARG A 13 -8.10 -4.55 8.84
C ARG A 13 -7.43 -3.33 8.24
N ALA A 14 -7.73 -3.04 6.99
CA ALA A 14 -7.18 -1.87 6.32
C ALA A 14 -8.29 -1.05 5.68
N GLU A 15 -8.50 0.15 6.17
CA GLU A 15 -9.62 0.95 5.72
C GLU A 15 -9.18 2.37 5.40
N GLY A 16 -9.40 2.81 4.16
CA GLY A 16 -9.10 4.18 3.80
C GLY A 16 -9.21 4.41 2.31
N GLU A 17 -8.83 5.61 1.87
CA GLU A 17 -8.83 5.95 0.46
C GLU A 17 -7.70 5.21 -0.23
N ALA A 18 -7.97 4.69 -1.41
CA ALA A 18 -6.96 3.97 -2.18
C ALA A 18 -6.29 4.90 -3.18
N LEU A 19 -4.98 5.00 -3.09
CA LEU A 19 -4.20 5.79 -4.04
C LEU A 19 -3.47 4.86 -5.00
N VAL A 20 -3.66 5.10 -6.28
CA VAL A 20 -3.12 4.21 -7.30
C VAL A 20 -1.86 4.79 -7.93
N THR A 21 -0.86 3.94 -8.13
CA THR A 21 0.36 4.35 -8.79
C THR A 21 0.98 3.17 -9.54
N LYS A 22 0.90 3.20 -10.86
CA LYS A 22 1.39 2.12 -11.69
C LYS A 22 2.80 2.42 -12.19
N GLU A 23 3.74 2.50 -11.26
CA GLU A 23 5.15 2.69 -11.58
C GLU A 23 6.00 1.88 -10.62
N TYR A 24 7.25 1.65 -10.97
CA TYR A 24 8.13 0.84 -10.15
C TYR A 24 8.87 1.68 -9.11
N ILE A 25 8.20 1.97 -8.01
CA ILE A 25 8.83 2.66 -6.89
C ILE A 25 9.04 1.69 -5.75
N SER A 26 10.29 1.40 -5.50
CA SER A 26 10.68 0.46 -4.48
C SER A 26 10.83 1.15 -3.13
N PHE A 27 9.94 2.12 -2.87
CA PHE A 27 9.99 2.95 -1.66
C PHE A 27 11.27 3.78 -1.60
N LEU A 28 12.35 3.16 -1.15
CA LEU A 28 13.67 3.79 -1.03
C LEU A 28 13.60 5.02 -0.11
N GLY A 29 13.24 6.16 -0.67
CA GLY A 29 13.12 7.37 0.11
C GLY A 29 12.22 8.38 -0.58
N GLY A 30 11.32 7.88 -1.43
CA GLY A 30 10.46 8.75 -2.19
C GLY A 30 9.37 9.40 -1.36
N ILE A 31 9.05 8.78 -0.22
CA ILE A 31 8.03 9.31 0.66
C ILE A 31 8.66 10.21 1.72
N ASP A 32 8.13 11.41 1.84
CA ASP A 32 8.56 12.36 2.85
C ASP A 32 8.18 11.86 4.23
N LYS A 33 9.17 11.64 5.08
CA LYS A 33 8.92 11.03 6.38
C LYS A 33 8.48 12.08 7.41
N GLU A 34 8.36 13.32 6.97
CA GLU A 34 7.89 14.39 7.84
C GLU A 34 6.36 14.44 7.83
N THR A 35 5.77 14.38 6.64
CA THR A 35 4.34 14.55 6.49
C THR A 35 3.68 13.40 5.74
N GLY A 36 4.48 12.46 5.24
CA GLY A 36 3.92 11.33 4.50
C GLY A 36 3.50 11.69 3.09
N ILE A 37 4.20 12.66 2.52
CA ILE A 37 3.95 13.10 1.16
C ILE A 37 4.95 12.46 0.21
N VAL A 38 4.48 11.76 -0.81
CA VAL A 38 5.38 11.18 -1.79
C VAL A 38 5.98 12.31 -2.64
N LYS A 39 7.23 12.63 -2.36
CA LYS A 39 7.88 13.76 -3.01
C LYS A 39 8.33 13.39 -4.41
N GLU A 40 8.44 12.10 -4.67
CA GLU A 40 8.82 11.61 -5.97
C GLU A 40 7.57 11.36 -6.82
N ASP A 41 7.38 12.19 -7.83
CA ASP A 41 6.19 12.10 -8.68
C ASP A 41 6.51 11.33 -9.96
N CYS A 42 5.46 10.75 -10.55
CA CYS A 42 5.59 10.02 -11.79
C CYS A 42 4.38 10.29 -12.68
N GLU A 43 3.20 10.39 -12.07
CA GLU A 43 1.95 10.60 -12.80
C GLU A 43 1.03 11.56 -12.07
N ILE A 44 0.62 11.17 -10.87
CA ILE A 44 -0.39 11.91 -10.11
C ILE A 44 0.05 12.11 -8.67
N LYS A 45 1.34 11.94 -8.42
CA LYS A 45 1.85 11.85 -7.06
C LYS A 45 2.01 13.23 -6.44
N GLY A 46 2.60 13.27 -5.25
CA GLY A 46 2.68 14.50 -4.50
C GLY A 46 1.62 14.57 -3.42
N GLU A 47 0.81 13.52 -3.35
CA GLU A 47 -0.29 13.44 -2.39
C GLU A 47 0.12 12.70 -1.13
N SER A 48 -0.82 12.62 -0.19
CA SER A 48 -0.56 12.04 1.11
C SER A 48 -0.87 10.55 1.14
N VAL A 49 0.05 9.76 1.67
CA VAL A 49 -0.20 8.34 1.89
C VAL A 49 -0.40 8.07 3.38
N ALA A 50 -0.32 9.14 4.16
CA ALA A 50 -0.44 9.07 5.60
C ALA A 50 -1.84 8.63 6.00
N GLY A 51 -1.95 7.35 6.24
CA GLY A 51 -3.19 6.76 6.68
C GLY A 51 -4.09 6.38 5.52
N ARG A 52 -3.51 6.22 4.34
CA ARG A 52 -4.27 5.82 3.17
C ARG A 52 -3.76 4.49 2.63
N ILE A 53 -4.53 3.87 1.75
CA ILE A 53 -4.17 2.61 1.16
C ILE A 53 -3.44 2.83 -0.15
N LEU A 54 -2.23 2.31 -0.24
CA LEU A 54 -1.39 2.52 -1.40
C LEU A 54 -1.45 1.32 -2.34
N VAL A 55 -1.74 1.57 -3.61
CA VAL A 55 -1.86 0.52 -4.60
C VAL A 55 -0.71 0.53 -5.58
N PHE A 56 0.01 -0.58 -5.62
CA PHE A 56 1.13 -0.76 -6.56
C PHE A 56 1.03 -2.12 -7.23
N PRO A 57 1.41 -2.21 -8.51
CA PRO A 57 1.47 -3.49 -9.23
C PRO A 57 2.60 -4.37 -8.70
N GLY A 58 3.80 -3.80 -8.69
CA GLY A 58 4.96 -4.51 -8.19
C GLY A 58 6.13 -3.57 -7.96
N GLY A 59 5.97 -2.69 -6.97
CA GLY A 59 7.00 -1.69 -6.70
C GLY A 59 8.33 -2.30 -6.30
N LYS A 60 8.27 -3.48 -5.69
CA LYS A 60 9.47 -4.22 -5.28
C LYS A 60 10.16 -3.53 -4.10
N GLY A 61 11.08 -4.26 -3.48
CA GLY A 61 11.87 -3.69 -2.41
C GLY A 61 13.35 -3.87 -2.66
N SER A 62 13.98 -2.86 -3.22
CA SER A 62 15.41 -2.94 -3.55
C SER A 62 16.25 -2.32 -2.45
N THR A 63 16.74 -3.16 -1.53
CA THR A 63 17.65 -2.71 -0.47
C THR A 63 17.02 -1.61 0.39
N VAL A 64 15.77 -1.81 0.77
CA VAL A 64 15.04 -0.80 1.55
C VAL A 64 15.41 -0.87 3.03
N GLY A 65 15.62 -2.08 3.53
CA GLY A 65 15.94 -2.25 4.94
C GLY A 65 14.69 -2.32 5.80
N SER A 66 13.62 -1.68 5.31
CA SER A 66 12.30 -1.74 5.93
C SER A 66 12.25 -0.97 7.26
N TYR A 67 13.37 -0.35 7.63
CA TYR A 67 13.45 0.42 8.87
C TYR A 67 12.63 1.71 8.75
N VAL A 68 12.55 2.22 7.52
CA VAL A 68 11.88 3.48 7.27
C VAL A 68 10.36 3.36 7.44
N LEU A 69 9.82 2.17 7.17
CA LEU A 69 8.37 1.97 7.27
C LEU A 69 7.91 2.08 8.72
N LEU A 70 8.69 1.50 9.63
CA LEU A 70 8.37 1.59 11.06
C LEU A 70 8.53 3.03 11.52
N ASN A 71 9.52 3.72 10.96
CA ASN A 71 9.75 5.14 11.24
C ASN A 71 8.51 5.95 10.85
N LEU A 72 8.01 5.71 9.65
CA LEU A 72 6.81 6.38 9.15
C LEU A 72 5.64 6.14 10.10
N ARG A 73 5.52 4.91 10.58
CA ARG A 73 4.43 4.54 11.47
C ARG A 73 4.52 5.26 12.81
N LYS A 74 5.74 5.34 13.35
CA LYS A 74 5.94 6.00 14.64
C LYS A 74 5.62 7.49 14.56
N ASN A 75 5.78 8.07 13.38
CA ASN A 75 5.48 9.48 13.18
C ASN A 75 4.04 9.67 12.76
N GLY A 76 3.42 8.58 12.29
CA GLY A 76 2.03 8.64 11.89
C GLY A 76 1.86 9.14 10.47
N VAL A 77 2.89 8.93 9.65
CA VAL A 77 2.87 9.39 8.27
C VAL A 77 2.98 8.21 7.32
N ALA A 78 2.83 7.02 7.86
CA ALA A 78 2.91 5.79 7.08
C ALA A 78 1.60 5.51 6.37
N PRO A 79 1.64 4.70 5.30
CA PRO A 79 0.45 4.19 4.65
C PRO A 79 -0.36 3.32 5.61
N LYS A 80 -1.67 3.32 5.45
CA LYS A 80 -2.54 2.54 6.33
C LYS A 80 -2.64 1.12 5.80
N ALA A 81 -2.34 0.96 4.52
CA ALA A 81 -2.30 -0.34 3.88
C ALA A 81 -1.63 -0.23 2.52
N ILE A 82 -1.23 -1.37 1.99
CA ILE A 82 -0.67 -1.44 0.65
C ILE A 82 -1.04 -2.76 -0.01
N ILE A 83 -1.84 -2.69 -1.07
CA ILE A 83 -2.30 -3.89 -1.75
C ILE A 83 -1.60 -4.00 -3.09
N ASN A 84 -0.94 -5.12 -3.33
CA ASN A 84 -0.11 -5.27 -4.52
C ASN A 84 -0.58 -6.44 -5.37
N LYS A 85 -0.17 -6.44 -6.63
CA LYS A 85 -0.39 -7.58 -7.51
C LYS A 85 0.63 -8.66 -7.16
N LYS A 86 1.83 -8.19 -6.84
CA LYS A 86 2.87 -9.02 -6.24
C LYS A 86 3.82 -8.12 -5.45
N THR A 87 4.48 -8.67 -4.45
CA THR A 87 5.37 -7.87 -3.62
C THR A 87 6.61 -8.68 -3.22
N GLU A 88 7.57 -8.01 -2.59
CA GLU A 88 8.83 -8.64 -2.19
C GLU A 88 8.88 -8.84 -0.68
N THR A 89 9.86 -9.62 -0.23
CA THR A 89 9.96 -10.01 1.17
C THR A 89 10.07 -8.83 2.13
N ILE A 90 11.01 -7.92 1.90
CA ILE A 90 11.25 -6.83 2.85
C ILE A 90 10.04 -5.91 2.98
N ILE A 91 9.26 -5.79 1.92
CA ILE A 91 8.07 -4.96 1.95
C ILE A 91 7.06 -5.54 2.93
N ALA A 92 6.88 -6.86 2.86
CA ALA A 92 5.97 -7.55 3.74
C ALA A 92 6.44 -7.47 5.19
N VAL A 93 7.73 -7.76 5.40
CA VAL A 93 8.32 -7.74 6.73
C VAL A 93 8.24 -6.35 7.35
N GLY A 94 8.61 -5.34 6.58
CA GLY A 94 8.61 -3.98 7.08
C GLY A 94 7.22 -3.51 7.46
N ALA A 95 6.25 -3.80 6.60
CA ALA A 95 4.88 -3.36 6.83
C ALA A 95 4.22 -4.15 7.97
N ALA A 96 4.55 -5.44 8.07
CA ALA A 96 4.02 -6.28 9.15
C ALA A 96 4.43 -5.72 10.52
N MET A 97 5.58 -5.09 10.57
CA MET A 97 6.06 -4.48 11.81
C MET A 97 5.44 -3.10 12.00
N ALA A 98 5.32 -2.35 10.91
CA ALA A 98 4.77 -1.00 10.95
C ALA A 98 3.24 -1.01 10.97
N GLU A 99 2.66 -2.20 11.10
CA GLU A 99 1.20 -2.36 11.22
C GLU A 99 0.50 -1.89 9.94
N ILE A 100 1.15 -2.13 8.81
CA ILE A 100 0.62 -1.76 7.49
C ILE A 100 0.23 -3.03 6.72
N PRO A 101 -1.01 -3.49 6.88
CA PRO A 101 -1.48 -4.74 6.25
C PRO A 101 -1.36 -4.72 4.73
N LEU A 102 -0.56 -5.63 4.20
CA LEU A 102 -0.43 -5.78 2.75
C LEU A 102 -0.90 -7.18 2.34
N VAL A 103 -1.59 -7.23 1.20
CA VAL A 103 -2.07 -8.50 0.66
C VAL A 103 -1.85 -8.53 -0.84
N GLU A 104 -1.88 -9.73 -1.43
CA GLU A 104 -1.70 -9.89 -2.85
C GLU A 104 -3.03 -10.01 -3.57
N VAL A 105 -3.32 -9.06 -4.43
CA VAL A 105 -4.49 -9.14 -5.29
C VAL A 105 -4.03 -9.24 -6.75
N ARG A 106 -4.17 -10.42 -7.32
CA ARG A 106 -3.68 -10.67 -8.66
C ARG A 106 -4.83 -10.56 -9.66
N ASP A 107 -5.94 -10.00 -9.21
CA ASP A 107 -7.12 -9.82 -10.04
C ASP A 107 -7.04 -8.48 -10.77
N GLU A 108 -7.06 -8.54 -12.10
CA GLU A 108 -6.90 -7.35 -12.92
C GLU A 108 -8.10 -6.41 -12.78
N LYS A 109 -9.27 -7.00 -12.61
CA LYS A 109 -10.51 -6.23 -12.60
C LYS A 109 -10.60 -5.37 -11.35
N PHE A 110 -9.90 -5.76 -10.30
CA PHE A 110 -9.79 -4.94 -9.12
C PHE A 110 -9.13 -3.61 -9.45
N PHE A 111 -7.99 -3.68 -10.12
CA PHE A 111 -7.22 -2.48 -10.47
C PHE A 111 -7.94 -1.69 -11.55
N GLU A 112 -8.76 -2.37 -12.33
CA GLU A 112 -9.52 -1.75 -13.39
C GLU A 112 -10.70 -0.95 -12.85
N ALA A 113 -11.23 -1.37 -11.72
CA ALA A 113 -12.42 -0.73 -11.14
C ALA A 113 -12.04 0.38 -10.16
N VAL A 114 -10.94 0.20 -9.43
CA VAL A 114 -10.56 1.16 -8.40
C VAL A 114 -9.75 2.32 -8.99
N LYS A 115 -10.05 3.52 -8.51
CA LYS A 115 -9.28 4.71 -8.88
C LYS A 115 -8.76 5.39 -7.63
N THR A 116 -7.84 6.32 -7.81
CA THR A 116 -7.24 7.02 -6.70
C THR A 116 -8.27 7.93 -6.01
N GLY A 117 -8.69 7.52 -4.83
CA GLY A 117 -9.68 8.29 -4.10
C GLY A 117 -10.81 7.43 -3.58
N ASP A 118 -11.06 6.29 -4.24
CA ASP A 118 -12.12 5.39 -3.82
C ASP A 118 -11.83 4.83 -2.43
N ARG A 119 -12.87 4.51 -1.70
CA ARG A 119 -12.71 4.07 -0.32
C ARG A 119 -12.71 2.55 -0.27
N VAL A 120 -11.63 2.01 0.22
CA VAL A 120 -11.45 0.56 0.23
C VAL A 120 -11.25 0.06 1.65
N VAL A 121 -11.83 -1.10 1.95
CA VAL A 121 -11.54 -1.79 3.19
C VAL A 121 -11.06 -3.20 2.89
N VAL A 122 -9.86 -3.49 3.33
CA VAL A 122 -9.25 -4.78 3.10
C VAL A 122 -9.24 -5.62 4.36
N ASN A 123 -9.76 -6.83 4.27
CA ASN A 123 -9.76 -7.76 5.38
C ASN A 123 -8.53 -8.63 5.28
N ALA A 124 -7.49 -8.27 6.03
CA ALA A 124 -6.22 -8.97 5.95
C ALA A 124 -6.21 -10.20 6.84
N ASP A 125 -7.18 -10.30 7.74
CA ASP A 125 -7.29 -11.47 8.58
C ASP A 125 -7.68 -12.68 7.75
N GLU A 126 -8.66 -12.48 6.88
CA GLU A 126 -9.16 -13.55 6.03
C GLU A 126 -8.45 -13.55 4.68
N GLY A 127 -8.28 -12.36 4.11
CA GLY A 127 -7.77 -12.26 2.76
C GLY A 127 -8.90 -11.96 1.80
N TYR A 128 -9.44 -10.77 1.90
CA TYR A 128 -10.64 -10.39 1.17
C TYR A 128 -10.73 -8.87 1.13
N VAL A 129 -11.45 -8.31 0.17
CA VAL A 129 -11.56 -6.88 0.06
C VAL A 129 -12.87 -6.48 -0.61
N GLU A 130 -13.51 -5.44 -0.09
CA GLU A 130 -14.70 -4.89 -0.72
C GLU A 130 -14.46 -3.44 -1.13
N LEU A 131 -14.59 -3.18 -2.42
CA LEU A 131 -14.38 -1.86 -2.97
C LEU A 131 -15.66 -1.02 -2.85
N ILE A 132 -15.53 0.19 -2.33
CA ILE A 132 -16.66 1.09 -2.22
C ILE A 132 -16.61 2.11 -3.33
N GLU A 133 -17.64 2.10 -4.14
CA GLU A 133 -17.73 2.99 -5.28
C GLU A 133 -18.29 4.32 -4.83
#